data_9G8J
#
_entry.id   9G8J
#
_cell.length_a   101.185
_cell.length_b   147.362
_cell.length_c   252.335
_cell.angle_alpha   90.000
_cell.angle_beta   90.000
_cell.angle_gamma   90.000
#
_symmetry.space_group_name_H-M   'P 21 21 21'
#
loop_
_entity.id
_entity.type
_entity.pdbx_description
1 polymer 'K(+)-stimulated pyrophosphate-energized sodium pump'
2 non-polymer 'ZOLEDRONIC ACID'
3 non-polymer 'MAGNESIUM ION'
4 non-polymer DODECYL-BETA-D-MALTOSIDE
5 water water
#
_entity_poly.entity_id   1
_entity_poly.type   'polypeptide(L)'
_entity_poly.pdbx_seq_one_letter_code
;MRGSHHHHHHYVAALFFLIPLVALGFAAANFAAVVRKPEGTERMKEISSYIRSGADSFLAHETKAIFKVAIVIAILLMIF
TTWQTGVAFLLGAVMSASAGIVGMKMATRANVRVAEAARTTKKIGPALKVAYQGGSVMGLSVGGFALLGLVLVYLIFGKW
MGQVDNLNIYTNWLGINFVPFAMTVSGYALGCSIIAMFDRVGGGVYTKAADMAADLVGKTELNLPEDDPRNPATIADNVG
DNVGDVAGLGADLLESFVGAIVSSIILASYMFPIYVQKIGENLVHQVPKETIQALISYPIFFALVGLGCSMLGILYVIVK
KPSDNPQRELNISLWTSALLTVVLTAFLTYFYLKDLQGLDVLGFRFGAISPWFSAIIGIFSGILIGFWAEYYTSYRYKPT
QFLGKSSIEGTGMVISNGLSLGMKSVFPPTLTLVLGILFADYFAGLYGVAIAALGMLSFVATSVSVDSYGPIADNAGGIS
EMCELDPEVRKITDHLDAVGNTTAAIGKGFAIGSAIFAALSLFASYMFSQISPSDIGKPPSLVLLLNMLDARVIAGALLG
AAITYYFSGYLISAVTKAAMKMVDEIRRQAREIPGLLEGKAKPDYNRCIEITSDNALKQMGYPAFIAILTPLVTGFLLGA
EFVGGVLIGTVLSGAMLAILTANSGGAWDNAKKYLEAGNLEGYGKGSEPHKALVIGDTVGDPLKDTVGPSLDILIKIMSV
VSVIAVSIFKHVHLF
;
_entity_poly.pdbx_strand_id   A,B,C,D
#
# COMPACT_ATOMS: atom_id res chain seq x y z
N TYR A 11 -44.82 -19.28 -25.90
CA TYR A 11 -43.54 -19.93 -26.17
C TYR A 11 -42.39 -19.05 -25.68
N VAL A 12 -41.41 -19.66 -25.02
CA VAL A 12 -40.30 -18.86 -24.50
C VAL A 12 -39.35 -18.39 -25.60
N ALA A 13 -39.32 -19.09 -26.73
CA ALA A 13 -38.50 -18.62 -27.85
C ALA A 13 -38.92 -17.23 -28.28
N ALA A 14 -40.23 -16.96 -28.26
CA ALA A 14 -40.73 -15.64 -28.61
C ALA A 14 -40.22 -14.59 -27.63
N LEU A 15 -40.22 -14.90 -26.34
CA LEU A 15 -39.71 -13.95 -25.35
C LEU A 15 -38.23 -13.68 -25.57
N PHE A 16 -37.45 -14.73 -25.79
CA PHE A 16 -36.01 -14.54 -26.00
C PHE A 16 -35.74 -13.74 -27.27
N PHE A 17 -36.55 -13.92 -28.31
CA PHE A 17 -36.37 -13.13 -29.52
C PHE A 17 -36.84 -11.69 -29.35
N LEU A 18 -37.86 -11.47 -28.51
CA LEU A 18 -38.32 -10.12 -28.22
C LEU A 18 -37.37 -9.36 -27.31
N ILE A 19 -36.52 -10.07 -26.59
CA ILE A 19 -35.54 -9.46 -25.67
C ILE A 19 -34.86 -8.24 -26.30
N PRO A 20 -34.29 -8.35 -27.50
CA PRO A 20 -33.59 -7.18 -28.08
C PRO A 20 -34.48 -5.96 -28.25
N LEU A 21 -35.75 -6.17 -28.62
CA LEU A 21 -36.68 -5.05 -28.68
C LEU A 21 -36.86 -4.42 -27.31
N VAL A 22 -36.85 -5.25 -26.26
CA VAL A 22 -36.92 -4.73 -24.90
C VAL A 22 -35.69 -3.88 -24.59
N ALA A 23 -34.52 -4.34 -25.03
CA ALA A 23 -33.30 -3.56 -24.84
C ALA A 23 -33.41 -2.20 -25.53
N LEU A 24 -33.89 -2.20 -26.77
CA LEU A 24 -34.05 -0.94 -27.50
C LEU A 24 -35.03 -0.02 -26.79
N GLY A 25 -36.15 -0.56 -26.30
CA GLY A 25 -37.12 0.24 -25.59
C GLY A 25 -36.57 0.82 -24.30
N PHE A 26 -35.79 0.02 -23.57
CA PHE A 26 -35.20 0.52 -22.33
C PHE A 26 -34.17 1.61 -22.61
N ALA A 27 -33.41 1.47 -23.71
CA ALA A 27 -32.48 2.52 -24.08
C ALA A 27 -33.23 3.80 -24.44
N ALA A 28 -34.36 3.68 -25.15
CA ALA A 28 -35.16 4.85 -25.47
C ALA A 28 -35.72 5.49 -24.21
N ALA A 29 -36.17 4.66 -23.25
CA ALA A 29 -36.67 5.19 -21.99
C ALA A 29 -35.58 5.94 -21.23
N ASN A 30 -34.36 5.40 -21.22
CA ASN A 30 -33.26 6.10 -20.57
C ASN A 30 -32.96 7.42 -21.28
N PHE A 31 -33.02 7.43 -22.61
CA PHE A 31 -32.81 8.67 -23.34
C PHE A 31 -33.87 9.70 -22.98
N ALA A 32 -35.13 9.25 -22.82
CA ALA A 32 -36.18 10.16 -22.40
C ALA A 32 -35.92 10.67 -20.98
N ALA A 33 -35.42 9.80 -20.11
CA ALA A 33 -35.08 10.20 -18.75
C ALA A 33 -33.99 11.27 -18.76
N VAL A 34 -33.06 11.16 -19.72
CA VAL A 34 -31.99 12.15 -19.81
C VAL A 34 -32.47 13.42 -20.52
N VAL A 35 -33.58 13.33 -21.25
CA VAL A 35 -34.24 14.52 -21.78
C VAL A 35 -35.02 15.19 -20.64
N ARG A 36 -35.07 16.51 -20.68
CA ARG A 36 -35.72 17.36 -19.69
C ARG A 36 -34.82 17.60 -18.48
N LYS A 37 -33.64 17.00 -18.42
CA LYS A 37 -32.71 17.29 -17.34
C LYS A 37 -32.18 18.71 -17.48
N PRO A 38 -31.76 19.33 -16.38
CA PRO A 38 -31.28 20.72 -16.47
C PRO A 38 -30.04 20.81 -17.35
N GLU A 39 -30.08 21.72 -18.32
CA GLU A 39 -28.96 21.93 -19.22
C GLU A 39 -27.91 22.84 -18.60
N THR A 41 -27.52 27.08 -18.41
CA THR A 41 -27.01 28.37 -18.87
C THR A 41 -27.22 28.53 -20.37
N GLU A 42 -27.41 29.78 -20.82
CA GLU A 42 -27.54 30.04 -22.25
C GLU A 42 -26.27 29.66 -23.00
N ARG A 43 -25.11 29.96 -22.40
CA ARG A 43 -23.85 29.59 -23.03
C ARG A 43 -23.68 28.07 -23.10
N MET A 44 -24.11 27.36 -22.05
CA MET A 44 -24.05 25.90 -22.08
C MET A 44 -24.89 25.36 -23.21
N LYS A 45 -26.13 25.84 -23.34
CA LYS A 45 -27.01 25.37 -24.41
C LYS A 45 -26.44 25.71 -25.78
N GLU A 46 -25.82 26.89 -25.90
CA GLU A 46 -25.22 27.28 -27.17
C GLU A 46 -24.07 26.34 -27.55
N ILE A 47 -23.18 26.07 -26.60
CA ILE A 47 -22.04 25.19 -26.88
C ILE A 47 -22.54 23.77 -27.20
N SER A 48 -23.57 23.31 -26.49
CA SER A 48 -24.11 22.00 -26.80
C SER A 48 -24.68 21.95 -28.21
N SER A 49 -25.42 22.99 -28.60
CA SER A 49 -25.95 23.05 -29.95
C SER A 49 -24.83 23.05 -30.99
N TYR A 50 -23.76 23.81 -30.72
CA TYR A 50 -22.63 23.84 -31.66
C TYR A 50 -22.01 22.47 -31.81
N ILE A 51 -21.71 21.81 -30.69
CA ILE A 51 -21.07 20.50 -30.75
C ILE A 51 -21.97 19.49 -31.45
N ARG A 52 -23.26 19.50 -31.13
CA ARG A 52 -24.18 18.57 -31.75
C ARG A 52 -24.32 18.83 -33.24
N SER A 53 -24.35 20.10 -33.65
CA SER A 53 -24.43 20.43 -35.06
C SER A 53 -23.21 19.93 -35.81
N GLY A 54 -22.02 20.18 -35.27
CA GLY A 54 -20.81 19.71 -35.92
C GLY A 54 -20.79 18.19 -36.05
N ALA A 55 -21.08 17.50 -34.94
CA ALA A 55 -21.08 16.03 -34.98
C ALA A 55 -22.12 15.51 -35.95
N ASP A 56 -23.31 16.12 -35.97
CA ASP A 56 -24.37 15.65 -36.86
C ASP A 56 -23.99 15.87 -38.32
N SER A 57 -23.40 17.02 -38.65
CA SER A 57 -22.99 17.26 -40.03
C SER A 57 -21.93 16.25 -40.47
N PHE A 58 -20.90 16.07 -39.65
CA PHE A 58 -19.85 15.12 -40.00
C PHE A 58 -20.41 13.72 -40.16
N LEU A 59 -21.26 13.30 -39.23
CA LEU A 59 -21.84 11.97 -39.29
C LEU A 59 -22.75 11.81 -40.50
N ALA A 60 -23.48 12.88 -40.87
CA ALA A 60 -24.35 12.80 -42.03
C ALA A 60 -23.54 12.60 -43.31
N HIS A 61 -22.47 13.39 -43.48
CA HIS A 61 -21.62 13.20 -44.66
C HIS A 61 -21.02 11.80 -44.69
N GLU A 62 -20.44 11.38 -43.56
CA GLU A 62 -19.83 10.06 -43.49
C GLU A 62 -20.84 8.96 -43.82
N THR A 63 -22.04 9.06 -43.26
CA THR A 63 -23.06 8.04 -43.47
C THR A 63 -23.53 8.02 -44.91
N LYS A 64 -23.71 9.19 -45.53
CA LYS A 64 -24.10 9.24 -46.93
C LYS A 64 -23.07 8.52 -47.79
N ALA A 65 -21.79 8.86 -47.63
CA ALA A 65 -20.74 8.21 -48.42
C ALA A 65 -20.71 6.71 -48.16
N ILE A 66 -20.74 6.32 -46.88
CA ILE A 66 -20.62 4.92 -46.51
C ILE A 66 -21.77 4.12 -47.08
N PHE A 67 -22.98 4.69 -47.08
CA PHE A 67 -24.14 3.95 -47.57
C PHE A 67 -24.18 3.89 -49.09
N LYS A 68 -23.65 4.92 -49.78
CA LYS A 68 -23.48 4.77 -51.23
C LYS A 68 -22.55 3.59 -51.53
N VAL A 69 -21.38 3.56 -50.88
CA VAL A 69 -20.45 2.46 -51.10
C VAL A 69 -21.09 1.14 -50.69
N ALA A 70 -21.94 1.16 -49.67
CA ALA A 70 -22.61 -0.06 -49.21
C ALA A 70 -23.61 -0.56 -50.24
N ILE A 71 -24.33 0.35 -50.89
CA ILE A 71 -25.23 -0.05 -51.96
C ILE A 71 -24.44 -0.71 -53.09
N VAL A 72 -23.28 -0.13 -53.44
CA VAL A 72 -22.46 -0.73 -54.49
C VAL A 72 -22.01 -2.14 -54.08
N ILE A 73 -21.48 -2.27 -52.86
CA ILE A 73 -20.99 -3.56 -52.40
C ILE A 73 -22.12 -4.57 -52.36
N ALA A 74 -23.31 -4.13 -51.98
CA ALA A 74 -24.45 -5.03 -51.90
C ALA A 74 -24.88 -5.51 -53.27
N ILE A 75 -24.89 -4.60 -54.25
CA ILE A 75 -25.21 -5.01 -55.62
C ILE A 75 -24.22 -6.07 -56.09
N LEU A 76 -22.93 -5.83 -55.87
CA LEU A 76 -21.92 -6.81 -56.29
C LEU A 76 -22.12 -8.16 -55.60
N LEU A 77 -22.37 -8.13 -54.29
CA LEU A 77 -22.59 -9.38 -53.56
C LEU A 77 -23.82 -10.12 -54.05
N MET A 78 -24.91 -9.37 -54.29
CA MET A 78 -26.14 -9.99 -54.79
C MET A 78 -25.88 -10.63 -56.15
N ILE A 79 -25.07 -10.01 -56.99
CA ILE A 79 -24.79 -10.56 -58.30
C ILE A 79 -24.00 -11.85 -58.17
N PHE A 80 -22.81 -11.77 -57.57
CA PHE A 80 -21.94 -12.95 -57.54
C PHE A 80 -22.44 -14.00 -56.56
N THR A 81 -22.97 -13.58 -55.42
CA THR A 81 -23.48 -14.49 -54.40
C THR A 81 -24.99 -14.31 -54.24
N THR A 82 -25.56 -15.10 -53.32
CA THR A 82 -27.00 -15.07 -53.08
C THR A 82 -27.49 -13.64 -52.86
N TRP A 83 -28.64 -13.32 -53.46
CA TRP A 83 -29.25 -12.01 -53.27
C TRP A 83 -29.54 -11.75 -51.79
N GLN A 84 -30.01 -12.79 -51.08
CA GLN A 84 -30.22 -12.66 -49.64
C GLN A 84 -28.93 -12.28 -48.94
N THR A 85 -27.77 -12.65 -49.50
CA THR A 85 -26.50 -12.24 -48.92
C THR A 85 -26.39 -10.72 -48.92
N GLY A 86 -26.68 -10.08 -50.04
CA GLY A 86 -26.66 -8.63 -50.08
C GLY A 86 -27.73 -8.01 -49.21
N VAL A 87 -28.90 -8.65 -49.11
CA VAL A 87 -29.97 -8.14 -48.26
C VAL A 87 -29.51 -8.12 -46.80
N ALA A 88 -28.90 -9.22 -46.34
CA ALA A 88 -28.38 -9.27 -44.98
C ALA A 88 -27.21 -8.31 -44.79
N PHE A 89 -26.40 -8.10 -45.83
CA PHE A 89 -25.36 -7.09 -45.78
C PHE A 89 -25.95 -5.73 -45.47
N LEU A 90 -27.00 -5.34 -46.22
CA LEU A 90 -27.66 -4.07 -45.95
C LEU A 90 -28.22 -4.04 -44.54
N LEU A 91 -28.82 -5.15 -44.09
CA LEU A 91 -29.36 -5.20 -42.74
C LEU A 91 -28.29 -4.87 -41.71
N GLY A 92 -27.16 -5.58 -41.77
CA GLY A 92 -26.09 -5.34 -40.80
C GLY A 92 -25.52 -3.94 -40.90
N ALA A 93 -25.36 -3.44 -42.14
CA ALA A 93 -24.84 -2.09 -42.32
C ALA A 93 -25.76 -1.06 -41.67
N VAL A 94 -27.07 -1.18 -41.91
CA VAL A 94 -28.01 -0.25 -41.31
C VAL A 94 -28.01 -0.38 -39.81
N MET A 95 -27.86 -1.60 -39.29
CA MET A 95 -27.77 -1.78 -37.85
C MET A 95 -26.58 -1.02 -37.27
N SER A 96 -25.40 -1.19 -37.86
CA SER A 96 -24.21 -0.51 -37.37
C SER A 96 -24.38 1.01 -37.45
N ALA A 97 -24.89 1.50 -38.57
CA ALA A 97 -25.07 2.95 -38.72
C ALA A 97 -26.05 3.49 -37.70
N SER A 98 -27.15 2.77 -37.45
CA SER A 98 -28.13 3.21 -36.46
C SER A 98 -27.52 3.25 -35.07
N ALA A 99 -26.76 2.20 -34.71
CA ALA A 99 -26.09 2.21 -33.41
C ALA A 99 -25.18 3.42 -33.28
N GLY A 100 -24.36 3.68 -34.30
CA GLY A 100 -23.45 4.81 -34.24
C GLY A 100 -24.18 6.13 -34.08
N ILE A 101 -25.23 6.34 -34.88
CA ILE A 101 -25.96 7.61 -34.83
C ILE A 101 -26.64 7.77 -33.47
N VAL A 102 -27.23 6.70 -32.95
CA VAL A 102 -27.88 6.76 -31.64
C VAL A 102 -26.87 7.16 -30.57
N GLY A 103 -25.70 6.51 -30.57
CA GLY A 103 -24.69 6.84 -29.58
C GLY A 103 -24.22 8.28 -29.70
N MET A 104 -24.00 8.75 -30.93
CA MET A 104 -23.55 10.12 -31.13
C MET A 104 -24.58 11.12 -30.60
N LYS A 105 -25.85 10.89 -30.93
CA LYS A 105 -26.90 11.79 -30.46
C LYS A 105 -26.99 11.77 -28.94
N MET A 106 -26.92 10.58 -28.34
CA MET A 106 -27.01 10.48 -26.88
C MET A 106 -25.86 11.24 -26.21
N ALA A 107 -24.64 11.08 -26.72
CA ALA A 107 -23.51 11.77 -26.12
C ALA A 107 -23.63 13.28 -26.28
N THR A 108 -23.99 13.74 -27.48
CA THR A 108 -24.15 15.18 -27.69
C THR A 108 -25.24 15.75 -26.80
N ARG A 109 -26.27 14.96 -26.48
CA ARG A 109 -27.33 15.45 -25.63
C ARG A 109 -26.96 15.42 -24.14
N ALA A 110 -26.18 14.42 -23.72
CA ALA A 110 -25.92 14.23 -22.30
C ALA A 110 -24.66 14.92 -21.80
N ASN A 111 -23.78 15.38 -22.69
CA ASN A 111 -22.58 16.07 -22.22
C ASN A 111 -22.93 17.28 -21.36
N VAL A 112 -23.82 18.15 -21.87
CA VAL A 112 -24.17 19.35 -21.12
C VAL A 112 -25.00 19.01 -19.89
N ARG A 113 -25.82 17.95 -19.96
CA ARG A 113 -26.59 17.54 -18.79
C ARG A 113 -25.65 17.13 -17.66
N VAL A 114 -24.66 16.30 -17.96
CA VAL A 114 -23.70 15.88 -16.94
C VAL A 114 -22.91 17.06 -16.43
N ALA A 115 -22.53 18.00 -17.32
CA ALA A 115 -21.79 19.17 -16.89
C ALA A 115 -22.62 20.02 -15.92
N GLU A 116 -23.89 20.23 -16.24
CA GLU A 116 -24.75 21.02 -15.35
C GLU A 116 -24.95 20.32 -14.02
N ALA A 117 -25.15 19.01 -14.03
CA ALA A 117 -25.28 18.27 -12.77
C ALA A 117 -24.03 18.42 -11.92
N ALA A 118 -22.86 18.25 -12.53
CA ALA A 118 -21.61 18.38 -11.78
C ALA A 118 -21.41 19.81 -11.28
N ARG A 119 -21.89 20.80 -12.02
CA ARG A 119 -21.74 22.18 -11.57
C ARG A 119 -22.66 22.49 -10.39
N THR A 120 -23.89 21.97 -10.43
CA THR A 120 -24.86 22.35 -9.40
C THR A 120 -24.72 21.50 -8.14
N THR A 121 -24.77 20.17 -8.28
CA THR A 121 -24.72 19.33 -7.08
C THR A 121 -23.35 19.36 -6.43
N LYS A 122 -22.29 19.54 -7.20
CA LYS A 122 -20.92 19.49 -6.68
C LYS A 122 -20.59 18.12 -6.11
N LYS A 123 -21.39 17.11 -6.45
CA LYS A 123 -21.21 15.75 -5.98
C LYS A 123 -21.15 14.80 -7.16
N ILE A 124 -20.35 13.74 -7.02
CA ILE A 124 -20.14 12.81 -8.12
C ILE A 124 -21.38 11.98 -8.42
N GLY A 125 -22.31 11.87 -7.47
CA GLY A 125 -23.46 11.00 -7.63
C GLY A 125 -24.32 11.34 -8.83
N PRO A 126 -24.83 12.57 -8.89
CA PRO A 126 -25.72 12.94 -10.01
C PRO A 126 -25.03 12.91 -11.36
N ALA A 127 -23.80 13.43 -11.46
CA ALA A 127 -23.08 13.40 -12.72
C ALA A 127 -22.81 11.97 -13.17
N LEU A 128 -22.42 11.11 -12.23
CA LEU A 128 -22.24 9.69 -12.55
C LEU A 128 -23.54 9.07 -13.04
N LYS A 129 -24.66 9.43 -12.40
CA LYS A 129 -25.95 8.88 -12.82
C LYS A 129 -26.28 9.29 -14.25
N VAL A 130 -26.12 10.58 -14.57
CA VAL A 130 -26.46 11.06 -15.91
C VAL A 130 -25.54 10.43 -16.96
N ALA A 131 -24.23 10.41 -16.68
CA ALA A 131 -23.29 9.85 -17.64
C ALA A 131 -23.55 8.36 -17.84
N TYR A 132 -23.88 7.64 -16.77
CA TYR A 132 -24.23 6.23 -16.92
C TYR A 132 -25.53 6.05 -17.67
N GLN A 133 -26.48 6.99 -17.53
CA GLN A 133 -27.70 6.91 -18.33
C GLN A 133 -27.37 7.02 -19.81
N GLY A 134 -26.49 7.95 -20.18
CA GLY A 134 -26.08 8.07 -21.57
C GLY A 134 -25.37 6.81 -22.06
N GLY A 135 -24.38 6.34 -21.29
CA GLY A 135 -23.67 5.14 -21.67
C GLY A 135 -24.58 3.92 -21.79
N SER A 136 -25.57 3.82 -20.90
CA SER A 136 -26.50 2.71 -20.95
C SER A 136 -27.40 2.79 -22.17
N VAL A 137 -27.86 4.00 -22.51
CA VAL A 137 -28.64 4.15 -23.74
C VAL A 137 -27.82 3.66 -24.92
N MET A 138 -26.55 4.07 -25.01
CA MET A 138 -25.72 3.64 -26.12
C MET A 138 -25.53 2.13 -26.12
N GLY A 139 -25.21 1.55 -24.96
CA GLY A 139 -24.96 0.12 -24.90
C GLY A 139 -26.17 -0.70 -25.26
N LEU A 140 -27.34 -0.29 -24.77
CA LEU A 140 -28.58 -0.96 -25.16
C LEU A 140 -28.83 -0.82 -26.65
N SER A 141 -28.53 0.35 -27.22
CA SER A 141 -28.65 0.50 -28.66
C SER A 141 -27.78 -0.50 -29.40
N VAL A 142 -26.50 -0.57 -29.02
CA VAL A 142 -25.57 -1.50 -29.67
C VAL A 142 -26.09 -2.93 -29.58
N GLY A 143 -26.36 -3.39 -28.35
CA GLY A 143 -26.76 -4.77 -28.18
C GLY A 143 -28.07 -5.09 -28.88
N GLY A 144 -29.07 -4.21 -28.71
CA GLY A 144 -30.36 -4.45 -29.33
C GLY A 144 -30.28 -4.47 -30.85
N PHE A 145 -29.53 -3.52 -31.43
CA PHE A 145 -29.40 -3.52 -32.88
C PHE A 145 -28.70 -4.78 -33.38
N ALA A 146 -27.58 -5.14 -32.76
CA ALA A 146 -26.87 -6.34 -33.17
C ALA A 146 -27.77 -7.57 -33.10
N LEU A 147 -28.38 -7.81 -31.93
CA LEU A 147 -29.17 -9.02 -31.76
C LEU A 147 -30.45 -8.98 -32.60
N LEU A 148 -31.06 -7.81 -32.75
CA LEU A 148 -32.24 -7.68 -33.58
C LEU A 148 -31.93 -8.04 -35.03
N GLY A 149 -30.91 -7.42 -35.60
CA GLY A 149 -30.52 -7.75 -36.95
C GLY A 149 -30.18 -9.22 -37.12
N LEU A 150 -29.44 -9.78 -36.15
CA LEU A 150 -29.02 -11.17 -36.27
C LEU A 150 -30.21 -12.11 -36.20
N VAL A 151 -31.10 -11.91 -35.23
CA VAL A 151 -32.27 -12.77 -35.10
C VAL A 151 -33.22 -12.57 -36.28
N LEU A 152 -33.29 -11.35 -36.82
CA LEU A 152 -34.09 -11.10 -38.01
C LEU A 152 -33.56 -11.92 -39.19
N VAL A 153 -32.25 -11.85 -39.44
CA VAL A 153 -31.66 -12.69 -40.48
C VAL A 153 -32.00 -14.15 -40.23
N TYR A 154 -31.70 -14.64 -39.02
CA TYR A 154 -31.96 -16.03 -38.68
C TYR A 154 -33.39 -16.43 -39.03
N LEU A 155 -34.37 -15.72 -38.48
CA LEU A 155 -35.76 -16.07 -38.68
C LEU A 155 -36.17 -15.97 -40.15
N ILE A 156 -35.92 -14.83 -40.77
CA ILE A 156 -36.45 -14.57 -42.11
C ILE A 156 -35.81 -15.51 -43.13
N PHE A 157 -34.48 -15.58 -43.14
CA PHE A 157 -33.80 -16.32 -44.19
C PHE A 157 -33.61 -17.80 -43.87
N GLY A 158 -33.45 -18.16 -42.59
CA GLY A 158 -33.28 -19.55 -42.24
C GLY A 158 -34.57 -20.21 -41.80
N LYS A 159 -35.44 -19.45 -41.12
CA LYS A 159 -36.71 -19.98 -40.63
C LYS A 159 -37.83 -19.80 -41.64
N TRP A 160 -38.06 -18.56 -42.09
CA TRP A 160 -39.12 -18.31 -43.05
C TRP A 160 -38.76 -18.84 -44.44
N MET A 161 -37.54 -18.58 -44.88
CA MET A 161 -37.06 -19.10 -46.15
C MET A 161 -36.49 -20.50 -46.06
N GLY A 162 -36.24 -21.00 -44.84
CA GLY A 162 -35.76 -22.35 -44.68
C GLY A 162 -34.34 -22.59 -45.11
N GLN A 163 -33.50 -21.54 -45.14
CA GLN A 163 -32.10 -21.73 -45.51
C GLN A 163 -31.35 -22.57 -44.48
N VAL A 164 -31.82 -22.59 -43.22
CA VAL A 164 -31.22 -23.45 -42.22
C VAL A 164 -31.62 -24.91 -42.42
N ASP A 165 -32.70 -25.18 -43.15
CA ASP A 165 -33.17 -26.55 -43.32
C ASP A 165 -32.34 -27.32 -44.34
N ASN A 166 -31.95 -26.65 -45.43
CA ASN A 166 -31.20 -27.33 -46.49
C ASN A 166 -29.82 -27.76 -46.01
N LEU A 167 -28.96 -26.78 -45.72
CA LEU A 167 -27.61 -27.05 -45.22
C LEU A 167 -26.84 -27.98 -46.15
N ASN A 168 -26.89 -27.66 -47.45
CA ASN A 168 -26.18 -28.41 -48.47
C ASN A 168 -25.35 -27.45 -49.31
N ILE A 169 -24.23 -27.95 -49.82
CA ILE A 169 -23.33 -27.13 -50.62
C ILE A 169 -23.91 -26.98 -52.02
N TYR A 170 -24.12 -25.73 -52.44
CA TYR A 170 -24.67 -25.41 -53.74
C TYR A 170 -23.57 -24.86 -54.64
N THR A 171 -23.92 -24.69 -55.92
CA THR A 171 -23.01 -24.14 -56.91
C THR A 171 -23.78 -23.09 -57.73
N ASN A 172 -23.53 -21.82 -57.44
CA ASN A 172 -24.15 -20.75 -58.20
C ASN A 172 -23.37 -20.53 -59.50
N TRP A 173 -24.01 -19.84 -60.44
CA TRP A 173 -23.35 -19.57 -61.71
C TRP A 173 -22.01 -18.88 -61.47
N LEU A 174 -21.10 -19.05 -62.43
CA LEU A 174 -19.72 -18.57 -62.38
C LEU A 174 -18.84 -19.51 -61.56
N GLY A 175 -19.39 -20.58 -61.00
CA GLY A 175 -18.57 -21.53 -60.26
C GLY A 175 -18.45 -21.17 -58.79
N ILE A 176 -19.53 -20.69 -58.20
CA ILE A 176 -19.56 -20.31 -56.80
C ILE A 176 -20.08 -21.47 -55.98
N ASN A 177 -19.26 -21.96 -55.05
CA ASN A 177 -19.66 -23.00 -54.10
C ASN A 177 -19.96 -22.33 -52.77
N PHE A 178 -21.21 -22.44 -52.32
CA PHE A 178 -21.64 -21.68 -51.15
C PHE A 178 -22.67 -22.50 -50.36
N VAL A 179 -22.88 -22.09 -49.13
CA VAL A 179 -23.97 -22.58 -48.29
C VAL A 179 -24.93 -21.43 -48.06
N PRO A 180 -26.24 -21.62 -48.20
CA PRO A 180 -27.18 -20.50 -48.16
C PRO A 180 -27.10 -19.67 -46.88
N PHE A 181 -27.46 -20.28 -45.75
CA PHE A 181 -27.44 -19.52 -44.49
C PHE A 181 -26.05 -19.04 -44.14
N ALA A 182 -25.02 -19.82 -44.47
CA ALA A 182 -23.65 -19.37 -44.28
C ALA A 182 -23.41 -18.06 -45.02
N MET A 183 -23.79 -18.02 -46.30
CA MET A 183 -23.61 -16.81 -47.09
C MET A 183 -24.40 -15.65 -46.52
N THR A 184 -25.64 -15.91 -46.08
CA THR A 184 -26.47 -14.82 -45.55
C THR A 184 -25.86 -14.22 -44.30
N VAL A 185 -25.48 -15.07 -43.33
CA VAL A 185 -24.90 -14.56 -42.09
C VAL A 185 -23.55 -13.90 -42.35
N SER A 186 -22.77 -14.46 -43.30
CA SER A 186 -21.50 -13.83 -43.65
C SER A 186 -21.72 -12.44 -44.23
N GLY A 187 -22.73 -12.28 -45.09
CA GLY A 187 -23.03 -10.96 -45.61
C GLY A 187 -23.46 -9.99 -44.53
N TYR A 188 -24.27 -10.47 -43.59
CA TYR A 188 -24.65 -9.63 -42.45
C TYR A 188 -23.42 -9.13 -41.71
N ALA A 189 -22.53 -10.06 -41.33
CA ALA A 189 -21.33 -9.68 -40.59
C ALA A 189 -20.45 -8.74 -41.42
N LEU A 190 -20.36 -8.97 -42.73
CA LEU A 190 -19.53 -8.14 -43.59
C LEU A 190 -20.08 -6.72 -43.65
N GLY A 191 -21.40 -6.58 -43.75
CA GLY A 191 -21.99 -5.24 -43.73
C GLY A 191 -21.71 -4.52 -42.42
N CYS A 192 -21.94 -5.23 -41.31
CA CYS A 192 -21.63 -4.63 -40.01
C CYS A 192 -20.19 -4.15 -39.96
N SER A 193 -19.26 -4.99 -40.45
CA SER A 193 -17.84 -4.67 -40.35
C SER A 193 -17.47 -3.51 -41.26
N ILE A 194 -18.03 -3.46 -42.46
CA ILE A 194 -17.75 -2.35 -43.38
C ILE A 194 -18.20 -1.02 -42.78
N ILE A 195 -19.44 -1.00 -42.26
CA ILE A 195 -19.94 0.25 -41.69
C ILE A 195 -19.11 0.66 -40.47
N ALA A 196 -18.76 -0.30 -39.62
CA ALA A 196 -17.93 0.01 -38.46
C ALA A 196 -16.57 0.55 -38.89
N MET A 197 -15.96 -0.08 -39.90
CA MET A 197 -14.66 0.37 -40.39
C MET A 197 -14.72 1.81 -40.85
N PHE A 198 -15.67 2.14 -41.72
CA PHE A 198 -15.74 3.50 -42.24
C PHE A 198 -15.98 4.51 -41.12
N ASP A 199 -16.99 4.25 -40.28
CA ASP A 199 -17.31 5.20 -39.22
C ASP A 199 -16.14 5.42 -38.29
N ARG A 200 -15.52 4.33 -37.81
CA ARG A 200 -14.44 4.47 -36.85
C ARG A 200 -13.21 5.12 -37.48
N VAL A 201 -12.88 4.78 -38.72
CA VAL A 201 -11.73 5.41 -39.37
C VAL A 201 -11.94 6.92 -39.44
N GLY A 202 -13.09 7.34 -39.96
CA GLY A 202 -13.34 8.77 -40.06
C GLY A 202 -13.27 9.46 -38.71
N GLY A 203 -14.02 8.95 -37.74
CA GLY A 203 -14.05 9.58 -36.43
C GLY A 203 -12.68 9.63 -35.78
N GLY A 204 -11.92 8.54 -35.88
CA GLY A 204 -10.60 8.52 -35.27
C GLY A 204 -9.65 9.52 -35.88
N VAL A 205 -9.60 9.56 -37.22
CA VAL A 205 -8.74 10.54 -37.87
C VAL A 205 -9.10 11.95 -37.39
N TYR A 206 -10.39 12.28 -37.47
CA TYR A 206 -10.82 13.63 -37.08
C TYR A 206 -10.42 13.94 -35.65
N THR A 207 -10.85 13.10 -34.70
CA THR A 207 -10.65 13.40 -33.29
C THR A 207 -9.18 13.44 -32.92
N LYS A 208 -8.39 12.47 -33.39
CA LYS A 208 -6.99 12.43 -33.00
C LYS A 208 -6.19 13.57 -33.61
N ALA A 209 -6.46 13.93 -34.87
CA ALA A 209 -5.78 15.08 -35.43
C ALA A 209 -6.10 16.34 -34.63
N ALA A 210 -7.38 16.57 -34.36
CA ALA A 210 -7.76 17.75 -33.60
C ALA A 210 -7.12 17.74 -32.22
N ASP A 211 -7.13 16.59 -31.54
CA ASP A 211 -6.57 16.50 -30.21
C ASP A 211 -5.08 16.82 -30.22
N MET A 212 -4.34 16.18 -31.13
CA MET A 212 -2.90 16.45 -31.19
C MET A 212 -2.63 17.93 -31.39
N ALA A 213 -3.24 18.52 -32.43
CA ALA A 213 -2.94 19.92 -32.73
C ALA A 213 -3.33 20.84 -31.58
N ALA A 214 -4.57 20.70 -31.08
CA ALA A 214 -5.05 21.61 -30.04
C ALA A 214 -4.22 21.46 -28.77
N ASP A 215 -4.08 20.24 -28.26
CA ASP A 215 -3.36 20.05 -27.01
C ASP A 215 -1.91 20.52 -27.15
N LEU A 216 -1.23 20.12 -28.22
CA LEU A 216 0.17 20.50 -28.37
C LEU A 216 0.32 22.02 -28.41
N VAL A 217 -0.41 22.69 -29.30
CA VAL A 217 -0.23 24.13 -29.47
C VAL A 217 -0.61 24.87 -28.20
N GLY A 218 -1.70 24.46 -27.55
CA GLY A 218 -2.16 25.18 -26.37
C GLY A 218 -1.25 24.95 -25.17
N LYS A 219 -0.91 23.69 -24.90
CA LYS A 219 -0.16 23.37 -23.70
C LYS A 219 1.30 23.83 -23.82
N THR A 220 1.95 23.54 -24.95
CA THR A 220 3.38 23.80 -25.04
C THR A 220 3.71 25.17 -25.64
N GLU A 221 2.98 25.59 -26.68
CA GLU A 221 3.34 26.80 -27.41
C GLU A 221 2.67 28.05 -26.84
N LEU A 222 1.37 27.98 -26.57
CA LEU A 222 0.65 29.13 -26.04
C LEU A 222 0.60 29.15 -24.52
N ASN A 223 0.88 28.02 -23.87
CA ASN A 223 0.82 27.94 -22.42
C ASN A 223 -0.59 28.17 -21.90
N LEU A 224 -1.59 27.83 -22.71
CA LEU A 224 -3.00 27.99 -22.42
C LEU A 224 -3.54 26.72 -21.79
N PRO A 225 -4.63 26.81 -21.03
CA PRO A 225 -5.19 25.63 -20.38
C PRO A 225 -5.77 24.65 -21.40
N GLU A 226 -5.95 23.41 -20.96
CA GLU A 226 -6.52 22.39 -21.82
C GLU A 226 -7.98 22.71 -22.12
N ASP A 227 -8.37 22.52 -23.38
CA ASP A 227 -9.72 22.83 -23.83
C ASP A 227 -10.07 24.28 -23.53
N ASP A 228 -9.08 25.15 -23.58
CA ASP A 228 -9.29 26.57 -23.30
C ASP A 228 -10.16 27.19 -24.38
N PRO A 229 -11.17 27.97 -24.03
CA PRO A 229 -11.98 28.63 -25.07
C PRO A 229 -11.13 29.45 -26.04
N ARG A 230 -9.99 29.97 -25.59
CA ARG A 230 -9.11 30.71 -26.48
C ARG A 230 -8.57 29.82 -27.60
N ASN A 231 -8.42 28.53 -27.33
CA ASN A 231 -7.89 27.60 -28.33
C ASN A 231 -8.92 27.39 -29.44
N PRO A 232 -8.58 27.68 -30.70
CA PRO A 232 -9.56 27.53 -31.79
C PRO A 232 -9.85 26.08 -32.15
N ALA A 233 -9.15 25.12 -31.57
CA ALA A 233 -9.32 23.71 -31.88
C ALA A 233 -10.12 22.96 -30.83
N THR A 234 -10.55 23.63 -29.76
CA THR A 234 -11.26 22.95 -28.68
C THR A 234 -12.55 22.31 -29.18
N ILE A 235 -13.33 23.08 -29.95
CA ILE A 235 -14.58 22.54 -30.50
C ILE A 235 -14.30 21.31 -31.36
N ALA A 236 -13.22 21.36 -32.14
CA ALA A 236 -12.87 20.21 -32.96
C ALA A 236 -12.57 18.99 -32.10
N ASP A 237 -11.84 19.18 -31.00
CA ASP A 237 -11.51 18.07 -30.11
C ASP A 237 -12.77 17.47 -29.51
N ASN A 238 -13.68 18.32 -29.02
CA ASN A 238 -14.91 17.81 -28.41
C ASN A 238 -15.78 17.08 -29.41
N VAL A 239 -15.95 17.66 -30.61
CA VAL A 239 -16.79 17.01 -31.62
C VAL A 239 -16.16 15.71 -32.08
N GLY A 240 -14.84 15.67 -32.19
CA GLY A 240 -14.18 14.42 -32.54
C GLY A 240 -14.36 13.35 -31.49
N ASP A 241 -14.26 13.72 -30.22
CA ASP A 241 -14.60 12.79 -29.15
C ASP A 241 -16.02 12.25 -29.33
N ASN A 242 -16.96 13.15 -29.65
CA ASN A 242 -18.36 12.73 -29.81
C ASN A 242 -18.52 11.75 -30.98
N VAL A 243 -17.83 12.00 -32.09
CA VAL A 243 -18.00 11.21 -33.30
C VAL A 243 -17.06 10.01 -33.34
N GLY A 244 -15.76 10.27 -33.24
CA GLY A 244 -14.78 9.20 -33.45
C GLY A 244 -14.74 8.17 -32.35
N ASP A 245 -14.85 8.61 -31.09
CA ASP A 245 -14.74 7.71 -29.96
C ASP A 245 -16.08 7.31 -29.37
N VAL A 246 -17.19 7.84 -29.88
CA VAL A 246 -18.52 7.53 -29.40
C VAL A 246 -19.33 6.76 -30.45
N ALA A 247 -19.30 7.22 -31.70
CA ALA A 247 -20.01 6.50 -32.76
C ALA A 247 -19.15 5.35 -33.28
N GLY A 248 -17.87 5.63 -33.53
CA GLY A 248 -16.97 4.56 -33.95
C GLY A 248 -16.88 3.46 -32.91
N LEU A 249 -16.89 3.84 -31.62
CA LEU A 249 -16.85 2.86 -30.55
C LEU A 249 -18.04 1.90 -30.64
N GLY A 250 -19.26 2.45 -30.75
CA GLY A 250 -20.43 1.60 -30.85
C GLY A 250 -20.42 0.74 -32.10
N ALA A 251 -20.07 1.33 -33.24
CA ALA A 251 -19.97 0.56 -34.48
C ALA A 251 -19.01 -0.61 -34.30
N ASP A 252 -17.81 -0.33 -33.78
CA ASP A 252 -16.79 -1.37 -33.63
C ASP A 252 -17.25 -2.47 -32.69
N LEU A 253 -17.86 -2.10 -31.55
CA LEU A 253 -18.21 -3.13 -30.58
C LEU A 253 -19.41 -3.94 -31.06
N LEU A 254 -20.38 -3.31 -31.71
CA LEU A 254 -21.47 -4.07 -32.33
C LEU A 254 -20.92 -5.02 -33.38
N GLU A 255 -19.95 -4.56 -34.18
CA GLU A 255 -19.36 -5.42 -35.19
C GLU A 255 -18.64 -6.60 -34.55
N SER A 256 -17.93 -6.36 -33.44
CA SER A 256 -17.24 -7.45 -32.76
C SER A 256 -18.24 -8.46 -32.19
N PHE A 257 -19.33 -7.98 -31.61
CA PHE A 257 -20.37 -8.88 -31.11
C PHE A 257 -20.94 -9.73 -32.24
N VAL A 258 -21.33 -9.08 -33.34
CA VAL A 258 -21.90 -9.80 -34.47
C VAL A 258 -20.90 -10.79 -35.02
N GLY A 259 -19.62 -10.43 -35.05
CA GLY A 259 -18.61 -11.35 -35.56
C GLY A 259 -18.43 -12.55 -34.67
N ALA A 260 -18.39 -12.34 -33.35
CA ALA A 260 -18.30 -13.46 -32.42
C ALA A 260 -19.46 -14.43 -32.63
N ILE A 261 -20.68 -13.91 -32.72
CA ILE A 261 -21.84 -14.79 -32.91
C ILE A 261 -21.76 -15.50 -34.26
N VAL A 262 -21.44 -14.73 -35.31
CA VAL A 262 -21.48 -15.23 -36.68
C VAL A 262 -20.40 -16.27 -36.93
N SER A 263 -19.27 -16.20 -36.22
CA SER A 263 -18.24 -17.23 -36.38
C SER A 263 -18.78 -18.59 -35.96
N SER A 264 -19.36 -18.66 -34.76
CA SER A 264 -20.01 -19.89 -34.32
C SER A 264 -21.11 -20.31 -35.28
N ILE A 265 -21.89 -19.34 -35.78
CA ILE A 265 -23.01 -19.68 -36.66
C ILE A 265 -22.50 -20.39 -37.91
N ILE A 266 -21.50 -19.80 -38.58
CA ILE A 266 -20.98 -20.41 -39.81
C ILE A 266 -20.29 -21.73 -39.51
N LEU A 267 -19.57 -21.83 -38.40
CA LEU A 267 -18.93 -23.09 -38.08
C LEU A 267 -19.96 -24.20 -37.91
N ALA A 268 -21.02 -23.92 -37.14
CA ALA A 268 -22.09 -24.91 -36.98
C ALA A 268 -22.75 -25.25 -38.30
N SER A 269 -22.94 -24.25 -39.17
CA SER A 269 -23.58 -24.50 -40.45
C SER A 269 -22.72 -25.41 -41.32
N TYR A 270 -21.44 -25.10 -41.43
CA TYR A 270 -20.54 -25.92 -42.25
C TYR A 270 -20.35 -27.30 -41.66
N MET A 271 -20.51 -27.45 -40.34
CA MET A 271 -20.27 -28.75 -39.72
C MET A 271 -21.17 -29.83 -40.31
N PHE A 272 -22.45 -29.51 -40.55
CA PHE A 272 -23.39 -30.53 -40.99
C PHE A 272 -22.99 -31.14 -42.34
N PRO A 273 -22.93 -30.39 -43.43
CA PRO A 273 -22.69 -31.01 -44.74
C PRO A 273 -21.26 -31.50 -44.94
N ILE A 274 -20.33 -31.18 -44.05
CA ILE A 274 -18.95 -31.56 -44.25
C ILE A 274 -18.60 -32.88 -43.57
N TYR A 275 -19.19 -33.16 -42.41
CA TYR A 275 -18.89 -34.38 -41.65
C TYR A 275 -19.71 -35.52 -42.24
N VAL A 276 -19.18 -36.10 -43.32
CA VAL A 276 -19.82 -37.21 -44.03
C VAL A 276 -18.76 -38.24 -44.37
N GLN A 277 -19.23 -39.43 -44.76
CA GLN A 277 -18.34 -40.55 -45.06
C GLN A 277 -18.77 -41.18 -46.37
N LYS A 278 -17.84 -41.25 -47.33
CA LYS A 278 -18.12 -41.90 -48.60
C LYS A 278 -18.09 -43.41 -48.43
N ILE A 279 -19.16 -44.07 -48.87
CA ILE A 279 -19.30 -45.52 -48.73
C ILE A 279 -19.89 -46.05 -50.03
N GLY A 280 -19.06 -46.71 -50.84
CA GLY A 280 -19.52 -47.23 -52.11
C GLY A 280 -20.22 -46.20 -52.96
N GLU A 281 -19.75 -44.95 -52.89
CA GLU A 281 -20.37 -43.80 -53.55
C GLU A 281 -21.70 -43.41 -52.92
N ASN A 282 -22.04 -44.00 -51.77
CA ASN A 282 -23.17 -43.57 -50.97
C ASN A 282 -22.64 -42.71 -49.82
N LEU A 283 -23.04 -41.44 -49.79
CA LEU A 283 -22.50 -40.49 -48.82
C LEU A 283 -23.30 -40.59 -47.53
N VAL A 284 -22.78 -41.38 -46.59
CA VAL A 284 -23.37 -41.54 -45.26
C VAL A 284 -23.16 -40.25 -44.46
N HIS A 285 -24.24 -39.51 -44.22
CA HIS A 285 -24.13 -38.30 -43.44
C HIS A 285 -23.84 -38.68 -41.98
N GLN A 286 -22.82 -38.07 -41.40
CA GLN A 286 -22.32 -38.48 -40.10
C GLN A 286 -22.88 -37.69 -38.91
N VAL A 287 -23.53 -36.55 -39.14
CA VAL A 287 -24.02 -35.70 -38.06
C VAL A 287 -25.52 -35.50 -38.23
N PRO A 288 -26.31 -35.66 -37.16
CA PRO A 288 -27.75 -35.40 -37.27
C PRO A 288 -28.05 -33.92 -37.47
N LYS A 289 -29.02 -33.64 -38.34
CA LYS A 289 -29.36 -32.26 -38.64
C LYS A 289 -29.93 -31.53 -37.43
N GLU A 290 -30.69 -32.24 -36.59
CA GLU A 290 -31.24 -31.61 -35.39
C GLU A 290 -30.14 -31.03 -34.51
N THR A 291 -29.07 -31.80 -34.32
CA THR A 291 -27.94 -31.31 -33.51
C THR A 291 -27.31 -30.08 -34.14
N ILE A 292 -27.20 -30.07 -35.47
CA ILE A 292 -26.60 -28.92 -36.16
C ILE A 292 -27.46 -27.68 -35.97
N GLN A 293 -28.79 -27.84 -36.08
CA GLN A 293 -29.68 -26.70 -35.87
C GLN A 293 -29.60 -26.21 -34.43
N ALA A 294 -29.52 -27.14 -33.48
CA ALA A 294 -29.36 -26.75 -32.08
C ALA A 294 -28.07 -25.96 -31.87
N LEU A 295 -26.98 -26.43 -32.47
CA LEU A 295 -25.70 -25.72 -32.34
C LEU A 295 -25.75 -24.35 -33.02
N ILE A 296 -26.50 -24.23 -34.11
CA ILE A 296 -26.61 -22.94 -34.79
C ILE A 296 -27.41 -21.97 -33.94
N SER A 297 -28.50 -22.43 -33.34
CA SER A 297 -29.31 -21.54 -32.50
C SER A 297 -28.65 -21.26 -31.15
N TYR A 298 -27.74 -22.13 -30.71
CA TYR A 298 -27.14 -21.95 -29.39
C TYR A 298 -26.43 -20.61 -29.24
N PRO A 299 -25.56 -20.18 -30.15
CA PRO A 299 -24.87 -18.90 -29.94
C PRO A 299 -25.83 -17.71 -29.93
N ILE A 300 -26.89 -17.75 -30.74
CA ILE A 300 -27.85 -16.65 -30.75
C ILE A 300 -28.57 -16.55 -29.41
N PHE A 301 -29.04 -17.70 -28.90
CA PHE A 301 -29.72 -17.71 -27.61
C PHE A 301 -28.77 -17.30 -26.49
N PHE A 302 -27.49 -17.70 -26.60
CA PHE A 302 -26.51 -17.31 -25.59
C PHE A 302 -26.28 -15.80 -25.59
N ALA A 303 -26.15 -15.20 -26.78
CA ALA A 303 -26.01 -13.76 -26.87
C ALA A 303 -27.26 -13.06 -26.35
N LEU A 304 -28.44 -13.63 -26.62
CA LEU A 304 -29.67 -13.06 -26.10
C LEU A 304 -29.70 -13.08 -24.58
N VAL A 305 -29.28 -14.21 -23.99
CA VAL A 305 -29.23 -14.31 -22.53
C VAL A 305 -28.25 -13.29 -21.96
N GLY A 306 -27.09 -13.14 -22.60
CA GLY A 306 -26.14 -12.15 -22.16
C GLY A 306 -26.71 -10.75 -22.22
N LEU A 307 -27.40 -10.42 -23.30
CA LEU A 307 -28.00 -9.10 -23.44
C LEU A 307 -29.07 -8.86 -22.38
N GLY A 308 -29.91 -9.87 -22.12
CA GLY A 308 -30.91 -9.72 -21.07
C GLY A 308 -30.30 -9.51 -19.70
N CYS A 309 -29.25 -10.28 -19.38
CA CYS A 309 -28.59 -10.11 -18.10
C CYS A 309 -27.96 -8.73 -17.99
N SER A 310 -27.34 -8.25 -19.07
CA SER A 310 -26.77 -6.91 -19.07
C SER A 310 -27.85 -5.86 -18.88
N MET A 311 -29.03 -6.07 -19.49
CA MET A 311 -30.13 -5.13 -19.29
C MET A 311 -30.55 -5.08 -17.82
N LEU A 312 -30.68 -6.25 -17.20
CA LEU A 312 -31.06 -6.28 -15.79
C LEU A 312 -30.01 -5.59 -14.93
N GLY A 313 -28.74 -5.85 -15.21
CA GLY A 313 -27.68 -5.19 -14.45
C GLY A 313 -27.68 -3.69 -14.60
N ILE A 314 -27.86 -3.20 -15.83
CA ILE A 314 -27.89 -1.76 -16.06
C ILE A 314 -29.10 -1.12 -15.39
N LEU A 315 -30.25 -1.82 -15.40
CA LEU A 315 -31.41 -1.29 -14.71
C LEU A 315 -31.16 -1.17 -13.22
N TYR A 316 -30.61 -2.22 -12.61
CA TYR A 316 -30.28 -2.16 -11.19
C TYR A 316 -29.30 -1.03 -10.91
N VAL A 317 -28.29 -0.86 -11.77
CA VAL A 317 -27.29 0.18 -11.55
C VAL A 317 -27.92 1.56 -11.61
N ILE A 318 -28.77 1.80 -12.62
CA ILE A 318 -29.39 3.11 -12.73
C ILE A 318 -30.30 3.37 -11.54
N VAL A 319 -30.96 2.32 -11.03
CA VAL A 319 -31.77 2.46 -9.83
C VAL A 319 -30.93 2.35 -8.56
N LYS A 320 -29.71 1.82 -8.68
CA LYS A 320 -28.88 1.50 -7.53
C LYS A 320 -28.46 2.77 -6.79
N LYS A 321 -27.87 2.56 -5.61
CA LYS A 321 -27.40 3.68 -4.80
C LYS A 321 -26.17 4.30 -5.43
N PRO A 322 -26.15 5.62 -5.65
CA PRO A 322 -24.98 6.23 -6.29
C PRO A 322 -23.79 6.26 -5.34
N SER A 323 -22.61 6.07 -5.90
CA SER A 323 -21.36 6.05 -5.14
C SER A 323 -20.46 7.20 -5.60
N ASP A 324 -19.67 7.71 -4.66
CA ASP A 324 -18.75 8.79 -4.99
C ASP A 324 -17.74 8.36 -6.06
N ASN A 325 -17.36 7.08 -6.07
CA ASN A 325 -16.43 6.59 -7.07
C ASN A 325 -17.19 5.90 -8.18
N PRO A 326 -17.20 6.45 -9.39
CA PRO A 326 -17.90 5.76 -10.49
C PRO A 326 -17.32 4.40 -10.82
N GLN A 327 -16.01 4.22 -10.62
CA GLN A 327 -15.40 2.93 -10.92
C GLN A 327 -15.98 1.81 -10.05
N ARG A 328 -16.27 2.10 -8.78
CA ARG A 328 -16.87 1.08 -7.93
C ARG A 328 -18.21 0.61 -8.49
N GLU A 329 -19.05 1.55 -8.92
CA GLU A 329 -20.35 1.19 -9.47
C GLU A 329 -20.20 0.43 -10.79
N LEU A 330 -19.31 0.89 -11.66
CA LEU A 330 -19.09 0.19 -12.92
C LEU A 330 -18.62 -1.24 -12.68
N ASN A 331 -17.67 -1.43 -11.76
CA ASN A 331 -17.15 -2.77 -11.50
C ASN A 331 -18.21 -3.66 -10.88
N ILE A 332 -19.00 -3.13 -9.94
CA ILE A 332 -20.07 -3.94 -9.36
C ILE A 332 -21.08 -4.34 -10.43
N SER A 333 -21.45 -3.39 -11.30
CA SER A 333 -22.42 -3.70 -12.35
C SER A 333 -21.92 -4.81 -13.27
N LEU A 334 -20.70 -4.66 -13.79
CA LEU A 334 -20.21 -5.68 -14.72
C LEU A 334 -20.02 -7.02 -14.01
N TRP A 335 -19.51 -7.02 -12.77
CA TRP A 335 -19.31 -8.28 -12.07
C TRP A 335 -20.63 -9.01 -11.86
N THR A 336 -21.65 -8.30 -11.39
CA THR A 336 -22.96 -8.93 -11.16
C THR A 336 -23.55 -9.43 -12.47
N SER A 337 -23.51 -8.60 -13.52
CA SER A 337 -24.07 -9.02 -14.80
C SER A 337 -23.34 -10.24 -15.34
N ALA A 338 -22.02 -10.27 -15.23
CA ALA A 338 -21.27 -11.42 -15.75
C ALA A 338 -21.60 -12.69 -14.99
N LEU A 339 -21.67 -12.60 -13.65
CA LEU A 339 -21.99 -13.80 -12.87
C LEU A 339 -23.38 -14.33 -13.20
N LEU A 340 -24.37 -13.42 -13.25
CA LEU A 340 -25.73 -13.84 -13.57
C LEU A 340 -25.80 -14.45 -14.96
N THR A 341 -25.13 -13.82 -15.94
CA THR A 341 -25.11 -14.36 -17.28
C THR A 341 -24.46 -15.74 -17.31
N VAL A 342 -23.37 -15.93 -16.57
CA VAL A 342 -22.70 -17.22 -16.56
C VAL A 342 -23.64 -18.30 -16.03
N VAL A 343 -24.34 -18.02 -14.93
CA VAL A 343 -25.23 -19.02 -14.35
C VAL A 343 -26.38 -19.33 -15.30
N LEU A 344 -27.08 -18.31 -15.77
CA LEU A 344 -28.21 -18.53 -16.66
C LEU A 344 -27.77 -19.21 -17.94
N THR A 345 -26.56 -18.92 -18.41
CA THR A 345 -26.06 -19.54 -19.63
C THR A 345 -25.70 -21.00 -19.40
N ALA A 346 -25.16 -21.32 -18.22
CA ALA A 346 -24.98 -22.72 -17.87
C ALA A 346 -26.30 -23.47 -17.97
N PHE A 347 -27.34 -22.93 -17.35
CA PHE A 347 -28.64 -23.60 -17.39
C PHE A 347 -29.16 -23.71 -18.82
N LEU A 348 -29.05 -22.63 -19.60
CA LEU A 348 -29.52 -22.64 -20.98
C LEU A 348 -28.77 -23.65 -21.83
N THR A 349 -27.43 -23.67 -21.70
CA THR A 349 -26.62 -24.61 -22.48
C THR A 349 -26.96 -26.04 -22.11
N TYR A 350 -27.19 -26.32 -20.82
CA TYR A 350 -27.56 -27.67 -20.42
C TYR A 350 -28.90 -28.06 -21.04
N PHE A 351 -29.91 -27.21 -20.89
CA PHE A 351 -31.25 -27.58 -21.34
C PHE A 351 -31.33 -27.67 -22.86
N TYR A 352 -30.70 -26.74 -23.57
CA TYR A 352 -30.83 -26.69 -25.02
C TYR A 352 -30.13 -27.88 -25.67
N LEU A 353 -28.95 -28.24 -25.18
CA LEU A 353 -28.15 -29.31 -25.77
C LEU A 353 -28.23 -30.60 -24.97
N LYS A 354 -29.14 -30.68 -24.00
CA LYS A 354 -29.26 -31.87 -23.18
C LYS A 354 -29.80 -33.04 -24.00
N ASP A 355 -29.12 -34.19 -23.89
CA ASP A 355 -29.57 -35.40 -24.57
C ASP A 355 -29.61 -35.22 -26.09
N LEU A 356 -28.50 -34.75 -26.64
CA LEU A 356 -28.34 -34.57 -28.08
C LEU A 356 -27.41 -35.66 -28.59
N GLN A 357 -27.21 -35.70 -29.91
CA GLN A 357 -26.43 -36.77 -30.52
C GLN A 357 -25.48 -36.20 -31.56
N GLY A 358 -24.24 -36.70 -31.54
CA GLY A 358 -23.22 -36.24 -32.51
C GLY A 358 -22.23 -35.25 -31.90
N LEU A 359 -22.44 -34.87 -30.64
CA LEU A 359 -21.59 -33.83 -30.01
C LEU A 359 -20.14 -34.31 -29.96
N ASP A 360 -19.93 -35.58 -29.61
CA ASP A 360 -18.54 -36.09 -29.46
C ASP A 360 -17.84 -35.97 -30.80
N VAL A 361 -18.55 -36.27 -31.89
CA VAL A 361 -17.94 -36.26 -33.25
C VAL A 361 -17.45 -34.84 -33.58
N LEU A 362 -18.18 -33.82 -33.16
CA LEU A 362 -17.83 -32.43 -33.54
C LEU A 362 -16.86 -31.79 -32.54
N GLY A 363 -16.34 -32.58 -31.59
CA GLY A 363 -15.31 -32.05 -30.67
C GLY A 363 -15.81 -31.72 -29.29
N PHE A 364 -17.06 -32.08 -28.97
CA PHE A 364 -17.54 -31.86 -27.59
C PHE A 364 -17.06 -33.04 -26.73
N ARG A 365 -15.79 -32.99 -26.32
CA ARG A 365 -15.22 -34.12 -25.55
C ARG A 365 -15.95 -34.29 -24.22
N PHE A 366 -16.16 -33.19 -23.49
CA PHE A 366 -16.83 -33.26 -22.18
C PHE A 366 -18.31 -33.64 -22.36
N GLY A 367 -18.95 -33.06 -23.38
CA GLY A 367 -20.38 -33.34 -23.60
C GLY A 367 -21.17 -32.09 -23.98
N ALA A 368 -22.45 -32.08 -23.65
CA ALA A 368 -23.34 -30.93 -23.97
C ALA A 368 -22.88 -29.66 -23.28
N ILE A 369 -22.34 -29.77 -22.06
CA ILE A 369 -21.97 -28.57 -21.26
C ILE A 369 -20.60 -28.04 -21.73
N SER A 370 -19.95 -28.74 -22.66
CA SER A 370 -18.60 -28.33 -23.12
C SER A 370 -18.57 -26.94 -23.75
N PRO A 371 -19.56 -26.49 -24.55
CA PRO A 371 -19.53 -25.11 -25.06
C PRO A 371 -19.58 -24.11 -23.90
N TRP A 372 -20.36 -24.39 -22.86
CA TRP A 372 -20.42 -23.47 -21.69
C TRP A 372 -19.03 -23.38 -21.05
N PHE A 373 -18.33 -24.50 -20.95
CA PHE A 373 -16.97 -24.47 -20.36
C PHE A 373 -16.08 -23.57 -21.22
N SER A 374 -16.18 -23.69 -22.54
CA SER A 374 -15.38 -22.85 -23.45
C SER A 374 -15.78 -21.37 -23.31
N ALA A 375 -17.08 -21.09 -23.19
CA ALA A 375 -17.54 -19.71 -23.01
C ALA A 375 -17.00 -19.18 -21.69
N ILE A 376 -16.99 -20.03 -20.66
CA ILE A 376 -16.46 -19.62 -19.34
C ILE A 376 -14.99 -19.24 -19.53
N ILE A 377 -14.27 -20.01 -20.36
CA ILE A 377 -12.82 -19.74 -20.59
C ILE A 377 -12.70 -18.36 -21.21
N GLY A 378 -13.58 -18.05 -22.16
CA GLY A 378 -13.51 -16.73 -22.83
C GLY A 378 -13.73 -15.61 -21.84
N ILE A 379 -14.72 -15.73 -20.96
CA ILE A 379 -15.02 -14.60 -20.04
C ILE A 379 -13.81 -14.41 -19.13
N PHE A 380 -13.27 -15.50 -18.60
CA PHE A 380 -12.13 -15.40 -17.66
C PHE A 380 -10.90 -14.85 -18.38
N SER A 381 -10.66 -15.29 -19.60
CA SER A 381 -9.47 -14.83 -20.36
C SER A 381 -9.59 -13.32 -20.57
N GLY A 382 -10.80 -12.86 -20.91
CA GLY A 382 -11.02 -11.42 -21.11
C GLY A 382 -10.78 -10.65 -19.83
N ILE A 383 -11.21 -11.19 -18.69
CA ILE A 383 -11.07 -10.48 -17.40
C ILE A 383 -9.58 -10.25 -17.15
N LEU A 384 -8.77 -11.27 -17.38
CA LEU A 384 -7.30 -11.12 -17.19
C LEU A 384 -6.75 -10.10 -18.19
N ILE A 385 -7.23 -10.11 -19.43
CA ILE A 385 -6.67 -9.18 -20.46
C ILE A 385 -6.94 -7.77 -19.96
N GLY A 386 -8.14 -7.54 -19.45
CA GLY A 386 -8.49 -6.21 -18.91
C GLY A 386 -7.63 -5.87 -17.72
N PHE A 387 -7.42 -6.85 -16.85
CA PHE A 387 -6.61 -6.62 -15.63
C PHE A 387 -5.17 -6.28 -16.05
N TRP A 388 -4.66 -7.02 -17.03
CA TRP A 388 -3.27 -6.78 -17.51
C TRP A 388 -3.21 -5.37 -18.10
N ALA A 389 -4.26 -4.99 -18.83
CA ALA A 389 -4.29 -3.63 -19.40
C ALA A 389 -4.27 -2.64 -18.24
N GLU A 390 -5.03 -2.91 -17.18
CA GLU A 390 -5.12 -1.93 -16.07
C GLU A 390 -3.75 -1.75 -15.43
N TYR A 391 -3.01 -2.83 -15.22
CA TYR A 391 -1.72 -2.68 -14.53
C TYR A 391 -0.82 -1.80 -15.39
N TYR A 392 -0.79 -2.10 -16.69
CA TYR A 392 0.09 -1.35 -17.62
C TYR A 392 -0.37 0.09 -17.83
N THR A 393 -1.68 0.34 -17.94
CA THR A 393 -2.15 1.71 -18.31
C THR A 393 -2.53 2.58 -17.11
N SER A 394 -2.39 2.11 -15.87
CA SER A 394 -2.89 2.94 -14.74
C SER A 394 -1.77 3.43 -13.82
N TYR A 395 -1.81 4.70 -13.44
CA TYR A 395 -0.76 5.30 -12.56
C TYR A 395 -0.82 4.69 -11.16
N ARG A 396 -1.96 4.13 -10.78
CA ARG A 396 -2.04 3.46 -9.45
C ARG A 396 -1.00 2.34 -9.46
N TYR A 397 -0.91 1.62 -10.57
CA TYR A 397 0.09 0.53 -10.69
C TYR A 397 1.47 1.13 -10.98
N LYS A 398 2.54 0.34 -10.77
CA LYS A 398 3.93 0.85 -10.91
C LYS A 398 4.35 1.30 -12.31
N PRO A 399 4.03 0.61 -13.43
CA PRO A 399 4.59 1.00 -14.73
C PRO A 399 4.27 2.42 -15.22
N THR A 400 3.01 2.84 -15.08
CA THR A 400 2.61 4.20 -15.52
C THR A 400 3.35 5.25 -14.68
N GLN A 401 3.54 4.97 -13.40
CA GLN A 401 4.26 5.91 -12.49
C GLN A 401 5.70 6.08 -12.97
N PHE A 402 6.35 5.00 -13.41
CA PHE A 402 7.73 5.11 -13.91
C PHE A 402 7.74 6.00 -15.15
N LEU A 403 6.73 5.84 -16.00
CA LEU A 403 6.62 6.70 -17.21
C LEU A 403 6.47 8.15 -16.74
N GLY A 404 5.67 8.39 -15.71
CA GLY A 404 5.53 9.75 -15.16
C GLY A 404 6.84 10.26 -14.60
N LYS A 405 7.59 9.41 -13.91
CA LYS A 405 8.91 9.78 -13.36
C LYS A 405 9.85 10.09 -14.53
N SER A 406 9.63 9.42 -15.67
CA SER A 406 10.52 9.60 -16.85
C SER A 406 10.39 11.03 -17.38
N SER A 407 9.35 11.75 -16.97
CA SER A 407 9.12 13.13 -17.47
C SER A 407 10.32 14.01 -17.13
N ILE A 408 10.89 13.83 -15.94
CA ILE A 408 12.01 14.72 -15.51
C ILE A 408 13.15 14.54 -16.49
N GLU A 409 13.42 13.31 -16.91
CA GLU A 409 14.58 13.05 -17.80
C GLU A 409 14.36 13.75 -19.14
N GLY A 410 13.15 13.71 -19.69
CA GLY A 410 12.89 14.48 -20.92
C GLY A 410 11.84 13.88 -21.83
N THR A 411 11.52 14.56 -22.93
CA THR A 411 10.54 14.04 -23.92
C THR A 411 11.07 12.76 -24.55
N GLY A 412 12.36 12.74 -24.90
CA GLY A 412 12.91 11.56 -25.59
C GLY A 412 12.80 10.34 -24.70
N MET A 413 13.11 10.50 -23.42
CA MET A 413 12.97 9.37 -22.48
C MET A 413 11.49 9.01 -22.38
N VAL A 414 10.60 10.00 -22.34
CA VAL A 414 9.16 9.64 -22.15
C VAL A 414 8.73 8.79 -23.34
N ILE A 415 9.09 9.22 -24.56
CA ILE A 415 8.62 8.48 -25.76
C ILE A 415 9.23 7.08 -25.74
N SER A 416 10.52 6.98 -25.45
CA SER A 416 11.18 5.66 -25.49
C SER A 416 10.57 4.77 -24.42
N ASN A 417 10.32 5.31 -23.23
CA ASN A 417 9.75 4.51 -22.12
C ASN A 417 8.35 4.03 -22.49
N GLY A 418 7.56 4.91 -23.12
CA GLY A 418 6.20 4.53 -23.49
C GLY A 418 6.21 3.40 -24.49
N LEU A 419 7.12 3.46 -25.46
CA LEU A 419 7.16 2.43 -26.51
C LEU A 419 7.44 1.09 -25.83
N SER A 420 8.40 1.06 -24.91
CA SER A 420 8.77 -0.20 -24.23
C SER A 420 7.58 -0.73 -23.45
N LEU A 421 6.85 0.15 -22.77
CA LEU A 421 5.74 -0.31 -21.92
C LEU A 421 4.73 -1.01 -22.82
N GLY A 422 4.44 -0.42 -23.98
CA GLY A 422 3.52 -1.07 -24.93
C GLY A 422 4.06 -2.38 -25.44
N MET A 423 5.33 -2.44 -25.84
CA MET A 423 5.87 -3.69 -26.43
C MET A 423 5.89 -4.76 -25.35
N LYS A 424 6.32 -4.38 -24.15
CA LYS A 424 6.34 -5.33 -23.01
C LYS A 424 4.92 -5.74 -22.68
N SER A 425 3.98 -4.80 -22.78
CA SER A 425 2.58 -5.06 -22.36
C SER A 425 1.98 -6.19 -23.19
N VAL A 426 2.38 -6.37 -24.44
CA VAL A 426 1.73 -7.40 -25.29
C VAL A 426 1.92 -8.80 -24.70
N PHE A 427 3.07 -9.11 -24.11
CA PHE A 427 3.30 -10.51 -23.67
C PHE A 427 2.32 -11.02 -22.60
N PRO A 428 2.00 -10.31 -21.50
CA PRO A 428 1.09 -10.90 -20.52
C PRO A 428 -0.33 -11.21 -21.04
N PRO A 429 -1.03 -10.31 -21.76
CA PRO A 429 -2.31 -10.66 -22.36
C PRO A 429 -2.18 -11.78 -23.38
N THR A 430 -1.13 -11.77 -24.20
CA THR A 430 -1.02 -12.80 -25.26
C THR A 430 -0.94 -14.18 -24.63
N LEU A 431 -0.20 -14.31 -23.52
CA LEU A 431 -0.13 -15.60 -22.81
C LEU A 431 -1.53 -15.98 -22.33
N THR A 432 -2.29 -15.00 -21.84
CA THR A 432 -3.67 -15.29 -21.39
C THR A 432 -4.48 -15.80 -22.58
N LEU A 433 -4.33 -15.17 -23.75
CA LEU A 433 -5.05 -15.62 -24.98
C LEU A 433 -4.59 -17.02 -25.37
N VAL A 434 -3.28 -17.29 -25.29
CA VAL A 434 -2.75 -18.61 -25.73
C VAL A 434 -3.38 -19.68 -24.86
N LEU A 435 -3.43 -19.46 -23.55
CA LEU A 435 -4.00 -20.46 -22.61
C LEU A 435 -5.51 -20.59 -22.86
N GLY A 436 -6.19 -19.46 -23.11
CA GLY A 436 -7.63 -19.50 -23.37
C GLY A 436 -7.95 -20.31 -24.61
N ILE A 437 -7.17 -20.11 -25.67
CA ILE A 437 -7.39 -20.86 -26.94
C ILE A 437 -7.19 -22.34 -26.68
N LEU A 438 -6.11 -22.72 -25.98
CA LEU A 438 -5.81 -24.16 -25.81
C LEU A 438 -6.91 -24.83 -25.01
N PHE A 439 -7.35 -24.20 -23.91
CA PHE A 439 -8.36 -24.84 -23.03
C PHE A 439 -9.69 -24.96 -23.78
N ALA A 440 -10.06 -23.94 -24.55
CA ALA A 440 -11.34 -23.96 -25.30
C ALA A 440 -11.29 -25.09 -26.34
N ASP A 441 -10.16 -25.27 -27.00
CA ASP A 441 -10.02 -26.37 -27.99
C ASP A 441 -10.19 -27.70 -27.25
N TYR A 442 -9.58 -27.83 -26.09
CA TYR A 442 -9.68 -29.08 -25.29
C TYR A 442 -11.14 -29.26 -24.87
N PHE A 443 -11.79 -28.18 -24.45
CA PHE A 443 -13.16 -28.36 -23.96
C PHE A 443 -14.14 -28.67 -25.08
N ALA A 444 -14.09 -27.95 -26.20
CA ALA A 444 -15.11 -28.19 -27.22
C ALA A 444 -14.63 -27.88 -28.64
N GLY A 445 -13.46 -28.33 -29.02
CA GLY A 445 -12.97 -28.06 -30.35
C GLY A 445 -13.09 -26.65 -30.90
N LEU A 446 -13.15 -26.55 -32.22
CA LEU A 446 -13.25 -25.25 -32.88
C LEU A 446 -14.59 -24.56 -32.58
N TYR A 447 -15.67 -25.32 -32.41
CA TYR A 447 -16.93 -24.70 -32.04
C TYR A 447 -16.80 -23.98 -30.71
N GLY A 448 -16.09 -24.58 -29.76
CA GLY A 448 -15.83 -23.93 -28.50
C GLY A 448 -14.85 -22.77 -28.63
N VAL A 449 -13.93 -22.85 -29.57
CA VAL A 449 -13.10 -21.68 -29.86
C VAL A 449 -13.99 -20.50 -30.22
N ALA A 450 -14.97 -20.74 -31.09
CA ALA A 450 -15.91 -19.67 -31.47
C ALA A 450 -16.81 -19.28 -30.30
N ILE A 451 -17.23 -20.25 -29.50
CA ILE A 451 -18.05 -19.98 -28.32
C ILE A 451 -17.30 -19.12 -27.32
N ALA A 452 -15.98 -19.31 -27.22
CA ALA A 452 -15.17 -18.46 -26.35
C ALA A 452 -15.03 -17.07 -26.95
N ALA A 453 -14.82 -16.98 -28.26
CA ALA A 453 -14.86 -15.68 -28.92
C ALA A 453 -16.14 -14.93 -28.57
N LEU A 454 -17.27 -15.64 -28.54
CA LEU A 454 -18.54 -15.01 -28.19
C LEU A 454 -18.62 -14.68 -26.70
N GLY A 455 -18.19 -15.61 -25.84
CA GLY A 455 -18.30 -15.41 -24.41
C GLY A 455 -17.47 -14.25 -23.91
N MET A 456 -16.26 -14.10 -24.46
CA MET A 456 -15.42 -12.97 -24.08
C MET A 456 -16.16 -11.64 -24.25
N LEU A 457 -17.10 -11.59 -25.20
CA LEU A 457 -17.90 -10.41 -25.45
C LEU A 457 -19.39 -10.70 -25.24
N SER A 458 -19.71 -11.58 -24.30
CA SER A 458 -21.10 -11.95 -24.06
C SER A 458 -21.91 -10.75 -23.57
N PHE A 459 -21.30 -9.88 -22.78
CA PHE A 459 -21.99 -8.71 -22.23
C PHE A 459 -21.49 -7.43 -22.88
N VAL A 460 -21.55 -7.37 -24.21
CA VAL A 460 -21.04 -6.20 -24.91
C VAL A 460 -21.78 -4.94 -24.49
N ALA A 461 -23.01 -5.07 -23.98
CA ALA A 461 -23.80 -3.90 -23.61
C ALA A 461 -23.14 -3.11 -22.49
N THR A 462 -22.72 -3.80 -21.43
CA THR A 462 -22.13 -3.09 -20.29
C THR A 462 -20.80 -2.44 -20.66
N SER A 463 -19.96 -3.14 -21.42
CA SER A 463 -18.68 -2.58 -21.83
C SER A 463 -18.88 -1.35 -22.72
N VAL A 464 -19.78 -1.46 -23.70
CA VAL A 464 -20.08 -0.30 -24.54
C VAL A 464 -20.61 0.83 -23.68
N SER A 465 -21.43 0.51 -22.68
CA SER A 465 -22.00 1.54 -21.82
C SER A 465 -20.91 2.33 -21.09
N VAL A 466 -19.98 1.62 -20.45
CA VAL A 466 -18.92 2.31 -19.72
C VAL A 466 -18.02 3.11 -20.68
N ASP A 467 -17.68 2.51 -21.83
CA ASP A 467 -16.81 3.19 -22.77
C ASP A 467 -17.47 4.45 -23.31
N SER A 468 -18.78 4.40 -23.53
CA SER A 468 -19.52 5.61 -23.93
C SER A 468 -19.63 6.59 -22.78
N TYR A 469 -19.69 6.07 -21.55
CA TYR A 469 -19.77 6.94 -20.37
C TYR A 469 -18.55 7.85 -20.27
N GLY A 470 -17.40 7.37 -20.72
CA GLY A 470 -16.19 8.17 -20.66
C GLY A 470 -16.23 9.46 -21.48
N PRO A 471 -16.54 9.33 -22.77
CA PRO A 471 -16.55 10.50 -23.66
C PRO A 471 -17.50 11.61 -23.23
N ILE A 472 -18.65 11.26 -22.66
CA ILE A 472 -19.57 12.31 -22.20
C ILE A 472 -18.89 13.16 -21.13
N ALA A 473 -18.17 12.52 -20.21
CA ALA A 473 -17.42 13.27 -19.21
C ALA A 473 -16.32 14.11 -19.84
N ASP A 474 -15.65 13.58 -20.86
CA ASP A 474 -14.62 14.37 -21.53
C ASP A 474 -15.20 15.63 -22.16
N ASN A 475 -16.29 15.46 -22.91
CA ASN A 475 -16.89 16.62 -23.61
C ASN A 475 -17.45 17.59 -22.58
N ALA A 476 -17.97 17.08 -21.47
CA ALA A 476 -18.46 17.97 -20.40
C ALA A 476 -17.31 18.81 -19.85
N GLY A 477 -16.15 18.19 -19.68
CA GLY A 477 -14.98 18.92 -19.14
C GLY A 477 -14.56 20.02 -20.10
N GLY A 478 -14.59 19.73 -21.40
CA GLY A 478 -14.24 20.75 -22.41
C GLY A 478 -15.24 21.89 -22.36
N ILE A 479 -16.52 21.57 -22.18
CA ILE A 479 -17.57 22.61 -22.10
C ILE A 479 -17.26 23.48 -20.89
N SER A 480 -16.84 22.87 -19.79
CA SER A 480 -16.62 23.66 -18.54
C SER A 480 -15.51 24.70 -18.73
N GLU A 481 -14.39 24.31 -19.35
CA GLU A 481 -13.26 25.27 -19.50
C GLU A 481 -13.67 26.39 -20.45
N MET A 482 -14.33 26.05 -21.56
CA MET A 482 -14.72 27.07 -22.57
C MET A 482 -15.75 28.03 -21.98
N CYS A 483 -16.68 27.51 -21.18
CA CYS A 483 -17.75 28.35 -20.62
C CYS A 483 -17.23 29.03 -19.34
N GLU A 484 -15.96 28.80 -19.02
CA GLU A 484 -15.33 29.46 -17.84
C GLU A 484 -16.11 29.11 -16.58
N LEU A 485 -16.51 27.85 -16.44
CA LEU A 485 -17.25 27.40 -15.24
C LEU A 485 -16.28 27.31 -14.06
N ASP A 486 -16.81 27.16 -12.85
CA ASP A 486 -15.95 27.14 -11.63
C ASP A 486 -14.96 26.00 -11.73
N PRO A 487 -13.72 26.16 -11.23
CA PRO A 487 -12.69 25.13 -11.38
C PRO A 487 -13.16 23.81 -10.76
N GLU A 488 -13.88 23.89 -9.63
CA GLU A 488 -14.28 22.64 -8.92
C GLU A 488 -15.14 21.76 -9.82
N VAL A 489 -16.04 22.37 -10.60
CA VAL A 489 -16.97 21.56 -11.44
C VAL A 489 -16.13 20.78 -12.45
N ARG A 490 -15.10 21.42 -13.00
CA ARG A 490 -14.22 20.75 -13.98
C ARG A 490 -13.57 19.56 -13.28
N LYS A 491 -13.21 19.73 -12.01
CA LYS A 491 -12.52 18.64 -11.27
C LYS A 491 -13.43 17.42 -11.19
N ILE A 492 -14.73 17.64 -10.98
CA ILE A 492 -15.70 16.51 -10.92
C ILE A 492 -15.67 15.78 -12.28
N THR A 493 -15.66 16.55 -13.37
CA THR A 493 -15.65 15.95 -14.72
C THR A 493 -14.35 15.15 -14.91
N ASP A 494 -13.22 15.68 -14.45
CA ASP A 494 -11.92 15.00 -14.68
C ASP A 494 -11.90 13.63 -14.00
N HIS A 495 -12.50 13.52 -12.81
CA HIS A 495 -12.42 12.24 -12.07
C HIS A 495 -13.09 11.15 -12.90
N LEU A 496 -14.20 11.46 -13.56
CA LEU A 496 -14.93 10.45 -14.36
C LEU A 496 -14.09 10.07 -15.59
N ASP A 497 -13.32 11.01 -16.14
CA ASP A 497 -12.54 10.75 -17.36
C ASP A 497 -11.30 9.89 -17.08
N ALA A 498 -10.69 10.06 -15.91
CA ALA A 498 -9.49 9.29 -15.59
C ALA A 498 -9.78 7.79 -15.59
N VAL A 499 -10.88 7.38 -14.94
CA VAL A 499 -11.28 5.98 -14.98
C VAL A 499 -11.69 5.59 -16.40
N GLY A 500 -12.30 6.53 -17.14
CA GLY A 500 -12.80 6.19 -18.45
C GLY A 500 -11.70 5.78 -19.40
N ASN A 501 -10.52 6.41 -19.29
CA ASN A 501 -9.45 6.07 -20.23
C ASN A 501 -9.01 4.62 -20.06
N THR A 502 -8.82 4.18 -18.82
CA THR A 502 -8.42 2.80 -18.57
C THR A 502 -9.53 1.84 -18.96
N THR A 503 -10.79 2.18 -18.67
CA THR A 503 -11.88 1.29 -19.06
C THR A 503 -11.97 1.16 -20.57
N ALA A 504 -11.69 2.24 -21.31
CA ALA A 504 -11.67 2.17 -22.76
C ALA A 504 -10.56 1.25 -23.25
N ALA A 505 -9.38 1.33 -22.63
CA ALA A 505 -8.32 0.40 -22.99
C ALA A 505 -8.74 -1.05 -22.74
N ILE A 506 -9.43 -1.28 -21.61
CA ILE A 506 -9.91 -2.63 -21.31
C ILE A 506 -10.91 -3.10 -22.37
N GLY A 507 -11.79 -2.21 -22.81
CA GLY A 507 -12.74 -2.57 -23.85
C GLY A 507 -12.05 -2.92 -25.15
N LYS A 508 -11.02 -2.15 -25.52
CA LYS A 508 -10.27 -2.46 -26.73
C LYS A 508 -9.60 -3.82 -26.62
N GLY A 509 -9.07 -4.14 -25.43
CA GLY A 509 -8.50 -5.46 -25.23
C GLY A 509 -9.52 -6.57 -25.39
N PHE A 510 -10.70 -6.40 -24.80
CA PHE A 510 -11.79 -7.36 -24.99
C PHE A 510 -12.08 -7.56 -26.47
N ALA A 511 -12.18 -6.45 -27.20
CA ALA A 511 -12.51 -6.53 -28.63
C ALA A 511 -11.45 -7.32 -29.39
N ILE A 512 -10.17 -7.02 -29.13
CA ILE A 512 -9.11 -7.69 -29.87
C ILE A 512 -9.07 -9.18 -29.53
N GLY A 513 -9.33 -9.53 -28.26
CA GLY A 513 -9.34 -10.94 -27.90
C GLY A 513 -10.47 -11.71 -28.58
N SER A 514 -11.69 -11.16 -28.51
CA SER A 514 -12.81 -11.80 -29.20
C SER A 514 -12.53 -11.90 -30.69
N ALA A 515 -11.88 -10.87 -31.26
CA ALA A 515 -11.55 -10.90 -32.68
C ALA A 515 -10.55 -12.00 -32.99
N ILE A 516 -9.57 -12.22 -32.12
CA ILE A 516 -8.58 -13.28 -32.34
C ILE A 516 -9.27 -14.64 -32.34
N PHE A 517 -10.14 -14.87 -31.36
CA PHE A 517 -10.84 -16.15 -31.30
C PHE A 517 -11.71 -16.36 -32.54
N ALA A 518 -12.52 -15.35 -32.89
CA ALA A 518 -13.37 -15.47 -34.06
C ALA A 518 -12.56 -15.60 -35.33
N ALA A 519 -11.34 -15.04 -35.36
CA ALA A 519 -10.50 -15.14 -36.55
C ALA A 519 -9.94 -16.54 -36.71
N LEU A 520 -9.59 -17.20 -35.59
CA LEU A 520 -9.20 -18.60 -35.70
C LEU A 520 -10.36 -19.45 -36.19
N SER A 521 -11.55 -19.23 -35.61
CA SER A 521 -12.72 -19.98 -36.08
C SER A 521 -13.00 -19.69 -37.56
N LEU A 522 -12.72 -18.46 -38.01
CA LEU A 522 -12.93 -18.12 -39.41
C LEU A 522 -11.86 -18.75 -40.30
N PHE A 523 -10.64 -18.91 -39.80
CA PHE A 523 -9.66 -19.73 -40.51
C PHE A 523 -10.22 -21.13 -40.76
N ALA A 524 -10.80 -21.72 -39.71
CA ALA A 524 -11.44 -23.03 -39.87
C ALA A 524 -12.54 -22.99 -40.93
N SER A 525 -13.43 -22.00 -40.83
CA SER A 525 -14.54 -21.91 -41.78
C SER A 525 -14.04 -21.70 -43.22
N TYR A 526 -12.93 -20.97 -43.38
CA TYR A 526 -12.36 -20.74 -44.70
C TYR A 526 -11.80 -22.04 -45.27
N MET A 527 -11.00 -22.77 -44.47
CA MET A 527 -10.51 -24.07 -44.90
C MET A 527 -11.67 -24.99 -45.29
N PHE A 528 -12.79 -24.89 -44.57
CA PHE A 528 -13.97 -25.66 -44.96
C PHE A 528 -14.52 -25.18 -46.30
N SER A 529 -14.60 -23.86 -46.49
CA SER A 529 -15.16 -23.31 -47.73
C SER A 529 -14.33 -23.72 -48.94
N GLN A 530 -13.04 -23.99 -48.76
CA GLN A 530 -12.21 -24.42 -49.88
C GLN A 530 -12.69 -25.71 -50.54
N ILE A 531 -13.67 -26.40 -49.95
CA ILE A 531 -14.12 -27.68 -50.47
C ILE A 531 -15.14 -27.48 -51.58
N SER A 532 -15.16 -28.44 -52.51
CA SER A 532 -16.05 -28.45 -53.66
C SER A 532 -16.94 -29.67 -53.62
N PRO A 533 -18.02 -29.70 -54.40
CA PRO A 533 -18.92 -30.86 -54.36
C PRO A 533 -18.24 -32.17 -54.69
N SER A 534 -17.35 -32.19 -55.68
CA SER A 534 -16.65 -33.42 -56.01
C SER A 534 -15.73 -33.87 -54.89
N ASP A 535 -15.21 -32.92 -54.10
CA ASP A 535 -14.36 -33.21 -52.95
C ASP A 535 -15.12 -33.12 -51.64
N ILE A 536 -16.43 -33.36 -51.66
CA ILE A 536 -17.27 -33.13 -50.49
C ILE A 536 -17.04 -34.17 -49.40
N GLY A 537 -16.50 -35.33 -49.74
CA GLY A 537 -16.32 -36.42 -48.79
C GLY A 537 -15.01 -36.42 -48.03
N LYS A 538 -14.19 -35.40 -48.18
CA LYS A 538 -12.88 -35.40 -47.52
C LYS A 538 -13.03 -35.36 -46.01
N PRO A 539 -12.19 -36.09 -45.28
CA PRO A 539 -12.21 -36.03 -43.81
C PRO A 539 -11.72 -34.67 -43.32
N PRO A 540 -12.32 -34.13 -42.26
CA PRO A 540 -11.92 -32.80 -41.79
C PRO A 540 -10.42 -32.67 -41.53
N SER A 541 -9.74 -33.78 -41.20
CA SER A 541 -8.30 -33.71 -41.00
C SER A 541 -7.61 -33.16 -42.23
N LEU A 542 -7.98 -33.63 -43.42
CA LEU A 542 -7.40 -33.10 -44.65
C LEU A 542 -7.93 -31.71 -44.96
N VAL A 543 -9.15 -31.39 -44.52
CA VAL A 543 -9.72 -30.08 -44.81
C VAL A 543 -9.12 -29.01 -43.91
N LEU A 544 -8.88 -29.33 -42.65
CA LEU A 544 -8.34 -28.36 -41.69
C LEU A 544 -6.82 -28.37 -41.67
N LEU A 545 -6.19 -28.46 -42.84
CA LEU A 545 -4.73 -28.47 -42.94
C LEU A 545 -4.28 -27.26 -43.75
N LEU A 546 -3.34 -26.50 -43.19
CA LEU A 546 -2.73 -25.36 -43.88
C LEU A 546 -1.22 -25.42 -43.60
N ASN A 547 -0.52 -26.24 -44.38
CA ASN A 547 0.91 -26.45 -44.18
C ASN A 547 1.67 -25.13 -44.29
N MET A 548 2.33 -24.74 -43.20
CA MET A 548 3.11 -23.52 -43.19
C MET A 548 4.49 -23.67 -43.82
N LEU A 549 4.87 -24.89 -44.21
CA LEU A 549 6.10 -25.07 -44.98
C LEU A 549 5.91 -24.79 -46.46
N ASP A 550 4.67 -24.70 -46.94
CA ASP A 550 4.43 -24.27 -48.30
C ASP A 550 4.91 -22.84 -48.47
N ALA A 551 5.84 -22.64 -49.40
CA ALA A 551 6.40 -21.31 -49.62
C ALA A 551 5.30 -20.27 -49.78
N ARG A 552 4.21 -20.65 -50.45
CA ARG A 552 3.11 -19.72 -50.65
C ARG A 552 2.47 -19.30 -49.32
N VAL A 553 2.30 -20.24 -48.40
CA VAL A 553 1.63 -19.93 -47.14
C VAL A 553 2.46 -18.97 -46.31
N ILE A 554 3.76 -19.24 -46.18
CA ILE A 554 4.62 -18.38 -45.37
C ILE A 554 4.82 -17.03 -46.06
N ALA A 555 4.93 -17.02 -47.39
CA ALA A 555 4.99 -15.75 -48.11
C ALA A 555 3.73 -14.93 -47.86
N GLY A 556 2.56 -15.58 -47.86
CA GLY A 556 1.33 -14.87 -47.57
C GLY A 556 1.30 -14.34 -46.15
N ALA A 557 1.81 -15.12 -45.20
CA ALA A 557 1.89 -14.64 -43.82
C ALA A 557 2.75 -13.38 -43.73
N LEU A 558 3.92 -13.41 -44.38
CA LEU A 558 4.79 -12.23 -44.38
C LEU A 558 4.07 -11.04 -45.00
N LEU A 559 3.42 -11.25 -46.15
CA LEU A 559 2.72 -10.15 -46.82
C LEU A 559 1.59 -9.61 -45.95
N GLY A 560 0.90 -10.49 -45.21
CA GLY A 560 -0.18 -10.02 -44.37
C GLY A 560 0.30 -9.21 -43.19
N ALA A 561 1.37 -9.65 -42.53
CA ALA A 561 1.96 -8.84 -41.47
C ALA A 561 2.39 -7.49 -42.01
N ALA A 562 3.04 -7.47 -43.18
CA ALA A 562 3.49 -6.21 -43.75
C ALA A 562 2.31 -5.32 -44.12
N ILE A 563 1.22 -5.90 -44.60
CA ILE A 563 0.04 -5.12 -44.95
C ILE A 563 -0.56 -4.49 -43.70
N THR A 564 -0.64 -5.25 -42.62
CA THR A 564 -1.12 -4.68 -41.36
C THR A 564 -0.25 -3.53 -40.88
N TYR A 565 1.08 -3.72 -40.95
CA TYR A 565 1.98 -2.65 -40.52
C TYR A 565 1.81 -1.40 -41.38
N TYR A 566 1.72 -1.56 -42.69
CA TYR A 566 1.55 -0.40 -43.56
C TYR A 566 0.17 0.25 -43.37
N PHE A 567 -0.85 -0.55 -43.04
CA PHE A 567 -2.17 0.00 -42.75
C PHE A 567 -2.11 0.91 -41.52
N SER A 568 -1.50 0.42 -40.45
CA SER A 568 -1.34 1.27 -39.26
C SER A 568 -0.51 2.51 -39.58
N GLY A 569 0.54 2.35 -40.39
CA GLY A 569 1.35 3.50 -40.76
C GLY A 569 0.56 4.54 -41.53
N TYR A 570 -0.31 4.09 -42.44
CA TYR A 570 -1.12 5.03 -43.22
C TYR A 570 -2.13 5.75 -42.34
N LEU A 571 -2.75 5.03 -41.39
CA LEU A 571 -3.64 5.70 -40.45
C LEU A 571 -2.90 6.78 -39.67
N ILE A 572 -1.71 6.44 -39.15
CA ILE A 572 -0.93 7.42 -38.40
C ILE A 572 -0.57 8.60 -39.29
N SER A 573 -0.27 8.33 -40.57
CA SER A 573 0.10 9.40 -41.49
C SER A 573 -1.06 10.34 -41.72
N ALA A 574 -2.27 9.80 -41.91
CA ALA A 574 -3.45 10.64 -42.03
C ALA A 574 -3.62 11.53 -40.80
N VAL A 575 -3.53 10.92 -39.61
CA VAL A 575 -3.70 11.68 -38.38
C VAL A 575 -2.66 12.79 -38.30
N THR A 576 -1.41 12.49 -38.67
CA THR A 576 -0.35 13.49 -38.54
C THR A 576 -0.52 14.61 -39.56
N LYS A 577 -0.95 14.29 -40.78
CA LYS A 577 -1.22 15.33 -41.76
C LYS A 577 -2.29 16.28 -41.25
N ALA A 578 -3.41 15.73 -40.76
CA ALA A 578 -4.46 16.58 -40.23
C ALA A 578 -3.95 17.43 -39.06
N ALA A 579 -3.21 16.81 -38.14
CA ALA A 579 -2.72 17.53 -36.97
C ALA A 579 -1.71 18.62 -37.34
N MET A 580 -0.90 18.39 -38.38
CA MET A 580 0.04 19.41 -38.83
C MET A 580 -0.70 20.59 -39.44
N LYS A 581 -1.69 20.31 -40.31
CA LYS A 581 -2.52 21.39 -40.83
C LYS A 581 -3.14 22.19 -39.69
N MET A 582 -3.64 21.50 -38.67
CA MET A 582 -4.25 22.18 -37.54
C MET A 582 -3.25 23.02 -36.76
N VAL A 583 -2.04 22.50 -36.55
CA VAL A 583 -1.03 23.25 -35.82
C VAL A 583 -0.66 24.52 -36.59
N ASP A 584 -0.50 24.40 -37.91
CA ASP A 584 -0.23 25.57 -38.73
C ASP A 584 -1.35 26.60 -38.60
N GLU A 585 -2.60 26.14 -38.67
CA GLU A 585 -3.72 27.07 -38.57
C GLU A 585 -3.77 27.74 -37.21
N ILE A 586 -3.48 26.99 -36.14
CA ILE A 586 -3.53 27.56 -34.80
C ILE A 586 -2.43 28.61 -34.64
N ARG A 587 -1.22 28.31 -35.11
CA ARG A 587 -0.14 29.29 -35.03
C ARG A 587 -0.50 30.54 -35.83
N ARG A 588 -1.05 30.38 -37.03
CA ARG A 588 -1.41 31.54 -37.83
C ARG A 588 -2.49 32.37 -37.15
N GLN A 589 -3.51 31.72 -36.59
CA GLN A 589 -4.57 32.46 -35.88
C GLN A 589 -4.00 33.20 -34.68
N ALA A 590 -3.12 32.56 -33.92
CA ALA A 590 -2.55 33.21 -32.74
C ALA A 590 -1.70 34.40 -33.14
N ARG A 591 -0.98 34.30 -34.26
CA ARG A 591 -0.09 35.40 -34.65
C ARG A 591 -0.87 36.56 -35.27
N GLU A 592 -1.87 36.25 -36.09
CA GLU A 592 -2.58 37.28 -36.86
C GLU A 592 -3.72 37.93 -36.09
N ILE A 593 -4.45 37.17 -35.28
CA ILE A 593 -5.60 37.73 -34.57
C ILE A 593 -5.12 38.45 -33.32
N PRO A 594 -5.49 39.72 -33.12
CA PRO A 594 -5.09 40.43 -31.91
C PRO A 594 -6.08 40.25 -30.76
N GLY A 595 -5.53 40.11 -29.55
CA GLY A 595 -6.34 40.01 -28.36
C GLY A 595 -6.82 38.63 -27.99
N LEU A 596 -6.50 37.61 -28.79
CA LEU A 596 -6.98 36.26 -28.49
C LEU A 596 -6.30 35.68 -27.26
N LEU A 597 -4.98 35.87 -27.11
CA LEU A 597 -4.30 35.31 -25.94
C LEU A 597 -4.72 36.00 -24.65
N GLU A 598 -5.10 37.27 -24.72
CA GLU A 598 -5.51 38.00 -23.52
C GLU A 598 -6.95 37.70 -23.11
N GLY A 599 -7.75 37.09 -23.98
CA GLY A 599 -9.13 36.78 -23.68
C GLY A 599 -10.14 37.74 -24.26
N LYS A 600 -9.70 38.80 -24.94
CA LYS A 600 -10.59 39.81 -25.47
C LYS A 600 -11.01 39.55 -26.92
N ALA A 601 -10.57 38.46 -27.53
CA ALA A 601 -10.94 38.11 -28.89
C ALA A 601 -11.46 36.69 -28.93
N LYS A 602 -12.38 36.44 -29.86
CA LYS A 602 -12.99 35.13 -30.04
C LYS A 602 -12.41 34.48 -31.30
N PRO A 603 -11.57 33.45 -31.18
CA PRO A 603 -10.94 32.86 -32.37
C PRO A 603 -11.95 32.24 -33.33
N ASP A 604 -11.44 31.62 -34.39
CA ASP A 604 -12.28 30.99 -35.41
C ASP A 604 -12.05 29.48 -35.34
N TYR A 605 -13.08 28.75 -34.89
CA TYR A 605 -13.01 27.30 -34.80
C TYR A 605 -13.46 26.60 -36.07
N ASN A 606 -14.32 27.25 -36.86
CA ASN A 606 -14.87 26.63 -38.05
C ASN A 606 -13.77 26.21 -39.02
N ARG A 607 -12.68 26.98 -39.09
CA ARG A 607 -11.60 26.62 -40.00
C ARG A 607 -10.97 25.29 -39.60
N CYS A 608 -10.70 25.12 -38.32
CA CYS A 608 -10.16 23.84 -37.84
C CYS A 608 -11.15 22.71 -38.08
N ILE A 609 -12.42 22.94 -37.76
CA ILE A 609 -13.43 21.91 -37.98
C ILE A 609 -13.46 21.49 -39.45
N GLU A 610 -13.40 22.47 -40.35
CA GLU A 610 -13.43 22.16 -41.78
C GLU A 610 -12.20 21.39 -42.20
N ILE A 611 -11.03 21.79 -41.72
CA ILE A 611 -9.80 21.08 -42.07
C ILE A 611 -9.90 19.62 -41.68
N THR A 612 -10.24 19.35 -40.41
CA THR A 612 -10.30 17.96 -39.97
C THR A 612 -11.39 17.18 -40.71
N SER A 613 -12.57 17.78 -40.89
CA SER A 613 -13.66 17.08 -41.55
C SER A 613 -13.27 16.70 -42.98
N ASP A 614 -12.71 17.67 -43.72
CA ASP A 614 -12.29 17.39 -45.09
C ASP A 614 -11.23 16.30 -45.15
N ASN A 615 -10.21 16.41 -44.30
CA ASN A 615 -9.14 15.41 -44.34
C ASN A 615 -9.66 14.02 -44.00
N ALA A 616 -10.51 13.92 -42.98
CA ALA A 616 -11.04 12.62 -42.59
C ALA A 616 -11.92 12.03 -43.69
N LEU A 617 -12.84 12.83 -44.24
CA LEU A 617 -13.70 12.32 -45.29
C LEU A 617 -12.93 11.95 -46.54
N LYS A 618 -11.79 12.61 -46.79
CA LYS A 618 -11.01 12.27 -47.97
C LYS A 618 -10.17 11.02 -47.77
N GLN A 619 -9.62 10.82 -46.56
CA GLN A 619 -8.69 9.72 -46.33
C GLN A 619 -9.33 8.48 -45.73
N MET A 620 -10.60 8.54 -45.30
CA MET A 620 -11.20 7.40 -44.63
C MET A 620 -11.51 6.25 -45.57
N GLY A 621 -11.66 6.50 -46.87
CA GLY A 621 -12.16 5.48 -47.78
C GLY A 621 -11.14 4.42 -48.15
N TYR A 622 -9.88 4.82 -48.34
CA TYR A 622 -8.88 3.90 -48.85
C TYR A 622 -8.60 2.72 -47.94
N PRO A 623 -8.53 2.87 -46.61
CA PRO A 623 -8.20 1.70 -45.77
C PRO A 623 -9.23 0.59 -45.83
N ALA A 624 -10.52 0.93 -45.84
CA ALA A 624 -11.55 -0.10 -45.95
C ALA A 624 -11.46 -0.82 -47.29
N PHE A 625 -11.20 -0.07 -48.37
CA PHE A 625 -11.04 -0.69 -49.67
C PHE A 625 -9.84 -1.63 -49.69
N ILE A 626 -8.74 -1.23 -49.04
CA ILE A 626 -7.59 -2.12 -48.89
C ILE A 626 -8.01 -3.39 -48.17
N ALA A 627 -8.65 -3.24 -47.01
CA ALA A 627 -9.02 -4.41 -46.20
C ALA A 627 -9.95 -5.33 -46.98
N ILE A 628 -10.76 -4.79 -47.89
CA ILE A 628 -11.67 -5.62 -48.67
C ILE A 628 -10.94 -6.31 -49.81
N LEU A 629 -10.13 -5.56 -50.56
CA LEU A 629 -9.57 -6.06 -51.81
C LEU A 629 -8.29 -6.87 -51.62
N THR A 630 -7.55 -6.66 -50.53
CA THR A 630 -6.35 -7.45 -50.29
C THR A 630 -6.59 -8.95 -50.41
N PRO A 631 -7.56 -9.53 -49.69
CA PRO A 631 -7.80 -10.97 -49.85
C PRO A 631 -8.13 -11.35 -51.28
N LEU A 632 -9.02 -10.59 -51.92
CA LEU A 632 -9.43 -10.92 -53.28
C LEU A 632 -8.24 -10.95 -54.24
N VAL A 633 -7.46 -9.87 -54.25
CA VAL A 633 -6.33 -9.78 -55.18
C VAL A 633 -5.30 -10.86 -54.87
N THR A 634 -4.95 -11.00 -53.58
CA THR A 634 -3.95 -11.98 -53.20
C THR A 634 -4.39 -13.39 -53.59
N GLY A 635 -5.69 -13.68 -53.45
CA GLY A 635 -6.18 -15.01 -53.78
C GLY A 635 -6.18 -15.26 -55.28
N PHE A 636 -6.68 -14.30 -56.05
CA PHE A 636 -6.67 -14.45 -57.49
C PHE A 636 -5.24 -14.49 -58.05
N LEU A 637 -4.27 -14.00 -57.29
CA LEU A 637 -2.89 -14.02 -57.78
C LEU A 637 -2.14 -15.29 -57.38
N LEU A 638 -2.19 -15.68 -56.11
CA LEU A 638 -1.36 -16.78 -55.62
C LEU A 638 -2.16 -17.92 -55.00
N GLY A 639 -3.49 -17.91 -55.12
CA GLY A 639 -4.28 -19.04 -54.69
C GLY A 639 -4.82 -18.88 -53.29
N ALA A 640 -5.32 -20.00 -52.77
CA ALA A 640 -5.96 -20.03 -51.46
C ALA A 640 -4.97 -20.20 -50.31
N GLU A 641 -3.90 -20.96 -50.52
CA GLU A 641 -2.90 -21.14 -49.48
C GLU A 641 -2.22 -19.83 -49.14
N PHE A 642 -1.88 -19.04 -50.16
CA PHE A 642 -1.30 -17.72 -49.92
C PHE A 642 -2.27 -16.83 -49.16
N VAL A 643 -3.56 -16.95 -49.46
CA VAL A 643 -4.55 -16.13 -48.75
C VAL A 643 -4.67 -16.57 -47.30
N GLY A 644 -4.62 -17.87 -47.03
CA GLY A 644 -4.61 -18.33 -45.66
C GLY A 644 -3.40 -17.83 -44.89
N GLY A 645 -2.23 -17.88 -45.52
CA GLY A 645 -1.04 -17.32 -44.91
C GLY A 645 -1.17 -15.83 -44.63
N VAL A 646 -1.72 -15.08 -45.59
CA VAL A 646 -1.95 -13.65 -45.39
C VAL A 646 -2.88 -13.42 -44.21
N LEU A 647 -3.94 -14.24 -44.11
CA LEU A 647 -4.86 -14.11 -42.99
C LEU A 647 -4.17 -14.36 -41.66
N ILE A 648 -3.34 -15.41 -41.60
CA ILE A 648 -2.64 -15.72 -40.35
C ILE A 648 -1.71 -14.58 -39.96
N GLY A 649 -0.91 -14.10 -40.92
CA GLY A 649 -0.03 -12.99 -40.63
C GLY A 649 -0.78 -11.75 -40.18
N THR A 650 -1.90 -11.45 -40.85
CA THR A 650 -2.70 -10.30 -40.46
C THR A 650 -3.24 -10.47 -39.05
N VAL A 651 -3.74 -11.65 -38.71
CA VAL A 651 -4.25 -11.88 -37.35
C VAL A 651 -3.16 -11.62 -36.33
N LEU A 652 -2.01 -12.26 -36.49
CA LEU A 652 -0.93 -12.09 -35.53
C LEU A 652 -0.52 -10.63 -35.40
N SER A 653 -0.20 -9.99 -36.53
CA SER A 653 0.29 -8.62 -36.49
C SER A 653 -0.76 -7.68 -35.93
N GLY A 654 -2.03 -7.91 -36.26
CA GLY A 654 -3.08 -7.04 -35.76
C GLY A 654 -3.26 -7.17 -34.26
N ALA A 655 -3.30 -8.41 -33.75
CA ALA A 655 -3.34 -8.59 -32.31
C ALA A 655 -2.21 -7.84 -31.62
N MET A 656 -0.97 -8.10 -32.07
CA MET A 656 0.18 -7.49 -31.43
C MET A 656 0.10 -5.97 -31.47
N LEU A 657 -0.15 -5.41 -32.66
CA LEU A 657 -0.13 -3.95 -32.82
C LEU A 657 -1.28 -3.29 -32.07
N ALA A 658 -2.46 -3.90 -32.10
CA ALA A 658 -3.59 -3.32 -31.37
C ALA A 658 -3.30 -3.28 -29.88
N ILE A 659 -2.87 -4.41 -29.31
CA ILE A 659 -2.54 -4.43 -27.89
C ILE A 659 -1.50 -3.36 -27.57
N LEU A 660 -0.40 -3.35 -28.33
CA LEU A 660 0.68 -2.41 -28.05
C LEU A 660 0.20 -0.97 -28.13
N THR A 661 -0.47 -0.60 -29.22
CA THR A 661 -0.91 0.78 -29.40
C THR A 661 -1.87 1.20 -28.30
N ALA A 662 -2.91 0.39 -28.05
CA ALA A 662 -3.86 0.74 -27.00
C ALA A 662 -3.16 0.96 -25.67
N ASN A 663 -2.33 -0.01 -25.27
CA ASN A 663 -1.69 0.09 -23.95
C ASN A 663 -0.75 1.29 -23.88
N SER A 664 0.04 1.53 -24.93
CA SER A 664 1.00 2.62 -24.89
C SER A 664 0.31 3.97 -24.88
N GLY A 665 -0.72 4.15 -25.71
CA GLY A 665 -1.46 5.40 -25.69
C GLY A 665 -2.12 5.65 -24.34
N GLY A 666 -2.76 4.62 -23.78
CA GLY A 666 -3.35 4.77 -22.46
C GLY A 666 -2.32 5.10 -21.40
N ALA A 667 -1.15 4.45 -21.46
CA ALA A 667 -0.10 4.72 -20.49
C ALA A 667 0.38 6.16 -20.58
N TRP A 668 0.65 6.63 -21.80
CA TRP A 668 1.08 8.01 -21.98
C TRP A 668 0.03 8.98 -21.45
N ASP A 669 -1.23 8.76 -21.81
CA ASP A 669 -2.28 9.68 -21.36
C ASP A 669 -2.42 9.66 -19.84
N ASN A 670 -2.36 8.48 -19.23
CA ASN A 670 -2.51 8.40 -17.78
C ASN A 670 -1.31 8.98 -17.05
N ALA A 671 -0.11 8.88 -17.63
CA ALA A 671 1.04 9.54 -17.02
C ALA A 671 0.93 11.06 -17.13
N LYS A 672 0.43 11.54 -18.27
CA LYS A 672 0.18 12.97 -18.40
C LYS A 672 -0.84 13.45 -17.38
N LYS A 673 -1.90 12.66 -17.18
CA LYS A 673 -2.89 13.01 -16.16
C LYS A 673 -2.28 12.96 -14.76
N TYR A 674 -1.42 11.97 -14.51
CA TYR A 674 -0.75 11.86 -13.21
C TYR A 674 0.07 13.10 -12.92
N LEU A 675 0.84 13.57 -13.90
CA LEU A 675 1.60 14.80 -13.70
C LEU A 675 0.66 15.99 -13.58
N GLU A 676 -0.40 16.01 -14.37
CA GLU A 676 -1.34 17.12 -14.37
C GLU A 676 -2.09 17.20 -13.04
N ALA A 677 -2.46 16.04 -12.47
CA ALA A 677 -3.15 16.02 -11.19
C ALA A 677 -2.30 16.57 -10.05
N GLY A 678 -1.00 16.75 -10.28
CA GLY A 678 -0.11 17.25 -9.25
C GLY A 678 0.52 16.20 -8.38
N ASN A 679 0.48 14.93 -8.80
CA ASN A 679 1.06 13.84 -8.01
C ASN A 679 2.57 13.75 -8.17
N LEU A 680 3.15 14.46 -9.13
CA LEU A 680 4.59 14.56 -9.27
C LEU A 680 5.11 15.69 -8.38
N GLU A 681 6.32 15.52 -7.89
CA GLU A 681 6.86 16.40 -6.86
C GLU A 681 7.51 17.63 -7.51
N GLY A 682 6.84 18.79 -7.37
CA GLY A 682 7.41 20.06 -7.75
C GLY A 682 7.10 20.53 -9.16
N TYR A 683 6.77 19.64 -10.08
CA TYR A 683 6.57 19.98 -11.48
C TYR A 683 5.07 20.15 -11.77
N GLY A 684 4.73 21.25 -12.44
CA GLY A 684 3.36 21.59 -12.71
C GLY A 684 3.01 21.70 -14.19
N LYS A 685 1.85 22.29 -14.48
CA LYS A 685 1.38 22.33 -15.87
C LYS A 685 2.37 23.02 -16.79
N GLY A 686 2.99 24.12 -16.34
CA GLY A 686 3.89 24.85 -17.20
C GLY A 686 5.30 24.33 -17.30
N SER A 687 5.63 23.23 -16.60
CA SER A 687 6.99 22.72 -16.58
C SER A 687 7.33 21.99 -17.87
N GLU A 688 8.63 21.95 -18.18
CA GLU A 688 9.09 21.18 -19.33
C GLU A 688 8.72 19.71 -19.23
N PRO A 689 8.81 19.05 -18.08
CA PRO A 689 8.29 17.67 -17.99
C PRO A 689 6.83 17.57 -18.36
N HIS A 690 6.01 18.58 -18.02
CA HIS A 690 4.63 18.55 -18.48
C HIS A 690 4.54 18.68 -19.99
N LYS A 691 5.45 19.45 -20.60
CA LYS A 691 5.50 19.51 -22.07
C LYS A 691 5.84 18.13 -22.64
N ALA A 692 6.77 17.42 -22.01
CA ALA A 692 7.08 16.06 -22.46
C ALA A 692 5.87 15.15 -22.32
N LEU A 693 5.11 15.29 -21.22
CA LEU A 693 3.90 14.50 -21.05
C LEU A 693 2.87 14.84 -22.12
N VAL A 694 2.78 16.13 -22.49
CA VAL A 694 1.84 16.52 -23.54
C VAL A 694 2.27 15.92 -24.88
N ILE A 695 3.57 15.91 -25.16
CA ILE A 695 4.05 15.29 -26.40
C ILE A 695 3.74 13.80 -26.40
N GLY A 696 3.97 13.13 -25.27
CA GLY A 696 3.64 11.71 -25.18
C GLY A 696 2.15 11.45 -25.34
N ASP A 697 1.31 12.28 -24.71
CA ASP A 697 -0.12 12.14 -24.84
C ASP A 697 -0.58 12.37 -26.28
N THR A 698 0.01 13.35 -26.96
CA THR A 698 -0.35 13.60 -28.35
C THR A 698 0.05 12.43 -29.24
N VAL A 699 1.24 11.86 -28.99
CA VAL A 699 1.66 10.68 -29.75
C VAL A 699 0.72 9.50 -29.46
N GLY A 700 0.26 9.39 -28.21
CA GLY A 700 -0.64 8.29 -27.86
C GLY A 700 -2.07 8.48 -28.28
N ASP A 701 -2.49 9.71 -28.57
CA ASP A 701 -3.87 9.94 -28.99
C ASP A 701 -4.23 9.11 -30.22
N PRO A 702 -3.49 9.17 -31.32
CA PRO A 702 -3.82 8.31 -32.46
C PRO A 702 -3.66 6.83 -32.16
N LEU A 703 -2.66 6.46 -31.35
CA LEU A 703 -2.41 5.05 -31.10
C LEU A 703 -3.56 4.40 -30.33
N LYS A 704 -4.19 5.13 -29.42
CA LYS A 704 -5.22 4.52 -28.59
C LYS A 704 -6.55 4.42 -29.33
N ASP A 705 -6.93 5.47 -30.06
CA ASP A 705 -8.26 5.54 -30.66
C ASP A 705 -8.26 5.55 -32.18
N THR A 706 -7.10 5.49 -32.82
CA THR A 706 -7.02 5.45 -34.27
C THR A 706 -6.45 4.14 -34.78
N VAL A 707 -5.24 3.76 -34.34
CA VAL A 707 -4.62 2.53 -34.82
C VAL A 707 -5.13 1.31 -34.07
N GLY A 708 -5.37 1.44 -32.77
CA GLY A 708 -5.73 0.33 -31.92
C GLY A 708 -7.02 -0.38 -32.31
N PRO A 709 -8.13 0.36 -32.31
CA PRO A 709 -9.43 -0.30 -32.55
C PRO A 709 -9.61 -0.83 -33.96
N SER A 710 -9.04 -0.17 -34.97
CA SER A 710 -9.27 -0.56 -36.35
C SER A 710 -8.71 -1.94 -36.69
N LEU A 711 -7.73 -2.43 -35.91
CA LEU A 711 -7.02 -3.65 -36.30
C LEU A 711 -7.91 -4.89 -36.19
N ASP A 712 -8.71 -4.98 -35.11
CA ASP A 712 -9.61 -6.13 -35.00
C ASP A 712 -10.67 -6.10 -36.09
N ILE A 713 -11.19 -4.90 -36.40
CA ILE A 713 -12.15 -4.77 -37.49
C ILE A 713 -11.52 -5.25 -38.80
N LEU A 714 -10.28 -4.85 -39.05
CA LEU A 714 -9.60 -5.28 -40.27
C LEU A 714 -9.46 -6.80 -40.31
N ILE A 715 -9.03 -7.39 -39.19
CA ILE A 715 -8.87 -8.84 -39.14
C ILE A 715 -10.18 -9.53 -39.49
N LYS A 716 -11.27 -9.12 -38.84
CA LYS A 716 -12.53 -9.81 -39.05
C LYS A 716 -13.06 -9.59 -40.46
N ILE A 717 -12.96 -8.37 -40.98
CA ILE A 717 -13.45 -8.09 -42.32
C ILE A 717 -12.67 -8.88 -43.35
N MET A 718 -11.34 -8.94 -43.19
CA MET A 718 -10.51 -9.69 -44.13
C MET A 718 -10.82 -11.18 -44.09
N SER A 719 -10.97 -11.75 -42.88
CA SER A 719 -11.29 -13.16 -42.77
C SER A 719 -12.65 -13.46 -43.39
N VAL A 720 -13.64 -12.57 -43.18
CA VAL A 720 -14.96 -12.81 -43.76
C VAL A 720 -14.90 -12.74 -45.27
N VAL A 721 -14.18 -11.74 -45.82
CA VAL A 721 -14.05 -11.64 -47.27
C VAL A 721 -13.40 -12.90 -47.83
N SER A 722 -12.36 -13.39 -47.16
CA SER A 722 -11.69 -14.61 -47.64
C SER A 722 -12.62 -15.80 -47.61
N VAL A 723 -13.34 -15.99 -46.50
CA VAL A 723 -14.25 -17.13 -46.42
C VAL A 723 -15.34 -17.03 -47.47
N ILE A 724 -15.76 -15.81 -47.81
CA ILE A 724 -16.83 -15.65 -48.78
C ILE A 724 -16.33 -15.95 -50.19
N ALA A 725 -15.13 -15.47 -50.53
CA ALA A 725 -14.65 -15.50 -51.91
C ALA A 725 -13.69 -16.63 -52.21
N VAL A 726 -13.43 -17.51 -51.25
CA VAL A 726 -12.39 -18.55 -51.49
C VAL A 726 -12.81 -19.47 -52.63
N SER A 727 -14.12 -19.62 -52.85
CA SER A 727 -14.54 -20.62 -53.86
C SER A 727 -14.00 -20.28 -55.25
N ILE A 728 -14.14 -19.03 -55.69
CA ILE A 728 -13.69 -18.65 -57.07
C ILE A 728 -12.17 -18.62 -57.15
N PHE A 729 -11.49 -18.05 -56.16
CA PHE A 729 -10.02 -17.83 -56.27
C PHE A 729 -9.20 -19.11 -56.17
N LYS A 730 -9.78 -20.21 -55.71
CA LYS A 730 -8.99 -21.47 -55.71
C LYS A 730 -8.66 -21.87 -57.15
N HIS A 731 -9.61 -21.72 -58.09
CA HIS A 731 -9.37 -22.16 -59.50
C HIS A 731 -9.06 -20.98 -60.43
N VAL A 732 -9.29 -19.75 -59.98
CA VAL A 732 -9.05 -18.56 -60.85
C VAL A 732 -7.72 -17.92 -60.45
N HIS A 733 -6.91 -18.65 -59.68
CA HIS A 733 -5.58 -18.12 -59.28
C HIS A 733 -4.71 -17.93 -60.52
N LEU A 734 -4.14 -16.74 -60.69
CA LEU A 734 -3.30 -16.44 -61.87
C LEU A 734 -2.02 -17.27 -61.80
N PHE A 735 -1.44 -17.39 -60.61
CA PHE A 735 -0.15 -18.11 -60.48
C PHE A 735 -0.30 -19.20 -59.41
N TYR B 11 44.60 -30.48 -56.67
CA TYR B 11 43.16 -30.22 -56.59
C TYR B 11 42.89 -28.80 -56.11
N VAL B 12 41.89 -28.15 -56.72
CA VAL B 12 41.55 -26.78 -56.39
C VAL B 12 40.91 -26.65 -55.02
N ALA B 13 40.43 -27.76 -54.45
CA ALA B 13 39.86 -27.71 -53.11
C ALA B 13 40.84 -27.11 -52.12
N ALA B 14 42.14 -27.37 -52.29
CA ALA B 14 43.14 -26.77 -51.43
C ALA B 14 43.14 -25.25 -51.56
N LEU B 15 43.02 -24.75 -52.80
CA LEU B 15 42.95 -23.30 -53.01
C LEU B 15 41.71 -22.72 -52.36
N PHE B 16 40.57 -23.39 -52.53
CA PHE B 16 39.33 -22.89 -51.92
C PHE B 16 39.42 -22.89 -50.40
N PHE B 17 40.13 -23.86 -49.81
CA PHE B 17 40.29 -23.87 -48.37
C PHE B 17 41.28 -22.81 -47.91
N LEU B 18 42.28 -22.50 -48.73
CA LEU B 18 43.22 -21.43 -48.40
C LEU B 18 42.60 -20.05 -48.56
N ILE B 19 41.53 -19.94 -49.36
CA ILE B 19 40.88 -18.64 -49.55
C ILE B 19 40.68 -17.90 -48.23
N PRO B 20 40.07 -18.49 -47.20
CA PRO B 20 39.85 -17.72 -45.95
C PRO B 20 41.16 -17.25 -45.34
N LEU B 21 42.22 -18.06 -45.40
CA LEU B 21 43.52 -17.60 -44.95
C LEU B 21 44.01 -16.41 -45.79
N VAL B 22 43.68 -16.41 -47.08
CA VAL B 22 44.03 -15.26 -47.92
C VAL B 22 43.28 -14.02 -47.44
N ALA B 23 42.01 -14.18 -47.09
CA ALA B 23 41.24 -13.06 -46.56
C ALA B 23 41.86 -12.53 -45.27
N LEU B 24 42.22 -13.44 -44.36
CA LEU B 24 42.85 -13.03 -43.11
C LEU B 24 44.17 -12.31 -43.35
N GLY B 25 44.99 -12.83 -44.27
CA GLY B 25 46.25 -12.19 -44.56
C GLY B 25 46.08 -10.82 -45.19
N PHE B 26 45.10 -10.68 -46.08
CA PHE B 26 44.85 -9.38 -46.70
C PHE B 26 44.33 -8.38 -45.68
N ALA B 27 43.47 -8.84 -44.76
CA ALA B 27 43.00 -7.96 -43.69
C ALA B 27 44.14 -7.52 -42.79
N ALA B 28 45.05 -8.44 -42.46
CA ALA B 28 46.19 -8.09 -41.63
C ALA B 28 47.11 -7.11 -42.35
N ALA B 29 47.32 -7.32 -43.65
CA ALA B 29 48.15 -6.40 -44.43
C ALA B 29 47.53 -5.02 -44.48
N ASN B 30 46.20 -4.94 -44.67
CA ASN B 30 45.52 -3.66 -44.67
C ASN B 30 45.63 -2.97 -43.32
N PHE B 31 45.45 -3.75 -42.24
CA PHE B 31 45.57 -3.19 -40.89
C PHE B 31 46.96 -2.64 -40.64
N ALA B 32 47.99 -3.37 -41.08
CA ALA B 32 49.36 -2.88 -40.90
C ALA B 32 49.63 -1.65 -41.76
N ALA B 33 49.13 -1.63 -43.00
CA ALA B 33 49.39 -0.49 -43.87
C ALA B 33 48.73 0.79 -43.35
N VAL B 34 47.47 0.70 -42.90
CA VAL B 34 46.79 1.88 -42.38
C VAL B 34 47.02 2.12 -40.90
N VAL B 35 47.74 1.23 -40.21
CA VAL B 35 48.03 1.42 -38.79
C VAL B 35 49.14 2.44 -38.62
N ARG B 36 49.60 3.03 -39.74
CA ARG B 36 50.50 4.18 -39.69
C ARG B 36 49.99 5.17 -38.66
N LYS B 37 48.67 5.33 -38.60
CA LYS B 37 47.99 6.16 -37.62
C LYS B 37 48.74 7.49 -37.47
N PRO B 38 48.59 8.42 -38.41
CA PRO B 38 49.31 9.68 -38.28
C PRO B 38 48.89 10.41 -37.02
N GLU B 39 49.89 10.81 -36.23
CA GLU B 39 49.63 11.47 -34.97
C GLU B 39 49.35 12.96 -35.19
N GLY B 40 48.65 13.55 -34.23
CA GLY B 40 48.34 14.97 -34.26
C GLY B 40 48.49 15.61 -32.89
N THR B 41 47.86 16.77 -32.70
CA THR B 41 47.93 17.45 -31.42
C THR B 41 47.29 16.60 -30.33
N GLU B 42 47.98 16.47 -29.21
CA GLU B 42 47.48 15.67 -28.09
C GLU B 42 46.17 16.22 -27.56
N LYS B 45 46.07 12.66 -29.54
CA LYS B 45 46.54 11.30 -29.27
C LYS B 45 46.12 10.85 -27.87
N GLU B 46 46.14 11.79 -26.92
CA GLU B 46 45.74 11.46 -25.55
C GLU B 46 44.26 11.06 -25.50
N ILE B 47 43.40 11.84 -26.14
CA ILE B 47 41.97 11.53 -26.13
C ILE B 47 41.71 10.20 -26.86
N SER B 48 42.45 9.96 -27.94
CA SER B 48 42.32 8.69 -28.64
C SER B 48 42.70 7.52 -27.75
N SER B 49 43.80 7.65 -27.02
CA SER B 49 44.21 6.60 -26.10
C SER B 49 43.16 6.39 -25.02
N TYR B 50 42.57 7.48 -24.52
CA TYR B 50 41.53 7.36 -23.49
C TYR B 50 40.34 6.58 -24.02
N ILE B 51 39.85 6.95 -25.20
CA ILE B 51 38.70 6.27 -25.79
C ILE B 51 39.01 4.79 -26.03
N ARG B 52 40.22 4.52 -26.55
CA ARG B 52 40.59 3.13 -26.81
C ARG B 52 40.68 2.32 -25.52
N SER B 53 41.19 2.92 -24.45
CA SER B 53 41.27 2.24 -23.16
C SER B 53 39.88 1.90 -22.66
N GLY B 54 38.96 2.88 -22.70
CA GLY B 54 37.60 2.60 -22.26
C GLY B 54 36.95 1.48 -23.06
N ALA B 55 37.05 1.56 -24.39
CA ALA B 55 36.45 0.54 -25.24
C ALA B 55 37.04 -0.83 -24.97
N ASP B 56 38.37 -0.90 -24.80
CA ASP B 56 39.02 -2.18 -24.55
C ASP B 56 38.60 -2.76 -23.20
N SER B 57 38.48 -1.92 -22.18
CA SER B 57 38.03 -2.41 -20.88
C SER B 57 36.62 -2.99 -20.99
N PHE B 58 35.70 -2.25 -21.61
CA PHE B 58 34.34 -2.75 -21.74
C PHE B 58 34.31 -4.06 -22.52
N LEU B 59 35.05 -4.12 -23.63
CA LEU B 59 35.04 -5.33 -24.45
C LEU B 59 35.66 -6.51 -23.70
N ALA B 60 36.69 -6.26 -22.89
CA ALA B 60 37.31 -7.33 -22.12
C ALA B 60 36.32 -7.90 -21.10
N HIS B 61 35.62 -7.03 -20.37
CA HIS B 61 34.63 -7.52 -19.42
C HIS B 61 33.55 -8.33 -20.15
N GLU B 62 33.03 -7.77 -21.25
CA GLU B 62 31.99 -8.45 -22.02
C GLU B 62 32.47 -9.82 -22.48
N THR B 63 33.70 -9.90 -23.00
CA THR B 63 34.21 -11.17 -23.51
C THR B 63 34.40 -12.18 -22.39
N LYS B 64 34.89 -11.73 -21.23
CA LYS B 64 35.01 -12.65 -20.10
C LYS B 64 33.67 -13.27 -19.76
N ALA B 65 32.63 -12.43 -19.62
CA ALA B 65 31.30 -12.96 -19.30
C ALA B 65 30.81 -13.91 -20.38
N ILE B 66 30.93 -13.51 -21.65
CA ILE B 66 30.41 -14.33 -22.74
C ILE B 66 31.12 -15.67 -22.79
N PHE B 67 32.43 -15.69 -22.54
CA PHE B 67 33.16 -16.95 -22.64
C PHE B 67 32.90 -17.85 -21.44
N LYS B 68 32.65 -17.29 -20.26
CA LYS B 68 32.19 -18.13 -19.16
C LYS B 68 30.87 -18.81 -19.51
N VAL B 69 29.90 -18.02 -19.98
CA VAL B 69 28.61 -18.59 -20.35
C VAL B 69 28.77 -19.62 -21.47
N ALA B 70 29.71 -19.35 -22.39
CA ALA B 70 29.93 -20.26 -23.51
C ALA B 70 30.54 -21.57 -23.04
N ILE B 71 31.46 -21.53 -22.08
CA ILE B 71 32.01 -22.76 -21.51
C ILE B 71 30.91 -23.59 -20.88
N VAL B 72 30.01 -22.94 -20.11
CA VAL B 72 28.91 -23.68 -19.50
C VAL B 72 28.04 -24.34 -20.57
N ILE B 73 27.64 -23.56 -21.58
CA ILE B 73 26.78 -24.07 -22.64
C ILE B 73 27.47 -25.22 -23.38
N ALA B 74 28.79 -25.11 -23.57
CA ALA B 74 29.53 -26.14 -24.28
C ALA B 74 29.57 -27.44 -23.49
N ILE B 75 29.78 -27.35 -22.18
CA ILE B 75 29.75 -28.55 -21.36
C ILE B 75 28.38 -29.20 -21.45
N LEU B 76 27.32 -28.40 -21.37
CA LEU B 76 25.97 -28.97 -21.46
C LEU B 76 25.76 -29.66 -22.81
N LEU B 77 26.19 -29.03 -23.90
CA LEU B 77 26.05 -29.62 -25.22
C LEU B 77 26.84 -30.93 -25.33
N MET B 78 28.07 -30.93 -24.83
CA MET B 78 28.88 -32.15 -24.89
C MET B 78 28.24 -33.28 -24.12
N ILE B 79 27.63 -32.98 -22.97
CA ILE B 79 26.98 -34.02 -22.19
C ILE B 79 25.74 -34.54 -22.90
N PHE B 80 24.78 -33.65 -23.17
CA PHE B 80 23.51 -34.11 -23.74
C PHE B 80 23.66 -34.50 -25.20
N THR B 81 24.44 -33.76 -25.96
CA THR B 81 24.65 -34.03 -27.38
C THR B 81 26.11 -34.41 -27.61
N THR B 82 26.42 -34.73 -28.87
CA THR B 82 27.78 -35.13 -29.22
C THR B 82 28.78 -34.09 -28.77
N TRP B 83 29.91 -34.55 -28.24
CA TRP B 83 30.99 -33.65 -27.86
C TRP B 83 31.43 -32.80 -29.04
N GLN B 84 31.44 -33.38 -30.25
CA GLN B 84 31.76 -32.62 -31.45
C GLN B 84 30.85 -31.42 -31.62
N THR B 85 29.59 -31.53 -31.18
CA THR B 85 28.70 -30.38 -31.22
C THR B 85 29.25 -29.24 -30.38
N GLY B 86 29.66 -29.53 -29.14
CA GLY B 86 30.23 -28.50 -28.30
C GLY B 86 31.54 -27.95 -28.82
N VAL B 87 32.38 -28.83 -29.42
CA VAL B 87 33.64 -28.36 -29.98
C VAL B 87 33.39 -27.38 -31.12
N ALA B 88 32.47 -27.71 -32.02
CA ALA B 88 32.13 -26.78 -33.10
C ALA B 88 31.48 -25.52 -32.55
N PHE B 89 30.71 -25.65 -31.46
CA PHE B 89 30.16 -24.48 -30.78
C PHE B 89 31.27 -23.53 -30.36
N LEU B 90 32.28 -24.06 -29.66
CA LEU B 90 33.41 -23.24 -29.24
C LEU B 90 34.13 -22.64 -30.44
N LEU B 91 34.32 -23.43 -31.50
CA LEU B 91 35.00 -22.91 -32.69
C LEU B 91 34.26 -21.70 -33.25
N GLY B 92 32.95 -21.84 -33.49
CA GLY B 92 32.19 -20.73 -34.03
C GLY B 92 32.15 -19.52 -33.11
N ALA B 93 32.02 -19.77 -31.80
CA ALA B 93 32.01 -18.68 -30.84
C ALA B 93 33.33 -17.91 -30.89
N VAL B 94 34.45 -18.63 -30.92
CA VAL B 94 35.76 -17.98 -30.98
C VAL B 94 35.92 -17.22 -32.29
N MET B 95 35.42 -17.79 -33.40
CA MET B 95 35.49 -17.09 -34.67
C MET B 95 34.76 -15.75 -34.61
N SER B 96 33.51 -15.77 -34.14
CA SER B 96 32.73 -14.54 -34.06
C SER B 96 33.37 -13.54 -33.11
N ALA B 97 33.84 -14.00 -31.96
CA ALA B 97 34.47 -13.10 -31.00
C ALA B 97 35.73 -12.47 -31.58
N SER B 98 36.54 -13.27 -32.28
CA SER B 98 37.75 -12.73 -32.89
C SER B 98 37.41 -11.68 -33.93
N ALA B 99 36.41 -11.95 -34.77
CA ALA B 99 36.01 -10.94 -35.75
C ALA B 99 35.59 -9.65 -35.06
N GLY B 100 34.73 -9.76 -34.04
CA GLY B 100 34.24 -8.56 -33.37
C GLY B 100 35.35 -7.75 -32.72
N ILE B 101 36.21 -8.42 -31.95
CA ILE B 101 37.29 -7.71 -31.26
C ILE B 101 38.29 -7.12 -32.26
N VAL B 102 38.63 -7.87 -33.32
CA VAL B 102 39.55 -7.36 -34.31
C VAL B 102 38.99 -6.09 -34.94
N GLY B 103 37.71 -6.11 -35.33
CA GLY B 103 37.11 -4.92 -35.90
C GLY B 103 37.07 -3.75 -34.94
N MET B 104 36.72 -4.03 -33.68
CA MET B 104 36.67 -2.96 -32.68
C MET B 104 38.05 -2.31 -32.51
N LYS B 105 39.09 -3.14 -32.39
CA LYS B 105 40.44 -2.62 -32.24
C LYS B 105 40.86 -1.81 -33.47
N MET B 106 40.60 -2.34 -34.67
CA MET B 106 40.97 -1.65 -35.88
C MET B 106 40.30 -0.29 -35.97
N ALA B 107 38.99 -0.22 -35.66
CA ALA B 107 38.27 1.04 -35.73
C ALA B 107 38.81 2.02 -34.69
N THR B 108 39.00 1.55 -33.44
CA THR B 108 39.51 2.43 -32.40
C THR B 108 40.90 2.97 -32.74
N ARG B 109 41.71 2.18 -33.46
CA ARG B 109 43.04 2.64 -33.81
C ARG B 109 43.02 3.58 -35.01
N ALA B 110 42.12 3.35 -35.97
CA ALA B 110 42.15 4.10 -37.22
C ALA B 110 41.26 5.34 -37.22
N ASN B 111 40.37 5.49 -36.24
CA ASN B 111 39.51 6.68 -36.22
C ASN B 111 40.33 7.96 -36.18
N VAL B 112 41.28 8.06 -35.25
CA VAL B 112 42.06 9.29 -35.13
C VAL B 112 42.98 9.48 -36.33
N ARG B 113 43.50 8.38 -36.90
CA ARG B 113 44.33 8.50 -38.09
C ARG B 113 43.54 9.09 -39.25
N VAL B 114 42.34 8.56 -39.49
CA VAL B 114 41.52 9.06 -40.58
C VAL B 114 41.10 10.50 -40.32
N ALA B 115 40.79 10.83 -39.07
CA ALA B 115 40.41 12.20 -38.74
C ALA B 115 41.56 13.17 -39.00
N GLU B 116 42.78 12.80 -38.59
CA GLU B 116 43.94 13.64 -38.82
C GLU B 116 44.22 13.81 -40.31
N ALA B 117 44.13 12.71 -41.07
CA ALA B 117 44.33 12.79 -42.51
C ALA B 117 43.31 13.72 -43.16
N ALA B 118 42.04 13.60 -42.78
CA ALA B 118 41.00 14.45 -43.34
C ALA B 118 41.24 15.92 -42.98
N ARG B 119 41.66 16.18 -41.74
CA ARG B 119 41.97 17.55 -41.33
C ARG B 119 43.10 18.13 -42.16
N THR B 120 44.24 17.42 -42.20
CA THR B 120 45.41 17.94 -42.90
C THR B 120 45.11 18.16 -44.39
N THR B 121 44.61 17.13 -45.08
CA THR B 121 44.38 17.26 -46.51
C THR B 121 43.26 18.23 -46.83
N LYS B 122 42.28 18.38 -45.94
CA LYS B 122 41.10 19.21 -46.18
C LYS B 122 40.29 18.70 -47.36
N LYS B 123 40.53 17.46 -47.76
CA LYS B 123 39.83 16.81 -48.86
C LYS B 123 39.29 15.47 -48.38
N ILE B 124 38.13 15.09 -48.93
CA ILE B 124 37.46 13.87 -48.49
C ILE B 124 38.20 12.61 -48.90
N GLY B 125 39.09 12.70 -49.91
CA GLY B 125 39.74 11.53 -50.47
C GLY B 125 40.56 10.70 -49.50
N PRO B 126 41.54 11.31 -48.84
CA PRO B 126 42.41 10.54 -47.93
C PRO B 126 41.65 9.95 -46.76
N ALA B 127 40.75 10.72 -46.14
CA ALA B 127 39.94 10.21 -45.06
C ALA B 127 39.06 9.06 -45.53
N LEU B 128 38.49 9.19 -46.74
CA LEU B 128 37.71 8.08 -47.30
C LEU B 128 38.58 6.84 -47.44
N LYS B 129 39.82 7.01 -47.91
CA LYS B 129 40.70 5.86 -48.07
C LYS B 129 40.96 5.17 -46.73
N VAL B 130 41.29 5.95 -45.69
CA VAL B 130 41.60 5.36 -44.39
C VAL B 130 40.37 4.68 -43.79
N ALA B 131 39.21 5.36 -43.83
CA ALA B 131 38.01 4.79 -43.25
C ALA B 131 37.56 3.54 -44.00
N TYR B 132 37.67 3.54 -45.33
CA TYR B 132 37.32 2.36 -46.08
C TYR B 132 38.30 1.23 -45.83
N GLN B 133 39.57 1.56 -45.58
CA GLN B 133 40.51 0.51 -45.20
C GLN B 133 40.12 -0.13 -43.87
N GLY B 134 39.73 0.69 -42.89
CA GLY B 134 39.26 0.12 -41.63
C GLY B 134 38.05 -0.78 -41.83
N GLY B 135 37.07 -0.29 -42.58
CA GLY B 135 35.91 -1.12 -42.88
C GLY B 135 36.28 -2.40 -43.61
N SER B 136 37.28 -2.32 -44.49
CA SER B 136 37.72 -3.50 -45.23
C SER B 136 38.38 -4.51 -44.32
N VAL B 137 39.21 -4.03 -43.38
CA VAL B 137 39.77 -4.95 -42.38
C VAL B 137 38.65 -5.66 -41.65
N MET B 138 37.64 -4.91 -41.23
CA MET B 138 36.53 -5.52 -40.49
C MET B 138 35.80 -6.56 -41.33
N GLY B 139 35.44 -6.20 -42.57
CA GLY B 139 34.70 -7.12 -43.42
C GLY B 139 35.49 -8.36 -43.78
N LEU B 140 36.77 -8.18 -44.11
CA LEU B 140 37.62 -9.33 -44.39
C LEU B 140 37.77 -10.22 -43.15
N SER B 141 37.88 -9.61 -41.98
CA SER B 141 37.93 -10.42 -40.76
C SER B 141 36.66 -11.25 -40.63
N VAL B 142 35.49 -10.63 -40.79
CA VAL B 142 34.23 -11.36 -40.69
C VAL B 142 34.22 -12.54 -41.67
N GLY B 143 34.42 -12.24 -42.96
CA GLY B 143 34.33 -13.27 -43.97
C GLY B 143 35.35 -14.38 -43.78
N GLY B 144 36.60 -14.00 -43.55
CA GLY B 144 37.66 -14.98 -43.37
C GLY B 144 37.44 -15.86 -42.15
N PHE B 145 37.02 -15.27 -41.04
CA PHE B 145 36.75 -16.06 -39.85
C PHE B 145 35.60 -17.03 -40.09
N ALA B 146 34.50 -16.54 -40.68
CA ALA B 146 33.38 -17.43 -40.98
C ALA B 146 33.84 -18.61 -41.82
N LEU B 147 34.50 -18.33 -42.95
CA LEU B 147 34.88 -19.42 -43.86
C LEU B 147 35.95 -20.31 -43.25
N LEU B 148 36.86 -19.75 -42.46
CA LEU B 148 37.88 -20.57 -41.81
C LEU B 148 37.25 -21.56 -40.83
N GLY B 149 36.40 -21.06 -39.92
CA GLY B 149 35.71 -21.95 -39.01
C GLY B 149 34.89 -23.00 -39.75
N LEU B 150 34.18 -22.57 -40.79
CA LEU B 150 33.30 -23.48 -41.50
C LEU B 150 34.08 -24.58 -42.21
N VAL B 151 35.13 -24.21 -42.95
CA VAL B 151 35.93 -25.19 -43.68
C VAL B 151 36.71 -26.07 -42.72
N LEU B 152 37.15 -25.53 -41.58
CA LEU B 152 37.83 -26.35 -40.58
C LEU B 152 36.89 -27.42 -40.03
N VAL B 153 35.69 -27.02 -39.61
CA VAL B 153 34.70 -27.99 -39.17
C VAL B 153 34.45 -29.02 -40.27
N TYR B 154 34.12 -28.55 -41.47
CA TYR B 154 33.84 -29.46 -42.58
C TYR B 154 34.96 -30.50 -42.72
N LEU B 155 36.19 -30.04 -42.88
CA LEU B 155 37.31 -30.94 -43.12
C LEU B 155 37.48 -31.92 -41.96
N ILE B 156 37.58 -31.39 -40.73
CA ILE B 156 37.94 -32.23 -39.60
C ILE B 156 36.85 -33.26 -39.31
N PHE B 157 35.61 -32.80 -39.16
CA PHE B 157 34.55 -33.69 -38.70
C PHE B 157 33.81 -34.41 -39.82
N GLY B 158 33.66 -33.81 -40.99
CA GLY B 158 32.93 -34.46 -42.06
C GLY B 158 33.82 -35.18 -43.06
N LYS B 159 35.00 -34.62 -43.34
CA LYS B 159 35.91 -35.23 -44.31
C LYS B 159 36.89 -36.19 -43.64
N TRP B 160 37.63 -35.70 -42.64
CA TRP B 160 38.61 -36.55 -41.97
C TRP B 160 37.94 -37.57 -41.06
N MET B 161 36.93 -37.13 -40.29
CA MET B 161 36.18 -38.03 -39.43
C MET B 161 35.08 -38.78 -40.14
N GLY B 162 34.75 -38.38 -41.38
CA GLY B 162 33.75 -39.09 -42.15
C GLY B 162 32.32 -38.89 -41.70
N GLN B 163 32.02 -37.79 -41.00
CA GLN B 163 30.64 -37.52 -40.63
C GLN B 163 29.78 -37.29 -41.86
N VAL B 164 30.40 -36.82 -42.95
CA VAL B 164 29.69 -36.71 -44.23
C VAL B 164 29.51 -38.08 -44.85
N ASP B 165 30.33 -39.06 -44.45
CA ASP B 165 30.23 -40.40 -45.02
C ASP B 165 29.08 -41.19 -44.42
N ASN B 166 28.82 -40.98 -43.12
CA ASN B 166 27.77 -41.72 -42.42
C ASN B 166 26.39 -41.32 -42.95
N LEU B 167 26.00 -40.07 -42.71
CA LEU B 167 24.74 -39.53 -43.22
C LEU B 167 23.56 -40.40 -42.80
N ASN B 168 23.54 -40.79 -41.53
CA ASN B 168 22.45 -41.57 -40.97
C ASN B 168 21.97 -40.95 -39.68
N ILE B 169 20.67 -41.09 -39.42
CA ILE B 169 20.08 -40.55 -38.20
C ILE B 169 20.40 -41.50 -37.06
N TYR B 170 21.05 -40.98 -36.03
CA TYR B 170 21.44 -41.77 -34.88
C TYR B 170 20.54 -41.46 -33.69
N THR B 171 20.67 -42.28 -32.65
CA THR B 171 19.92 -42.07 -31.40
C THR B 171 20.90 -42.32 -30.26
N ASN B 172 21.39 -41.23 -29.67
CA ASN B 172 22.27 -41.32 -28.53
C ASN B 172 21.45 -41.55 -27.26
N TRP B 173 22.14 -41.92 -26.18
CA TRP B 173 21.46 -42.16 -24.92
C TRP B 173 20.58 -40.97 -24.55
N LEU B 174 19.54 -41.23 -23.77
CA LEU B 174 18.50 -40.30 -23.37
C LEU B 174 17.46 -40.13 -24.46
N GLY B 175 17.62 -40.77 -25.62
CA GLY B 175 16.61 -40.74 -26.67
C GLY B 175 16.67 -39.56 -27.61
N ILE B 176 17.87 -39.10 -27.95
CA ILE B 176 18.05 -38.01 -28.90
C ILE B 176 18.36 -38.61 -30.27
N ASN B 177 17.54 -38.30 -31.26
CA ASN B 177 17.77 -38.71 -32.64
C ASN B 177 18.34 -37.53 -33.41
N PHE B 178 19.55 -37.71 -33.93
CA PHE B 178 20.31 -36.63 -34.54
C PHE B 178 21.10 -37.17 -35.72
N VAL B 179 21.61 -36.26 -36.53
CA VAL B 179 22.57 -36.56 -37.59
C VAL B 179 23.90 -35.95 -37.20
N PRO B 180 25.02 -36.68 -37.31
CA PRO B 180 26.28 -36.19 -36.75
C PRO B 180 26.73 -34.84 -37.26
N PHE B 181 27.05 -34.74 -38.55
CA PHE B 181 27.52 -33.47 -39.09
C PHE B 181 26.48 -32.37 -38.95
N ALA B 182 25.20 -32.72 -39.07
CA ALA B 182 24.14 -31.74 -38.82
C ALA B 182 24.27 -31.17 -37.41
N MET B 183 24.43 -32.04 -36.42
CA MET B 183 24.57 -31.57 -35.04
C MET B 183 25.83 -30.71 -34.87
N THR B 184 26.92 -31.10 -35.52
CA THR B 184 28.16 -30.34 -35.40
C THR B 184 27.99 -28.92 -35.95
N VAL B 185 27.44 -28.80 -37.16
CA VAL B 185 27.24 -27.48 -37.74
C VAL B 185 26.21 -26.69 -36.94
N SER B 186 25.20 -27.38 -36.39
CA SER B 186 24.23 -26.68 -35.55
C SER B 186 24.90 -26.09 -34.33
N GLY B 187 25.81 -26.85 -33.70
CA GLY B 187 26.54 -26.32 -32.56
C GLY B 187 27.42 -25.14 -32.94
N TYR B 188 28.09 -25.23 -34.09
CA TYR B 188 28.91 -24.12 -34.57
C TYR B 188 28.06 -22.86 -34.72
N ALA B 189 26.94 -22.97 -35.45
CA ALA B 189 26.07 -21.81 -35.66
C ALA B 189 25.50 -21.30 -34.34
N LEU B 190 25.17 -22.21 -33.42
CA LEU B 190 24.60 -21.79 -32.15
C LEU B 190 25.62 -21.01 -31.32
N GLY B 191 26.88 -21.47 -31.29
CA GLY B 191 27.90 -20.73 -30.59
C GLY B 191 28.13 -19.35 -31.18
N CYS B 192 28.28 -19.29 -32.50
CA CYS B 192 28.43 -18.00 -33.16
C CYS B 192 27.26 -17.09 -32.80
N SER B 193 26.04 -17.62 -32.80
CA SER B 193 24.85 -16.81 -32.57
C SER B 193 24.78 -16.33 -31.13
N ILE B 194 25.13 -17.18 -30.16
CA ILE B 194 25.12 -16.74 -28.76
C ILE B 194 26.13 -15.62 -28.55
N ILE B 195 27.35 -15.80 -29.07
CA ILE B 195 28.36 -14.77 -28.89
C ILE B 195 27.94 -13.48 -29.58
N ALA B 196 27.40 -13.59 -30.79
CA ALA B 196 26.94 -12.40 -31.50
C ALA B 196 25.83 -11.69 -30.75
N MET B 197 24.86 -12.44 -30.24
CA MET B 197 23.77 -11.85 -29.47
C MET B 197 24.31 -11.08 -28.27
N PHE B 198 25.15 -11.73 -27.46
CA PHE B 198 25.68 -11.07 -26.28
C PHE B 198 26.46 -9.81 -26.65
N ASP B 199 27.37 -9.93 -27.62
CA ASP B 199 28.20 -8.81 -28.02
C ASP B 199 27.35 -7.64 -28.51
N ARG B 200 26.40 -7.94 -29.41
CA ARG B 200 25.59 -6.87 -29.98
C ARG B 200 24.70 -6.23 -28.93
N VAL B 201 24.12 -7.03 -28.03
CA VAL B 201 23.29 -6.47 -26.98
C VAL B 201 24.10 -5.52 -26.11
N GLY B 202 25.25 -5.98 -25.62
CA GLY B 202 26.07 -5.12 -24.77
C GLY B 202 26.49 -3.84 -25.47
N GLY B 203 27.11 -3.98 -26.65
CA GLY B 203 27.59 -2.81 -27.36
C GLY B 203 26.48 -1.84 -27.70
N GLY B 204 25.35 -2.36 -28.19
CA GLY B 204 24.25 -1.47 -28.55
C GLY B 204 23.67 -0.75 -27.34
N VAL B 205 23.44 -1.48 -26.25
CA VAL B 205 22.92 -0.83 -25.05
C VAL B 205 23.86 0.31 -24.64
N TYR B 206 25.15 0.00 -24.51
CA TYR B 206 26.12 1.01 -24.09
C TYR B 206 26.09 2.23 -25.01
N THR B 207 26.32 2.00 -26.31
CA THR B 207 26.48 3.09 -27.25
C THR B 207 25.21 3.92 -27.37
N LYS B 208 24.05 3.26 -27.50
CA LYS B 208 22.81 4.00 -27.72
C LYS B 208 22.39 4.77 -26.47
N ALA B 209 22.57 4.19 -25.28
CA ALA B 209 22.28 4.93 -24.06
C ALA B 209 23.14 6.18 -23.99
N ALA B 210 24.44 6.03 -24.21
CA ALA B 210 25.33 7.20 -24.15
C ALA B 210 24.92 8.25 -25.18
N ASP B 211 24.61 7.81 -26.41
CA ASP B 211 24.24 8.75 -27.46
C ASP B 211 22.98 9.52 -27.10
N MET B 212 21.94 8.80 -26.67
CA MET B 212 20.69 9.45 -26.30
C MET B 212 20.92 10.49 -25.21
N ALA B 213 21.59 10.08 -24.12
CA ALA B 213 21.79 11.01 -23.02
C ALA B 213 22.58 12.24 -23.47
N ALA B 214 23.68 12.02 -24.19
CA ALA B 214 24.51 13.14 -24.62
C ALA B 214 23.73 14.09 -25.51
N ASP B 215 23.07 13.58 -26.55
CA ASP B 215 22.35 14.47 -27.45
C ASP B 215 21.28 15.25 -26.71
N LEU B 216 20.45 14.57 -25.90
CA LEU B 216 19.39 15.29 -25.23
C LEU B 216 19.96 16.39 -24.33
N VAL B 217 20.86 16.03 -23.42
CA VAL B 217 21.33 16.99 -22.43
C VAL B 217 22.09 18.14 -23.09
N GLY B 218 22.96 17.84 -24.05
CA GLY B 218 23.76 18.89 -24.67
C GLY B 218 23.01 19.75 -25.65
N LYS B 219 22.35 19.14 -26.63
CA LYS B 219 21.70 19.92 -27.68
C LYS B 219 20.42 20.56 -27.19
N THR B 220 19.59 19.83 -26.44
CA THR B 220 18.27 20.38 -26.11
C THR B 220 18.28 21.19 -24.82
N GLU B 221 19.00 20.72 -23.79
CA GLU B 221 18.99 21.37 -22.51
C GLU B 221 20.12 22.38 -22.34
N LEU B 222 21.34 22.02 -22.75
CA LEU B 222 22.50 22.88 -22.58
C LEU B 222 22.77 23.80 -23.77
N ASN B 223 22.20 23.52 -24.94
CA ASN B 223 22.45 24.31 -26.14
C ASN B 223 23.91 24.22 -26.58
N LEU B 224 24.55 23.09 -26.30
CA LEU B 224 25.94 22.85 -26.63
C LEU B 224 26.08 22.15 -27.99
N PRO B 225 27.23 22.32 -28.64
CA PRO B 225 27.42 21.66 -29.95
C PRO B 225 27.54 20.15 -29.79
N GLU B 226 27.35 19.46 -30.90
CA GLU B 226 27.46 18.01 -30.89
C GLU B 226 28.91 17.58 -30.64
N ASP B 227 29.07 16.57 -29.78
CA ASP B 227 30.39 16.05 -29.44
C ASP B 227 31.31 17.14 -28.87
N ASP B 228 30.74 18.09 -28.15
CA ASP B 228 31.53 19.16 -27.55
C ASP B 228 32.40 18.58 -26.44
N PRO B 229 33.69 18.90 -26.40
CA PRO B 229 34.54 18.41 -25.30
C PRO B 229 34.02 18.80 -23.93
N ARG B 230 33.33 19.93 -23.82
CA ARG B 230 32.77 20.33 -22.53
C ARG B 230 31.75 19.33 -22.03
N ASN B 231 31.05 18.66 -22.95
CA ASN B 231 30.06 17.65 -22.56
C ASN B 231 30.78 16.41 -22.03
N PRO B 232 30.49 15.98 -20.80
CA PRO B 232 31.21 14.82 -20.24
C PRO B 232 30.85 13.48 -20.85
N ALA B 233 29.85 13.42 -21.74
CA ALA B 233 29.42 12.16 -22.32
C ALA B 233 29.89 11.94 -23.74
N THR B 234 30.60 12.90 -24.33
CA THR B 234 31.05 12.76 -25.72
C THR B 234 32.00 11.56 -25.86
N ILE B 235 32.96 11.44 -24.93
CA ILE B 235 33.86 10.29 -24.94
C ILE B 235 33.05 9.01 -24.85
N ALA B 236 32.01 9.01 -24.01
CA ALA B 236 31.15 7.85 -23.90
C ALA B 236 30.50 7.53 -25.25
N ASP B 237 30.06 8.56 -25.97
CA ASP B 237 29.44 8.33 -27.27
C ASP B 237 30.42 7.67 -28.25
N ASN B 238 31.64 8.19 -28.32
CA ASN B 238 32.60 7.61 -29.26
C ASN B 238 32.96 6.18 -28.89
N VAL B 239 33.23 5.93 -27.60
CA VAL B 239 33.61 4.58 -27.19
C VAL B 239 32.44 3.62 -27.40
N GLY B 240 31.22 4.07 -27.17
CA GLY B 240 30.06 3.24 -27.42
C GLY B 240 29.90 2.90 -28.89
N ASP B 241 30.12 3.89 -29.76
CA ASP B 241 30.15 3.60 -31.19
C ASP B 241 31.14 2.50 -31.49
N ASN B 242 32.32 2.57 -30.86
CA ASN B 242 33.33 1.53 -31.10
C ASN B 242 32.84 0.16 -30.62
N VAL B 243 32.09 0.12 -29.52
CA VAL B 243 31.71 -1.17 -28.95
C VAL B 243 30.47 -1.72 -29.63
N GLY B 244 29.43 -0.91 -29.79
CA GLY B 244 28.18 -1.40 -30.33
C GLY B 244 28.09 -1.50 -31.83
N ASP B 245 28.64 -0.51 -32.54
CA ASP B 245 28.54 -0.44 -34.00
C ASP B 245 29.80 -0.92 -34.71
N VAL B 246 30.84 -1.29 -33.99
CA VAL B 246 32.09 -1.78 -34.58
C VAL B 246 32.29 -3.26 -34.28
N ALA B 247 32.13 -3.67 -33.03
CA ALA B 247 32.23 -5.07 -32.66
C ALA B 247 30.90 -5.80 -32.84
N GLY B 248 29.81 -5.17 -32.38
CA GLY B 248 28.50 -5.77 -32.54
C GLY B 248 28.13 -5.97 -34.00
N LEU B 249 28.50 -5.01 -34.85
CA LEU B 249 28.22 -5.15 -36.29
C LEU B 249 28.85 -6.43 -36.85
N GLY B 250 30.15 -6.61 -36.60
CA GLY B 250 30.82 -7.80 -37.09
C GLY B 250 30.27 -9.07 -36.49
N ALA B 251 30.03 -9.09 -35.18
CA ALA B 251 29.47 -10.27 -34.54
C ALA B 251 28.14 -10.66 -35.22
N ASP B 252 27.23 -9.69 -35.33
CA ASP B 252 25.91 -9.98 -35.88
C ASP B 252 25.98 -10.44 -37.33
N LEU B 253 26.78 -9.75 -38.16
CA LEU B 253 26.78 -10.08 -39.57
C LEU B 253 27.53 -11.38 -39.84
N LEU B 254 28.62 -11.64 -39.10
CA LEU B 254 29.27 -12.94 -39.18
C LEU B 254 28.31 -14.05 -38.76
N GLU B 255 27.51 -13.81 -37.73
CA GLU B 255 26.52 -14.80 -37.31
C GLU B 255 25.50 -15.03 -38.41
N SER B 256 25.07 -13.97 -39.10
CA SER B 256 24.11 -14.13 -40.19
C SER B 256 24.71 -14.93 -41.34
N PHE B 257 25.97 -14.64 -41.71
CA PHE B 257 26.64 -15.39 -42.76
C PHE B 257 26.74 -16.87 -42.40
N VAL B 258 27.22 -17.16 -41.18
CA VAL B 258 27.36 -18.54 -40.74
C VAL B 258 26.00 -19.23 -40.72
N GLY B 259 24.94 -18.50 -40.34
CA GLY B 259 23.63 -19.10 -40.32
C GLY B 259 23.12 -19.41 -41.71
N ALA B 260 23.34 -18.50 -42.66
CA ALA B 260 22.97 -18.77 -44.04
C ALA B 260 23.65 -20.03 -44.54
N ILE B 261 24.95 -20.17 -44.29
CA ILE B 261 25.67 -21.37 -44.75
C ILE B 261 25.13 -22.62 -44.06
N VAL B 262 24.99 -22.56 -42.73
CA VAL B 262 24.66 -23.74 -41.94
C VAL B 262 23.24 -24.21 -42.21
N SER B 263 22.33 -23.31 -42.58
CA SER B 263 20.98 -23.76 -42.90
C SER B 263 20.99 -24.70 -44.09
N SER B 264 21.62 -24.27 -45.20
CA SER B 264 21.75 -25.15 -46.35
C SER B 264 22.50 -26.42 -45.99
N ILE B 265 23.57 -26.31 -45.19
CA ILE B 265 24.35 -27.49 -44.85
C ILE B 265 23.48 -28.51 -44.11
N ILE B 266 22.74 -28.05 -43.11
CA ILE B 266 21.92 -28.95 -42.30
C ILE B 266 20.80 -29.55 -43.13
N LEU B 267 20.15 -28.75 -43.95
CA LEU B 267 18.98 -29.28 -44.70
C LEU B 267 19.49 -30.42 -45.57
N ALA B 268 20.59 -30.21 -46.29
CA ALA B 268 21.10 -31.23 -47.21
C ALA B 268 21.48 -32.49 -46.43
N SER B 269 22.10 -32.33 -45.28
CA SER B 269 22.57 -33.52 -44.52
C SER B 269 21.39 -34.39 -44.10
N TYR B 270 20.31 -33.77 -43.63
CA TYR B 270 19.12 -34.54 -43.19
C TYR B 270 18.45 -35.21 -44.37
N MET B 271 18.53 -34.61 -45.55
CA MET B 271 17.76 -35.16 -46.70
C MET B 271 18.15 -36.60 -47.04
N PHE B 272 19.44 -36.96 -47.04
CA PHE B 272 19.78 -38.34 -47.49
C PHE B 272 19.15 -39.42 -46.60
N PRO B 273 19.25 -39.38 -45.25
CA PRO B 273 18.56 -40.38 -44.43
C PRO B 273 17.02 -40.25 -44.54
N ILE B 274 16.50 -39.03 -44.53
CA ILE B 274 15.02 -38.83 -44.53
C ILE B 274 14.41 -39.36 -45.83
N TYR B 275 15.07 -39.15 -46.97
CA TYR B 275 14.44 -39.53 -48.26
C TYR B 275 14.57 -41.04 -48.50
N VAL B 276 13.45 -41.76 -48.40
CA VAL B 276 13.42 -43.24 -48.61
C VAL B 276 12.02 -43.63 -49.10
N VAL B 284 15.98 -48.51 -49.23
CA VAL B 284 15.69 -47.90 -50.57
C VAL B 284 15.93 -46.40 -50.49
N HIS B 285 17.17 -45.95 -50.74
CA HIS B 285 17.49 -44.51 -50.65
C HIS B 285 17.19 -43.84 -52.00
N GLN B 286 16.26 -42.88 -52.01
CA GLN B 286 15.88 -42.19 -53.26
C GLN B 286 17.05 -41.38 -53.82
N VAL B 287 17.85 -40.72 -52.96
CA VAL B 287 18.92 -39.83 -53.49
C VAL B 287 20.28 -40.51 -53.31
N PRO B 288 21.13 -40.61 -54.35
CA PRO B 288 22.47 -41.16 -54.21
C PRO B 288 23.30 -40.35 -53.20
N LYS B 289 24.12 -41.02 -52.39
CA LYS B 289 24.86 -40.34 -51.35
C LYS B 289 25.86 -39.34 -51.93
N GLU B 290 26.42 -39.64 -53.09
CA GLU B 290 27.34 -38.69 -53.73
C GLU B 290 26.67 -37.35 -53.95
N THR B 291 25.42 -37.36 -54.41
CA THR B 291 24.70 -36.11 -54.64
C THR B 291 24.52 -35.33 -53.34
N ILE B 292 24.19 -36.03 -52.25
CA ILE B 292 24.00 -35.35 -50.97
C ILE B 292 25.31 -34.73 -50.49
N GLN B 293 26.41 -35.46 -50.62
CA GLN B 293 27.71 -34.92 -50.21
C GLN B 293 28.10 -33.73 -51.08
N ALA B 294 27.82 -33.80 -52.39
CA ALA B 294 28.10 -32.68 -53.27
C ALA B 294 27.29 -31.45 -52.87
N LEU B 295 26.00 -31.64 -52.58
CA LEU B 295 25.17 -30.50 -52.15
C LEU B 295 25.63 -29.95 -50.81
N ILE B 296 26.14 -30.81 -49.93
CA ILE B 296 26.64 -30.34 -48.64
C ILE B 296 27.90 -29.50 -48.83
N SER B 297 28.81 -29.94 -49.71
CA SER B 297 30.03 -29.20 -49.97
C SER B 297 29.82 -27.95 -50.81
N TYR B 298 28.74 -27.91 -51.60
CA TYR B 298 28.51 -26.79 -52.50
C TYR B 298 28.47 -25.44 -51.81
N PRO B 299 27.68 -25.25 -50.74
CA PRO B 299 27.60 -23.91 -50.12
C PRO B 299 28.93 -23.40 -49.59
N ILE B 300 29.79 -24.28 -49.09
CA ILE B 300 31.09 -23.82 -48.58
C ILE B 300 31.92 -23.24 -49.71
N PHE B 301 32.01 -23.97 -50.83
CA PHE B 301 32.76 -23.45 -51.97
C PHE B 301 32.12 -22.18 -52.52
N PHE B 302 30.79 -22.10 -52.47
CA PHE B 302 30.10 -20.90 -52.94
C PHE B 302 30.46 -19.70 -52.07
N ALA B 303 30.46 -19.88 -50.75
CA ALA B 303 30.87 -18.80 -49.85
C ALA B 303 32.34 -18.44 -50.06
N LEU B 304 33.18 -19.42 -50.35
CA LEU B 304 34.59 -19.15 -50.62
C LEU B 304 34.74 -18.28 -51.86
N VAL B 305 34.01 -18.62 -52.93
CA VAL B 305 34.07 -17.82 -54.15
C VAL B 305 33.56 -16.41 -53.89
N GLY B 306 32.47 -16.28 -53.13
CA GLY B 306 31.97 -14.96 -52.79
C GLY B 306 32.99 -14.14 -52.01
N LEU B 307 33.67 -14.77 -51.05
CA LEU B 307 34.70 -14.07 -50.29
C LEU B 307 35.84 -13.63 -51.20
N GLY B 308 36.25 -14.49 -52.14
CA GLY B 308 37.29 -14.11 -53.07
C GLY B 308 36.89 -12.92 -53.93
N CYS B 309 35.66 -12.91 -54.43
CA CYS B 309 35.19 -11.79 -55.23
C CYS B 309 35.13 -10.51 -54.41
N SER B 310 34.67 -10.60 -53.16
CA SER B 310 34.65 -9.43 -52.30
C SER B 310 36.06 -8.91 -52.05
N MET B 311 37.02 -9.82 -51.86
CA MET B 311 38.40 -9.40 -51.68
C MET B 311 38.92 -8.68 -52.92
N LEU B 312 38.63 -9.21 -54.10
CA LEU B 312 39.09 -8.55 -55.33
C LEU B 312 38.47 -7.16 -55.46
N GLY B 313 37.18 -7.03 -55.17
CA GLY B 313 36.55 -5.72 -55.23
C GLY B 313 37.16 -4.74 -54.25
N ILE B 314 37.41 -5.19 -53.02
CA ILE B 314 38.02 -4.31 -52.01
C ILE B 314 39.43 -3.91 -52.44
N LEU B 315 40.16 -4.84 -53.04
CA LEU B 315 41.50 -4.53 -53.52
C LEU B 315 41.45 -3.46 -54.61
N TYR B 316 40.58 -3.63 -55.60
CA TYR B 316 40.47 -2.62 -56.65
C TYR B 316 40.07 -1.26 -56.07
N VAL B 317 39.12 -1.24 -55.13
CA VAL B 317 38.66 0.03 -54.58
C VAL B 317 39.77 0.70 -53.79
N ILE B 318 40.46 -0.05 -52.93
CA ILE B 318 41.49 0.53 -52.09
C ILE B 318 42.69 1.03 -52.90
N VAL B 319 43.00 0.37 -54.01
CA VAL B 319 44.13 0.80 -54.83
C VAL B 319 43.76 1.96 -55.76
N LYS B 320 42.48 2.14 -56.05
CA LYS B 320 42.07 3.19 -56.97
C LYS B 320 42.07 4.55 -56.29
N LYS B 321 42.01 5.60 -57.11
CA LYS B 321 41.99 6.96 -56.62
C LYS B 321 40.68 7.24 -55.89
N PRO B 322 40.55 8.41 -55.25
CA PRO B 322 39.31 8.71 -54.53
C PRO B 322 38.11 8.76 -55.46
N SER B 323 36.95 8.44 -54.91
CA SER B 323 35.71 8.41 -55.68
C SER B 323 35.01 9.77 -55.63
N ASP B 324 34.11 9.97 -56.59
CA ASP B 324 33.36 11.23 -56.65
C ASP B 324 32.54 11.43 -55.38
N ASN B 325 31.76 10.42 -55.00
CA ASN B 325 30.91 10.47 -53.83
C ASN B 325 31.21 9.27 -52.93
N PRO B 326 31.24 9.45 -51.61
CA PRO B 326 31.47 8.29 -50.74
C PRO B 326 30.50 7.16 -51.00
N GLN B 327 29.25 7.49 -51.32
CA GLN B 327 28.29 6.47 -51.71
C GLN B 327 28.68 5.83 -53.03
N ARG B 328 29.22 6.63 -53.96
CA ARG B 328 29.61 6.11 -55.27
C ARG B 328 30.65 5.02 -55.16
N GLU B 329 31.66 5.20 -54.30
CA GLU B 329 32.70 4.17 -54.17
C GLU B 329 32.15 2.88 -53.59
N LEU B 330 31.32 2.99 -52.55
CA LEU B 330 30.70 1.80 -51.98
C LEU B 330 29.85 1.08 -53.00
N ASN B 331 29.03 1.81 -53.75
CA ASN B 331 28.14 1.20 -54.72
C ASN B 331 28.93 0.57 -55.87
N ILE B 332 29.99 1.23 -56.34
CA ILE B 332 30.81 0.65 -57.40
C ILE B 332 31.45 -0.65 -56.92
N SER B 333 32.01 -0.63 -55.70
CA SER B 333 32.61 -1.84 -55.15
C SER B 333 31.59 -2.96 -55.07
N LEU B 334 30.40 -2.66 -54.53
CA LEU B 334 29.38 -3.69 -54.37
C LEU B 334 28.93 -4.24 -55.72
N TRP B 335 28.74 -3.37 -56.71
CA TRP B 335 28.31 -3.83 -58.02
C TRP B 335 29.36 -4.73 -58.67
N THR B 336 30.62 -4.30 -58.63
CA THR B 336 31.68 -5.11 -59.24
C THR B 336 31.80 -6.46 -58.54
N SER B 337 31.79 -6.46 -57.21
CA SER B 337 31.89 -7.70 -56.46
C SER B 337 30.71 -8.61 -56.78
N ALA B 338 29.50 -8.06 -56.85
CA ALA B 338 28.32 -8.88 -57.13
C ALA B 338 28.40 -9.48 -58.53
N LEU B 339 28.80 -8.70 -59.53
CA LEU B 339 28.91 -9.23 -60.89
C LEU B 339 29.93 -10.35 -60.96
N LEU B 340 31.11 -10.13 -60.37
CA LEU B 340 32.15 -11.16 -60.38
C LEU B 340 31.68 -12.41 -59.66
N THR B 341 31.04 -12.25 -58.50
CA THR B 341 30.53 -13.40 -57.77
C THR B 341 29.50 -14.16 -58.58
N VAL B 342 28.60 -13.43 -59.26
CA VAL B 342 27.57 -14.09 -60.05
C VAL B 342 28.20 -14.93 -61.15
N VAL B 343 29.18 -14.36 -61.87
CA VAL B 343 29.79 -15.09 -62.97
C VAL B 343 30.52 -16.34 -62.45
N LEU B 344 31.40 -16.13 -61.47
CA LEU B 344 32.17 -17.25 -60.93
C LEU B 344 31.26 -18.31 -60.32
N THR B 345 30.13 -17.90 -59.74
CA THR B 345 29.21 -18.86 -59.13
C THR B 345 28.44 -19.62 -60.20
N ALA B 346 28.09 -18.97 -61.30
CA ALA B 346 27.52 -19.70 -62.42
C ALA B 346 28.46 -20.81 -62.86
N PHE B 347 29.73 -20.47 -63.07
CA PHE B 347 30.69 -21.47 -63.51
C PHE B 347 30.83 -22.59 -62.47
N LEU B 348 30.94 -22.22 -61.19
CA LEU B 348 31.11 -23.21 -60.14
C LEU B 348 29.90 -24.14 -60.05
N THR B 349 28.70 -23.59 -60.09
CA THR B 349 27.50 -24.41 -59.98
C THR B 349 27.38 -25.35 -61.16
N TYR B 350 27.70 -24.88 -62.36
CA TYR B 350 27.63 -25.80 -63.50
C TYR B 350 28.66 -26.92 -63.38
N PHE B 351 29.91 -26.57 -63.09
CA PHE B 351 30.97 -27.58 -63.09
C PHE B 351 30.81 -28.58 -61.96
N TYR B 352 30.47 -28.10 -60.75
CA TYR B 352 30.45 -28.97 -59.59
C TYR B 352 29.29 -29.96 -59.65
N LEU B 353 28.10 -29.51 -60.03
CA LEU B 353 26.89 -30.31 -59.99
C LEU B 353 26.45 -30.80 -61.38
N LYS B 354 27.33 -30.71 -62.38
CA LYS B 354 26.92 -31.08 -63.74
C LYS B 354 26.61 -32.56 -63.86
N ASP B 355 27.45 -33.42 -63.29
CA ASP B 355 27.24 -34.86 -63.44
C ASP B 355 26.71 -35.55 -62.18
N LEU B 356 25.64 -35.02 -61.60
CA LEU B 356 25.01 -35.62 -60.43
C LEU B 356 23.71 -36.28 -60.85
N GLN B 357 23.08 -36.97 -59.90
CA GLN B 357 21.86 -37.72 -60.19
C GLN B 357 20.87 -37.56 -59.05
N GLY B 358 19.58 -37.66 -59.40
CA GLY B 358 18.53 -37.53 -58.42
C GLY B 358 18.28 -36.11 -57.94
N LEU B 359 18.71 -35.11 -58.73
CA LEU B 359 18.52 -33.73 -58.31
C LEU B 359 17.06 -33.30 -58.36
N ASP B 360 16.23 -33.99 -59.14
CA ASP B 360 14.80 -33.67 -59.17
C ASP B 360 14.11 -34.10 -57.89
N VAL B 361 14.56 -35.19 -57.27
CA VAL B 361 13.90 -35.71 -56.08
C VAL B 361 13.97 -34.69 -54.95
N LEU B 362 15.07 -33.97 -54.85
CA LEU B 362 15.26 -33.02 -53.75
C LEU B 362 14.64 -31.66 -54.03
N GLY B 363 14.34 -31.33 -55.28
CA GLY B 363 13.65 -30.09 -55.59
C GLY B 363 14.29 -29.24 -56.68
N PHE B 364 15.32 -29.78 -57.32
CA PHE B 364 16.06 -29.07 -58.36
C PHE B 364 15.28 -29.11 -59.67
N ARG B 365 14.23 -28.28 -59.74
CA ARG B 365 13.34 -28.28 -60.90
C ARG B 365 14.12 -28.15 -62.20
N PHE B 366 15.00 -27.15 -62.29
CA PHE B 366 15.72 -26.90 -63.54
C PHE B 366 16.96 -27.76 -63.72
N GLY B 367 17.50 -28.33 -62.64
CA GLY B 367 18.66 -29.19 -62.73
C GLY B 367 19.80 -28.70 -61.84
N ALA B 368 21.02 -28.90 -62.31
CA ALA B 368 22.19 -28.52 -61.54
C ALA B 368 22.32 -27.02 -61.37
N ILE B 369 21.69 -26.23 -62.25
CA ILE B 369 21.78 -24.77 -62.18
C ILE B 369 20.71 -24.16 -61.30
N SER B 370 19.83 -24.97 -60.71
CA SER B 370 18.78 -24.41 -59.86
C SER B 370 19.33 -23.65 -58.65
N PRO B 371 20.31 -24.18 -57.91
CA PRO B 371 20.87 -23.40 -56.80
C PRO B 371 21.44 -22.06 -57.23
N TRP B 372 22.05 -21.98 -58.41
CA TRP B 372 22.57 -20.71 -58.89
C TRP B 372 21.45 -19.71 -59.14
N PHE B 373 20.35 -20.17 -59.75
CA PHE B 373 19.20 -19.29 -59.95
C PHE B 373 18.63 -18.82 -58.61
N SER B 374 18.55 -19.72 -57.63
CA SER B 374 18.04 -19.31 -56.32
C SER B 374 18.96 -18.29 -55.65
N ALA B 375 20.28 -18.48 -55.76
CA ALA B 375 21.22 -17.52 -55.20
C ALA B 375 21.08 -16.17 -55.89
N ILE B 376 20.89 -16.18 -57.21
CA ILE B 376 20.70 -14.93 -57.94
C ILE B 376 19.42 -14.24 -57.49
N ILE B 377 18.34 -15.01 -57.29
CA ILE B 377 17.09 -14.43 -56.80
C ILE B 377 17.31 -13.80 -55.44
N GLY B 378 18.04 -14.48 -54.56
CA GLY B 378 18.33 -13.90 -53.25
C GLY B 378 19.13 -12.62 -53.35
N ILE B 379 20.13 -12.60 -54.23
CA ILE B 379 20.96 -11.40 -54.40
C ILE B 379 20.11 -10.23 -54.89
N PHE B 380 19.22 -10.49 -55.85
CA PHE B 380 18.38 -9.42 -56.38
C PHE B 380 17.36 -8.95 -55.33
N SER B 381 16.85 -9.88 -54.53
CA SER B 381 15.95 -9.48 -53.44
C SER B 381 16.68 -8.58 -52.45
N GLY B 382 17.92 -8.92 -52.12
CA GLY B 382 18.70 -8.05 -51.25
C GLY B 382 18.95 -6.69 -51.86
N ILE B 383 19.25 -6.65 -53.16
CA ILE B 383 19.48 -5.36 -53.82
C ILE B 383 18.22 -4.52 -53.80
N LEU B 384 17.06 -5.13 -54.02
CA LEU B 384 15.81 -4.38 -53.96
C LEU B 384 15.52 -3.88 -52.55
N ILE B 385 15.82 -4.71 -51.54
CA ILE B 385 15.65 -4.26 -50.16
C ILE B 385 16.53 -3.05 -49.89
N GLY B 386 17.78 -3.08 -50.38
CA GLY B 386 18.65 -1.94 -50.23
C GLY B 386 18.14 -0.71 -50.94
N PHE B 387 17.59 -0.88 -52.13
CA PHE B 387 17.00 0.25 -52.85
C PHE B 387 15.86 0.88 -52.05
N TRP B 388 14.98 0.03 -51.51
CA TRP B 388 13.87 0.54 -50.71
C TRP B 388 14.37 1.24 -49.45
N ALA B 389 15.38 0.67 -48.80
CA ALA B 389 15.95 1.31 -47.61
C ALA B 389 16.54 2.67 -47.94
N GLU B 390 17.28 2.76 -49.04
CA GLU B 390 17.84 4.05 -49.45
C GLU B 390 16.73 5.04 -49.77
N TYR B 391 15.64 4.56 -50.37
CA TYR B 391 14.51 5.45 -50.65
C TYR B 391 13.88 5.98 -49.37
N TYR B 392 13.69 5.12 -48.38
CA TYR B 392 12.93 5.51 -47.19
C TYR B 392 13.78 6.25 -46.16
N THR B 393 15.08 6.00 -46.10
CA THR B 393 15.92 6.50 -45.02
C THR B 393 16.88 7.59 -45.45
N SER B 394 16.75 8.12 -46.67
CA SER B 394 17.64 9.16 -47.17
C SER B 394 16.85 10.44 -47.39
N TYR B 395 17.42 11.57 -46.97
CA TYR B 395 16.76 12.85 -47.15
C TYR B 395 16.80 13.34 -48.58
N ARG B 396 17.60 12.71 -49.44
CA ARG B 396 17.57 13.05 -50.87
C ARG B 396 16.23 12.73 -51.51
N TYR B 397 15.42 11.88 -50.87
CA TYR B 397 14.12 11.49 -51.38
C TYR B 397 13.02 12.18 -50.58
N LYS B 398 11.77 11.83 -50.88
CA LYS B 398 10.60 12.54 -50.39
C LYS B 398 10.26 12.25 -48.93
N PRO B 399 10.27 10.99 -48.48
CA PRO B 399 9.76 10.70 -47.13
C PRO B 399 10.58 11.36 -46.03
N THR B 400 11.91 11.28 -46.09
CA THR B 400 12.74 11.90 -45.07
C THR B 400 12.56 13.42 -45.08
N GLN B 401 12.40 14.01 -46.28
CA GLN B 401 12.16 15.44 -46.36
C GLN B 401 10.85 15.82 -45.69
N PHE B 402 9.79 15.04 -45.92
CA PHE B 402 8.52 15.32 -45.26
C PHE B 402 8.65 15.18 -43.74
N LEU B 403 9.34 14.15 -43.29
CA LEU B 403 9.56 13.99 -41.85
C LEU B 403 10.28 15.19 -41.27
N GLY B 404 11.30 15.69 -41.96
CA GLY B 404 12.01 16.86 -41.49
C GLY B 404 11.12 18.10 -41.45
N LYS B 405 10.38 18.33 -42.54
CA LYS B 405 9.45 19.47 -42.56
C LYS B 405 8.41 19.36 -41.45
N SER B 406 8.11 18.14 -41.01
CA SER B 406 7.19 17.96 -39.89
C SER B 406 7.72 18.62 -38.62
N SER B 407 9.01 18.90 -38.54
CA SER B 407 9.56 19.51 -37.33
C SER B 407 8.92 20.87 -37.06
N ILE B 408 8.66 21.63 -38.12
CA ILE B 408 8.05 22.95 -37.97
C ILE B 408 6.70 22.87 -37.27
N GLU B 409 6.07 21.70 -37.25
CA GLU B 409 4.74 21.55 -36.67
C GLU B 409 4.79 21.09 -35.22
N GLY B 410 5.97 20.87 -34.67
CA GLY B 410 6.14 20.48 -33.29
C GLY B 410 6.93 19.19 -33.17
N THR B 411 7.14 18.79 -31.91
CA THR B 411 7.87 17.56 -31.65
C THR B 411 6.96 16.34 -31.74
N GLY B 412 5.74 16.45 -31.21
CA GLY B 412 4.78 15.36 -31.35
C GLY B 412 4.51 15.02 -32.80
N MET B 413 4.42 16.05 -33.65
CA MET B 413 4.25 15.80 -35.08
C MET B 413 5.44 15.04 -35.65
N VAL B 414 6.66 15.44 -35.27
CA VAL B 414 7.85 14.74 -35.74
C VAL B 414 7.80 13.28 -35.33
N ILE B 415 7.45 13.02 -34.06
CA ILE B 415 7.42 11.64 -33.56
C ILE B 415 6.39 10.82 -34.31
N SER B 416 5.18 11.37 -34.46
CA SER B 416 4.11 10.64 -35.13
C SER B 416 4.48 10.35 -36.58
N ASN B 417 5.02 11.33 -37.29
CA ASN B 417 5.40 11.12 -38.68
C ASN B 417 6.53 10.12 -38.79
N GLY B 418 7.48 10.13 -37.86
CA GLY B 418 8.54 9.14 -37.88
C GLY B 418 8.02 7.73 -37.68
N LEU B 419 7.13 7.56 -36.71
CA LEU B 419 6.52 6.24 -36.50
C LEU B 419 5.75 5.80 -37.74
N SER B 420 4.99 6.71 -38.33
CA SER B 420 4.21 6.36 -39.53
C SER B 420 5.12 5.94 -40.67
N LEU B 421 6.20 6.69 -40.89
CA LEU B 421 7.15 6.35 -41.95
C LEU B 421 7.79 4.99 -41.69
N GLY B 422 8.22 4.75 -40.46
CA GLY B 422 8.80 3.45 -40.14
C GLY B 422 7.84 2.31 -40.41
N MET B 423 6.61 2.45 -39.94
CA MET B 423 5.62 1.39 -40.16
C MET B 423 5.35 1.19 -41.65
N LYS B 424 5.28 2.28 -42.42
CA LYS B 424 5.01 2.16 -43.85
C LYS B 424 6.16 1.51 -44.61
N SER B 425 7.40 1.75 -44.18
CA SER B 425 8.55 1.26 -44.93
C SER B 425 8.62 -0.27 -44.97
N VAL B 426 7.90 -0.97 -44.09
CA VAL B 426 8.00 -2.42 -44.04
C VAL B 426 7.39 -3.10 -45.26
N PHE B 427 6.55 -2.41 -46.02
CA PHE B 427 5.79 -3.09 -47.06
C PHE B 427 6.64 -3.45 -48.28
N PRO B 428 7.39 -2.52 -48.89
CA PRO B 428 8.15 -2.86 -50.10
C PRO B 428 9.11 -4.01 -49.85
N PRO B 429 9.89 -3.96 -48.76
CA PRO B 429 10.81 -5.07 -48.49
C PRO B 429 10.10 -6.39 -48.24
N THR B 430 8.95 -6.37 -47.55
CA THR B 430 8.21 -7.60 -47.33
C THR B 430 7.69 -8.18 -48.64
N LEU B 431 7.21 -7.32 -49.54
CA LEU B 431 6.74 -7.80 -50.83
C LEU B 431 7.90 -8.39 -51.64
N THR B 432 9.05 -7.73 -51.59
CA THR B 432 10.25 -8.28 -52.22
C THR B 432 10.59 -9.64 -51.65
N LEU B 433 10.51 -9.78 -50.33
CA LEU B 433 10.82 -11.06 -49.70
C LEU B 433 9.82 -12.14 -50.11
N VAL B 434 8.55 -11.78 -50.24
CA VAL B 434 7.55 -12.76 -50.66
C VAL B 434 7.86 -13.24 -52.08
N LEU B 435 8.13 -12.31 -52.99
CA LEU B 435 8.47 -12.70 -54.35
C LEU B 435 9.73 -13.55 -54.37
N GLY B 436 10.74 -13.18 -53.57
CA GLY B 436 11.97 -13.96 -53.54
C GLY B 436 11.76 -15.37 -53.02
N ILE B 437 11.00 -15.51 -51.93
CA ILE B 437 10.69 -16.83 -51.40
C ILE B 437 10.00 -17.66 -52.48
N LEU B 438 8.98 -17.09 -53.10
CA LEU B 438 8.21 -17.86 -54.12
C LEU B 438 9.16 -18.30 -55.23
N PHE B 439 9.90 -17.37 -55.82
CA PHE B 439 10.77 -17.71 -56.97
C PHE B 439 11.83 -18.72 -56.54
N ALA B 440 12.41 -18.54 -55.36
CA ALA B 440 13.50 -19.44 -54.94
C ALA B 440 12.97 -20.85 -54.82
N ASP B 441 11.78 -21.02 -54.25
CA ASP B 441 11.16 -22.36 -54.09
C ASP B 441 10.95 -22.96 -55.49
N TYR B 442 10.54 -22.13 -56.45
CA TYR B 442 10.24 -22.67 -57.79
C TYR B 442 11.49 -23.29 -58.40
N PHE B 443 12.61 -22.58 -58.34
CA PHE B 443 13.82 -23.11 -59.02
C PHE B 443 14.43 -24.31 -58.27
N ALA B 444 14.58 -24.22 -56.95
CA ALA B 444 15.32 -25.30 -56.25
C ALA B 444 14.64 -25.81 -54.97
N GLY B 445 13.37 -25.48 -54.75
CA GLY B 445 12.71 -26.05 -53.55
C GLY B 445 13.17 -25.36 -52.29
N LEU B 446 12.95 -26.00 -51.14
CA LEU B 446 13.37 -25.42 -49.84
C LEU B 446 14.89 -25.31 -49.84
N TYR B 447 15.60 -26.20 -50.55
CA TYR B 447 17.08 -26.07 -50.65
C TYR B 447 17.34 -24.72 -51.31
N GLY B 448 16.53 -24.38 -52.30
CA GLY B 448 16.67 -23.05 -52.92
C GLY B 448 16.41 -21.96 -51.89
N VAL B 449 15.40 -22.10 -51.05
CA VAL B 449 15.14 -20.97 -50.11
C VAL B 449 16.43 -20.76 -49.31
N ALA B 450 17.19 -21.83 -49.04
CA ALA B 450 18.37 -21.63 -48.20
C ALA B 450 19.56 -21.13 -49.01
N ILE B 451 19.73 -21.63 -50.24
CA ILE B 451 20.81 -21.16 -51.08
C ILE B 451 20.63 -19.68 -51.42
N ALA B 452 19.38 -19.22 -51.53
CA ALA B 452 19.11 -17.81 -51.74
C ALA B 452 19.39 -17.02 -50.46
N ALA B 453 19.03 -17.58 -49.30
CA ALA B 453 19.43 -16.98 -48.04
C ALA B 453 20.93 -16.72 -48.04
N LEU B 454 21.71 -17.67 -48.57
CA LEU B 454 23.16 -17.48 -48.64
C LEU B 454 23.55 -16.47 -49.70
N GLY B 455 22.92 -16.53 -50.87
CA GLY B 455 23.29 -15.64 -51.96
C GLY B 455 23.06 -14.18 -51.63
N MET B 456 21.96 -13.89 -50.93
CA MET B 456 21.71 -12.52 -50.47
C MET B 456 22.90 -11.99 -49.68
N LEU B 457 23.66 -12.87 -49.04
CA LEU B 457 24.83 -12.52 -48.25
C LEU B 457 26.11 -13.15 -48.79
N SER B 458 26.19 -13.31 -50.12
CA SER B 458 27.36 -13.96 -50.70
C SER B 458 28.63 -13.15 -50.49
N PHE B 459 28.52 -11.82 -50.58
CA PHE B 459 29.69 -10.95 -50.43
C PHE B 459 29.62 -10.15 -49.14
N VAL B 460 29.49 -10.85 -48.00
CA VAL B 460 29.36 -10.18 -46.71
C VAL B 460 30.56 -9.29 -46.39
N ALA B 461 31.72 -9.57 -46.99
CA ALA B 461 32.92 -8.79 -46.66
C ALA B 461 32.75 -7.33 -47.05
N THR B 462 32.32 -7.08 -48.29
CA THR B 462 32.19 -5.70 -48.76
C THR B 462 31.11 -4.97 -47.96
N SER B 463 29.99 -5.66 -47.69
CA SER B 463 28.93 -5.04 -46.89
C SER B 463 29.43 -4.69 -45.49
N VAL B 464 30.18 -5.60 -44.87
CA VAL B 464 30.75 -5.30 -43.55
C VAL B 464 31.65 -4.08 -43.63
N SER B 465 32.46 -4.00 -44.68
CA SER B 465 33.36 -2.86 -44.83
C SER B 465 32.59 -1.56 -44.93
N VAL B 466 31.59 -1.51 -45.80
CA VAL B 466 30.82 -0.29 -45.99
C VAL B 466 30.06 0.08 -44.72
N ASP B 467 29.48 -0.91 -44.05
CA ASP B 467 28.70 -0.64 -42.84
C ASP B 467 29.58 -0.12 -41.70
N SER B 468 30.77 -0.71 -41.54
CA SER B 468 31.69 -0.23 -40.50
C SER B 468 32.28 1.12 -40.84
N TYR B 469 32.39 1.44 -42.14
CA TYR B 469 32.99 2.71 -42.55
C TYR B 469 32.27 3.91 -41.95
N GLY B 470 30.95 3.82 -41.73
CA GLY B 470 30.18 4.90 -41.16
C GLY B 470 30.60 5.27 -39.75
N PRO B 471 30.63 4.28 -38.86
CA PRO B 471 31.00 4.55 -37.46
C PRO B 471 32.38 5.18 -37.31
N ILE B 472 33.34 4.79 -38.17
CA ILE B 472 34.66 5.37 -38.10
C ILE B 472 34.61 6.87 -38.40
N ALA B 473 33.83 7.25 -39.43
CA ALA B 473 33.65 8.67 -39.73
C ALA B 473 32.95 9.39 -38.60
N ASP B 474 31.98 8.73 -37.95
CA ASP B 474 31.31 9.33 -36.81
C ASP B 474 32.32 9.63 -35.69
N ASN B 475 33.19 8.66 -35.39
CA ASN B 475 34.20 8.88 -34.38
C ASN B 475 35.13 10.02 -34.79
N ALA B 476 35.43 10.13 -36.08
CA ALA B 476 36.26 11.22 -36.56
C ALA B 476 35.60 12.57 -36.29
N GLY B 477 34.31 12.69 -36.58
CA GLY B 477 33.62 13.94 -36.29
C GLY B 477 33.57 14.26 -34.81
N GLY B 478 33.32 13.24 -33.98
CA GLY B 478 33.32 13.46 -32.55
C GLY B 478 34.67 13.94 -32.03
N ILE B 479 35.75 13.31 -32.51
CA ILE B 479 37.08 13.74 -32.11
C ILE B 479 37.37 15.16 -32.61
N SER B 480 36.93 15.48 -33.83
CA SER B 480 37.14 16.82 -34.35
C SER B 480 36.51 17.85 -33.42
N GLU B 481 35.29 17.59 -32.96
CA GLU B 481 34.68 18.50 -31.99
C GLU B 481 35.43 18.47 -30.66
N MET B 482 35.94 17.30 -30.25
CA MET B 482 36.61 17.21 -28.96
C MET B 482 37.86 18.11 -28.93
N CYS B 483 38.72 17.99 -29.93
CA CYS B 483 39.91 18.82 -30.05
C CYS B 483 39.64 19.92 -31.07
N GLU B 484 39.73 21.18 -30.63
CA GLU B 484 39.48 22.32 -31.51
C GLU B 484 40.16 22.13 -32.87
N LEU B 485 39.36 21.94 -33.92
CA LEU B 485 39.87 21.66 -35.25
C LEU B 485 39.12 22.47 -36.30
N ASP B 486 39.77 22.69 -37.43
CA ASP B 486 39.18 23.45 -38.53
C ASP B 486 37.79 22.91 -38.85
N PRO B 487 36.84 23.78 -39.23
CA PRO B 487 35.47 23.30 -39.49
C PRO B 487 35.38 22.29 -40.62
N GLU B 488 36.23 22.41 -41.65
CA GLU B 488 36.12 21.53 -42.81
C GLU B 488 36.36 20.08 -42.44
N VAL B 489 37.20 19.81 -41.44
CA VAL B 489 37.43 18.43 -41.01
C VAL B 489 36.12 17.79 -40.57
N ARG B 490 35.49 18.32 -39.53
CA ARG B 490 34.22 17.78 -39.08
C ARG B 490 33.18 17.81 -40.19
N LYS B 491 33.22 18.80 -41.08
CA LYS B 491 32.28 18.80 -42.20
C LYS B 491 32.45 17.54 -43.05
N ILE B 492 33.70 17.20 -43.39
CA ILE B 492 33.98 16.00 -44.17
C ILE B 492 33.54 14.75 -43.42
N THR B 493 33.85 14.70 -42.11
CA THR B 493 33.50 13.52 -41.32
C THR B 493 31.99 13.34 -41.23
N ASP B 494 31.26 14.43 -40.98
CA ASP B 494 29.81 14.37 -40.93
C ASP B 494 29.23 13.97 -42.28
N HIS B 495 29.86 14.43 -43.38
CA HIS B 495 29.42 14.04 -44.72
C HIS B 495 29.53 12.52 -44.88
N LEU B 496 30.69 11.97 -44.53
CA LEU B 496 30.87 10.53 -44.60
C LEU B 496 29.89 9.78 -43.70
N ASP B 497 29.68 10.30 -42.48
CA ASP B 497 28.76 9.66 -41.54
C ASP B 497 27.32 9.69 -42.06
N ALA B 498 26.94 10.79 -42.71
CA ALA B 498 25.62 10.89 -43.31
C ALA B 498 25.44 9.80 -44.35
N VAL B 499 26.47 9.57 -45.16
CA VAL B 499 26.41 8.45 -46.09
C VAL B 499 26.35 7.12 -45.33
N GLY B 500 27.06 7.05 -44.20
CA GLY B 500 27.19 5.78 -43.48
C GLY B 500 25.90 5.26 -42.87
N ASN B 501 25.05 6.14 -42.35
CA ASN B 501 23.86 5.66 -41.65
C ASN B 501 22.95 4.87 -42.59
N THR B 502 22.77 5.35 -43.82
CA THR B 502 21.96 4.62 -44.78
C THR B 502 22.57 3.27 -45.10
N THR B 503 23.91 3.21 -45.19
CA THR B 503 24.58 1.94 -45.42
C THR B 503 24.32 0.97 -44.26
N ALA B 504 24.27 1.49 -43.04
CA ALA B 504 23.94 0.63 -41.90
C ALA B 504 22.53 0.07 -42.03
N ALA B 505 21.59 0.92 -42.42
CA ALA B 505 20.21 0.44 -42.62
C ALA B 505 20.14 -0.61 -43.72
N ILE B 506 20.86 -0.40 -44.83
CA ILE B 506 20.85 -1.38 -45.93
C ILE B 506 21.45 -2.70 -45.46
N GLY B 507 22.53 -2.64 -44.68
CA GLY B 507 23.10 -3.86 -44.15
C GLY B 507 22.13 -4.61 -43.25
N LYS B 508 21.40 -3.88 -42.40
CA LYS B 508 20.39 -4.52 -41.57
C LYS B 508 19.30 -5.17 -42.42
N GLY B 509 18.91 -4.52 -43.52
CA GLY B 509 17.95 -5.14 -44.42
C GLY B 509 18.45 -6.44 -45.01
N PHE B 510 19.69 -6.43 -45.50
CA PHE B 510 20.32 -7.66 -45.98
C PHE B 510 20.26 -8.75 -44.92
N ALA B 511 20.62 -8.39 -43.68
CA ALA B 511 20.66 -9.36 -42.59
C ALA B 511 19.29 -9.95 -42.34
N ILE B 512 18.26 -9.12 -42.25
CA ILE B 512 16.93 -9.61 -41.94
C ILE B 512 16.39 -10.48 -43.08
N GLY B 513 16.70 -10.12 -44.33
CA GLY B 513 16.26 -10.96 -45.43
C GLY B 513 16.90 -12.34 -45.40
N SER B 514 18.23 -12.37 -45.24
CA SER B 514 18.92 -13.66 -45.10
C SER B 514 18.38 -14.43 -43.92
N ALA B 515 18.04 -13.74 -42.83
CA ALA B 515 17.50 -14.43 -41.65
C ALA B 515 16.14 -15.05 -41.95
N ILE B 516 15.30 -14.35 -42.70
CA ILE B 516 13.99 -14.90 -43.05
C ILE B 516 14.16 -16.16 -43.90
N PHE B 517 15.03 -16.08 -44.91
CA PHE B 517 15.25 -17.25 -45.76
C PHE B 517 15.79 -18.43 -44.94
N ALA B 518 16.81 -18.18 -44.14
CA ALA B 518 17.39 -19.24 -43.31
C ALA B 518 16.37 -19.76 -42.30
N ALA B 519 15.43 -18.92 -41.87
CA ALA B 519 14.42 -19.36 -40.92
C ALA B 519 13.41 -20.30 -41.57
N LEU B 520 13.05 -20.02 -42.82
CA LEU B 520 12.22 -20.98 -43.55
C LEU B 520 12.95 -22.32 -43.73
N SER B 521 14.22 -22.24 -44.15
CA SER B 521 15.00 -23.47 -44.29
C SER B 521 15.14 -24.20 -42.95
N LEU B 522 15.21 -23.45 -41.85
CA LEU B 522 15.30 -24.07 -40.54
C LEU B 522 13.99 -24.69 -40.11
N PHE B 523 12.86 -24.10 -40.51
CA PHE B 523 11.58 -24.77 -40.34
C PHE B 523 11.60 -26.12 -41.03
N ALA B 524 12.08 -26.16 -42.27
CA ALA B 524 12.18 -27.43 -43.00
C ALA B 524 13.07 -28.42 -42.24
N SER B 525 14.27 -27.99 -41.86
CA SER B 525 15.20 -28.87 -41.15
C SER B 525 14.63 -29.32 -39.82
N TYR B 526 13.84 -28.47 -39.17
CA TYR B 526 13.20 -28.81 -37.90
C TYR B 526 12.17 -29.91 -38.09
N MET B 527 11.28 -29.74 -39.06
CA MET B 527 10.32 -30.79 -39.38
C MET B 527 11.03 -32.09 -39.75
N PHE B 528 12.18 -31.99 -40.41
CA PHE B 528 12.97 -33.20 -40.68
C PHE B 528 13.49 -33.82 -39.39
N SER B 529 14.01 -32.99 -38.48
CA SER B 529 14.57 -33.48 -37.23
C SER B 529 13.51 -34.16 -36.38
N GLN B 530 12.24 -33.77 -36.51
CA GLN B 530 11.20 -34.42 -35.72
C GLN B 530 11.06 -35.91 -35.99
N ILE B 531 11.77 -36.45 -36.98
CA ILE B 531 11.63 -37.85 -37.36
C ILE B 531 12.48 -38.72 -36.44
N SER B 532 12.03 -39.95 -36.22
CA SER B 532 12.73 -40.92 -35.39
C SER B 532 13.07 -42.15 -36.22
N PRO B 533 14.00 -42.99 -35.73
CA PRO B 533 14.37 -44.18 -36.51
C PRO B 533 13.20 -45.10 -36.79
N SER B 534 12.31 -45.30 -35.81
CA SER B 534 11.15 -46.15 -36.02
C SER B 534 10.20 -45.55 -37.05
N ASP B 535 10.16 -44.22 -37.17
CA ASP B 535 9.32 -43.51 -38.13
C ASP B 535 10.12 -43.06 -39.35
N ILE B 536 11.19 -43.78 -39.70
CA ILE B 536 12.09 -43.34 -40.76
C ILE B 536 11.49 -43.48 -42.15
N GLY B 537 10.48 -44.34 -42.30
CA GLY B 537 9.91 -44.60 -43.62
C GLY B 537 8.81 -43.67 -44.07
N LYS B 538 8.49 -42.63 -43.31
CA LYS B 538 7.39 -41.76 -43.69
C LYS B 538 7.73 -41.01 -44.98
N PRO B 539 6.75 -40.79 -45.86
CA PRO B 539 6.99 -40.03 -47.08
C PRO B 539 7.27 -38.56 -46.75
N PRO B 540 8.22 -37.95 -47.43
CA PRO B 540 8.56 -36.55 -47.11
C PRO B 540 7.38 -35.60 -47.21
N SER B 541 6.40 -35.89 -48.07
CA SER B 541 5.23 -35.03 -48.18
C SER B 541 4.50 -34.92 -46.83
N LEU B 542 4.33 -36.03 -46.13
CA LEU B 542 3.69 -36.01 -44.82
C LEU B 542 4.58 -35.37 -43.76
N VAL B 543 5.90 -35.42 -43.96
CA VAL B 543 6.83 -34.87 -42.99
C VAL B 543 6.82 -33.34 -43.03
N LEU B 544 6.61 -32.75 -44.20
CA LEU B 544 6.65 -31.31 -44.37
C LEU B 544 5.31 -30.66 -44.06
N LEU B 545 4.64 -31.07 -42.99
CA LEU B 545 3.37 -30.50 -42.57
C LEU B 545 3.50 -29.85 -41.21
N LEU B 546 3.06 -28.59 -41.12
CA LEU B 546 2.99 -27.85 -39.86
C LEU B 546 1.65 -27.12 -39.88
N ASN B 547 0.59 -27.85 -39.52
CA ASN B 547 -0.76 -27.31 -39.60
C ASN B 547 -0.91 -26.06 -38.75
N MET B 548 -1.22 -24.94 -39.40
CA MET B 548 -1.44 -23.70 -38.68
C MET B 548 -2.85 -23.59 -38.12
N LEU B 549 -3.73 -24.52 -38.48
CA LEU B 549 -5.05 -24.60 -37.84
C LEU B 549 -5.03 -25.38 -36.53
N ASP B 550 -3.96 -26.12 -36.25
CA ASP B 550 -3.82 -26.75 -34.95
C ASP B 550 -3.76 -25.69 -33.86
N ALA B 551 -4.70 -25.75 -32.93
CA ALA B 551 -4.77 -24.73 -31.87
C ALA B 551 -3.42 -24.51 -31.21
N ARG B 552 -2.65 -25.59 -31.02
CA ARG B 552 -1.34 -25.45 -30.41
C ARG B 552 -0.40 -24.62 -31.27
N VAL B 553 -0.43 -24.85 -32.59
CA VAL B 553 0.50 -24.15 -33.48
C VAL B 553 0.19 -22.65 -33.51
N ILE B 554 -1.09 -22.29 -33.66
CA ILE B 554 -1.44 -20.88 -33.72
C ILE B 554 -1.25 -20.21 -32.36
N ALA B 555 -1.54 -20.92 -31.28
CA ALA B 555 -1.24 -20.39 -29.95
C ALA B 555 0.25 -20.13 -29.79
N GLY B 556 1.08 -21.05 -30.28
CA GLY B 556 2.51 -20.83 -30.23
C GLY B 556 2.95 -19.66 -31.07
N ALA B 557 2.32 -19.46 -32.23
CA ALA B 557 2.63 -18.30 -33.05
C ALA B 557 2.33 -17.01 -32.30
N LEU B 558 1.16 -16.94 -31.66
CA LEU B 558 0.81 -15.76 -30.87
C LEU B 558 1.82 -15.55 -29.75
N LEU B 559 2.16 -16.61 -29.02
CA LEU B 559 3.12 -16.48 -27.93
C LEU B 559 4.49 -16.05 -28.44
N GLY B 560 4.88 -16.52 -29.61
CA GLY B 560 6.18 -16.12 -30.17
C GLY B 560 6.21 -14.66 -30.57
N ALA B 561 5.13 -14.19 -31.21
CA ALA B 561 5.03 -12.76 -31.49
C ALA B 561 5.12 -11.95 -30.20
N ALA B 562 4.42 -12.38 -29.15
CA ALA B 562 4.47 -11.67 -27.89
C ALA B 562 5.87 -11.72 -27.28
N ILE B 563 6.57 -12.85 -27.45
CA ILE B 563 7.93 -12.97 -26.93
C ILE B 563 8.86 -12.01 -27.64
N THR B 564 8.75 -11.91 -28.96
CA THR B 564 9.57 -10.95 -29.70
C THR B 564 9.27 -9.53 -29.25
N TYR B 565 7.99 -9.19 -29.12
CA TYR B 565 7.63 -7.84 -28.68
C TYR B 565 8.18 -7.54 -27.29
N TYR B 566 8.04 -8.48 -26.36
CA TYR B 566 8.55 -8.26 -25.01
C TYR B 566 10.07 -8.21 -24.97
N PHE B 567 10.74 -8.95 -25.86
CA PHE B 567 12.19 -8.86 -25.97
C PHE B 567 12.62 -7.46 -26.40
N SER B 568 11.97 -6.94 -27.45
CA SER B 568 12.26 -5.58 -27.87
C SER B 568 11.96 -4.58 -26.75
N GLY B 569 10.86 -4.79 -26.03
CA GLY B 569 10.52 -3.90 -24.94
C GLY B 569 11.55 -3.92 -23.83
N TYR B 570 12.08 -5.10 -23.52
CA TYR B 570 13.10 -5.20 -22.48
C TYR B 570 14.39 -4.52 -22.91
N LEU B 571 14.79 -4.71 -24.17
CA LEU B 571 15.97 -4.00 -24.67
C LEU B 571 15.79 -2.49 -24.53
N ILE B 572 14.63 -1.99 -24.98
CA ILE B 572 14.37 -0.55 -24.89
C ILE B 572 14.35 -0.09 -23.44
N SER B 573 13.81 -0.90 -22.54
CA SER B 573 13.74 -0.50 -21.13
C SER B 573 15.13 -0.41 -20.52
N ALA B 574 15.98 -1.40 -20.79
CA ALA B 574 17.36 -1.33 -20.31
C ALA B 574 18.06 -0.07 -20.84
N VAL B 575 17.95 0.15 -22.15
CA VAL B 575 18.61 1.31 -22.75
C VAL B 575 18.09 2.60 -22.12
N THR B 576 16.78 2.69 -21.90
CA THR B 576 16.19 3.92 -21.38
C THR B 576 16.57 4.15 -19.92
N LYS B 577 16.62 3.09 -19.11
CA LYS B 577 17.06 3.25 -17.73
C LYS B 577 18.51 3.75 -17.67
N ALA B 578 19.38 3.11 -18.46
CA ALA B 578 20.78 3.54 -18.49
C ALA B 578 20.88 5.00 -18.93
N ALA B 579 20.15 5.36 -19.99
CA ALA B 579 20.19 6.72 -20.51
C ALA B 579 19.62 7.73 -19.52
N MET B 580 18.62 7.33 -18.73
CA MET B 580 18.06 8.24 -17.73
C MET B 580 19.08 8.51 -16.63
N LYS B 581 19.71 7.44 -16.11
CA LYS B 581 20.78 7.65 -15.14
C LYS B 581 21.87 8.55 -15.71
N MET B 582 22.25 8.33 -16.97
CA MET B 582 23.31 9.12 -17.58
C MET B 582 22.90 10.58 -17.73
N VAL B 583 21.67 10.82 -18.16
CA VAL B 583 21.20 12.20 -18.33
C VAL B 583 21.16 12.91 -16.99
N ASP B 584 20.68 12.24 -15.95
CA ASP B 584 20.68 12.84 -14.62
C ASP B 584 22.10 13.20 -14.19
N GLU B 585 23.05 12.28 -14.40
CA GLU B 585 24.42 12.55 -14.01
C GLU B 585 25.00 13.73 -14.78
N ILE B 586 24.72 13.81 -16.08
CA ILE B 586 25.26 14.90 -16.88
C ILE B 586 24.66 16.24 -16.47
N ARG B 587 23.34 16.27 -16.25
CA ARG B 587 22.70 17.49 -15.78
C ARG B 587 23.27 17.94 -14.43
N ARG B 588 23.47 16.98 -13.51
CA ARG B 588 24.04 17.33 -12.21
C ARG B 588 25.46 17.89 -12.37
N GLN B 589 26.26 17.26 -13.21
CA GLN B 589 27.62 17.74 -13.44
C GLN B 589 27.61 19.16 -13.99
N ALA B 590 26.74 19.42 -14.97
CA ALA B 590 26.68 20.76 -15.56
C ALA B 590 26.21 21.80 -14.55
N ARG B 591 25.26 21.43 -13.69
CA ARG B 591 24.69 22.40 -12.76
C ARG B 591 25.63 22.68 -11.58
N GLU B 592 26.28 21.66 -11.05
CA GLU B 592 27.07 21.80 -9.83
C GLU B 592 28.49 22.30 -10.08
N ILE B 593 29.11 21.87 -11.16
CA ILE B 593 30.50 22.25 -11.42
C ILE B 593 30.53 23.63 -12.08
N PRO B 594 31.29 24.58 -11.53
CA PRO B 594 31.37 25.91 -12.15
C PRO B 594 32.45 25.99 -13.22
N GLY B 595 32.14 26.70 -14.29
CA GLY B 595 33.06 26.93 -15.38
C GLY B 595 33.04 25.88 -16.47
N LEU B 596 32.27 24.80 -16.32
CA LEU B 596 32.20 23.80 -17.37
C LEU B 596 31.44 24.33 -18.58
N LEU B 597 30.31 24.99 -18.33
CA LEU B 597 29.54 25.60 -19.40
C LEU B 597 30.25 26.80 -20.01
N GLU B 598 31.14 27.45 -19.26
CA GLU B 598 31.85 28.62 -19.75
C GLU B 598 32.98 28.25 -20.72
N GLY B 599 33.31 26.97 -20.86
CA GLY B 599 34.32 26.52 -21.77
C GLY B 599 35.74 26.46 -21.23
N LYS B 600 35.97 26.91 -19.99
CA LYS B 600 37.31 26.93 -19.42
C LYS B 600 37.63 25.70 -18.56
N ALA B 601 36.71 24.77 -18.43
CA ALA B 601 36.86 23.66 -17.49
C ALA B 601 36.84 22.32 -18.24
N LYS B 602 36.80 21.23 -17.45
CA LYS B 602 36.76 19.86 -17.95
C LYS B 602 35.99 19.02 -16.95
N PRO B 603 34.99 18.25 -17.39
CA PRO B 603 34.17 17.48 -16.44
C PRO B 603 34.73 16.09 -16.16
N ASP B 604 33.90 15.24 -15.56
CA ASP B 604 34.28 13.87 -15.19
C ASP B 604 33.59 12.90 -16.15
N TYR B 605 34.36 12.39 -17.12
CA TYR B 605 33.82 11.42 -18.06
C TYR B 605 33.79 10.01 -17.46
N ASN B 606 34.69 9.73 -16.52
CA ASN B 606 34.79 8.39 -15.96
C ASN B 606 33.49 7.97 -15.30
N ARG B 607 32.78 8.90 -14.66
CA ARG B 607 31.52 8.55 -14.01
C ARG B 607 30.48 8.12 -15.03
N CYS B 608 30.37 8.86 -16.13
CA CYS B 608 29.42 8.49 -17.18
C CYS B 608 29.78 7.13 -17.77
N ILE B 609 31.07 6.94 -18.08
CA ILE B 609 31.50 5.66 -18.65
C ILE B 609 31.19 4.52 -17.69
N GLU B 610 31.44 4.72 -16.39
CA GLU B 610 31.17 3.66 -15.42
C GLU B 610 29.69 3.35 -15.33
N ILE B 611 28.84 4.39 -15.31
CA ILE B 611 27.40 4.16 -15.26
C ILE B 611 26.97 3.32 -16.45
N THR B 612 27.36 3.73 -17.65
CA THR B 612 26.93 3.01 -18.85
C THR B 612 27.45 1.58 -18.85
N SER B 613 28.73 1.40 -18.52
CA SER B 613 29.31 0.06 -18.53
C SER B 613 28.65 -0.85 -17.51
N ASP B 614 28.41 -0.34 -16.30
CA ASP B 614 27.75 -1.14 -15.27
C ASP B 614 26.36 -1.56 -15.72
N ASN B 615 25.57 -0.61 -16.23
CA ASN B 615 24.22 -0.96 -16.65
C ASN B 615 24.24 -1.97 -17.79
N ALA B 616 25.16 -1.80 -18.75
CA ALA B 616 25.24 -2.74 -19.86
C ALA B 616 25.62 -4.13 -19.38
N LEU B 617 26.63 -4.22 -18.51
CA LEU B 617 27.05 -5.52 -18.01
C LEU B 617 25.95 -6.18 -17.18
N LYS B 618 25.10 -5.37 -16.53
CA LYS B 618 24.02 -5.93 -15.73
C LYS B 618 22.86 -6.40 -16.60
N GLN B 619 22.58 -5.68 -17.69
CA GLN B 619 21.40 -5.97 -18.51
C GLN B 619 21.69 -6.88 -19.70
N MET B 620 22.97 -7.18 -19.98
CA MET B 620 23.31 -7.94 -21.17
C MET B 620 22.91 -9.41 -21.10
N GLY B 621 22.74 -9.97 -19.90
CA GLY B 621 22.52 -11.40 -19.77
C GLY B 621 21.12 -11.90 -20.08
N TYR B 622 20.11 -11.14 -19.68
CA TYR B 622 18.73 -11.64 -19.75
C TYR B 622 18.24 -11.91 -21.17
N PRO B 623 18.52 -11.06 -22.17
CA PRO B 623 17.96 -11.32 -23.51
C PRO B 623 18.48 -12.60 -24.14
N ALA B 624 19.78 -12.88 -24.02
CA ALA B 624 20.31 -14.12 -24.59
C ALA B 624 19.70 -15.32 -23.90
N PHE B 625 19.53 -15.25 -22.57
CA PHE B 625 18.89 -16.34 -21.85
C PHE B 625 17.46 -16.55 -22.32
N ILE B 626 16.73 -15.46 -22.56
CA ILE B 626 15.39 -15.58 -23.14
C ILE B 626 15.45 -16.32 -24.47
N ALA B 627 16.29 -15.83 -25.38
CA ALA B 627 16.37 -16.42 -26.71
C ALA B 627 16.75 -17.89 -26.66
N ILE B 628 17.55 -18.29 -25.67
CA ILE B 628 17.99 -19.68 -25.57
C ILE B 628 16.90 -20.56 -24.97
N LEU B 629 16.28 -20.09 -23.87
CA LEU B 629 15.40 -20.94 -23.09
C LEU B 629 13.96 -20.96 -23.61
N THR B 630 13.53 -19.95 -24.35
CA THR B 630 12.17 -19.96 -24.89
C THR B 630 11.83 -21.27 -25.59
N PRO B 631 12.63 -21.76 -26.54
CA PRO B 631 12.28 -23.04 -27.18
C PRO B 631 12.17 -24.20 -26.20
N LEU B 632 13.14 -24.34 -25.29
CA LEU B 632 13.12 -25.46 -24.35
C LEU B 632 11.85 -25.43 -23.50
N VAL B 633 11.55 -24.29 -22.89
CA VAL B 633 10.38 -24.20 -22.01
C VAL B 633 9.10 -24.44 -22.80
N THR B 634 8.96 -23.77 -23.95
CA THR B 634 7.74 -23.92 -24.73
C THR B 634 7.54 -25.36 -25.19
N GLY B 635 8.62 -26.04 -25.56
CA GLY B 635 8.49 -27.42 -26.01
C GLY B 635 8.19 -28.38 -24.88
N PHE B 636 8.92 -28.25 -23.76
CA PHE B 636 8.67 -29.11 -22.61
C PHE B 636 7.29 -28.85 -22.02
N LEU B 637 6.68 -27.70 -22.31
CA LEU B 637 5.36 -27.41 -21.77
C LEU B 637 4.25 -27.87 -22.70
N LEU B 638 4.34 -27.58 -24.01
CA LEU B 638 3.24 -27.83 -24.92
C LEU B 638 3.56 -28.75 -26.09
N GLY B 639 4.82 -29.00 -26.39
CA GLY B 639 5.18 -29.96 -27.42
C GLY B 639 5.90 -29.32 -28.58
N ALA B 640 5.97 -30.06 -29.69
CA ALA B 640 6.72 -29.61 -30.86
C ALA B 640 5.89 -28.68 -31.74
N GLU B 641 4.58 -28.93 -31.84
CA GLU B 641 3.74 -28.05 -32.65
C GLU B 641 3.70 -26.64 -32.06
N PHE B 642 3.60 -26.55 -30.73
CA PHE B 642 3.64 -25.24 -30.09
C PHE B 642 4.96 -24.53 -30.34
N VAL B 643 6.06 -25.29 -30.35
CA VAL B 643 7.37 -24.69 -30.59
C VAL B 643 7.48 -24.19 -32.04
N GLY B 644 6.97 -24.97 -32.99
CA GLY B 644 6.94 -24.49 -34.37
C GLY B 644 6.12 -23.24 -34.53
N GLY B 645 4.94 -23.20 -33.90
CA GLY B 645 4.14 -21.99 -33.95
C GLY B 645 4.86 -20.79 -33.36
N VAL B 646 5.55 -21.01 -32.22
CA VAL B 646 6.33 -19.93 -31.62
C VAL B 646 7.40 -19.46 -32.59
N LEU B 647 8.03 -20.40 -33.31
CA LEU B 647 9.05 -20.02 -34.27
C LEU B 647 8.48 -19.13 -35.38
N ILE B 648 7.31 -19.51 -35.92
CA ILE B 648 6.72 -18.70 -36.98
C ILE B 648 6.36 -17.31 -36.46
N GLY B 649 5.70 -17.25 -35.30
CA GLY B 649 5.34 -15.96 -34.73
C GLY B 649 6.55 -15.09 -34.47
N THR B 650 7.62 -15.67 -33.93
CA THR B 650 8.85 -14.93 -33.70
C THR B 650 9.43 -14.42 -35.01
N VAL B 651 9.46 -15.26 -36.03
CA VAL B 651 10.01 -14.84 -37.33
C VAL B 651 9.25 -13.63 -37.84
N LEU B 652 7.92 -13.72 -37.91
CA LEU B 652 7.14 -12.61 -38.43
C LEU B 652 7.34 -11.34 -37.62
N SER B 653 7.14 -11.42 -36.29
CA SER B 653 7.23 -10.23 -35.47
C SER B 653 8.63 -9.62 -35.51
N GLY B 654 9.67 -10.47 -35.52
CA GLY B 654 11.02 -9.95 -35.57
C GLY B 654 11.33 -9.26 -36.88
N ALA B 655 10.95 -9.87 -38.00
CA ALA B 655 11.14 -9.22 -39.29
C ALA B 655 10.48 -7.83 -39.28
N MET B 656 9.20 -7.78 -38.90
CA MET B 656 8.49 -6.50 -38.92
C MET B 656 9.16 -5.48 -38.02
N LEU B 657 9.47 -5.87 -36.78
CA LEU B 657 10.00 -4.91 -35.82
C LEU B 657 11.39 -4.44 -36.23
N ALA B 658 12.24 -5.33 -36.72
CA ALA B 658 13.57 -4.92 -37.15
C ALA B 658 13.49 -3.93 -38.30
N ILE B 659 12.72 -4.27 -39.34
CA ILE B 659 12.59 -3.35 -40.48
C ILE B 659 12.08 -2.00 -40.00
N LEU B 660 10.99 -2.00 -39.22
CA LEU B 660 10.39 -0.75 -38.79
C LEU B 660 11.38 0.09 -37.98
N THR B 661 12.01 -0.51 -36.96
CA THR B 661 12.91 0.24 -36.11
C THR B 661 14.08 0.81 -36.90
N ALA B 662 14.75 -0.03 -37.68
CA ALA B 662 15.89 0.45 -38.47
C ALA B 662 15.49 1.60 -39.37
N ASN B 663 14.41 1.42 -40.15
CA ASN B 663 14.03 2.44 -41.12
C ASN B 663 13.63 3.74 -40.44
N SER B 664 12.84 3.65 -39.36
CA SER B 664 12.37 4.87 -38.70
C SER B 664 13.52 5.61 -38.03
N GLY B 665 14.42 4.89 -37.36
CA GLY B 665 15.57 5.55 -36.76
C GLY B 665 16.44 6.22 -37.80
N GLY B 666 16.71 5.52 -38.91
CA GLY B 666 17.47 6.14 -39.97
C GLY B 666 16.81 7.38 -40.52
N ALA B 667 15.48 7.35 -40.67
CA ALA B 667 14.74 8.51 -41.15
C ALA B 667 14.91 9.69 -40.21
N TRP B 668 14.72 9.45 -38.90
CA TRP B 668 14.89 10.52 -37.94
C TRP B 668 16.29 11.12 -38.00
N ASP B 669 17.32 10.26 -38.01
CA ASP B 669 18.68 10.77 -38.02
C ASP B 669 18.98 11.56 -39.29
N ASN B 670 18.53 11.06 -40.44
CA ASN B 670 18.81 11.75 -41.69
C ASN B 670 18.03 13.05 -41.79
N ALA B 671 16.84 13.12 -41.19
CA ALA B 671 16.13 14.39 -41.16
C ALA B 671 16.82 15.40 -40.25
N LYS B 672 17.36 14.93 -39.12
CA LYS B 672 18.14 15.83 -38.27
C LYS B 672 19.37 16.36 -39.01
N LYS B 673 20.06 15.48 -39.76
CA LYS B 673 21.19 15.95 -40.57
C LYS B 673 20.72 16.90 -41.66
N TYR B 674 19.55 16.63 -42.25
CA TYR B 674 18.99 17.52 -43.26
C TYR B 674 18.83 18.93 -42.71
N LEU B 675 18.27 19.04 -41.51
CA LEU B 675 18.13 20.35 -40.90
C LEU B 675 19.49 20.94 -40.54
N GLU B 676 20.42 20.10 -40.05
CA GLU B 676 21.73 20.59 -39.67
C GLU B 676 22.51 21.10 -40.88
N ALA B 677 22.38 20.42 -42.02
CA ALA B 677 23.06 20.85 -43.24
C ALA B 677 22.56 22.19 -43.74
N GLY B 678 21.45 22.69 -43.23
CA GLY B 678 20.91 23.96 -43.67
C GLY B 678 19.98 23.87 -44.85
N ASN B 679 19.45 22.68 -45.16
CA ASN B 679 18.57 22.52 -46.30
C ASN B 679 17.15 23.02 -46.04
N LEU B 680 16.81 23.31 -44.79
CA LEU B 680 15.54 23.96 -44.49
C LEU B 680 15.73 25.47 -44.57
N GLU B 681 14.68 26.16 -45.01
CA GLU B 681 14.78 27.59 -45.30
C GLU B 681 14.52 28.39 -44.02
N GLY B 682 15.57 29.02 -43.48
CA GLY B 682 15.47 29.93 -42.37
C GLY B 682 15.72 29.31 -41.01
N TYR B 683 15.49 28.00 -40.86
CA TYR B 683 15.67 27.33 -39.58
C TYR B 683 17.03 26.65 -39.56
N GLY B 684 17.82 26.94 -38.52
CA GLY B 684 19.17 26.42 -38.44
C GLY B 684 19.44 25.65 -37.15
N LYS B 685 20.72 25.37 -36.90
CA LYS B 685 21.09 24.62 -35.71
C LYS B 685 20.66 25.36 -34.46
N GLY B 686 20.23 24.61 -33.45
CA GLY B 686 19.75 25.18 -32.21
C GLY B 686 18.30 25.63 -32.25
N SER B 687 17.60 25.46 -33.37
CA SER B 687 16.22 25.89 -33.49
C SER B 687 15.30 24.91 -32.78
N GLU B 688 14.13 25.40 -32.38
CA GLU B 688 13.14 24.52 -31.77
C GLU B 688 12.76 23.36 -32.69
N PRO B 689 12.53 23.57 -33.99
CA PRO B 689 12.35 22.41 -34.88
C PRO B 689 13.55 21.48 -34.88
N HIS B 690 14.76 22.04 -34.77
CA HIS B 690 15.95 21.20 -34.65
C HIS B 690 15.94 20.42 -33.35
N LYS B 691 15.43 21.03 -32.27
CA LYS B 691 15.30 20.30 -31.02
C LYS B 691 14.34 19.12 -31.16
N ALA B 692 13.20 19.34 -31.85
CA ALA B 692 12.27 18.25 -32.08
C ALA B 692 12.91 17.16 -32.93
N LEU B 693 13.68 17.55 -33.95
CA LEU B 693 14.36 16.58 -34.79
C LEU B 693 15.39 15.78 -34.00
N VAL B 694 16.09 16.46 -33.08
CA VAL B 694 17.07 15.77 -32.24
C VAL B 694 16.36 14.79 -31.30
N ILE B 695 15.20 15.18 -30.78
CA ILE B 695 14.44 14.26 -29.92
C ILE B 695 14.02 13.04 -30.72
N GLY B 696 13.56 13.24 -31.96
CA GLY B 696 13.21 12.11 -32.80
C GLY B 696 14.39 11.19 -33.08
N ASP B 697 15.55 11.78 -33.40
CA ASP B 697 16.73 10.96 -33.65
C ASP B 697 17.14 10.18 -32.41
N THR B 698 17.07 10.80 -31.24
CA THR B 698 17.43 10.10 -30.01
C THR B 698 16.45 8.97 -29.72
N VAL B 699 15.16 9.20 -29.92
CA VAL B 699 14.18 8.13 -29.71
C VAL B 699 14.45 6.98 -30.67
N GLY B 700 14.88 7.31 -31.90
CA GLY B 700 15.22 6.26 -32.85
C GLY B 700 16.55 5.60 -32.61
N ASP B 701 17.41 6.23 -31.80
CA ASP B 701 18.74 5.68 -31.55
C ASP B 701 18.71 4.25 -31.03
N PRO B 702 17.99 3.92 -29.96
CA PRO B 702 17.94 2.51 -29.54
C PRO B 702 17.30 1.62 -30.59
N LEU B 703 16.28 2.15 -31.26
CA LEU B 703 15.59 1.38 -32.30
C LEU B 703 16.50 1.08 -33.48
N LYS B 704 17.46 1.98 -33.76
CA LYS B 704 18.29 1.84 -34.95
C LYS B 704 19.35 0.76 -34.79
N ASP B 705 20.06 0.75 -33.66
CA ASP B 705 21.21 -0.14 -33.50
C ASP B 705 21.11 -1.13 -32.35
N THR B 706 20.02 -1.12 -31.58
CA THR B 706 19.87 -2.06 -30.47
C THR B 706 18.73 -3.04 -30.67
N VAL B 707 17.51 -2.54 -30.91
CA VAL B 707 16.36 -3.44 -31.02
C VAL B 707 16.29 -4.06 -32.41
N GLY B 708 16.64 -3.30 -33.44
CA GLY B 708 16.53 -3.76 -34.80
C GLY B 708 17.37 -4.99 -35.10
N PRO B 709 18.69 -4.86 -34.93
CA PRO B 709 19.58 -5.96 -35.32
C PRO B 709 19.41 -7.21 -34.46
N SER B 710 19.08 -7.07 -33.17
CA SER B 710 19.01 -8.23 -32.29
C SER B 710 17.92 -9.20 -32.70
N LEU B 711 16.92 -8.75 -33.47
CA LEU B 711 15.77 -9.60 -33.75
C LEU B 711 16.12 -10.78 -34.65
N ASP B 712 16.95 -10.55 -35.68
CA ASP B 712 17.36 -11.66 -36.53
C ASP B 712 18.19 -12.68 -35.77
N ILE B 713 19.09 -12.21 -34.90
CA ILE B 713 19.86 -13.12 -34.06
C ILE B 713 18.92 -13.92 -33.17
N LEU B 714 17.92 -13.27 -32.60
CA LEU B 714 16.97 -13.98 -31.75
C LEU B 714 16.25 -15.06 -32.54
N ILE B 715 15.78 -14.72 -33.74
CA ILE B 715 15.08 -15.70 -34.58
C ILE B 715 15.97 -16.91 -34.83
N LYS B 716 17.20 -16.67 -35.28
CA LYS B 716 18.08 -17.78 -35.66
C LYS B 716 18.49 -18.60 -34.44
N ILE B 717 18.79 -17.95 -33.32
CA ILE B 717 19.18 -18.69 -32.11
C ILE B 717 18.03 -19.56 -31.63
N MET B 718 16.80 -19.03 -31.64
CA MET B 718 15.66 -19.79 -31.19
C MET B 718 15.41 -20.99 -32.12
N SER B 719 15.47 -20.75 -33.43
CA SER B 719 15.27 -21.85 -34.38
C SER B 719 16.34 -22.92 -34.23
N VAL B 720 17.60 -22.51 -34.01
CA VAL B 720 18.68 -23.48 -33.88
C VAL B 720 18.51 -24.31 -32.62
N VAL B 721 18.19 -23.66 -31.49
CA VAL B 721 17.98 -24.39 -30.25
C VAL B 721 16.85 -25.39 -30.41
N SER B 722 15.74 -24.97 -31.02
CA SER B 722 14.62 -25.86 -31.21
C SER B 722 15.00 -27.03 -32.11
N VAL B 723 15.68 -26.75 -33.23
CA VAL B 723 16.08 -27.81 -34.15
C VAL B 723 16.99 -28.80 -33.46
N ILE B 724 17.76 -28.32 -32.49
CA ILE B 724 18.74 -29.22 -31.81
C ILE B 724 17.98 -30.09 -30.82
N ALA B 725 17.08 -29.50 -30.03
CA ALA B 725 16.41 -30.26 -28.96
C ALA B 725 15.02 -30.77 -29.35
N VAL B 726 14.63 -30.61 -30.62
CA VAL B 726 13.23 -31.00 -30.98
C VAL B 726 13.06 -32.49 -30.69
N SER B 727 14.11 -33.28 -30.92
CA SER B 727 13.94 -34.74 -30.76
C SER B 727 13.49 -35.06 -29.33
N ILE B 728 14.14 -34.50 -28.32
CA ILE B 728 13.79 -34.88 -26.92
C ILE B 728 12.40 -34.38 -26.57
N PHE B 729 12.07 -33.13 -26.90
CA PHE B 729 10.76 -32.57 -26.44
C PHE B 729 9.60 -33.00 -27.34
N LYS B 730 9.91 -33.64 -28.46
CA LYS B 730 8.81 -34.00 -29.39
C LYS B 730 7.87 -34.93 -28.65
N HIS B 731 8.44 -35.87 -27.88
CA HIS B 731 7.60 -36.82 -27.09
C HIS B 731 7.73 -36.55 -25.59
N VAL B 732 8.81 -35.90 -25.14
CA VAL B 732 8.91 -35.54 -23.70
C VAL B 732 8.29 -34.16 -23.49
N HIS B 733 6.96 -34.11 -23.37
CA HIS B 733 6.26 -32.82 -23.09
C HIS B 733 5.38 -33.01 -21.86
N LEU B 734 5.49 -32.10 -20.90
CA LEU B 734 4.69 -32.22 -19.65
C LEU B 734 3.21 -32.16 -20.01
N PHE B 735 2.84 -31.35 -21.02
CA PHE B 735 1.42 -31.21 -21.34
C PHE B 735 1.19 -31.46 -22.82
N TYR C 11 -52.84 -11.35 42.69
CA TYR C 11 -51.40 -11.55 42.60
C TYR C 11 -50.65 -10.43 43.30
N VAL C 12 -49.58 -10.80 44.01
CA VAL C 12 -48.80 -9.83 44.78
C VAL C 12 -48.00 -8.90 43.88
N ALA C 13 -47.84 -9.26 42.60
CA ALA C 13 -47.10 -8.39 41.67
C ALA C 13 -47.66 -6.97 41.68
N ALA C 14 -48.98 -6.83 41.84
CA ALA C 14 -49.57 -5.50 41.92
C ALA C 14 -49.02 -4.73 43.12
N LEU C 15 -48.90 -5.40 44.27
CA LEU C 15 -48.35 -4.73 45.45
C LEU C 15 -46.90 -4.33 45.23
N PHE C 16 -46.10 -5.24 44.66
CA PHE C 16 -44.69 -4.94 44.42
C PHE C 16 -44.54 -3.82 43.41
N PHE C 17 -45.43 -3.75 42.42
CA PHE C 17 -45.36 -2.68 41.42
C PHE C 17 -45.83 -1.36 41.98
N LEU C 18 -46.72 -1.38 42.98
CA LEU C 18 -47.15 -0.14 43.61
C LEU C 18 -46.05 0.46 44.48
N ILE C 19 -45.07 -0.35 44.89
CA ILE C 19 -43.96 0.16 45.71
C ILE C 19 -43.39 1.46 45.16
N PRO C 20 -42.98 1.55 43.89
CA PRO C 20 -42.39 2.81 43.40
C PRO C 20 -43.32 4.00 43.52
N LEU C 21 -44.62 3.80 43.30
CA LEU C 21 -45.57 4.90 43.50
C LEU C 21 -45.61 5.34 44.96
N VAL C 22 -45.44 4.41 45.89
CA VAL C 22 -45.38 4.76 47.30
C VAL C 22 -44.15 5.62 47.59
N ALA C 23 -43.02 5.28 46.98
CA ALA C 23 -41.81 6.07 47.18
C ALA C 23 -42.01 7.51 46.69
N LEU C 24 -42.60 7.67 45.50
CA LEU C 24 -42.84 9.01 44.98
C LEU C 24 -43.79 9.79 45.89
N GLY C 25 -44.85 9.14 46.37
CA GLY C 25 -45.78 9.82 47.26
C GLY C 25 -45.13 10.19 48.58
N PHE C 26 -44.30 9.29 49.12
CA PHE C 26 -43.62 9.60 50.37
C PHE C 26 -42.60 10.73 50.19
N ALA C 27 -41.91 10.75 49.06
CA ALA C 27 -41.00 11.86 48.77
C ALA C 27 -41.77 13.16 48.57
N ALA C 28 -42.91 13.09 47.88
CA ALA C 28 -43.72 14.29 47.65
C ALA C 28 -44.26 14.84 48.98
N ALA C 29 -44.69 13.96 49.86
CA ALA C 29 -45.21 14.41 51.16
C ALA C 29 -44.10 15.13 51.92
N ASN C 30 -42.89 14.56 51.90
CA ASN C 30 -41.75 15.17 52.63
C ASN C 30 -41.50 16.56 52.04
N PHE C 31 -41.64 16.70 50.72
CA PHE C 31 -41.33 17.99 50.06
C PHE C 31 -42.25 19.09 50.61
N ALA C 32 -43.53 18.77 50.76
CA ALA C 32 -44.48 19.78 51.26
C ALA C 32 -44.08 20.14 52.70
N ALA C 33 -43.68 19.14 53.47
CA ALA C 33 -43.33 19.38 54.90
C ALA C 33 -42.17 20.36 54.97
N VAL C 34 -41.20 20.25 54.07
CA VAL C 34 -40.05 21.21 54.05
C VAL C 34 -40.40 22.37 53.11
N ARG C 36 -45.08 23.25 56.26
CA ARG C 36 -44.93 24.73 56.22
C ARG C 36 -43.66 25.12 56.97
N LYS C 37 -42.53 24.57 56.57
CA LYS C 37 -41.27 24.85 57.29
C LYS C 37 -40.99 26.34 57.21
N PRO C 38 -40.63 27.00 58.33
CA PRO C 38 -40.40 28.44 58.33
C PRO C 38 -39.13 28.84 57.57
N GLU C 39 -39.22 29.92 56.80
CA GLU C 39 -38.03 30.43 56.07
C GLU C 39 -37.22 31.31 57.02
N GLY C 40 -36.01 31.70 56.60
CA GLY C 40 -35.13 32.53 57.43
C GLY C 40 -35.44 34.02 57.29
N THR C 41 -34.53 34.87 57.72
CA THR C 41 -34.75 36.35 57.68
C THR C 41 -34.92 36.85 56.25
N GLU C 42 -35.22 38.14 56.08
CA GLU C 42 -35.45 38.72 54.77
C GLU C 42 -34.25 38.49 53.86
N ARG C 43 -33.05 38.79 54.34
CA ARG C 43 -31.85 38.56 53.55
C ARG C 43 -31.72 37.09 53.17
N MET C 44 -32.04 36.19 54.10
CA MET C 44 -31.95 34.76 53.81
C MET C 44 -32.88 34.38 52.67
N LYS C 45 -34.14 34.81 52.75
CA LYS C 45 -35.10 34.47 51.69
C LYS C 45 -34.67 35.07 50.36
N GLU C 46 -34.13 36.29 50.38
CA GLU C 46 -33.68 36.92 49.14
C GLU C 46 -32.54 36.14 48.50
N ILE C 47 -31.52 35.80 49.30
CA ILE C 47 -30.38 35.07 48.76
C ILE C 47 -30.80 33.69 48.27
N SER C 48 -31.70 33.04 49.01
CA SER C 48 -32.20 31.73 48.58
C SER C 48 -32.93 31.85 47.25
N SER C 49 -33.76 32.90 47.10
CA SER C 49 -34.45 33.10 45.83
C SER C 49 -33.46 33.32 44.69
N TYR C 50 -32.41 34.10 44.93
CA TYR C 50 -31.42 34.35 43.88
C TYR C 50 -30.74 33.04 43.47
N ILE C 51 -30.27 32.27 44.45
CA ILE C 51 -29.59 31.02 44.13
C ILE C 51 -30.53 30.05 43.40
N ARG C 52 -31.78 29.97 43.86
CA ARG C 52 -32.74 29.08 43.23
C ARG C 52 -33.03 29.51 41.80
N SER C 53 -33.14 30.82 41.56
CA SER C 53 -33.36 31.31 40.21
C SER C 53 -32.21 30.93 39.30
N GLY C 54 -30.97 31.14 39.77
CA GLY C 54 -29.82 30.75 38.96
C GLY C 54 -29.82 29.26 38.65
N ALA C 55 -30.02 28.44 39.68
CA ALA C 55 -30.03 26.99 39.47
C ALA C 55 -31.13 26.57 38.52
N ASP C 56 -32.32 27.16 38.65
CA ASP C 56 -33.44 26.82 37.79
C ASP C 56 -33.15 27.21 36.35
N SER C 57 -32.56 28.39 36.13
CA SER C 57 -32.23 28.80 34.77
C SER C 57 -31.24 27.84 34.14
N PHE C 58 -30.15 27.53 34.84
CA PHE C 58 -29.15 26.63 34.27
C PHE C 58 -29.77 25.25 34.00
N LEU C 59 -30.54 24.73 34.95
CA LEU C 59 -31.11 23.40 34.77
C LEU C 59 -32.12 23.39 33.63
N ALA C 60 -32.86 24.48 33.45
CA ALA C 60 -33.81 24.56 32.34
C ALA C 60 -33.09 24.54 31.00
N HIS C 61 -32.04 25.35 30.86
CA HIS C 61 -31.27 25.34 29.61
C HIS C 61 -30.67 23.95 29.35
N GLU C 62 -30.03 23.38 30.38
CA GLU C 62 -29.42 22.07 30.25
C GLU C 62 -30.45 21.03 29.84
N THR C 63 -31.63 21.05 30.47
CA THR C 63 -32.65 20.07 30.16
C THR C 63 -33.19 20.26 28.74
N LYS C 64 -33.36 21.51 28.30
CA LYS C 64 -33.78 21.74 26.93
C LYS C 64 -32.80 21.13 25.93
N ALA C 65 -31.52 21.44 26.09
CA ALA C 65 -30.51 20.89 25.19
C ALA C 65 -30.46 19.37 25.25
N ILE C 66 -30.43 18.83 26.47
CA ILE C 66 -30.31 17.38 26.65
C ILE C 66 -31.51 16.67 26.02
N PHE C 67 -32.70 17.24 26.16
CA PHE C 67 -33.88 16.58 25.62
C PHE C 67 -33.98 16.74 24.11
N LYS C 68 -33.47 17.84 23.55
CA LYS C 68 -33.35 17.88 22.09
C LYS C 68 -32.46 16.73 21.60
N VAL C 69 -31.30 16.58 22.23
CA VAL C 69 -30.40 15.50 21.84
C VAL C 69 -31.06 14.14 22.07
N ALA C 70 -31.87 14.03 23.13
CA ALA C 70 -32.54 12.77 23.43
C ALA C 70 -33.60 12.44 22.39
N ILE C 71 -34.35 13.44 21.93
CA ILE C 71 -35.31 13.23 20.86
C ILE C 71 -34.61 12.76 19.60
N VAL C 72 -33.47 13.38 19.27
CA VAL C 72 -32.71 12.96 18.10
C VAL C 72 -32.28 11.50 18.24
N ILE C 73 -31.68 11.16 19.38
CA ILE C 73 -31.21 9.79 19.60
C ILE C 73 -32.36 8.81 19.53
N ALA C 74 -33.53 9.21 20.05
CA ALA C 74 -34.69 8.31 20.05
C ALA C 74 -35.20 8.09 18.64
N ILE C 75 -35.25 9.14 17.82
CA ILE C 75 -35.65 8.98 16.43
C ILE C 75 -34.72 8.02 15.71
N LEU C 76 -33.40 8.21 15.90
CA LEU C 76 -32.44 7.34 15.26
C LEU C 76 -32.61 5.89 15.71
N LEU C 77 -32.81 5.68 17.02
CA LEU C 77 -33.01 4.34 17.54
C LEU C 77 -34.25 3.70 16.95
N MET C 78 -35.34 4.47 16.87
CA MET C 78 -36.58 3.95 16.30
C MET C 78 -36.37 3.54 14.85
N ILE C 79 -35.58 4.32 14.09
CA ILE C 79 -35.35 4.00 12.69
C ILE C 79 -34.52 2.73 12.56
N PHE C 80 -33.30 2.74 13.11
CA PHE C 80 -32.39 1.62 12.88
C PHE C 80 -32.80 0.39 13.66
N THR C 81 -33.26 0.57 14.90
CA THR C 81 -33.68 -0.54 15.76
C THR C 81 -35.18 -0.41 16.07
N THR C 82 -35.68 -1.35 16.86
CA THR C 82 -37.09 -1.37 17.22
C THR C 82 -37.55 -0.02 17.74
N TRP C 83 -38.73 0.40 17.28
CA TRP C 83 -39.31 1.66 17.77
C TRP C 83 -39.49 1.64 19.28
N GLN C 84 -39.87 0.49 19.83
CA GLN C 84 -39.97 0.37 21.28
C GLN C 84 -38.64 0.71 21.94
N THR C 85 -37.52 0.45 21.27
CA THR C 85 -36.22 0.83 21.80
C THR C 85 -36.13 2.33 22.01
N GLY C 86 -36.52 3.11 20.99
CA GLY C 86 -36.50 4.56 21.14
C GLY C 86 -37.51 5.05 22.16
N VAL C 87 -38.66 4.39 22.24
CA VAL C 87 -39.68 4.79 23.21
C VAL C 87 -39.15 4.59 24.63
N ALA C 88 -38.54 3.43 24.90
CA ALA C 88 -37.95 3.18 26.21
C ALA C 88 -36.76 4.10 26.47
N PHE C 89 -35.99 4.43 25.43
CA PHE C 89 -34.92 5.41 25.57
C PHE C 89 -35.47 6.73 26.08
N LEU C 90 -36.51 7.24 25.43
CA LEU C 90 -37.13 8.48 25.86
C LEU C 90 -37.68 8.37 27.27
N LEU C 91 -38.31 7.24 27.60
CA LEU C 91 -38.85 7.05 28.94
C LEU C 91 -37.76 7.16 29.99
N GLY C 92 -36.67 6.41 29.82
CA GLY C 92 -35.58 6.46 30.79
C GLY C 92 -34.93 7.82 30.86
N ALA C 93 -34.77 8.47 29.70
CA ALA C 93 -34.20 9.81 29.70
C ALA C 93 -35.05 10.78 30.50
N VAL C 94 -36.37 10.74 30.28
CA VAL C 94 -37.26 11.62 31.03
C VAL C 94 -37.22 11.29 32.51
N MET C 95 -37.12 10.01 32.85
CA MET C 95 -37.00 9.61 34.25
C MET C 95 -35.77 10.24 34.90
N SER C 96 -34.62 10.10 34.25
CA SER C 96 -33.38 10.64 34.81
C SER C 96 -33.46 12.16 34.94
N ALA C 97 -33.95 12.84 33.91
CA ALA C 97 -34.05 14.29 33.96
C ALA C 97 -35.01 14.74 35.07
N SER C 98 -36.14 14.04 35.21
CA SER C 98 -37.10 14.38 36.26
C SER C 98 -36.50 14.19 37.65
N ALA C 99 -35.79 13.08 37.85
CA ALA C 99 -35.14 12.86 39.14
C ALA C 99 -34.17 13.99 39.45
N GLY C 100 -33.33 14.34 38.47
CA GLY C 100 -32.37 15.41 38.70
C GLY C 100 -33.04 16.73 39.02
N ILE C 101 -34.08 17.09 38.26
CA ILE C 101 -34.76 18.36 38.47
C ILE C 101 -35.44 18.38 39.83
N VAL C 102 -36.09 17.27 40.21
CA VAL C 102 -36.74 17.19 41.51
C VAL C 102 -35.72 17.40 42.63
N GLY C 103 -34.57 16.73 42.52
CA GLY C 103 -33.55 16.90 43.54
C GLY C 103 -33.03 18.33 43.62
N MET C 104 -32.81 18.94 42.45
CA MET C 104 -32.33 20.32 42.45
C MET C 104 -33.33 21.26 43.11
N LYS C 105 -34.60 21.12 42.76
CA LYS C 105 -35.63 21.98 43.36
C LYS C 105 -35.71 21.76 44.87
N MET C 106 -35.69 20.49 45.30
CA MET C 106 -35.78 20.20 46.72
C MET C 106 -34.60 20.80 47.49
N ALA C 107 -33.38 20.67 46.94
CA ALA C 107 -32.22 21.22 47.62
C ALA C 107 -32.29 22.75 47.67
N THR C 108 -32.64 23.38 46.55
CA THR C 108 -32.75 24.84 46.55
C THR C 108 -33.78 25.33 47.54
N ARG C 109 -34.85 24.55 47.77
CA ARG C 109 -35.87 24.97 48.72
C ARG C 109 -35.47 24.68 50.16
N ALA C 110 -34.74 23.58 50.41
CA ALA C 110 -34.46 23.16 51.78
C ALA C 110 -33.17 23.73 52.34
N ASN C 111 -32.30 24.30 51.50
CA ASN C 111 -31.10 24.94 52.03
C ASN C 111 -31.47 26.04 53.04
N VAL C 112 -32.42 26.90 52.66
CA VAL C 112 -32.81 27.99 53.55
C VAL C 112 -33.52 27.45 54.79
N ARG C 113 -34.26 26.35 54.66
CA ARG C 113 -34.91 25.75 55.83
C ARG C 113 -33.87 25.27 56.83
N VAL C 114 -32.85 24.56 56.35
CA VAL C 114 -31.80 24.09 57.27
C VAL C 114 -31.04 25.27 57.85
N ALA C 115 -30.83 26.32 57.06
CA ALA C 115 -30.16 27.51 57.58
C ALA C 115 -30.98 28.15 58.69
N GLU C 116 -32.31 28.23 58.51
CA GLU C 116 -33.18 28.78 59.54
C GLU C 116 -33.13 27.94 60.80
N ALA C 117 -33.11 26.61 60.64
CA ALA C 117 -32.98 25.74 61.79
C ALA C 117 -31.66 26.02 62.52
N ALA C 118 -30.58 26.16 61.78
CA ALA C 118 -29.28 26.47 62.36
C ALA C 118 -29.29 27.85 63.00
N THR C 120 -31.72 29.29 64.27
CA THR C 120 -32.70 29.68 65.28
C THR C 120 -32.69 28.72 66.46
N THR C 121 -32.83 27.42 66.18
CA THR C 121 -32.88 26.43 67.26
C THR C 121 -31.53 26.31 67.95
N LYS C 122 -30.44 26.58 67.23
CA LYS C 122 -29.08 26.45 67.76
C LYS C 122 -28.74 25.01 68.14
N LYS C 123 -29.49 24.04 67.63
CA LYS C 123 -29.22 22.64 67.92
C LYS C 123 -29.08 21.86 66.61
N ILE C 124 -28.18 20.88 66.61
CA ILE C 124 -27.89 20.14 65.39
C ILE C 124 -29.03 19.19 65.03
N GLY C 125 -29.87 18.82 65.99
CA GLY C 125 -30.91 17.85 65.77
C GLY C 125 -31.90 18.26 64.71
N PRO C 126 -32.53 19.42 64.89
CA PRO C 126 -33.54 19.87 63.91
C PRO C 126 -32.96 20.12 62.52
N ALA C 127 -31.80 20.76 62.44
CA ALA C 127 -31.18 20.99 61.13
C ALA C 127 -30.85 19.67 60.44
N LEU C 128 -30.30 18.72 61.20
CA LEU C 128 -30.03 17.40 60.63
C LEU C 128 -31.32 16.73 60.15
N LYS C 129 -32.40 16.88 60.92
CA LYS C 129 -33.68 16.29 60.53
C LYS C 129 -34.17 16.89 59.21
N VAL C 130 -34.10 18.21 59.09
CA VAL C 130 -34.55 18.86 57.86
C VAL C 130 -33.69 18.43 56.67
N ALA C 131 -32.37 18.39 56.86
CA ALA C 131 -31.48 17.99 55.79
C ALA C 131 -31.74 16.54 55.38
N TYR C 132 -32.03 15.67 56.34
CA TYR C 132 -32.36 14.29 56.01
C TYR C 132 -33.71 14.20 55.31
N GLN C 133 -34.66 15.07 55.65
CA GLN C 133 -35.92 15.07 54.89
C GLN C 133 -35.67 15.41 53.43
N GLY C 134 -34.83 16.43 53.19
CA GLY C 134 -34.48 16.74 51.81
C GLY C 134 -33.77 15.60 51.10
N GLY C 135 -32.76 15.02 51.76
CA GLY C 135 -32.05 13.90 51.17
C GLY C 135 -32.96 12.71 50.91
N SER C 136 -33.95 12.50 51.78
CA SER C 136 -34.88 11.41 51.59
C SER C 136 -35.78 11.70 50.39
N VAL C 137 -36.21 12.94 50.23
CA VAL C 137 -36.97 13.31 49.03
C VAL C 137 -36.15 12.97 47.79
N MET C 138 -34.87 13.34 47.80
CA MET C 138 -34.02 13.08 46.62
C MET C 138 -33.87 11.58 46.36
N GLY C 139 -33.54 10.82 47.41
CA GLY C 139 -33.33 9.39 47.22
C GLY C 139 -34.59 8.66 46.80
N LEU C 140 -35.73 9.00 47.41
CA LEU C 140 -36.99 8.41 47.02
C LEU C 140 -37.34 8.77 45.58
N SER C 141 -37.06 10.01 45.18
CA SER C 141 -37.28 10.39 43.79
C SER C 141 -36.45 9.51 42.86
N VAL C 142 -35.16 9.36 43.15
CA VAL C 142 -34.29 8.54 42.32
C VAL C 142 -34.84 7.12 42.22
N GLY C 143 -35.03 6.47 43.37
CA GLY C 143 -35.46 5.08 43.35
C GLY C 143 -36.81 4.88 42.69
N GLY C 144 -37.79 5.72 43.06
CA GLY C 144 -39.11 5.59 42.51
C GLY C 144 -39.14 5.82 41.01
N PHE C 145 -38.42 6.83 40.52
CA PHE C 145 -38.38 7.08 39.09
C PHE C 145 -37.75 5.92 38.34
N ALA C 146 -36.58 5.47 38.82
CA ALA C 146 -35.92 4.34 38.16
C ALA C 146 -36.84 3.13 38.09
N LEU C 147 -37.36 2.71 39.26
CA LEU C 147 -38.16 1.49 39.30
C LEU C 147 -39.47 1.65 38.57
N LEU C 148 -40.08 2.84 38.61
CA LEU C 148 -41.31 3.07 37.86
C LEU C 148 -41.08 2.92 36.37
N GLY C 149 -40.07 3.61 35.84
CA GLY C 149 -39.76 3.46 34.43
C GLY C 149 -39.46 2.03 34.06
N LEU C 150 -38.70 1.32 34.89
CA LEU C 150 -38.31 -0.05 34.57
C LEU C 150 -39.53 -0.98 34.57
N VAL C 151 -40.37 -0.90 35.60
CA VAL C 151 -41.55 -1.75 35.66
C VAL C 151 -42.54 -1.38 34.58
N LEU C 152 -42.62 -0.10 34.22
CA LEU C 152 -43.48 0.31 33.11
C LEU C 152 -43.03 -0.33 31.81
N VAL C 153 -41.72 -0.24 31.52
CA VAL C 153 -41.19 -0.93 30.34
C VAL C 153 -41.56 -2.40 30.40
N TYR C 154 -41.21 -3.06 31.50
CA TYR C 154 -41.49 -4.49 31.64
C TYR C 154 -42.94 -4.81 31.31
N LEU C 155 -43.88 -4.19 32.04
CA LEU C 155 -45.30 -4.52 31.86
C LEU C 155 -45.78 -4.18 30.46
N ILE C 156 -45.56 -2.94 30.01
CA ILE C 156 -46.17 -2.48 28.77
C ILE C 156 -45.60 -3.23 27.57
N PHE C 157 -44.27 -3.31 27.46
CA PHE C 157 -43.65 -3.87 26.27
C PHE C 157 -43.47 -5.38 26.34
N GLY C 158 -43.26 -5.94 27.52
CA GLY C 158 -43.09 -7.38 27.63
C GLY C 158 -44.36 -8.11 27.98
N LYS C 159 -45.23 -7.48 28.77
CA LYS C 159 -46.47 -8.12 29.21
C LYS C 159 -47.63 -7.83 28.27
N TRP C 160 -47.92 -6.56 27.98
CA TRP C 160 -49.04 -6.26 27.09
C TRP C 160 -48.70 -6.62 25.65
N MET C 161 -47.50 -6.30 25.19
CA MET C 161 -47.08 -6.67 23.84
C MET C 161 -46.51 -8.08 23.77
N GLY C 162 -46.23 -8.71 24.92
CA GLY C 162 -45.77 -10.08 24.92
C GLY C 162 -44.36 -10.28 24.42
N GLN C 163 -43.51 -9.25 24.48
CA GLN C 163 -42.13 -9.42 24.04
C GLN C 163 -41.37 -10.39 24.94
N VAL C 164 -41.80 -10.56 26.19
CA VAL C 164 -41.20 -11.57 27.05
C VAL C 164 -41.65 -12.97 26.66
N ASP C 165 -42.78 -13.11 25.98
CA ASP C 165 -43.29 -14.44 25.63
C ASP C 165 -42.57 -15.04 24.44
N ASN C 166 -42.24 -14.24 23.44
CA ASN C 166 -41.57 -14.76 22.24
C ASN C 166 -40.15 -15.20 22.56
N LEU C 167 -39.28 -14.25 22.94
CA LEU C 167 -37.90 -14.56 23.32
C LEU C 167 -37.17 -15.33 22.22
N ASN C 168 -37.26 -14.81 21.00
CA ASN C 168 -36.60 -15.41 19.85
C ASN C 168 -35.78 -14.35 19.13
N ILE C 169 -34.68 -14.79 18.53
CA ILE C 169 -33.75 -13.89 17.84
C ILE C 169 -34.33 -13.48 16.50
N TYR C 170 -34.47 -12.17 16.29
CA TYR C 170 -35.00 -11.62 15.05
C TYR C 170 -33.86 -10.98 14.25
N THR C 171 -34.18 -10.61 13.01
CA THR C 171 -33.23 -9.95 12.12
C THR C 171 -33.96 -8.79 11.45
N ASN C 172 -33.69 -7.57 11.91
CA ASN C 172 -34.30 -6.39 11.32
C ASN C 172 -33.56 -6.00 10.04
N TRP C 173 -34.21 -5.16 9.25
CA TRP C 173 -33.60 -4.69 8.01
C TRP C 173 -32.26 -4.04 8.29
N LEU C 174 -31.39 -4.05 7.28
CA LEU C 174 -30.01 -3.57 7.34
C LEU C 174 -29.10 -4.62 7.97
N GLY C 175 -29.63 -5.76 8.39
CA GLY C 175 -28.82 -6.83 8.94
C GLY C 175 -28.61 -6.71 10.43
N ILE C 176 -29.65 -6.28 11.15
CA ILE C 176 -29.60 -6.14 12.60
C ILE C 176 -30.22 -7.39 13.22
N ASN C 177 -29.43 -8.10 14.03
CA ASN C 177 -29.91 -9.24 14.79
C ASN C 177 -30.15 -8.79 16.23
N PHE C 178 -31.38 -8.91 16.70
CA PHE C 178 -31.76 -8.34 17.99
C PHE C 178 -32.76 -9.24 18.69
N VAL C 179 -32.89 -9.02 20.00
CA VAL C 179 -33.92 -9.63 20.82
C VAL C 179 -34.86 -8.54 21.30
N PRO C 180 -36.18 -8.73 21.24
CA PRO C 180 -37.11 -7.62 21.52
C PRO C 180 -36.91 -6.98 22.89
N PHE C 181 -37.14 -7.74 23.95
CA PHE C 181 -37.03 -7.18 25.30
C PHE C 181 -35.62 -6.70 25.58
N ALA C 182 -34.61 -7.40 25.04
CA ALA C 182 -33.24 -6.93 25.17
C ALA C 182 -33.08 -5.54 24.59
N MET C 183 -33.57 -5.33 23.37
CA MET C 183 -33.45 -4.02 22.74
C MET C 183 -34.22 -2.95 23.52
N THR C 184 -35.41 -3.30 24.02
CA THR C 184 -36.21 -2.33 24.75
C THR C 184 -35.49 -1.87 26.02
N VAL C 185 -35.01 -2.83 26.82
CA VAL C 185 -34.30 -2.47 28.04
C VAL C 185 -33.00 -1.75 27.72
N SER C 186 -32.33 -2.12 26.62
CA SER C 186 -31.12 -1.42 26.21
C SER C 186 -31.43 0.04 25.89
N GLY C 187 -32.52 0.29 25.19
CA GLY C 187 -32.90 1.66 24.90
C GLY C 187 -33.23 2.46 26.16
N TYR C 188 -33.95 1.83 27.09
CA TYR C 188 -34.23 2.50 28.36
C TYR C 188 -32.93 2.89 29.06
N ALA C 189 -32.03 1.93 29.23
CA ALA C 189 -30.76 2.20 29.91
C ALA C 189 -29.95 3.25 29.16
N LEU C 190 -29.98 3.20 27.83
CA LEU C 190 -29.22 4.16 27.04
C LEU C 190 -29.73 5.57 27.23
N GLY C 191 -31.05 5.74 27.26
CA GLY C 191 -31.61 7.06 27.52
C GLY C 191 -31.22 7.56 28.90
N CYS C 192 -31.37 6.70 29.91
CA CYS C 192 -30.96 7.07 31.25
C CYS C 192 -29.50 7.52 31.27
N SER C 193 -28.63 6.76 30.58
CA SER C 193 -27.20 7.05 30.63
C SER C 193 -26.86 8.32 29.88
N ILE C 194 -27.50 8.57 28.73
CA ILE C 194 -27.21 9.79 27.98
C ILE C 194 -27.60 11.02 28.79
N ILE C 195 -28.81 11.02 29.34
CA ILE C 195 -29.21 12.19 30.11
C ILE C 195 -28.36 12.33 31.37
N ALA C 196 -28.04 11.22 32.04
CA ALA C 196 -27.21 11.31 33.23
C ALA C 196 -25.85 11.92 32.89
N MET C 197 -25.22 11.46 31.81
CA MET C 197 -23.95 12.01 31.40
C MET C 197 -24.06 13.51 31.12
N PHE C 198 -25.05 13.91 30.32
CA PHE C 198 -25.18 15.33 29.99
C PHE C 198 -25.35 16.16 31.25
N ASP C 199 -26.28 15.76 32.12
CA ASP C 199 -26.55 16.52 33.34
C ASP C 199 -25.29 16.61 34.20
N ARG C 200 -24.64 15.47 34.43
CA ARG C 200 -23.48 15.45 35.32
C ARG C 200 -22.32 16.25 34.75
N VAL C 201 -22.05 16.11 33.45
CA VAL C 201 -20.98 16.88 32.83
C VAL C 201 -21.23 18.38 32.98
N GLY C 202 -22.43 18.82 32.58
CA GLY C 202 -22.73 20.25 32.68
C GLY C 202 -22.62 20.77 34.10
N GLY C 203 -23.34 20.12 35.04
CA GLY C 203 -23.33 20.58 36.41
C GLY C 203 -21.94 20.55 37.03
N GLY C 204 -21.19 19.48 36.80
CA GLY C 204 -19.86 19.38 37.38
C GLY C 204 -18.92 20.42 36.81
N VAL C 205 -18.91 20.59 35.50
CA VAL C 205 -18.06 21.63 34.91
C VAL C 205 -18.38 22.98 35.53
N TYR C 206 -19.66 23.34 35.56
CA TYR C 206 -20.08 24.63 36.11
C TYR C 206 -19.59 24.79 37.55
N THR C 207 -20.00 23.87 38.42
CA THR C 207 -19.73 24.01 39.85
C THR C 207 -18.24 23.97 40.13
N LYS C 208 -17.51 23.04 39.52
CA LYS C 208 -16.09 22.90 39.84
C LYS C 208 -15.28 24.08 39.33
N ALA C 209 -15.59 24.59 38.13
CA ALA C 209 -14.87 25.78 37.66
C ALA C 209 -15.10 26.95 38.60
N ALA C 210 -16.37 27.23 38.93
CA ALA C 210 -16.65 28.36 39.81
C ALA C 210 -16.01 28.17 41.18
N ASP C 211 -16.11 26.96 41.74
CA ASP C 211 -15.58 26.68 43.06
C ASP C 211 -14.06 26.87 43.09
N MET C 212 -13.36 26.25 42.14
CA MET C 212 -11.91 26.39 42.11
C MET C 212 -11.50 27.86 42.03
N ALA C 213 -12.05 28.59 41.06
CA ALA C 213 -11.64 29.97 40.88
C ALA C 213 -11.91 30.79 42.13
N ALA C 214 -13.14 30.70 42.66
CA ALA C 214 -13.50 31.53 43.81
C ALA C 214 -12.64 31.21 45.02
N ASP C 215 -12.54 29.93 45.40
CA ASP C 215 -11.76 29.59 46.58
C ASP C 215 -10.30 30.00 46.42
N LEU C 216 -9.71 29.68 45.26
CA LEU C 216 -8.30 30.01 45.07
C LEU C 216 -8.08 31.52 45.21
N VAL C 217 -8.85 32.32 44.47
CA VAL C 217 -8.61 33.76 44.48
C VAL C 217 -8.87 34.36 45.85
N GLY C 218 -9.95 33.94 46.52
CA GLY C 218 -10.30 34.56 47.79
C GLY C 218 -9.39 34.16 48.93
N LYS C 219 -9.20 32.84 49.12
CA LYS C 219 -8.39 32.39 50.25
C LYS C 219 -6.91 32.63 50.02
N THR C 220 -6.43 32.41 48.80
CA THR C 220 -5.00 32.44 48.57
C THR C 220 -4.48 33.85 48.28
N GLU C 221 -5.18 34.62 47.46
CA GLU C 221 -4.72 35.94 47.06
C GLU C 221 -5.30 37.09 47.89
N LEU C 222 -6.61 37.07 48.18
CA LEU C 222 -7.25 38.17 48.88
C LEU C 222 -7.32 37.98 50.39
N ASN C 223 -7.13 36.76 50.90
CA ASN C 223 -7.22 36.49 52.33
C ASN C 223 -8.64 36.73 52.84
N LEU C 224 -9.66 36.56 51.97
CA LEU C 224 -11.06 36.76 52.33
C LEU C 224 -11.70 35.45 52.76
N PRO C 225 -12.74 35.51 53.59
CA PRO C 225 -13.36 34.28 54.07
C PRO C 225 -14.12 33.55 52.97
N GLU C 226 -14.35 32.27 53.21
CA GLU C 226 -15.12 31.44 52.28
C GLU C 226 -16.59 31.87 52.31
N ASP C 227 -17.21 31.88 51.13
CA ASP C 227 -18.59 32.33 50.99
C ASP C 227 -18.75 33.79 51.44
N ASP C 228 -17.70 34.58 51.28
CA ASP C 228 -17.76 35.98 51.65
C ASP C 228 -18.65 36.72 50.67
N PRO C 229 -19.59 37.54 51.14
CA PRO C 229 -20.41 38.33 50.21
C PRO C 229 -19.58 39.19 49.27
N ARG C 230 -18.41 39.64 49.71
CA ARG C 230 -17.55 40.43 48.84
C ARG C 230 -17.07 39.62 47.65
N ASN C 231 -16.97 38.31 47.80
CA ASN C 231 -16.53 37.46 46.70
C ASN C 231 -17.61 37.38 45.63
N PRO C 232 -17.32 37.78 44.39
CA PRO C 232 -18.37 37.76 43.35
C PRO C 232 -18.72 36.36 42.88
N ALA C 233 -17.99 35.33 43.33
CA ALA C 233 -18.21 33.97 42.87
C ALA C 233 -18.93 33.09 43.89
N THR C 234 -19.27 33.63 45.06
CA THR C 234 -19.89 32.81 46.10
C THR C 234 -21.25 32.26 45.62
N ILE C 235 -22.08 33.13 45.04
CA ILE C 235 -23.38 32.69 44.53
C ILE C 235 -23.19 31.62 43.46
N ALA C 236 -22.19 31.77 42.60
CA ALA C 236 -21.95 30.77 41.56
C ALA C 236 -21.63 29.41 42.17
N ASP C 237 -20.77 29.38 43.18
CA ASP C 237 -20.45 28.11 43.84
C ASP C 237 -21.68 27.50 44.49
N ASN C 238 -22.47 28.32 45.17
CA ASN C 238 -23.66 27.79 45.85
C ASN C 238 -24.64 27.19 44.85
N VAL C 239 -24.88 27.87 43.73
CA VAL C 239 -25.78 27.33 42.71
C VAL C 239 -25.16 26.09 42.08
N GLY C 240 -23.84 26.06 41.91
CA GLY C 240 -23.19 24.89 41.36
C GLY C 240 -23.39 23.66 42.22
N ASP C 241 -23.40 23.85 43.54
CA ASP C 241 -23.76 22.73 44.42
C ASP C 241 -25.10 22.12 44.00
N ASN C 242 -26.09 22.96 43.75
CA ASN C 242 -27.42 22.47 43.39
C ASN C 242 -27.43 21.80 42.02
N VAL C 243 -26.68 22.33 41.05
CA VAL C 243 -26.80 21.80 39.70
C VAL C 243 -25.91 20.58 39.49
N GLY C 244 -24.69 20.59 40.02
CA GLY C 244 -23.76 19.52 39.75
C GLY C 244 -23.83 18.35 40.71
N ASP C 245 -24.02 18.61 41.99
CA ASP C 245 -24.01 17.58 43.02
C ASP C 245 -25.39 17.17 43.49
N VAL C 246 -26.46 17.80 43.00
CA VAL C 246 -27.83 17.47 43.39
C VAL C 246 -28.60 16.84 42.23
N ALA C 247 -28.53 17.46 41.05
CA ALA C 247 -29.18 16.88 39.89
C ALA C 247 -28.29 15.84 39.22
N GLY C 248 -27.01 16.18 39.02
CA GLY C 248 -26.09 15.22 38.45
C GLY C 248 -25.92 13.97 39.30
N LEU C 249 -25.88 14.14 40.62
CA LEU C 249 -25.79 12.98 41.51
C LEU C 249 -26.96 12.04 41.31
N GLY C 250 -28.17 12.57 41.34
CA GLY C 250 -29.34 11.72 41.16
C GLY C 250 -29.36 11.07 39.80
N ALA C 251 -29.04 11.82 38.74
CA ALA C 251 -28.97 11.24 37.41
C ALA C 251 -28.00 10.07 37.38
N ASP C 252 -26.79 10.27 37.91
CA ASP C 252 -25.77 9.24 37.87
C ASP C 252 -26.19 8.00 38.65
N LEU C 253 -26.75 8.18 39.84
CA LEU C 253 -27.06 7.02 40.68
C LEU C 253 -28.28 6.28 40.14
N LEU C 254 -29.29 7.01 39.67
CA LEU C 254 -30.42 6.34 39.01
C LEU C 254 -29.96 5.57 37.79
N GLU C 255 -29.06 6.16 37.00
CA GLU C 255 -28.55 5.47 35.82
C GLU C 255 -27.79 4.21 36.22
N SER C 256 -27.00 4.28 37.28
CA SER C 256 -26.26 3.09 37.72
C SER C 256 -27.20 1.99 38.19
N PHE C 257 -28.23 2.35 38.97
CA PHE C 257 -29.20 1.36 39.41
C PHE C 257 -29.90 0.71 38.23
N VAL C 258 -30.43 1.53 37.32
CA VAL C 258 -31.12 1.00 36.14
C VAL C 258 -30.18 0.17 35.29
N GLY C 259 -28.90 0.56 35.23
CA GLY C 259 -27.95 -0.19 34.43
C GLY C 259 -27.67 -1.57 35.00
N ALA C 260 -27.49 -1.66 36.32
CA ALA C 260 -27.33 -2.97 36.94
C ALA C 260 -28.54 -3.85 36.68
N ILE C 261 -29.74 -3.29 36.90
CA ILE C 261 -30.95 -4.09 36.71
C ILE C 261 -31.07 -4.54 35.26
N VAL C 262 -30.85 -3.63 34.32
CA VAL C 262 -31.02 -3.94 32.92
C VAL C 262 -29.94 -4.91 32.45
N SER C 263 -28.76 -4.86 33.05
CA SER C 263 -27.73 -5.84 32.72
C SER C 263 -28.18 -7.23 33.11
N SER C 264 -28.64 -7.40 34.35
CA SER C 264 -29.16 -8.70 34.74
C SER C 264 -30.30 -9.15 33.82
N ILE C 265 -31.22 -8.24 33.51
CA ILE C 265 -32.38 -8.56 32.68
C ILE C 265 -31.93 -9.01 31.29
N ILE C 266 -31.01 -8.25 30.67
CA ILE C 266 -30.58 -8.56 29.32
C ILE C 266 -29.84 -9.88 29.28
N LEU C 267 -29.02 -10.16 30.31
CA LEU C 267 -28.33 -11.44 30.34
C LEU C 267 -29.34 -12.58 30.44
N ALA C 268 -30.33 -12.44 31.33
CA ALA C 268 -31.34 -13.49 31.46
C ALA C 268 -32.10 -13.67 30.16
N SER C 269 -32.39 -12.58 29.45
CA SER C 269 -33.13 -12.67 28.19
C SER C 269 -32.31 -13.38 27.12
N TYR C 270 -31.05 -12.99 26.97
CA TYR C 270 -30.18 -13.61 25.97
C TYR C 270 -29.88 -15.07 26.28
N MET C 271 -29.96 -15.46 27.57
CA MET C 271 -29.60 -16.83 27.94
C MET C 271 -30.43 -17.86 27.19
N PHE C 272 -31.75 -17.64 27.06
CA PHE C 272 -32.62 -18.66 26.48
C PHE C 272 -32.25 -19.04 25.06
N PRO C 273 -32.28 -18.13 24.08
CA PRO C 273 -32.12 -18.54 22.68
C PRO C 273 -30.73 -19.02 22.30
N ILE C 274 -29.74 -18.88 23.19
CA ILE C 274 -28.37 -19.26 22.83
C ILE C 274 -28.06 -20.70 23.25
N TYR C 275 -28.61 -21.14 24.39
CA TYR C 275 -28.33 -22.48 24.90
C TYR C 275 -29.25 -23.48 24.18
N VAL C 276 -28.82 -23.88 22.98
CA VAL C 276 -29.58 -24.80 22.15
C VAL C 276 -28.62 -25.78 21.48
N GLN C 277 -29.19 -26.91 21.03
CA GLN C 277 -28.48 -27.88 20.20
C GLN C 277 -29.12 -27.91 18.81
N LYS C 278 -28.29 -28.08 17.78
CA LYS C 278 -28.77 -28.09 16.40
C LYS C 278 -28.76 -29.53 15.90
N ILE C 279 -29.92 -30.18 15.96
CA ILE C 279 -30.11 -31.54 15.46
C ILE C 279 -31.23 -31.46 14.42
N GLY C 280 -30.84 -31.40 13.14
CA GLY C 280 -31.82 -31.22 12.09
C GLY C 280 -32.34 -29.79 12.07
N GLU C 281 -33.36 -29.59 11.21
CA GLU C 281 -33.99 -28.27 11.13
C GLU C 281 -34.57 -27.85 12.46
N ASN C 282 -35.11 -28.79 13.22
CA ASN C 282 -35.62 -28.49 14.55
C ASN C 282 -34.46 -28.31 15.52
N LEU C 283 -34.59 -27.32 16.40
CA LEU C 283 -33.55 -26.98 17.37
C LEU C 283 -33.99 -27.41 18.76
N VAL C 284 -33.10 -28.08 19.48
CA VAL C 284 -33.41 -28.64 20.79
C VAL C 284 -33.03 -27.59 21.85
N HIS C 285 -34.04 -26.94 22.41
CA HIS C 285 -33.82 -25.97 23.48
C HIS C 285 -33.53 -26.71 24.78
N GLN C 286 -32.66 -26.10 25.60
CA GLN C 286 -32.20 -26.74 26.83
C GLN C 286 -32.74 -26.12 28.11
N VAL C 287 -33.34 -24.93 28.05
CA VAL C 287 -33.79 -24.22 29.23
C VAL C 287 -35.28 -23.92 29.08
N PRO C 288 -36.10 -24.17 30.10
CA PRO C 288 -37.52 -23.83 30.01
C PRO C 288 -37.72 -22.31 30.01
N LYS C 289 -38.66 -21.87 29.17
CA LYS C 289 -38.92 -20.43 29.04
C LYS C 289 -39.46 -19.84 30.35
N GLU C 290 -40.25 -20.61 31.09
CA GLU C 290 -40.78 -20.11 32.36
C GLU C 290 -39.64 -19.69 33.29
N THR C 291 -38.58 -20.49 33.35
CA THR C 291 -37.43 -20.14 34.19
C THR C 291 -36.80 -18.83 33.73
N ILE C 292 -36.71 -18.63 32.41
CA ILE C 292 -36.12 -17.39 31.89
C ILE C 292 -36.98 -16.19 32.27
N GLN C 293 -38.30 -16.33 32.17
CA GLN C 293 -39.19 -15.23 32.56
C GLN C 293 -39.06 -14.94 34.05
N ALA C 294 -38.95 -16.00 34.87
CA ALA C 294 -38.76 -15.81 36.29
C ALA C 294 -37.46 -15.07 36.59
N LEU C 295 -36.37 -15.45 35.91
CA LEU C 295 -35.10 -14.78 36.11
C LEU C 295 -35.14 -13.34 35.63
N ILE C 296 -35.91 -13.05 34.58
CA ILE C 296 -36.03 -11.68 34.09
C ILE C 296 -36.79 -10.82 35.09
N SER C 297 -37.86 -11.35 35.66
CA SER C 297 -38.63 -10.60 36.65
C SER C 297 -37.93 -10.52 38.01
N TYR C 298 -37.03 -11.46 38.30
CA TYR C 298 -36.39 -11.50 39.61
C TYR C 298 -35.65 -10.22 39.97
N PRO C 299 -34.76 -9.68 39.13
CA PRO C 299 -34.04 -8.46 39.54
C PRO C 299 -34.96 -7.27 39.78
N ILE C 300 -36.05 -7.16 39.02
CA ILE C 300 -36.99 -6.07 39.23
C ILE C 300 -37.65 -6.17 40.59
N PHE C 301 -38.13 -7.37 40.95
CA PHE C 301 -38.73 -7.57 42.26
C PHE C 301 -37.70 -7.35 43.37
N PHE C 302 -36.45 -7.74 43.13
CA PHE C 302 -35.40 -7.52 44.12
C PHE C 302 -35.16 -6.03 44.34
N ALA C 303 -35.10 -5.25 43.26
CA ALA C 303 -34.96 -3.81 43.39
C ALA C 303 -36.16 -3.20 44.10
N LEU C 304 -37.35 -3.73 43.84
CA LEU C 304 -38.55 -3.25 44.52
C LEU C 304 -38.46 -3.51 46.03
N VAL C 305 -38.02 -4.71 46.41
CA VAL C 305 -37.87 -5.03 47.82
C VAL C 305 -36.83 -4.13 48.47
N GLY C 306 -35.71 -3.89 47.79
CA GLY C 306 -34.71 -2.99 48.32
C GLY C 306 -35.26 -1.59 48.51
N LEU C 307 -36.03 -1.10 47.53
CA LEU C 307 -36.64 0.22 47.66
C LEU C 307 -37.58 0.27 48.85
N GLY C 308 -38.38 -0.77 49.04
CA GLY C 308 -39.28 -0.80 50.18
C GLY C 308 -38.55 -0.77 51.52
N CYS C 309 -37.49 -1.57 51.64
CA CYS C 309 -36.73 -1.57 52.88
C CYS C 309 -36.07 -0.22 53.14
N SER C 310 -35.49 0.38 52.11
CA SER C 310 -34.89 1.69 52.27
C SER C 310 -35.93 2.73 52.66
N MET C 311 -37.13 2.65 52.07
CA MET C 311 -38.20 3.57 52.42
C MET C 311 -38.61 3.42 53.87
N LEU C 312 -38.75 2.17 54.34
CA LEU C 312 -39.09 1.95 55.74
C LEU C 312 -38.02 2.51 56.67
N GLY C 313 -36.75 2.31 56.32
CA GLY C 313 -35.67 2.87 57.12
C GLY C 313 -35.73 4.38 57.17
N ILE C 314 -35.98 5.03 56.02
CA ILE C 314 -36.07 6.48 55.98
C ILE C 314 -37.26 6.96 56.81
N LEU C 315 -38.35 6.20 56.80
CA LEU C 315 -39.49 6.55 57.64
C LEU C 315 -39.11 6.52 59.12
N TYR C 316 -38.41 5.45 59.53
CA TYR C 316 -37.94 5.39 60.91
C TYR C 316 -37.05 6.59 61.23
N VAL C 317 -36.19 6.98 60.27
CA VAL C 317 -35.28 8.10 60.52
C VAL C 317 -36.08 9.38 60.75
N ILE C 318 -37.09 9.62 59.91
CA ILE C 318 -37.89 10.83 60.06
C ILE C 318 -38.68 10.80 61.36
N VAL C 319 -39.06 9.61 61.84
CA VAL C 319 -39.84 9.52 63.08
C VAL C 319 -38.93 9.65 64.30
N LYS C 320 -37.73 9.07 64.24
CA LYS C 320 -36.85 9.08 65.41
C LYS C 320 -36.46 10.51 65.79
N LYS C 321 -36.55 10.81 67.09
CA LYS C 321 -36.16 12.13 67.58
C LYS C 321 -34.64 12.21 67.71
N PRO C 322 -34.04 13.35 67.36
CA PRO C 322 -32.58 13.46 67.42
C PRO C 322 -32.08 13.44 68.85
N SER C 323 -30.93 12.81 69.04
CA SER C 323 -30.32 12.72 70.37
C SER C 323 -29.18 13.73 70.51
N PRO C 326 -26.49 11.86 66.72
CA PRO C 326 -27.47 11.70 65.64
C PRO C 326 -26.88 11.07 64.37
N GLN C 327 -25.61 11.37 64.08
CA GLN C 327 -24.97 10.76 62.92
C GLN C 327 -24.87 9.25 63.08
N ARG C 328 -24.59 8.79 64.29
CA ARG C 328 -24.57 7.36 64.56
C ARG C 328 -25.94 6.76 64.27
N GLU C 329 -27.00 7.47 64.65
CA GLU C 329 -28.35 6.98 64.40
C GLU C 329 -28.67 6.94 62.91
N LEU C 330 -28.24 7.96 62.15
CA LEU C 330 -28.44 7.92 60.70
C LEU C 330 -27.75 6.71 60.09
N ASN C 331 -26.51 6.45 60.49
CA ASN C 331 -25.81 5.27 59.96
C ASN C 331 -26.51 3.99 60.42
N ILE C 332 -27.06 3.99 61.64
CA ILE C 332 -27.84 2.87 62.12
C ILE C 332 -29.03 2.64 61.21
N SER C 333 -29.69 3.72 60.79
CA SER C 333 -30.81 3.61 59.86
C SER C 333 -30.37 2.93 58.58
N LEU C 334 -29.23 3.37 58.03
CA LEU C 334 -28.75 2.76 56.79
C LEU C 334 -28.45 1.28 56.99
N TRP C 335 -27.84 0.94 58.12
CA TRP C 335 -27.54 -0.46 58.41
C TRP C 335 -28.81 -1.29 58.54
N THR C 336 -29.81 -0.76 59.25
CA THR C 336 -31.07 -1.47 59.41
C THR C 336 -31.74 -1.70 58.06
N SER C 337 -31.75 -0.68 57.22
CA SER C 337 -32.35 -0.85 55.89
C SER C 337 -31.62 -1.93 55.11
N ALA C 338 -30.29 -1.94 55.16
CA ALA C 338 -29.54 -2.95 54.42
C ALA C 338 -29.80 -4.35 54.95
N LEU C 339 -29.82 -4.51 56.27
CA LEU C 339 -30.07 -5.83 56.86
C LEU C 339 -31.47 -6.33 56.52
N LEU C 340 -32.48 -5.45 56.65
CA LEU C 340 -33.85 -5.84 56.32
C LEU C 340 -33.94 -6.24 54.85
N THR C 341 -33.29 -5.48 53.97
CA THR C 341 -33.28 -5.84 52.56
C THR C 341 -32.66 -7.21 52.36
N VAL C 342 -31.56 -7.49 53.06
CA VAL C 342 -30.88 -8.78 52.90
C VAL C 342 -31.81 -9.92 53.31
N VAL C 343 -32.47 -9.78 54.45
CA VAL C 343 -33.35 -10.86 54.93
C VAL C 343 -34.53 -11.06 53.99
N LEU C 344 -35.23 -9.97 53.67
CA LEU C 344 -36.39 -10.08 52.78
C LEU C 344 -35.98 -10.63 51.42
N THR C 345 -34.77 -10.30 50.96
CA THR C 345 -34.32 -10.79 49.67
C THR C 345 -33.98 -12.27 49.74
N ALA C 346 -33.43 -12.73 50.87
CA ALA C 346 -33.27 -14.17 51.06
C ALA C 346 -34.61 -14.88 50.90
N PHE C 347 -35.62 -14.40 51.61
CA PHE C 347 -36.94 -15.04 51.53
C PHE C 347 -37.48 -15.00 50.10
N LEU C 348 -37.39 -13.84 49.45
CA LEU C 348 -37.91 -13.69 48.10
C LEU C 348 -37.17 -14.61 47.12
N THR C 349 -35.84 -14.66 47.21
CA THR C 349 -35.07 -15.48 46.31
C THR C 349 -35.39 -16.96 46.49
N TYR C 350 -35.59 -17.40 47.73
CA TYR C 350 -35.97 -18.79 47.93
C TYR C 350 -37.34 -19.07 47.33
N PHE C 351 -38.32 -18.21 47.62
CA PHE C 351 -39.69 -18.49 47.20
C PHE C 351 -39.83 -18.43 45.68
N TYR C 352 -39.19 -17.45 45.04
CA TYR C 352 -39.40 -17.24 43.61
C TYR C 352 -38.80 -18.36 42.77
N LEU C 353 -37.58 -18.80 43.09
CA LEU C 353 -36.87 -19.74 42.22
C LEU C 353 -36.84 -21.16 42.76
N LYS C 354 -37.58 -21.45 43.83
CA LYS C 354 -37.59 -22.80 44.37
C LYS C 354 -38.30 -23.76 43.41
N ASP C 355 -39.58 -23.50 43.15
CA ASP C 355 -40.38 -24.31 42.25
C ASP C 355 -39.75 -24.50 40.87
N LEU C 356 -38.87 -23.60 40.45
CA LEU C 356 -38.29 -23.72 39.12
C LEU C 356 -37.44 -24.99 38.98
N GLN C 357 -37.02 -25.23 37.75
CA GLN C 357 -36.24 -26.40 37.37
C GLN C 357 -35.20 -26.01 36.33
N GLY C 358 -34.12 -26.77 36.26
CA GLY C 358 -33.13 -26.61 35.20
C GLY C 358 -32.36 -25.31 35.23
N LEU C 359 -31.80 -24.98 36.38
CA LEU C 359 -31.00 -23.77 36.58
C LEU C 359 -29.50 -24.03 36.51
N ASP C 360 -29.07 -25.29 36.52
CA ASP C 360 -27.65 -25.61 36.54
C ASP C 360 -26.93 -25.15 35.28
N VAL C 361 -27.61 -25.16 34.12
CA VAL C 361 -26.94 -24.76 32.88
C VAL C 361 -26.46 -23.31 32.97
N LEU C 362 -27.24 -22.47 33.64
CA LEU C 362 -26.91 -21.05 33.72
C LEU C 362 -25.91 -20.77 34.83
N PHE C 364 -26.17 -21.46 38.27
CA PHE C 364 -26.68 -21.59 39.63
C PHE C 364 -26.19 -22.88 40.27
N ARG C 365 -24.89 -22.91 40.59
CA ARG C 365 -24.27 -24.10 41.15
C ARG C 365 -25.02 -24.59 42.38
N PHE C 366 -25.29 -23.69 43.33
CA PHE C 366 -25.91 -24.08 44.59
C PHE C 366 -27.43 -24.19 44.49
N GLY C 367 -28.04 -23.60 43.47
CA GLY C 367 -29.47 -23.71 43.29
C GLY C 367 -30.18 -22.37 43.19
N ALA C 368 -31.43 -22.32 43.68
CA ALA C 368 -32.21 -21.09 43.58
C ALA C 368 -31.64 -19.96 44.43
N ILE C 369 -30.88 -20.28 45.48
CA ILE C 369 -30.35 -19.25 46.37
C ILE C 369 -29.00 -18.72 45.92
N SER C 370 -28.45 -19.22 44.82
CA SER C 370 -27.15 -18.71 44.35
C SER C 370 -27.20 -17.24 44.01
N PRO C 371 -28.21 -16.73 43.31
CA PRO C 371 -28.27 -15.28 43.07
C PRO C 371 -28.29 -14.47 44.35
N TRP C 372 -28.90 -14.98 45.42
CA TRP C 372 -28.86 -14.28 46.70
C TRP C 372 -27.44 -14.22 47.25
N PHE C 373 -26.68 -15.31 47.12
CA PHE C 373 -25.29 -15.30 47.54
C PHE C 373 -24.51 -14.25 46.75
N SER C 374 -24.75 -14.17 45.44
CA SER C 374 -24.05 -13.18 44.63
C SER C 374 -24.43 -11.76 45.03
N ALA C 375 -25.72 -11.52 45.30
CA ALA C 375 -26.14 -10.19 45.72
C ALA C 375 -25.52 -9.81 47.06
N ILE C 376 -25.44 -10.76 47.99
CA ILE C 376 -24.80 -10.48 49.28
C ILE C 376 -23.33 -10.18 49.08
N ILE C 377 -22.67 -10.94 48.20
CA ILE C 377 -21.26 -10.68 47.90
C ILE C 377 -21.09 -9.27 47.37
N GLY C 378 -21.97 -8.85 46.46
CA GLY C 378 -21.90 -7.50 45.93
C GLY C 378 -22.10 -6.44 47.00
N ILE C 379 -23.09 -6.65 47.88
CA ILE C 379 -23.36 -5.67 48.94
C ILE C 379 -22.15 -5.56 49.87
N PHE C 380 -21.55 -6.69 50.23
CA PHE C 380 -20.41 -6.66 51.14
C PHE C 380 -19.19 -6.06 50.47
N SER C 381 -18.99 -6.32 49.17
CA SER C 381 -17.89 -5.68 48.46
C SER C 381 -18.07 -4.17 48.41
N GLY C 382 -19.30 -3.71 48.19
CA GLY C 382 -19.57 -2.28 48.23
C GLY C 382 -19.31 -1.69 49.60
N ILE C 383 -19.72 -2.40 50.65
CA ILE C 383 -19.48 -1.92 52.02
C ILE C 383 -17.98 -1.84 52.30
N LEU C 384 -17.22 -2.83 51.84
CA LEU C 384 -15.77 -2.81 52.04
C LEU C 384 -15.12 -1.67 51.27
N ILE C 385 -15.57 -1.42 50.04
CA ILE C 385 -15.06 -0.29 49.28
C ILE C 385 -15.35 1.01 50.01
N GLY C 386 -16.56 1.13 50.57
CA GLY C 386 -16.88 2.33 51.34
C GLY C 386 -16.01 2.48 52.57
N PHE C 387 -15.74 1.37 53.26
CA PHE C 387 -14.84 1.42 54.42
C PHE C 387 -13.45 1.87 54.01
N TRP C 388 -12.92 1.33 52.91
CA TRP C 388 -11.60 1.74 52.44
C TRP C 388 -11.58 3.21 52.06
N ALA C 389 -12.65 3.67 51.41
CA ALA C 389 -12.74 5.08 51.07
C ALA C 389 -12.75 5.95 52.31
N GLU C 390 -13.51 5.55 53.34
CA GLU C 390 -13.52 6.32 54.59
C GLU C 390 -12.16 6.31 55.25
N TYR C 391 -11.43 5.19 55.15
CA TYR C 391 -10.09 5.13 55.72
C TYR C 391 -9.15 6.11 55.00
N TYR C 392 -9.21 6.15 53.67
CA TYR C 392 -8.24 6.92 52.90
C TYR C 392 -8.60 8.40 52.84
N THR C 393 -9.88 8.74 52.92
CA THR C 393 -10.36 10.10 52.67
C THR C 393 -10.86 10.80 53.94
N SER C 394 -10.65 10.22 55.11
CA SER C 394 -11.10 10.81 56.37
C SER C 394 -9.91 11.18 57.23
N TYR C 395 -9.99 12.37 57.84
CA TYR C 395 -8.93 12.86 58.70
C TYR C 395 -8.90 12.17 60.06
N ARG C 396 -9.94 11.42 60.41
CA ARG C 396 -9.92 10.63 61.63
C ARG C 396 -8.88 9.52 61.58
N TYR C 397 -8.42 9.15 60.38
CA TYR C 397 -7.43 8.10 60.18
C TYR C 397 -6.08 8.72 59.82
N LYS C 398 -5.12 7.85 59.51
CA LYS C 398 -3.72 8.21 59.36
C LYS C 398 -3.41 8.91 58.03
N PRO C 399 -3.91 8.40 56.90
CA PRO C 399 -3.46 8.97 55.61
C PRO C 399 -3.82 10.43 55.42
N THR C 400 -5.06 10.81 55.73
CA THR C 400 -5.44 12.22 55.59
C THR C 400 -4.65 13.09 56.55
N GLN C 401 -4.35 12.57 57.75
CA GLN C 401 -3.53 13.32 58.68
C GLN C 401 -2.13 13.56 58.13
N PHE C 402 -1.53 12.54 57.52
CA PHE C 402 -0.22 12.70 56.91
C PHE C 402 -0.26 13.71 55.77
N LEU C 403 -1.29 13.61 54.92
CA LEU C 403 -1.43 14.57 53.83
C LEU C 403 -1.54 16.00 54.36
N GLY C 404 -2.33 16.18 55.41
CA GLY C 404 -2.46 17.52 56.00
C GLY C 404 -1.16 18.02 56.59
N LYS C 405 -0.48 17.17 57.36
CA LYS C 405 0.81 17.56 57.93
C LYS C 405 1.81 17.92 56.84
N SER C 406 1.66 17.32 55.65
CA SER C 406 2.53 17.70 54.54
C SER C 406 2.34 19.17 54.14
N SER C 407 1.24 19.80 54.54
CA SER C 407 0.99 21.19 54.17
C SER C 407 2.06 22.12 54.72
N ILE C 408 2.55 21.86 55.94
CA ILE C 408 3.58 22.69 56.53
C ILE C 408 4.84 22.73 55.67
N GLU C 409 5.00 21.75 54.79
CA GLU C 409 6.20 21.63 53.97
C GLU C 409 6.07 22.27 52.60
N GLY C 410 4.94 22.86 52.28
CA GLY C 410 4.74 23.56 51.03
C GLY C 410 3.52 23.03 50.28
N THR C 411 3.28 23.66 49.12
CA THR C 411 2.15 23.27 48.28
C THR C 411 2.48 22.07 47.40
N GLY C 412 3.68 22.07 46.81
CA GLY C 412 4.09 20.91 46.02
C GLY C 412 4.08 19.63 46.83
N MET C 413 4.50 19.70 48.09
CA MET C 413 4.42 18.54 48.96
C MET C 413 2.97 18.09 49.14
N VAL C 414 2.06 19.05 49.33
CA VAL C 414 0.65 18.71 49.46
C VAL C 414 0.15 17.97 48.22
N ILE C 415 0.48 18.50 47.04
CA ILE C 415 0.00 17.91 45.80
C ILE C 415 0.56 16.50 45.63
N SER C 416 1.87 16.35 45.83
CA SER C 416 2.49 15.04 45.64
C SER C 416 1.94 14.02 46.63
N ASN C 417 1.79 14.41 47.89
CA ASN C 417 1.26 13.47 48.89
C ASN C 417 -0.18 13.11 48.59
N GLY C 418 -0.99 14.07 48.10
CA GLY C 418 -2.36 13.74 47.73
C GLY C 418 -2.43 12.75 46.59
N LEU C 419 -1.62 12.99 45.54
CA LEU C 419 -1.59 12.05 44.43
C LEU C 419 -1.16 10.67 44.89
N SER C 420 -0.11 10.60 45.71
CA SER C 420 0.35 9.31 46.21
C SER C 420 -0.72 8.61 47.03
N LEU C 421 -1.39 9.37 47.90
CA LEU C 421 -2.43 8.78 48.74
C LEU C 421 -3.56 8.20 47.89
N GLY C 422 -4.02 8.96 46.89
CA GLY C 422 -5.07 8.44 46.02
C GLY C 422 -4.65 7.19 45.27
N MET C 423 -3.46 7.23 44.66
CA MET C 423 -3.00 6.09 43.88
C MET C 423 -2.84 4.87 44.76
N LYS C 424 -2.34 5.04 45.98
CA LYS C 424 -2.20 3.91 46.89
C LYS C 424 -3.58 3.43 47.35
N SER C 425 -4.52 4.35 47.53
CA SER C 425 -5.87 4.01 47.95
C SER C 425 -6.62 3.22 46.89
N VAL C 426 -6.16 3.28 45.64
CA VAL C 426 -6.87 2.58 44.58
C VAL C 426 -6.78 1.06 44.75
N PHE C 427 -5.82 0.55 45.52
CA PHE C 427 -5.56 -0.89 45.58
C PHE C 427 -6.59 -1.67 46.40
N PRO C 428 -6.87 -1.26 47.63
CA PRO C 428 -7.79 -2.04 48.48
C PRO C 428 -9.13 -2.23 47.83
N PRO C 429 -9.74 -1.16 47.30
CA PRO C 429 -11.04 -1.33 46.61
C PRO C 429 -10.95 -2.23 45.39
N THR C 430 -9.86 -2.16 44.63
CA THR C 430 -9.71 -3.02 43.47
C THR C 430 -9.63 -4.49 43.88
N LEU C 431 -8.89 -4.78 44.94
CA LEU C 431 -8.80 -6.16 45.43
C LEU C 431 -10.15 -6.63 45.94
N THR C 432 -10.88 -5.76 46.65
CA THR C 432 -12.22 -6.12 47.10
C THR C 432 -13.13 -6.46 45.92
N LEU C 433 -13.09 -5.63 44.87
CA LEU C 433 -13.94 -5.88 43.71
C LEU C 433 -13.57 -7.18 43.01
N VAL C 434 -12.26 -7.46 42.91
CA VAL C 434 -11.82 -8.70 42.26
C VAL C 434 -12.30 -9.91 43.05
N LEU C 435 -12.10 -9.88 44.38
CA LEU C 435 -12.56 -10.99 45.22
C LEU C 435 -14.07 -11.17 45.11
N GLY C 436 -14.81 -10.06 45.09
CA GLY C 436 -16.26 -10.16 44.97
C GLY C 436 -16.68 -10.77 43.65
N ILE C 437 -16.05 -10.35 42.55
CA ILE C 437 -16.35 -10.92 41.25
C ILE C 437 -16.12 -12.44 41.27
N LEU C 438 -14.96 -12.86 41.77
CA LEU C 438 -14.63 -14.29 41.77
C LEU C 438 -15.62 -15.08 42.63
N PHE C 439 -15.96 -14.57 43.81
CA PHE C 439 -16.88 -15.27 44.69
C PHE C 439 -18.28 -15.34 44.07
N ALA C 440 -18.72 -14.25 43.46
CA ALA C 440 -20.01 -14.25 42.80
C ALA C 440 -20.04 -15.27 41.67
N ASP C 441 -18.94 -15.40 40.93
CA ASP C 441 -18.89 -16.42 39.90
C ASP C 441 -19.02 -17.82 40.50
N TYR C 442 -18.35 -18.08 41.62
CA TYR C 442 -18.50 -19.40 42.26
C TYR C 442 -19.97 -19.69 42.56
N PHE C 443 -20.62 -18.85 43.36
CA PHE C 443 -22.01 -19.15 43.80
C PHE C 443 -22.96 -19.18 42.61
N ALA C 444 -22.83 -18.25 41.68
CA ALA C 444 -23.79 -18.16 40.55
C ALA C 444 -23.05 -17.76 39.28
N GLY C 445 -23.69 -17.85 38.12
CA GLY C 445 -22.98 -17.57 36.87
C GLY C 445 -22.85 -16.09 36.62
N LEU C 446 -22.61 -15.70 35.38
CA LEU C 446 -22.43 -14.27 35.06
C LEU C 446 -23.71 -13.54 35.47
N TYR C 447 -24.85 -14.24 35.50
CA TYR C 447 -26.11 -13.62 35.96
C TYR C 447 -25.94 -13.18 37.40
N GLY C 448 -25.28 -14.01 38.22
CA GLY C 448 -24.99 -13.63 39.61
C GLY C 448 -24.06 -12.44 39.67
N VAL C 449 -23.09 -12.37 38.76
CA VAL C 449 -22.13 -11.23 38.74
C VAL C 449 -22.99 -9.98 38.55
N ALA C 450 -24.04 -10.08 37.75
CA ALA C 450 -24.96 -8.93 37.55
C ALA C 450 -25.89 -8.77 38.76
N ILE C 451 -26.34 -9.87 39.36
CA ILE C 451 -27.16 -9.75 40.56
C ILE C 451 -26.37 -9.10 41.68
N ALA C 452 -25.05 -9.34 41.74
CA ALA C 452 -24.21 -8.67 42.72
C ALA C 452 -24.04 -7.19 42.37
N ALA C 453 -23.84 -6.89 41.09
CA ALA C 453 -23.85 -5.50 40.65
C ALA C 453 -25.11 -4.79 41.11
N LEU C 454 -26.25 -5.47 41.04
CA LEU C 454 -27.52 -4.88 41.47
C LEU C 454 -27.59 -4.77 42.99
N GLY C 455 -27.16 -5.80 43.70
CA GLY C 455 -27.25 -5.79 45.15
C GLY C 455 -26.38 -4.72 45.78
N MET C 456 -25.19 -4.48 45.22
CA MET C 456 -24.35 -3.41 45.73
C MET C 456 -25.11 -2.09 45.80
N LEU C 457 -26.09 -1.90 44.93
CA LEU C 457 -26.92 -0.70 44.91
C LEU C 457 -28.38 -1.03 45.20
N SER C 458 -28.62 -2.08 45.99
CA SER C 458 -29.98 -2.48 46.31
C SER C 458 -30.68 -1.40 47.11
N PHE C 459 -29.94 -0.73 48.00
CA PHE C 459 -30.51 0.32 48.84
C PHE C 459 -29.99 1.68 48.39
N VAL C 460 -30.10 1.98 47.10
CA VAL C 460 -29.60 3.25 46.58
C VAL C 460 -30.29 4.45 47.20
N ALA C 461 -31.51 4.27 47.71
CA ALA C 461 -32.27 5.40 48.24
C ALA C 461 -31.58 6.00 49.46
N THR C 462 -31.19 5.18 50.42
CA THR C 462 -30.59 5.69 51.65
C THR C 462 -29.25 6.37 51.38
N SER C 463 -28.43 5.76 50.53
CA SER C 463 -27.15 6.36 50.17
C SER C 463 -27.35 7.69 49.46
N VAL C 464 -28.30 7.74 48.53
CA VAL C 464 -28.61 8.99 47.83
C VAL C 464 -29.05 10.05 48.83
N SER C 465 -29.88 9.67 49.80
CA SER C 465 -30.36 10.63 50.80
C SER C 465 -29.21 11.20 51.62
N VAL C 466 -28.34 10.32 52.13
CA VAL C 466 -27.23 10.77 52.95
C VAL C 466 -26.29 11.66 52.13
N ASP C 467 -26.04 11.30 50.88
CA ASP C 467 -25.19 12.13 50.04
C ASP C 467 -25.83 13.47 49.74
N SER C 468 -27.14 13.49 49.53
CA SER C 468 -27.84 14.73 49.17
C SER C 468 -27.95 15.71 50.33
N TYR C 469 -28.07 15.24 51.57
CA TYR C 469 -28.22 16.21 52.66
C TYR C 469 -27.01 17.13 52.78
N GLY C 470 -25.83 16.67 52.39
CA GLY C 470 -24.61 17.45 52.49
C GLY C 470 -24.62 18.76 51.71
N PRO C 471 -24.93 18.68 50.41
CA PRO C 471 -24.94 19.91 49.60
C PRO C 471 -25.91 20.96 50.13
N ILE C 472 -27.06 20.52 50.65
CA ILE C 472 -28.00 21.46 51.25
C ILE C 472 -27.38 22.15 52.45
N ALA C 473 -26.64 21.39 53.27
CA ALA C 473 -25.95 21.99 54.41
C ALA C 473 -24.91 23.01 53.95
N ASP C 474 -24.19 22.71 52.86
CA ASP C 474 -23.25 23.68 52.33
C ASP C 474 -23.97 24.95 51.91
N ASN C 475 -25.10 24.82 51.22
CA ASN C 475 -25.85 26.00 50.80
C ASN C 475 -26.32 26.81 52.01
N ALA C 476 -26.71 26.12 53.08
CA ALA C 476 -27.11 26.82 54.30
C ALA C 476 -25.95 27.61 54.88
N GLY C 477 -24.80 26.97 54.95
CA GLY C 477 -23.60 27.66 55.45
C GLY C 477 -23.28 28.85 54.57
N GLY C 478 -23.37 28.66 53.25
CA GLY C 478 -23.01 29.76 52.36
C GLY C 478 -23.92 30.94 52.57
N ILE C 479 -25.23 30.70 52.65
CA ILE C 479 -26.18 31.83 52.78
C ILE C 479 -25.93 32.53 54.12
N SER C 480 -25.57 31.77 55.14
CA SER C 480 -25.32 32.37 56.48
C SER C 480 -24.18 33.38 56.36
N GLU C 481 -23.12 33.01 55.66
CA GLU C 481 -22.01 33.97 55.45
C GLU C 481 -22.50 35.18 54.65
N MET C 482 -23.34 34.95 53.63
CA MET C 482 -23.80 36.08 52.76
C MET C 482 -24.60 37.05 53.63
N CYS C 483 -25.38 36.53 54.56
CA CYS C 483 -26.27 37.39 55.39
C CYS C 483 -25.51 37.85 56.64
N GLU C 484 -24.20 37.60 56.68
CA GLU C 484 -23.35 38.04 57.82
C GLU C 484 -23.89 37.46 59.13
N LEU C 485 -24.25 36.18 59.13
CA LEU C 485 -24.80 35.51 60.33
C LEU C 485 -23.68 35.12 61.30
N ASP C 486 -24.05 34.69 62.51
CA ASP C 486 -23.06 34.35 63.57
C ASP C 486 -22.21 33.15 63.13
N PRO C 487 -20.92 33.08 63.54
CA PRO C 487 -20.05 31.95 63.20
C PRO C 487 -20.54 30.60 63.72
N GLU C 488 -21.30 30.60 64.83
CA GLU C 488 -21.82 29.34 65.40
C GLU C 488 -22.71 28.65 64.36
N VAL C 489 -23.48 29.44 63.60
CA VAL C 489 -24.41 28.86 62.60
C VAL C 489 -23.58 28.07 61.60
N ARG C 490 -22.48 28.65 61.13
CA ARG C 490 -21.59 27.96 60.17
C ARG C 490 -21.01 26.72 60.87
N LYS C 491 -20.71 26.81 62.16
CA LYS C 491 -20.07 25.67 62.86
C LYS C 491 -20.98 24.45 62.77
N ILE C 492 -22.30 24.67 62.93
CA ILE C 492 -23.26 23.54 62.77
C ILE C 492 -23.15 23.01 61.33
N THR C 493 -23.20 23.89 60.33
CA THR C 493 -23.22 23.47 58.94
C THR C 493 -21.99 22.66 58.59
N ASP C 494 -20.80 23.12 59.03
CA ASP C 494 -19.57 22.40 58.76
C ASP C 494 -19.60 21.02 59.41
N HIS C 495 -20.15 20.93 60.63
CA HIS C 495 -20.23 19.62 61.28
C HIS C 495 -21.10 18.65 60.48
N LEU C 496 -22.29 19.10 60.07
CA LEU C 496 -23.18 18.22 59.32
C LEU C 496 -22.55 17.78 58.01
N ASP C 497 -21.96 18.73 57.27
CA ASP C 497 -21.37 18.39 55.98
C ASP C 497 -20.18 17.46 56.15
N ALA C 498 -19.39 17.66 57.21
CA ALA C 498 -18.24 16.79 57.47
C ALA C 498 -18.68 15.36 57.72
N VAL C 499 -19.74 15.18 58.51
CA VAL C 499 -20.22 13.81 58.72
C VAL C 499 -20.75 13.21 57.42
N GLY C 500 -21.44 14.02 56.61
CA GLY C 500 -22.05 13.49 55.39
C GLY C 500 -21.05 13.07 54.31
N ASN C 501 -19.94 13.81 54.19
CA ASN C 501 -19.06 13.64 53.04
C ASN C 501 -18.44 12.24 52.95
N THR C 502 -18.03 11.66 54.09
CA THR C 502 -17.41 10.33 54.02
C THR C 502 -18.38 9.28 53.50
N THR C 503 -19.63 9.32 53.96
CA THR C 503 -20.63 8.40 53.43
C THR C 503 -20.90 8.68 51.96
N ALA C 504 -20.81 9.94 51.54
CA ALA C 504 -20.98 10.25 50.12
C ALA C 504 -19.88 9.59 49.29
N ALA C 505 -18.64 9.65 49.77
CA ALA C 505 -17.54 8.96 49.09
C ALA C 505 -17.81 7.46 49.02
N ILE C 506 -18.35 6.90 50.10
CA ILE C 506 -18.70 5.48 50.10
C ILE C 506 -19.74 5.19 49.02
N GLY C 507 -20.71 6.10 48.85
CA GLY C 507 -21.71 5.92 47.81
C GLY C 507 -21.11 5.95 46.42
N LYS C 508 -20.18 6.86 46.17
CA LYS C 508 -19.51 6.89 44.87
C LYS C 508 -18.73 5.58 44.63
N GLY C 509 -18.11 5.06 45.67
CA GLY C 509 -17.47 3.75 45.56
C GLY C 509 -18.46 2.67 45.19
N PHE C 510 -19.64 2.69 45.83
CA PHE C 510 -20.72 1.78 45.47
C PHE C 510 -21.01 1.87 43.98
N ALA C 511 -21.11 3.10 43.48
CA ALA C 511 -21.45 3.31 42.07
C ALA C 511 -20.39 2.68 41.17
N ILE C 512 -19.12 2.92 41.45
CA ILE C 512 -18.07 2.40 40.58
C ILE C 512 -18.03 0.87 40.64
N GLY C 513 -18.23 0.29 41.82
CA GLY C 513 -18.21 -1.17 41.92
C GLY C 513 -19.36 -1.80 41.16
N SER C 514 -20.57 -1.30 41.36
CA SER C 514 -21.71 -1.80 40.60
C SER C 514 -21.48 -1.64 39.11
N ALA C 515 -20.82 -0.54 38.71
CA ALA C 515 -20.54 -0.33 37.30
C ALA C 515 -19.59 -1.40 36.76
N ILE C 516 -18.57 -1.76 37.54
CA ILE C 516 -17.64 -2.81 37.08
C ILE C 516 -18.36 -4.14 36.93
N PHE C 517 -19.18 -4.51 37.92
CA PHE C 517 -19.90 -5.77 37.83
C PHE C 517 -20.83 -5.80 36.62
N ALA C 518 -21.63 -4.74 36.46
CA ALA C 518 -22.54 -4.66 35.32
C ALA C 518 -21.79 -4.60 34.00
N ALA C 519 -20.57 -4.05 34.00
CA ALA C 519 -19.81 -3.96 32.76
C ALA C 519 -19.29 -5.33 32.35
N LEU C 520 -18.88 -6.15 33.32
CA LEU C 520 -18.55 -7.54 32.98
C LEU C 520 -19.77 -8.28 32.44
N SER C 521 -20.91 -8.12 33.11
CA SER C 521 -22.12 -8.76 32.60
C SER C 521 -22.48 -8.27 31.21
N LEU C 522 -22.22 -7.00 30.91
CA LEU C 522 -22.51 -6.46 29.60
C LEU C 522 -21.52 -6.95 28.55
N PHE C 523 -20.26 -7.18 28.94
CA PHE C 523 -19.33 -7.88 28.06
C PHE C 523 -19.91 -9.23 27.65
N ALA C 524 -20.41 -9.97 28.65
CA ALA C 524 -21.04 -11.26 28.35
C ALA C 524 -22.20 -11.09 27.38
N SER C 525 -23.11 -10.15 27.67
CA SER C 525 -24.27 -9.94 26.82
C SER C 525 -23.88 -9.53 25.41
N TYR C 526 -22.80 -8.75 25.27
CA TYR C 526 -22.32 -8.33 23.95
C TYR C 526 -21.79 -9.52 23.15
N MET C 527 -20.92 -10.31 23.78
CA MET C 527 -20.44 -11.53 23.14
C MET C 527 -21.61 -12.42 22.74
N PHE C 528 -22.67 -12.45 23.54
CA PHE C 528 -23.87 -13.18 23.17
C PHE C 528 -24.56 -12.56 21.95
N SER C 529 -24.67 -11.23 21.94
CA SER C 529 -25.35 -10.55 20.85
C SER C 529 -24.67 -10.80 19.51
N GLN C 530 -23.37 -11.10 19.54
CA GLN C 530 -22.69 -11.37 18.27
C GLN C 530 -23.25 -12.57 17.51
N ILE C 531 -24.20 -13.33 18.09
CA ILE C 531 -24.71 -14.53 17.43
C ILE C 531 -25.80 -14.18 16.42
N SER C 532 -25.90 -15.01 15.38
CA SER C 532 -26.89 -14.86 14.32
C SER C 532 -27.78 -16.09 14.23
N PRO C 533 -28.92 -16.00 13.55
CA PRO C 533 -29.81 -17.17 13.46
C PRO C 533 -29.19 -18.39 12.79
N SER C 534 -28.43 -18.18 11.71
CA SER C 534 -27.77 -19.31 11.06
C SER C 534 -26.73 -19.96 11.96
N ASP C 535 -26.13 -19.17 12.86
CA ASP C 535 -25.13 -19.65 13.80
C ASP C 535 -25.72 -19.90 15.19
N ILE C 536 -27.02 -20.22 15.25
CA ILE C 536 -27.70 -20.33 16.53
C ILE C 536 -27.29 -21.58 17.30
N GLY C 537 -26.75 -22.59 16.62
CA GLY C 537 -26.39 -23.83 17.27
C GLY C 537 -24.99 -23.89 17.83
N LYS C 538 -24.25 -22.78 17.80
CA LYS C 538 -22.88 -22.79 18.28
C LYS C 538 -22.85 -23.05 19.79
N PRO C 539 -21.86 -23.80 20.28
CA PRO C 539 -21.73 -24.02 21.72
C PRO C 539 -21.37 -22.73 22.43
N PRO C 540 -21.95 -22.48 23.61
CA PRO C 540 -21.66 -21.21 24.30
C PRO C 540 -20.19 -20.99 24.57
N SER C 541 -19.40 -22.06 24.71
CA SER C 541 -17.96 -21.91 24.90
C SER C 541 -17.35 -21.12 23.75
N LEU C 542 -17.75 -21.45 22.51
CA LEU C 542 -17.24 -20.72 21.35
C LEU C 542 -17.81 -19.32 21.28
N VAL C 543 -18.98 -19.08 21.86
CA VAL C 543 -19.56 -17.74 21.82
C VAL C 543 -18.89 -16.82 22.82
N LEU C 544 -18.54 -17.33 23.99
CA LEU C 544 -17.96 -16.53 25.08
C LEU C 544 -16.44 -16.51 25.07
N LEU C 545 -15.78 -16.37 23.91
CA LEU C 545 -14.32 -16.29 23.87
C LEU C 545 -13.90 -14.94 23.30
N LEU C 546 -12.99 -14.27 24.00
CA LEU C 546 -12.42 -13.00 23.54
C LEU C 546 -10.91 -13.10 23.76
N ASN C 547 -10.24 -13.77 22.81
CA ASN C 547 -8.81 -14.02 22.93
C ASN C 547 -8.05 -12.71 23.05
N MET C 548 -7.37 -12.52 24.18
CA MET C 548 -6.57 -11.32 24.39
C MET C 548 -5.21 -11.42 23.73
N LEU C 549 -4.85 -12.56 23.16
CA LEU C 549 -3.65 -12.68 22.36
C LEU C 549 -3.84 -12.15 20.95
N ASP C 550 -5.08 -11.95 20.52
CA ASP C 550 -5.34 -11.28 19.25
C ASP C 550 -4.82 -9.86 19.31
N ALA C 551 -3.90 -9.53 18.41
CA ALA C 551 -3.32 -8.18 18.39
C ALA C 551 -4.41 -7.13 18.38
N ARG C 552 -5.52 -7.40 17.69
CA ARG C 552 -6.61 -6.44 17.62
C ARG C 552 -7.22 -6.19 19.00
N VAL C 553 -7.40 -7.25 19.80
CA VAL C 553 -8.04 -7.09 21.10
C VAL C 553 -7.18 -6.24 22.03
N ILE C 554 -5.88 -6.54 22.09
CA ILE C 554 -4.99 -5.80 22.98
C ILE C 554 -4.82 -4.36 22.47
N ALA C 555 -4.76 -4.18 21.15
CA ALA C 555 -4.73 -2.83 20.60
C ALA C 555 -5.98 -2.06 21.00
N GLY C 556 -7.14 -2.72 20.97
CA GLY C 556 -8.37 -2.06 21.41
C GLY C 556 -8.34 -1.72 22.88
N ALA C 557 -7.77 -2.60 23.69
CA ALA C 557 -7.63 -2.30 25.12
C ALA C 557 -6.78 -1.05 25.33
N LEU C 558 -5.65 -0.97 24.63
CA LEU C 558 -4.81 0.23 24.71
C LEU C 558 -5.57 1.47 24.27
N LEU C 559 -6.29 1.37 23.15
CA LEU C 559 -7.04 2.51 22.65
C LEU C 559 -8.12 2.92 23.64
N GLY C 560 -8.75 1.96 24.31
CA GLY C 560 -9.78 2.30 25.28
C GLY C 560 -9.22 2.98 26.51
N ALA C 561 -8.10 2.48 27.03
CA ALA C 561 -7.44 3.16 28.13
C ALA C 561 -7.08 4.60 27.74
N ALA C 562 -6.52 4.77 26.54
CA ALA C 562 -6.15 6.11 26.09
C ALA C 562 -7.37 7.00 25.92
N ILE C 563 -8.48 6.44 25.45
CA ILE C 563 -9.70 7.23 25.27
C ILE C 563 -10.24 7.68 26.62
N THR C 564 -10.24 6.79 27.62
CA THR C 564 -10.67 7.20 28.95
C THR C 564 -9.77 8.30 29.51
N TYR C 565 -8.46 8.15 29.34
CA TYR C 565 -7.53 9.16 29.83
C TYR C 565 -7.77 10.51 29.17
N TYR C 566 -7.94 10.51 27.85
CA TYR C 566 -8.18 11.78 27.15
C TYR C 566 -9.54 12.36 27.49
N PHE C 567 -10.53 11.51 27.76
CA PHE C 567 -11.84 12.00 28.18
C PHE C 567 -11.72 12.75 29.51
N SER C 568 -11.04 12.14 30.48
CA SER C 568 -10.80 12.83 31.75
C SER C 568 -10.00 14.11 31.53
N GLY C 569 -9.00 14.07 30.65
CA GLY C 569 -8.22 15.25 30.37
C GLY C 569 -9.04 16.37 29.79
N TYR C 570 -9.97 16.05 28.89
CA TYR C 570 -10.82 17.06 28.29
C TYR C 570 -11.77 17.66 29.31
N LEU C 571 -12.35 16.84 30.19
CA LEU C 571 -13.17 17.38 31.25
C LEU C 571 -12.38 18.35 32.11
N ILE C 572 -11.17 17.95 32.52
CA ILE C 572 -10.32 18.82 33.33
C ILE C 572 -9.97 20.09 32.57
N SER C 573 -9.76 19.99 31.26
CA SER C 573 -9.39 21.16 30.46
C SER C 573 -10.54 22.16 30.40
N ALA C 574 -11.76 21.67 30.18
CA ALA C 574 -12.91 22.56 30.21
C ALA C 574 -13.02 23.26 31.56
N VAL C 575 -12.92 22.48 32.65
CA VAL C 575 -13.03 23.08 33.97
C VAL C 575 -11.95 24.14 34.19
N THR C 576 -10.72 23.86 33.74
CA THR C 576 -9.63 24.80 33.98
C THR C 576 -9.79 26.07 33.15
N LYS C 577 -10.28 25.93 31.91
CA LYS C 577 -10.54 27.12 31.12
C LYS C 577 -11.56 28.02 31.81
N ALA C 578 -12.66 27.41 32.28
CA ALA C 578 -13.67 28.18 33.00
C ALA C 578 -13.07 28.85 34.23
N ALA C 579 -12.28 28.10 35.01
CA ALA C 579 -11.71 28.65 36.23
C ALA C 579 -10.71 29.77 35.94
N MET C 580 -9.96 29.67 34.84
CA MET C 580 -9.03 30.73 34.49
C MET C 580 -9.77 32.01 34.13
N LYS C 581 -10.79 31.89 33.27
CA LYS C 581 -11.61 33.07 32.95
C LYS C 581 -12.21 33.67 34.22
N MET C 582 -12.69 32.82 35.13
CA MET C 582 -13.32 33.33 36.35
C MET C 582 -12.31 34.04 37.25
N VAL C 583 -11.10 33.48 37.38
CA VAL C 583 -10.09 34.12 38.21
C VAL C 583 -9.71 35.48 37.63
N ASP C 584 -9.55 35.55 36.31
CA ASP C 584 -9.26 36.83 35.68
C ASP C 584 -10.37 37.84 35.96
N GLU C 585 -11.62 37.41 35.81
CA GLU C 585 -12.75 38.33 36.02
C GLU C 585 -12.81 38.79 37.48
N ILE C 586 -12.53 37.89 38.43
CA ILE C 586 -12.59 38.28 39.83
C ILE C 586 -11.50 39.28 40.16
N ARG C 587 -10.27 39.05 39.66
CA ARG C 587 -9.21 40.01 39.87
C ARG C 587 -9.57 41.37 39.28
N ARG C 588 -10.12 41.37 38.06
CA ARG C 588 -10.49 42.64 37.43
C ARG C 588 -11.57 43.36 38.22
N GLN C 589 -12.59 42.62 38.67
CA GLN C 589 -13.65 43.24 39.47
C GLN C 589 -13.11 43.83 40.75
N ALA C 590 -12.22 43.11 41.44
CA ALA C 590 -11.66 43.62 42.68
C ALA C 590 -10.82 44.86 42.46
N ARG C 591 -10.07 44.90 41.35
CA ARG C 591 -9.17 46.04 41.13
C ARG C 591 -9.93 47.27 40.65
N GLU C 592 -10.94 47.08 39.80
CA GLU C 592 -11.58 48.23 39.17
C GLU C 592 -12.68 48.82 40.05
N ILE C 593 -13.42 47.98 40.76
CA ILE C 593 -14.53 48.48 41.59
C ILE C 593 -13.98 48.96 42.93
N PRO C 594 -14.26 50.19 43.34
CA PRO C 594 -13.80 50.67 44.65
C PRO C 594 -14.77 50.35 45.76
N GLY C 595 -14.24 49.97 46.92
CA GLY C 595 -15.05 49.69 48.07
C GLY C 595 -15.55 48.26 48.19
N LEU C 596 -15.24 47.40 47.23
CA LEU C 596 -15.72 46.02 47.27
C LEU C 596 -15.05 45.23 48.38
N LEU C 597 -13.74 45.37 48.54
CA LEU C 597 -13.04 44.62 49.58
C LEU C 597 -13.39 45.12 50.97
N GLU C 598 -13.72 46.41 51.11
CA GLU C 598 -14.07 46.98 52.40
C GLU C 598 -15.50 46.70 52.83
N GLY C 599 -16.32 46.12 51.96
CA GLY C 599 -17.70 45.84 52.29
C GLY C 599 -18.68 46.93 51.95
N LYS C 600 -18.20 48.08 51.43
CA LYS C 600 -19.06 49.21 51.11
C LYS C 600 -19.51 49.21 49.65
N ALA C 601 -19.45 48.07 48.97
CA ALA C 601 -19.87 47.97 47.58
C ALA C 601 -20.37 46.56 47.30
N LYS C 602 -21.37 46.47 46.44
CA LYS C 602 -21.94 45.19 46.04
C LYS C 602 -21.28 44.71 44.75
N PRO C 603 -20.84 43.45 44.67
CA PRO C 603 -20.15 42.98 43.47
C PRO C 603 -21.11 42.51 42.38
N ASP C 604 -20.56 42.00 41.29
CA ASP C 604 -21.34 41.55 40.14
C ASP C 604 -21.15 40.04 39.99
N TYR C 605 -22.00 39.28 40.69
CA TYR C 605 -21.95 37.83 40.59
C TYR C 605 -22.39 37.34 39.21
N ASN C 606 -23.22 38.14 38.52
CA ASN C 606 -23.75 37.71 37.23
C ASN C 606 -22.65 37.43 36.23
N ARG C 607 -21.54 38.16 36.28
CA ARG C 607 -20.47 37.92 35.31
C ARG C 607 -19.89 36.52 35.47
N CYS C 608 -19.54 36.14 36.71
CA CYS C 608 -19.01 34.80 36.95
C CYS C 608 -20.05 33.72 36.64
N ILE C 609 -21.29 33.92 37.08
CA ILE C 609 -22.32 32.91 36.82
C ILE C 609 -22.49 32.72 35.32
N GLU C 610 -22.52 33.81 34.55
CA GLU C 610 -22.69 33.71 33.11
C GLU C 610 -21.49 33.03 32.46
N ILE C 611 -20.27 33.38 32.88
CA ILE C 611 -19.08 32.75 32.30
C ILE C 611 -19.14 31.24 32.51
N THR C 612 -19.36 30.82 33.75
CA THR C 612 -19.39 29.39 34.05
C THR C 612 -20.52 28.69 33.30
N SER C 613 -21.70 29.31 33.26
CA SER C 613 -22.83 28.70 32.55
C SER C 613 -22.53 28.53 31.07
N ASP C 614 -21.95 29.56 30.44
CA ASP C 614 -21.61 29.46 29.02
C ASP C 614 -20.61 28.32 28.79
N ASN C 615 -19.55 28.27 29.60
CA ASN C 615 -18.56 27.22 29.39
C ASN C 615 -19.17 25.83 29.58
N ALA C 616 -20.01 25.67 30.61
CA ALA C 616 -20.61 24.37 30.87
C ALA C 616 -21.52 23.95 29.73
N LEU C 617 -22.39 24.87 29.27
CA LEU C 617 -23.30 24.53 28.18
C LEU C 617 -22.54 24.25 26.89
N LYS C 618 -21.38 24.86 26.71
CA LYS C 618 -20.59 24.61 25.50
C LYS C 618 -19.85 23.28 25.59
N GLN C 619 -19.38 22.92 26.78
CA GLN C 619 -18.53 21.75 26.94
C GLN C 619 -19.29 20.48 27.32
N MET C 620 -20.57 20.57 27.65
CA MET C 620 -21.29 19.38 28.11
C MET C 620 -21.58 18.38 26.99
N GLY C 621 -21.60 18.83 25.74
CA GLY C 621 -22.04 17.97 24.64
C GLY C 621 -21.02 16.96 24.16
N TYR C 622 -19.75 17.36 24.10
CA TYR C 622 -18.74 16.52 23.48
C TYR C 622 -18.50 15.19 24.21
N PRO C 623 -18.49 15.13 25.54
CA PRO C 623 -18.19 13.84 26.20
C PRO C 623 -19.24 12.77 25.94
N ALA C 624 -20.53 13.13 25.99
CA ALA C 624 -21.58 12.16 25.70
C ALA C 624 -21.48 11.69 24.26
N PHE C 625 -21.19 12.60 23.33
CA PHE C 625 -21.02 12.21 21.94
C PHE C 625 -19.85 11.25 21.76
N ILE C 626 -18.74 11.48 22.48
CA ILE C 626 -17.65 10.52 22.47
C ILE C 626 -18.14 9.16 22.95
N ALA C 627 -18.76 9.14 24.13
CA ALA C 627 -19.18 7.88 24.72
C ALA C 627 -20.13 7.11 23.79
N ILE C 628 -20.93 7.82 23.00
CA ILE C 628 -21.86 7.16 22.10
C ILE C 628 -21.14 6.67 20.84
N LEU C 629 -20.31 7.54 20.24
CA LEU C 629 -19.77 7.27 18.90
C LEU C 629 -18.50 6.42 18.89
N THR C 630 -17.73 6.39 19.98
CA THR C 630 -16.52 5.57 20.01
C THR C 630 -16.79 4.13 19.60
N PRO C 631 -17.72 3.41 20.22
CA PRO C 631 -17.98 2.03 19.79
C PRO C 631 -18.36 1.92 18.33
N LEU C 632 -19.25 2.79 17.85
CA LEU C 632 -19.68 2.71 16.46
C LEU C 632 -18.51 2.82 15.50
N VAL C 633 -17.70 3.87 15.65
CA VAL C 633 -16.59 4.10 14.73
C VAL C 633 -15.59 2.95 14.84
N THR C 634 -15.23 2.57 16.06
CA THR C 634 -14.24 1.51 16.23
C THR C 634 -14.73 0.20 15.60
N GLY C 635 -16.03 -0.08 15.72
CA GLY C 635 -16.56 -1.32 15.17
C GLY C 635 -16.61 -1.30 13.65
N PHE C 636 -17.14 -0.22 13.08
CA PHE C 636 -17.16 -0.12 11.63
C PHE C 636 -15.76 -0.06 11.03
N LEU C 637 -14.75 0.29 11.82
CA LEU C 637 -13.40 0.37 11.30
C LEU C 637 -12.63 -0.94 11.42
N LEU C 638 -12.67 -1.58 12.59
CA LEU C 638 -11.82 -2.74 12.84
C LEU C 638 -12.58 -4.01 13.21
N GLY C 639 -13.83 -3.92 13.63
CA GLY C 639 -14.62 -5.11 13.88
C GLY C 639 -15.03 -5.20 15.33
N ALA C 640 -15.50 -6.39 15.70
CA ALA C 640 -16.03 -6.64 17.05
C ALA C 640 -14.95 -6.99 18.06
N GLU C 641 -13.90 -7.71 17.66
CA GLU C 641 -12.84 -8.05 18.60
C GLU C 641 -12.11 -6.79 19.09
N PHE C 642 -11.82 -5.88 18.18
CA PHE C 642 -11.19 -4.62 18.58
C PHE C 642 -12.10 -3.83 19.51
N VAL C 643 -13.41 -3.88 19.27
CA VAL C 643 -14.36 -3.18 20.12
C VAL C 643 -14.40 -3.80 21.51
N GLY C 644 -14.35 -5.14 21.59
CA GLY C 644 -14.27 -5.78 22.89
C GLY C 644 -13.01 -5.40 23.64
N GLY C 645 -11.88 -5.38 22.93
CA GLY C 645 -10.64 -4.93 23.57
C GLY C 645 -10.74 -3.50 24.06
N VAL C 646 -11.34 -2.62 23.26
CA VAL C 646 -11.52 -1.23 23.68
C VAL C 646 -12.40 -1.18 24.92
N LEU C 647 -13.45 -2.00 24.97
CA LEU C 647 -14.32 -2.03 26.14
C LEU C 647 -13.54 -2.45 27.38
N ILE C 648 -12.70 -3.48 27.25
CA ILE C 648 -11.93 -3.95 28.39
C ILE C 648 -10.97 -2.88 28.88
N GLY C 649 -10.23 -2.27 27.95
CA GLY C 649 -9.32 -1.20 28.33
C GLY C 649 -10.04 -0.04 29.00
N THR C 650 -11.19 0.34 28.45
CA THR C 650 -11.98 1.40 29.04
C THR C 650 -12.42 1.04 30.45
N VAL C 651 -12.88 -0.20 30.65
CA VAL C 651 -13.30 -0.62 31.98
C VAL C 651 -12.15 -0.46 32.97
N LEU C 652 -10.98 -1.02 32.64
CA LEU C 652 -9.86 -0.95 33.56
C LEU C 652 -9.48 0.49 33.88
N SER C 653 -9.23 1.29 32.84
CA SER C 653 -8.77 2.66 33.07
C SER C 653 -9.82 3.47 33.80
N GLY C 654 -11.10 3.29 33.47
CA GLY C 654 -12.15 4.05 34.12
C GLY C 654 -12.27 3.71 35.59
N ALA C 655 -12.26 2.41 35.92
CA ALA C 655 -12.27 2.02 37.32
C ALA C 655 -11.12 2.69 38.07
N MET C 656 -9.91 2.54 37.55
CA MET C 656 -8.75 3.09 38.25
C MET C 656 -8.89 4.59 38.44
N LEU C 657 -9.21 5.32 37.36
CA LEU C 657 -9.25 6.78 37.44
C LEU C 657 -10.37 7.26 38.33
N ALA C 658 -11.54 6.62 38.27
CA ALA C 658 -12.64 7.02 39.14
C ALA C 658 -12.28 6.85 40.60
N ILE C 659 -11.77 5.66 40.96
CA ILE C 659 -11.38 5.42 42.35
C ILE C 659 -10.35 6.45 42.79
N LEU C 660 -9.29 6.63 41.99
CA LEU C 660 -8.21 7.53 42.36
C LEU C 660 -8.72 8.95 42.53
N THR C 661 -9.45 9.46 41.55
CA THR C 661 -9.93 10.85 41.60
C THR C 661 -10.83 11.06 42.81
N ALA C 662 -11.83 10.19 42.98
CA ALA C 662 -12.73 10.34 44.11
C ALA C 662 -11.95 10.36 45.42
N ASN C 663 -11.07 9.39 45.62
CA ASN C 663 -10.36 9.29 46.89
C ASN C 663 -9.48 10.49 47.14
N SER C 664 -8.73 10.94 46.12
CA SER C 664 -7.81 12.06 46.31
C SER C 664 -8.55 13.37 46.54
N GLY C 665 -9.62 13.62 45.77
CA GLY C 665 -10.40 14.82 46.00
C GLY C 665 -11.03 14.85 47.39
N GLY C 666 -11.61 13.74 47.80
CA GLY C 666 -12.16 13.67 49.15
C GLY C 666 -11.11 13.88 50.21
N ALA C 667 -9.92 13.29 50.02
CA ALA C 667 -8.85 13.45 50.99
C ALA C 667 -8.44 14.92 51.10
N TRP C 668 -8.25 15.58 49.97
CA TRP C 668 -7.89 17.00 49.99
C TRP C 668 -8.96 17.82 50.71
N ASP C 669 -10.23 17.59 50.36
CA ASP C 669 -11.30 18.39 50.96
C ASP C 669 -11.38 18.17 52.46
N ASN C 670 -11.29 16.91 52.91
CA ASN C 670 -11.40 16.64 54.34
C ASN C 670 -10.16 17.11 55.10
N ALA C 671 -8.98 17.09 54.47
CA ALA C 671 -7.81 17.66 55.13
C ALA C 671 -7.92 19.17 55.26
N LYS C 672 -8.47 19.83 54.24
CA LYS C 672 -8.75 21.26 54.38
C LYS C 672 -9.76 21.50 55.50
N LYS C 673 -10.75 20.62 55.62
CA LYS C 673 -11.71 20.74 56.71
C LYS C 673 -11.00 20.60 58.06
N TYR C 674 -10.05 19.68 58.14
CA TYR C 674 -9.26 19.50 59.35
C TYR C 674 -8.48 20.77 59.70
N LEU C 675 -7.80 21.35 58.71
CA LEU C 675 -7.01 22.55 58.98
C LEU C 675 -7.88 23.75 59.34
N GLU C 676 -9.00 23.93 58.63
CA GLU C 676 -9.85 25.09 58.87
C GLU C 676 -10.50 25.03 60.25
N ALA C 677 -10.90 23.84 60.70
CA ALA C 677 -11.52 23.70 62.01
C ALA C 677 -10.58 24.09 63.15
N GLY C 678 -9.30 24.26 62.87
CA GLY C 678 -8.34 24.61 63.91
C GLY C 678 -7.71 23.44 64.63
N ASN C 679 -7.77 22.23 64.05
CA ASN C 679 -7.21 21.06 64.69
C ASN C 679 -5.69 20.97 64.56
N LEU C 680 -5.09 21.81 63.73
CA LEU C 680 -3.64 21.90 63.63
C LEU C 680 -3.11 22.87 64.68
N GLU C 681 -1.91 22.59 65.17
CA GLU C 681 -1.34 23.33 66.29
C GLU C 681 -0.62 24.57 65.75
N GLY C 682 -1.20 25.74 65.98
CA GLY C 682 -0.58 27.00 65.67
C GLY C 682 -0.91 27.57 64.31
N TYR C 683 -1.25 26.72 63.35
CA TYR C 683 -1.53 27.14 61.98
C TYR C 683 -3.04 27.27 61.78
N GLY C 684 -3.47 28.40 61.22
CA GLY C 684 -4.89 28.67 61.07
C GLY C 684 -5.32 28.92 59.63
N LYS C 685 -6.54 29.42 59.47
CA LYS C 685 -7.11 29.61 58.13
C LYS C 685 -6.27 30.53 57.26
N GLY C 686 -5.39 31.33 57.85
CA GLY C 686 -4.58 32.27 57.11
C GLY C 686 -3.14 31.88 56.90
N SER C 687 -2.72 30.72 57.39
CA SER C 687 -1.32 30.32 57.28
C SER C 687 -0.98 29.87 55.87
N GLU C 688 0.30 29.99 55.51
CA GLU C 688 0.76 29.51 54.21
C GLU C 688 0.50 28.02 54.02
N PRO C 689 0.73 27.15 55.01
CA PRO C 689 0.33 25.74 54.84
C PRO C 689 -1.15 25.60 54.54
N HIS C 690 -2.00 26.44 55.13
CA HIS C 690 -3.41 26.40 54.79
C HIS C 690 -3.64 26.81 53.34
N LYS C 691 -2.85 27.77 52.83
CA LYS C 691 -2.95 28.12 51.42
C LYS C 691 -2.56 26.95 50.53
N ALA C 692 -1.49 26.23 50.89
CA ALA C 692 -1.10 25.07 50.11
C ALA C 692 -2.19 23.99 50.15
N LEU C 693 -2.79 23.77 51.32
CA LEU C 693 -3.87 22.80 51.43
C LEU C 693 -5.08 23.23 50.60
N VAL C 694 -5.35 24.54 50.56
CA VAL C 694 -6.45 25.04 49.75
C VAL C 694 -6.17 24.83 48.28
N ILE C 695 -4.92 25.02 47.85
CA ILE C 695 -4.57 24.76 46.45
C ILE C 695 -4.77 23.28 46.14
N GLY C 696 -4.36 22.40 47.05
CA GLY C 696 -4.59 20.99 46.85
C GLY C 696 -6.07 20.66 46.75
N ASP C 697 -6.89 21.28 47.61
CA ASP C 697 -8.33 21.07 47.56
C ASP C 697 -8.92 21.56 46.24
N THR C 698 -8.42 22.69 45.73
CA THR C 698 -8.92 23.18 44.45
C THR C 698 -8.56 22.22 43.33
N VAL C 699 -7.34 21.66 43.37
CA VAL C 699 -6.98 20.67 42.37
C VAL C 699 -7.85 19.42 42.49
N GLY C 700 -8.21 19.06 43.72
CA GLY C 700 -9.04 17.87 43.91
C GLY C 700 -10.51 18.06 43.62
N ASP C 701 -11.01 19.29 43.63
CA ASP C 701 -12.43 19.52 43.35
C ASP C 701 -12.87 18.97 42.01
N PRO C 702 -12.23 19.33 40.89
CA PRO C 702 -12.66 18.77 39.60
C PRO C 702 -12.50 17.26 39.50
N LEU C 703 -11.43 16.72 40.10
CA LEU C 703 -11.21 15.28 40.00
C LEU C 703 -12.29 14.49 40.73
N LYS C 704 -12.80 15.01 41.84
CA LYS C 704 -13.73 14.26 42.66
C LYS C 704 -15.16 14.27 42.11
N ASP C 705 -15.62 15.41 41.60
CA ASP C 705 -17.03 15.57 41.25
C ASP C 705 -17.28 15.72 39.76
N THR C 706 -16.24 15.75 38.93
CA THR C 706 -16.39 15.80 37.49
C THR C 706 -15.80 14.56 36.81
N VAL C 707 -14.54 14.23 37.09
CA VAL C 707 -13.90 13.11 36.44
C VAL C 707 -14.31 11.79 37.10
N GLY C 708 -14.47 11.79 38.42
CA GLY C 708 -14.78 10.57 39.13
C GLY C 708 -16.09 9.97 38.68
N PRO C 709 -17.18 10.75 38.83
CA PRO C 709 -18.50 10.21 38.47
C PRO C 709 -18.69 10.00 36.98
N SER C 710 -18.09 10.83 36.13
CA SER C 710 -18.33 10.72 34.69
C SER C 710 -17.80 9.41 34.12
N LEU C 711 -16.78 8.82 34.74
CA LEU C 711 -16.15 7.65 34.14
C LEU C 711 -17.05 6.42 34.21
N ASP C 712 -17.75 6.23 35.33
CA ASP C 712 -18.67 5.09 35.42
C ASP C 712 -19.81 5.21 34.41
N ILE C 713 -20.34 6.43 34.24
CA ILE C 713 -21.36 6.64 33.21
C ILE C 713 -20.78 6.33 31.84
N LEU C 714 -19.55 6.75 31.57
CA LEU C 714 -18.92 6.46 30.29
C LEU C 714 -18.84 4.96 30.07
N ILE C 715 -18.40 4.21 31.08
CA ILE C 715 -18.28 2.77 30.96
C ILE C 715 -19.63 2.16 30.60
N LYS C 716 -20.67 2.52 31.35
CA LYS C 716 -21.96 1.87 31.12
C LYS C 716 -22.56 2.26 29.78
N ILE C 717 -22.47 3.54 29.41
CA ILE C 717 -23.04 3.99 28.15
C ILE C 717 -22.33 3.35 26.97
N MET C 718 -21.00 3.28 27.02
CA MET C 718 -20.26 2.68 25.91
C MET C 718 -20.54 1.19 25.81
N SER C 719 -20.59 0.48 26.94
CA SER C 719 -20.88 -0.95 26.88
C SER C 719 -22.27 -1.21 26.32
N VAL C 720 -23.25 -0.39 26.72
CA VAL C 720 -24.60 -0.59 26.20
C VAL C 720 -24.66 -0.29 24.71
N VAL C 721 -24.04 0.79 24.27
CA VAL C 721 -24.03 1.12 22.84
C VAL C 721 -23.39 0.00 22.05
N SER C 722 -22.26 -0.52 22.52
CA SER C 722 -21.60 -1.61 21.81
C SER C 722 -22.49 -2.85 21.77
N VAL C 723 -23.12 -3.20 22.89
CA VAL C 723 -23.99 -4.37 22.90
C VAL C 723 -25.14 -4.19 21.91
N ILE C 724 -25.56 -2.95 21.69
CA ILE C 724 -26.74 -2.74 20.80
C ILE C 724 -26.34 -2.88 19.34
N ALA C 725 -25.25 -2.26 18.91
CA ALA C 725 -24.91 -2.21 17.46
C ALA C 725 -23.89 -3.26 17.05
N VAL C 726 -23.63 -4.26 17.87
CA VAL C 726 -22.55 -5.24 17.53
C VAL C 726 -22.90 -5.97 16.24
N SER C 727 -24.17 -6.30 16.02
CA SER C 727 -24.53 -7.12 14.84
C SER C 727 -24.14 -6.44 13.53
N ILE C 728 -24.47 -5.17 13.36
CA ILE C 728 -24.20 -4.49 12.06
C ILE C 728 -22.70 -4.36 11.84
N PHE C 729 -21.96 -3.92 12.86
CA PHE C 729 -20.52 -3.65 12.67
C PHE C 729 -19.72 -4.92 12.39
N LYS C 730 -20.15 -6.06 12.93
CA LYS C 730 -19.31 -7.26 12.72
C LYS C 730 -19.24 -7.52 11.22
N HIS C 731 -20.35 -7.36 10.52
CA HIS C 731 -20.36 -7.53 9.05
C HIS C 731 -19.54 -6.43 8.37
N VAL C 732 -19.67 -5.17 8.81
CA VAL C 732 -19.00 -4.07 8.09
C VAL C 732 -17.70 -3.68 8.79
N HIS C 733 -16.56 -4.14 8.30
CA HIS C 733 -15.26 -3.71 8.86
C HIS C 733 -14.39 -3.21 7.70
N LEU C 734 -14.00 -1.94 7.71
CA LEU C 734 -13.21 -1.37 6.60
C LEU C 734 -11.85 -2.06 6.55
N PHE C 735 -11.25 -2.28 7.71
CA PHE C 735 -9.94 -2.96 7.78
C PHE C 735 -10.14 -4.34 8.39
N TYR D 11 33.26 -16.79 8.12
CA TYR D 11 31.96 -16.26 8.50
C TYR D 11 32.07 -14.86 9.10
N VAL D 12 31.12 -14.00 8.73
CA VAL D 12 31.09 -12.61 9.21
C VAL D 12 30.72 -12.52 10.68
N ALA D 13 30.22 -13.61 11.27
CA ALA D 13 29.87 -13.61 12.68
C ALA D 13 31.00 -13.10 13.55
N ALA D 14 32.26 -13.36 13.17
CA ALA D 14 33.38 -12.84 13.94
C ALA D 14 33.38 -11.31 13.96
N LEU D 15 33.15 -10.69 12.79
CA LEU D 15 33.08 -9.23 12.73
C LEU D 15 31.90 -8.71 13.53
N PHE D 16 30.74 -9.36 13.39
CA PHE D 16 29.57 -8.93 14.13
C PHE D 16 29.79 -9.03 15.63
N PHE D 17 30.55 -10.03 16.07
CA PHE D 17 30.86 -10.17 17.49
C PHE D 17 31.90 -9.15 17.93
N LEU D 18 32.81 -8.76 17.04
CA LEU D 18 33.78 -7.72 17.38
C LEU D 18 33.14 -6.34 17.45
N ILE D 19 32.00 -6.15 16.78
CA ILE D 19 31.33 -4.84 16.82
C ILE D 19 31.23 -4.27 18.23
N PRO D 20 30.71 -4.99 19.23
CA PRO D 20 30.58 -4.39 20.57
C PRO D 20 31.91 -3.99 21.19
N LEU D 21 32.96 -4.77 20.97
CA LEU D 21 34.29 -4.36 21.45
C LEU D 21 34.75 -3.08 20.77
N VAL D 22 34.39 -2.91 19.49
CA VAL D 22 34.72 -1.67 18.79
C VAL D 22 33.96 -0.51 19.43
N ALA D 23 32.70 -0.72 19.78
CA ALA D 23 31.93 0.32 20.47
C ALA D 23 32.59 0.70 21.79
N LEU D 24 32.99 -0.31 22.57
CA LEU D 24 33.65 -0.05 23.84
C LEU D 24 34.95 0.72 23.64
N GLY D 25 35.73 0.34 22.62
CA GLY D 25 36.97 1.05 22.35
C GLY D 25 36.75 2.49 21.95
N PHE D 26 35.70 2.75 21.15
CA PHE D 26 35.40 4.11 20.76
C PHE D 26 34.94 4.93 21.97
N ALA D 27 34.19 4.30 22.87
CA ALA D 27 33.80 4.98 24.10
C ALA D 27 35.02 5.31 24.96
N ALA D 28 35.98 4.38 25.03
CA ALA D 28 37.21 4.64 25.78
C ALA D 28 38.00 5.77 25.14
N ALA D 29 38.05 5.82 23.81
CA ALA D 29 38.74 6.90 23.12
C ALA D 29 38.07 8.24 23.43
N ASN D 30 36.74 8.28 23.42
CA ASN D 30 36.03 9.51 23.78
C ASN D 30 36.32 9.91 25.22
N PHE D 31 36.35 8.93 26.13
CA PHE D 31 36.66 9.22 27.52
C PHE D 31 38.06 9.81 27.66
N ALA D 32 39.03 9.28 26.92
CA ALA D 32 40.38 9.83 26.97
C ALA D 32 40.41 11.23 26.37
N ALA D 33 39.65 11.46 25.31
CA ALA D 33 39.60 12.79 24.70
C ALA D 33 39.00 13.80 25.66
N VAL D 34 38.02 13.39 26.46
CA VAL D 34 37.37 14.32 27.37
C VAL D 34 38.19 14.52 28.65
N VAL D 35 38.90 13.48 29.11
CA VAL D 35 39.69 13.63 30.33
C VAL D 35 40.86 14.58 30.09
N ARG D 36 41.37 14.65 28.85
CA ARG D 36 42.45 15.56 28.50
C ARG D 36 41.97 16.99 28.32
N LYS D 37 40.67 17.24 28.42
CA LYS D 37 40.12 18.59 28.34
C LYS D 37 40.73 19.48 29.41
N PRO D 38 41.42 20.56 29.04
CA PRO D 38 42.02 21.44 30.04
C PRO D 38 40.97 22.03 30.96
N GLU D 39 41.26 22.01 32.26
CA GLU D 39 40.32 22.50 33.26
C GLU D 39 40.33 24.02 33.26
N GLY D 40 39.18 24.62 32.90
CA GLY D 40 39.12 26.07 32.81
C GLY D 40 39.47 26.76 34.11
N THR D 41 38.87 26.33 35.21
CA THR D 41 39.15 26.89 36.52
C THR D 41 39.37 25.76 37.52
N GLU D 42 40.49 25.82 38.24
CA GLU D 42 40.74 24.84 39.29
C GLU D 42 39.82 25.03 40.48
N ARG D 43 39.30 26.25 40.68
CA ARG D 43 38.37 26.48 41.79
C ARG D 43 37.13 25.61 41.67
N MET D 44 36.60 25.46 40.46
CA MET D 44 35.47 24.56 40.25
C MET D 44 35.85 23.11 40.50
N LYS D 45 37.14 22.77 40.39
CA LYS D 45 37.59 21.41 40.60
C LYS D 45 37.29 20.91 42.01
N GLU D 46 37.36 21.77 43.01
CA GLU D 46 37.07 21.35 44.38
C GLU D 46 35.62 20.88 44.52
N ILE D 47 34.67 21.70 44.06
CA ILE D 47 33.27 21.33 44.13
C ILE D 47 33.00 20.10 43.27
N SER D 48 33.68 20.01 42.12
CA SER D 48 33.55 18.83 41.28
C SER D 48 34.01 17.58 42.01
N SER D 49 35.13 17.67 42.72
CA SER D 49 35.61 16.53 43.50
C SER D 49 34.61 16.14 44.56
N TYR D 50 34.00 17.12 45.23
CA TYR D 50 32.99 16.80 46.24
C TYR D 50 31.81 16.05 45.62
N ILE D 51 31.29 16.57 44.50
CA ILE D 51 30.16 15.94 43.84
C ILE D 51 30.52 14.54 43.36
N ARG D 52 31.72 14.38 42.80
CA ARG D 52 32.14 13.07 42.32
C ARG D 52 32.27 12.08 43.45
N SER D 53 32.79 12.52 44.60
CA SER D 53 32.88 11.62 45.76
C SER D 53 31.50 11.16 46.20
N GLY D 54 30.56 12.10 46.30
CA GLY D 54 29.21 11.72 46.69
C GLY D 54 28.57 10.73 45.72
N ALA D 55 28.65 11.04 44.42
CA ALA D 55 28.05 10.17 43.42
C ALA D 55 28.70 8.78 43.43
N ASP D 56 30.03 8.72 43.54
CA ASP D 56 30.71 7.44 43.56
C ASP D 56 30.33 6.63 44.79
N SER D 57 30.22 7.28 45.94
CA SER D 57 29.81 6.57 47.15
C SER D 57 28.43 5.97 46.98
N PHE D 58 27.47 6.78 46.51
CA PHE D 58 26.12 6.24 46.34
C PHE D 58 26.11 5.10 45.33
N LEU D 59 26.82 5.25 44.22
CA LEU D 59 26.82 4.20 43.20
C LEU D 59 27.46 2.93 43.72
N ALA D 60 28.51 3.05 44.53
CA ALA D 60 29.16 1.88 45.10
C ALA D 60 28.23 1.15 46.05
N HIS D 61 27.56 1.89 46.94
CA HIS D 61 26.61 1.27 47.86
C HIS D 61 25.50 0.56 47.09
N GLU D 62 24.90 1.26 46.12
CA GLU D 62 23.84 0.66 45.32
C GLU D 62 24.31 -0.60 44.63
N THR D 63 25.53 -0.57 44.06
CA THR D 63 26.03 -1.72 43.34
C THR D 63 26.28 -2.90 44.28
N LYS D 64 26.81 -2.63 45.47
CA LYS D 64 26.98 -3.70 46.44
C LYS D 64 25.66 -4.36 46.79
N ALA D 65 24.64 -3.56 47.13
CA ALA D 65 23.35 -4.13 47.49
C ALA D 65 22.76 -4.91 46.31
N ILE D 66 22.78 -4.32 45.12
CA ILE D 66 22.19 -4.95 43.94
C ILE D 66 22.90 -6.25 43.62
N PHE D 67 24.22 -6.30 43.82
CA PHE D 67 24.94 -7.52 43.49
C PHE D 67 24.71 -8.60 44.53
N LYS D 68 24.50 -8.23 45.79
CA LYS D 68 24.06 -9.22 46.77
C LYS D 68 22.72 -9.82 46.37
N VAL D 69 21.73 -8.96 46.07
CA VAL D 69 20.42 -9.46 45.69
C VAL D 69 20.51 -10.29 44.41
N ALA D 70 21.40 -9.91 43.50
CA ALA D 70 21.56 -10.64 42.24
C ALA D 70 22.17 -12.01 42.48
N ILE D 71 23.13 -12.11 43.39
CA ILE D 71 23.69 -13.42 43.74
C ILE D 71 22.61 -14.32 44.32
N VAL D 72 21.77 -13.77 45.21
CA VAL D 72 20.69 -14.57 45.78
C VAL D 72 19.75 -15.06 44.69
N ILE D 73 19.30 -14.14 43.83
CA ILE D 73 18.34 -14.50 42.78
C ILE D 73 18.96 -15.51 41.82
N ALA D 74 20.25 -15.37 41.52
CA ALA D 74 20.90 -16.29 40.59
C ALA D 74 21.01 -17.68 41.19
N ILE D 75 21.35 -17.76 42.48
CA ILE D 75 21.39 -19.06 43.14
C ILE D 75 20.01 -19.72 43.08
N LEU D 76 18.96 -18.95 43.38
CA LEU D 76 17.61 -19.50 43.35
C LEU D 76 17.24 -19.98 41.95
N LEU D 77 17.55 -19.19 40.92
CA LEU D 77 17.24 -19.57 39.56
C LEU D 77 17.99 -20.83 39.16
N MET D 78 19.28 -20.92 39.49
CA MET D 78 20.06 -22.11 39.17
C MET D 78 19.48 -23.34 39.88
N ILE D 79 18.99 -23.16 41.10
CA ILE D 79 18.43 -24.29 41.84
C ILE D 79 17.13 -24.76 41.20
N PHE D 80 16.12 -23.89 41.17
CA PHE D 80 14.81 -24.32 40.70
C PHE D 80 14.77 -24.47 39.18
N THR D 81 15.43 -23.57 38.46
CA THR D 81 15.46 -23.61 37.00
C THR D 81 16.89 -23.89 36.54
N THR D 82 17.07 -23.93 35.22
CA THR D 82 18.37 -24.24 34.66
C THR D 82 19.47 -23.38 35.29
N TRP D 83 20.58 -24.03 35.65
CA TRP D 83 21.72 -23.30 36.17
C TRP D 83 22.24 -22.28 35.16
N GLN D 84 22.21 -22.65 33.87
CA GLN D 84 22.58 -21.71 32.82
C GLN D 84 21.73 -20.45 32.91
N THR D 85 20.49 -20.57 33.38
CA THR D 85 19.63 -19.41 33.59
C THR D 85 20.24 -18.46 34.62
N GLY D 86 20.70 -18.99 35.75
CA GLY D 86 21.33 -18.15 36.75
C GLY D 86 22.63 -17.55 36.26
N VAL D 87 23.38 -18.31 35.45
CA VAL D 87 24.63 -17.78 34.90
C VAL D 87 24.35 -16.58 34.01
N ALA D 88 23.37 -16.71 33.11
CA ALA D 88 23.01 -15.60 32.23
C ALA D 88 22.40 -14.44 33.02
N PHE D 89 21.65 -14.74 34.08
CA PHE D 89 21.13 -13.69 34.95
C PHE D 89 22.27 -12.84 35.51
N LEU D 90 23.27 -13.51 36.11
CA LEU D 90 24.42 -12.79 36.64
C LEU D 90 25.15 -12.02 35.54
N LEU D 91 25.31 -12.64 34.37
CA LEU D 91 26.00 -11.96 33.27
C LEU D 91 25.30 -10.66 32.91
N GLY D 92 23.98 -10.72 32.67
CA GLY D 92 23.26 -9.51 32.30
C GLY D 92 23.26 -8.46 33.40
N ALA D 93 23.12 -8.90 34.66
CA ALA D 93 23.15 -7.95 35.76
C ALA D 93 24.49 -7.21 35.82
N VAL D 94 25.59 -7.95 35.68
CA VAL D 94 26.91 -7.32 35.70
C VAL D 94 27.08 -6.40 34.50
N MET D 95 26.56 -6.79 33.34
CA MET D 95 26.64 -5.94 32.16
C MET D 95 25.95 -4.59 32.41
N SER D 96 24.71 -4.64 32.90
CA SER D 96 23.97 -3.41 33.16
C SER D 96 24.68 -2.57 34.22
N ALA D 97 25.16 -3.20 35.29
CA ALA D 97 25.85 -2.45 36.34
C ALA D 97 27.11 -1.78 35.80
N SER D 98 27.86 -2.48 34.95
CA SER D 98 29.06 -1.90 34.37
C SER D 98 28.72 -0.71 33.48
N ALA D 99 27.67 -0.83 32.66
CA ALA D 99 27.24 0.29 31.85
C ALA D 99 26.90 1.49 32.73
N GLY D 100 26.12 1.27 33.79
CA GLY D 100 25.74 2.36 34.67
C GLY D 100 26.94 3.02 35.32
N ILE D 101 27.87 2.22 35.83
CA ILE D 101 29.04 2.78 36.51
C ILE D 101 29.90 3.57 35.53
N VAL D 102 30.11 3.04 34.32
CA VAL D 102 30.90 3.74 33.32
C VAL D 102 30.26 5.09 33.00
N GLY D 103 28.95 5.08 32.75
CA GLY D 103 28.27 6.33 32.44
C GLY D 103 28.35 7.34 33.57
N MET D 104 28.13 6.88 34.81
CA MET D 104 28.18 7.79 35.95
C MET D 104 29.56 8.42 36.09
N LYS D 105 30.61 7.60 35.99
CA LYS D 105 31.96 8.13 36.11
C LYS D 105 32.27 9.13 35.01
N MET D 106 31.91 8.79 33.77
CA MET D 106 32.18 9.69 32.66
C MET D 106 31.45 11.02 32.83
N ALA D 107 30.17 10.97 33.23
CA ALA D 107 29.41 12.20 33.39
C ALA D 107 29.97 13.05 34.53
N THR D 108 30.27 12.42 35.68
CA THR D 108 30.85 13.16 36.78
C THR D 108 32.18 13.79 36.41
N ARG D 109 32.94 13.15 35.51
CA ARG D 109 34.22 13.72 35.10
C ARG D 109 34.05 14.83 34.07
N ALA D 110 33.06 14.72 33.19
CA ALA D 110 32.89 15.66 32.08
C ALA D 110 32.00 16.84 32.40
N ASN D 111 31.28 16.83 33.52
CA ASN D 111 30.43 17.97 33.86
C ASN D 111 31.25 19.25 33.93
N VAL D 112 32.36 19.23 34.66
CA VAL D 112 33.20 20.41 34.76
C VAL D 112 33.92 20.68 33.45
N ARG D 113 34.23 19.63 32.69
CA ARG D 113 34.92 19.81 31.42
C ARG D 113 34.09 20.64 30.44
N VAL D 114 32.80 20.31 30.31
CA VAL D 114 31.96 21.06 29.36
C VAL D 114 31.82 22.51 29.79
N ALA D 115 31.65 22.75 31.09
CA ALA D 115 31.53 24.12 31.59
C ALA D 115 32.80 24.91 31.37
N GLU D 116 33.96 24.30 31.64
CA GLU D 116 35.23 24.97 31.43
C GLU D 116 35.45 25.29 29.97
N ALA D 117 35.13 24.34 29.08
CA ALA D 117 35.24 24.58 27.65
C ALA D 117 34.36 25.75 27.23
N ALA D 118 33.12 25.79 27.73
CA ALA D 118 32.22 26.87 27.37
C ALA D 118 32.73 28.21 27.87
N ARG D 119 33.20 28.28 29.12
CA ARG D 119 33.64 29.55 29.67
C ARG D 119 34.88 30.06 28.94
N THR D 120 35.86 29.19 28.72
CA THR D 120 37.08 29.62 28.03
C THR D 120 36.77 30.01 26.59
N THR D 121 36.12 29.11 25.83
CA THR D 121 35.84 29.40 24.43
C THR D 121 34.78 30.48 24.27
N LYS D 122 33.86 30.60 25.22
CA LYS D 122 32.74 31.54 25.16
C LYS D 122 31.81 31.23 24.00
N LYS D 123 31.89 30.02 23.44
CA LYS D 123 31.03 29.59 22.35
C LYS D 123 30.38 28.26 22.70
N ILE D 124 29.14 28.09 22.25
CA ILE D 124 28.38 26.88 22.57
C ILE D 124 28.89 25.66 21.81
N GLY D 125 29.59 25.86 20.70
CA GLY D 125 30.01 24.78 19.84
C GLY D 125 30.91 23.75 20.51
N PRO D 126 32.03 24.20 21.07
CA PRO D 126 32.96 23.24 21.70
C PRO D 126 32.34 22.51 22.88
N ALA D 127 31.59 23.21 23.73
CA ALA D 127 30.91 22.55 24.83
C ALA D 127 29.93 21.52 24.33
N LEU D 128 29.18 21.84 23.27
CA LEU D 128 28.29 20.86 22.67
C LEU D 128 29.07 19.65 22.17
N LYS D 129 30.23 19.87 21.57
CA LYS D 129 31.05 18.75 21.09
C LYS D 129 31.46 17.84 22.24
N VAL D 130 31.91 18.43 23.34
CA VAL D 130 32.33 17.63 24.50
C VAL D 130 31.15 16.86 25.07
N ALA D 131 30.00 17.53 25.19
CA ALA D 131 28.82 16.86 25.72
C ALA D 131 28.37 15.72 24.81
N TYR D 132 28.47 15.91 23.49
CA TYR D 132 28.13 14.82 22.59
C TYR D 132 29.13 13.67 22.68
N GLN D 133 30.40 13.97 22.96
CA GLN D 133 31.36 12.90 23.21
C GLN D 133 30.96 12.10 24.44
N GLY D 134 30.52 12.79 25.50
CA GLY D 134 30.03 12.08 26.68
C GLY D 134 28.82 11.22 26.36
N GLY D 135 27.85 11.79 25.65
CA GLY D 135 26.69 11.00 25.25
C GLY D 135 27.08 9.81 24.41
N SER D 136 28.11 9.95 23.58
CA SER D 136 28.58 8.84 22.75
C SER D 136 29.21 7.76 23.61
N VAL D 137 30.00 8.14 24.61
CA VAL D 137 30.52 7.13 25.53
C VAL D 137 29.37 6.36 26.17
N MET D 138 28.33 7.08 26.61
CA MET D 138 27.19 6.41 27.24
C MET D 138 26.51 5.44 26.28
N GLY D 139 26.19 5.91 25.07
CA GLY D 139 25.49 5.06 24.13
C GLY D 139 26.31 3.87 23.67
N LEU D 140 27.60 4.09 23.42
CA LEU D 140 28.48 2.99 23.05
C LEU D 140 28.60 1.98 24.19
N SER D 141 28.68 2.46 25.43
CA SER D 141 28.70 1.54 26.56
C SER D 141 27.45 0.68 26.58
N VAL D 142 26.28 1.31 26.48
CA VAL D 142 25.03 0.56 26.50
C VAL D 142 25.03 -0.50 25.40
N GLY D 143 25.23 -0.07 24.15
CA GLY D 143 25.14 -0.99 23.04
C GLY D 143 26.17 -2.10 23.12
N GLY D 144 27.43 -1.75 23.40
CA GLY D 144 28.47 -2.75 23.45
C GLY D 144 28.25 -3.76 24.56
N PHE D 145 27.85 -3.30 25.75
CA PHE D 145 27.59 -4.23 26.84
C PHE D 145 26.43 -5.16 26.50
N ALA D 146 25.34 -4.59 26.00
CA ALA D 146 24.19 -5.43 25.62
C ALA D 146 24.60 -6.49 24.62
N LEU D 147 25.24 -6.08 23.52
CA LEU D 147 25.60 -7.04 22.48
C LEU D 147 26.66 -8.02 22.96
N LEU D 148 27.59 -7.58 23.81
CA LEU D 148 28.58 -8.49 24.35
C LEU D 148 27.92 -9.59 25.18
N GLY D 149 27.07 -9.21 26.13
CA GLY D 149 26.36 -10.21 26.91
C GLY D 149 25.53 -11.15 26.05
N LEU D 150 24.80 -10.59 25.07
CA LEU D 150 23.92 -11.41 24.26
C LEU D 150 24.71 -12.39 23.40
N VAL D 151 25.75 -11.90 22.71
CA VAL D 151 26.55 -12.77 21.86
C VAL D 151 27.33 -13.78 22.69
N LEU D 152 27.77 -13.41 23.89
CA LEU D 152 28.43 -14.37 24.76
C LEU D 152 27.50 -15.50 25.13
N VAL D 153 26.29 -15.16 25.60
CA VAL D 153 25.30 -16.20 25.89
C VAL D 153 25.08 -17.06 24.66
N TYR D 154 24.75 -16.43 23.54
CA TYR D 154 24.48 -17.18 22.31
C TYR D 154 25.59 -18.18 22.02
N LEU D 155 26.82 -17.68 21.86
CA LEU D 155 27.92 -18.54 21.45
C LEU D 155 28.21 -19.62 22.50
N ILE D 156 28.49 -19.22 23.74
CA ILE D 156 28.98 -20.19 24.71
C ILE D 156 27.88 -21.17 25.11
N PHE D 157 26.70 -20.66 25.49
CA PHE D 157 25.67 -21.55 26.02
C PHE D 157 24.78 -22.15 24.94
N GLY D 158 24.53 -21.43 23.85
CA GLY D 158 23.67 -21.94 22.80
C GLY D 158 24.43 -22.58 21.64
N LYS D 159 25.62 -22.04 21.34
CA LYS D 159 26.42 -22.54 20.23
C LYS D 159 27.37 -23.65 20.68
N TRP D 160 28.16 -23.41 21.72
CA TRP D 160 29.07 -24.44 22.20
C TRP D 160 28.30 -25.56 22.89
N MET D 161 27.32 -25.21 23.71
CA MET D 161 26.47 -26.21 24.36
C MET D 161 25.34 -26.68 23.48
N GLY D 162 25.07 -26.01 22.36
CA GLY D 162 24.06 -26.48 21.43
C GLY D 162 22.63 -26.31 21.86
N GLN D 163 22.35 -25.34 22.73
CA GLN D 163 20.97 -25.13 23.15
C GLN D 163 20.09 -24.73 21.97
N VAL D 164 20.67 -24.12 20.94
CA VAL D 164 19.92 -23.86 19.72
C VAL D 164 19.74 -25.12 18.90
N ASP D 165 20.57 -26.14 19.12
CA ASP D 165 20.49 -27.37 18.34
C ASP D 165 19.35 -28.27 18.81
N ASN D 166 19.13 -28.36 20.12
CA ASN D 166 18.08 -29.23 20.63
C ASN D 166 16.70 -28.68 20.28
N LEU D 167 16.35 -27.52 20.85
CA LEU D 167 15.08 -26.86 20.57
C LEU D 167 13.90 -27.79 20.83
N ASN D 168 13.95 -28.47 21.98
CA ASN D 168 12.90 -29.38 22.40
C ASN D 168 12.48 -29.06 23.82
N ILE D 169 11.22 -29.35 24.13
CA ILE D 169 10.65 -29.06 25.45
C ILE D 169 11.14 -30.11 26.44
N TYR D 170 11.76 -29.66 27.51
CA TYR D 170 12.26 -30.53 28.58
C TYR D 170 11.36 -30.42 29.80
N THR D 171 11.60 -31.32 30.76
CA THR D 171 10.86 -31.31 32.03
C THR D 171 11.85 -31.57 33.16
N ASN D 172 12.25 -30.51 33.85
CA ASN D 172 13.13 -30.64 35.00
C ASN D 172 12.32 -31.01 36.25
N TRP D 173 13.04 -31.42 37.30
CA TRP D 173 12.39 -31.81 38.54
C TRP D 173 11.48 -30.68 39.03
N LEU D 174 10.47 -31.05 39.81
CA LEU D 174 9.42 -30.19 40.35
C LEU D 174 8.32 -29.94 39.32
N GLY D 175 8.47 -30.43 38.09
CA GLY D 175 7.43 -30.31 37.09
C GLY D 175 7.44 -29.03 36.30
N ILE D 176 8.64 -28.52 35.98
CA ILE D 176 8.80 -27.31 35.19
C ILE D 176 9.06 -27.72 33.74
N ASN D 177 8.22 -27.23 32.84
CA ASN D 177 8.40 -27.43 31.40
C ASN D 177 9.03 -26.18 30.82
N PHE D 178 10.23 -26.32 30.24
CA PHE D 178 11.01 -25.18 29.80
C PHE D 178 11.77 -25.53 28.53
N VAL D 179 12.27 -24.50 27.87
CA VAL D 179 13.18 -24.63 26.74
C VAL D 179 14.54 -24.09 27.18
N PRO D 180 15.65 -24.79 26.89
CA PRO D 180 16.94 -24.39 27.46
C PRO D 180 17.35 -22.97 27.13
N PHE D 181 17.56 -22.69 25.83
CA PHE D 181 18.01 -21.36 25.43
C PHE D 181 16.98 -20.30 25.81
N ALA D 182 15.70 -20.66 25.74
CA ALA D 182 14.65 -19.75 26.21
C ALA D 182 14.87 -19.39 27.67
N MET D 183 15.10 -20.39 28.53
CA MET D 183 15.34 -20.11 29.94
C MET D 183 16.58 -19.26 30.14
N THR D 184 17.64 -19.53 29.38
CA THR D 184 18.87 -18.76 29.53
C THR D 184 18.65 -17.30 29.19
N VAL D 185 18.04 -17.02 28.04
CA VAL D 185 17.79 -15.64 27.66
C VAL D 185 16.80 -14.97 28.61
N SER D 186 15.82 -15.73 29.11
CA SER D 186 14.90 -15.17 30.09
C SER D 186 15.61 -14.75 31.35
N GLY D 187 16.53 -15.58 31.84
CA GLY D 187 17.30 -15.21 33.02
C GLY D 187 18.18 -14.00 32.77
N TYR D 188 18.82 -13.95 31.60
CA TYR D 188 19.62 -12.78 31.24
C TYR D 188 18.79 -11.50 31.29
N ALA D 189 17.64 -11.50 30.59
CA ALA D 189 16.79 -10.32 30.56
C ALA D 189 16.27 -9.98 31.96
N LEU D 190 15.94 -11.00 32.76
CA LEU D 190 15.40 -10.75 34.09
C LEU D 190 16.44 -10.10 34.98
N GLY D 191 17.69 -10.58 34.92
CA GLY D 191 18.73 -9.93 35.68
C GLY D 191 18.96 -8.50 35.26
N CYS D 192 19.07 -8.28 33.95
CA CYS D 192 19.26 -6.92 33.44
C CYS D 192 18.14 -6.00 33.94
N SER D 193 16.90 -6.47 33.84
CA SER D 193 15.77 -5.61 34.17
C SER D 193 15.66 -5.37 35.68
N ILE D 194 15.95 -6.39 36.49
CA ILE D 194 15.94 -6.18 37.94
C ILE D 194 16.99 -5.17 38.34
N ILE D 195 18.20 -5.29 37.80
CA ILE D 195 19.24 -4.33 38.14
C ILE D 195 18.83 -2.93 37.72
N ALA D 196 18.24 -2.81 36.52
CA ALA D 196 17.76 -1.51 36.06
C ALA D 196 16.70 -0.95 37.00
N MET D 197 15.75 -1.79 37.42
CA MET D 197 14.70 -1.36 38.34
C MET D 197 15.30 -0.82 39.63
N PHE D 198 16.19 -1.59 40.25
CA PHE D 198 16.78 -1.16 41.51
C PHE D 198 17.53 0.15 41.35
N ASP D 199 18.41 0.22 40.34
CA ASP D 199 19.21 1.41 40.12
C ASP D 199 18.32 2.64 39.89
N ARG D 200 17.34 2.51 38.99
CA ARG D 200 16.51 3.64 38.65
C ARG D 200 15.66 4.06 39.83
N VAL D 201 15.10 3.11 40.59
CA VAL D 201 14.30 3.48 41.74
C VAL D 201 15.14 4.28 42.74
N GLY D 202 16.30 3.75 43.11
CA GLY D 202 17.14 4.46 44.06
C GLY D 202 17.55 5.84 43.57
N GLY D 203 18.14 5.90 42.36
CA GLY D 203 18.61 7.17 41.84
C GLY D 203 17.49 8.19 41.67
N GLY D 204 16.35 7.76 41.14
CA GLY D 204 15.25 8.68 40.93
C GLY D 204 14.68 9.21 42.24
N VAL D 205 14.46 8.32 43.20
CA VAL D 205 13.96 8.78 44.50
C VAL D 205 14.92 9.83 45.07
N TYR D 206 16.21 9.50 45.11
CA TYR D 206 17.20 10.41 45.65
C TYR D 206 17.16 11.77 44.94
N THR D 207 17.33 11.74 43.61
CA THR D 207 17.47 12.97 42.85
C THR D 207 16.20 13.82 42.93
N LYS D 208 15.04 13.20 42.76
CA LYS D 208 13.81 13.97 42.73
C LYS D 208 13.46 14.53 44.11
N ALA D 209 13.67 13.77 45.18
CA ALA D 209 13.41 14.32 46.50
C ALA D 209 14.30 15.53 46.76
N ALA D 210 15.61 15.37 46.54
CA ALA D 210 16.52 16.49 46.79
C ALA D 210 16.18 17.68 45.91
N ASP D 211 15.89 17.42 44.63
CA ASP D 211 15.59 18.48 43.68
C ASP D 211 14.33 19.24 44.07
N MET D 212 13.26 18.50 44.40
CA MET D 212 12.02 19.14 44.82
C MET D 212 12.24 20.05 46.02
N ALA D 213 12.88 19.51 47.06
CA ALA D 213 13.10 20.31 48.26
C ALA D 213 13.92 21.55 47.92
N ALA D 214 14.99 21.39 47.15
CA ALA D 214 15.86 22.51 46.82
C ALA D 214 15.08 23.58 46.06
N ASP D 215 14.36 23.21 45.00
CA ASP D 215 13.65 24.21 44.23
C ASP D 215 12.65 24.95 45.10
N LEU D 216 11.83 24.22 45.86
CA LEU D 216 10.81 24.90 46.65
C LEU D 216 11.46 25.87 47.64
N VAL D 217 12.38 25.37 48.48
CA VAL D 217 12.91 26.22 49.54
C VAL D 217 13.69 27.38 48.98
N GLY D 218 14.53 27.16 47.96
CA GLY D 218 15.37 28.22 47.46
C GLY D 218 14.60 29.24 46.63
N LYS D 219 13.83 28.76 45.65
CA LYS D 219 13.16 29.67 44.74
C LYS D 219 11.98 30.37 45.40
N THR D 220 11.15 29.63 46.14
CA THR D 220 9.92 30.18 46.68
C THR D 220 10.08 30.77 48.08
N GLU D 221 10.84 30.12 48.95
CA GLU D 221 10.93 30.54 50.34
C GLU D 221 12.04 31.57 50.55
N LEU D 222 13.20 31.35 49.94
CA LEU D 222 14.32 32.27 50.10
C LEU D 222 14.35 33.36 49.04
N ASN D 223 13.62 33.18 47.94
CA ASN D 223 13.63 34.14 46.83
C ASN D 223 15.02 34.22 46.20
N LEU D 224 15.75 33.12 46.31
CA LEU D 224 17.12 32.78 45.93
C LEU D 224 17.16 32.14 44.54
N PRO D 225 18.28 32.28 43.84
CA PRO D 225 18.40 31.72 42.49
C PRO D 225 18.53 30.20 42.52
N GLU D 226 18.28 29.59 41.36
CA GLU D 226 18.42 28.15 41.23
C GLU D 226 19.89 27.75 41.31
N ASP D 227 20.14 26.65 42.03
CA ASP D 227 21.50 26.12 42.22
C ASP D 227 22.42 27.14 42.89
N ASP D 228 21.87 27.99 43.74
CA ASP D 228 22.69 28.96 44.46
C ASP D 228 23.54 28.24 45.50
N PRO D 229 24.84 28.53 45.58
CA PRO D 229 25.66 27.88 46.62
C PRO D 229 25.11 28.06 48.03
N ARG D 230 24.42 29.17 48.30
CA ARG D 230 23.84 29.37 49.61
C ARG D 230 22.77 28.32 49.91
N ASN D 231 22.09 27.83 48.89
CA ASN D 231 21.09 26.78 49.08
C ASN D 231 21.78 25.47 49.40
N PRO D 232 21.50 24.83 50.54
CA PRO D 232 22.22 23.61 50.90
C PRO D 232 21.86 22.38 50.07
N ALA D 233 20.86 22.46 49.19
CA ALA D 233 20.42 21.30 48.43
C ALA D 233 20.88 21.32 46.97
N THR D 234 21.57 22.37 46.53
CA THR D 234 22.00 22.44 45.14
C THR D 234 22.98 21.31 44.82
N ILE D 235 23.97 21.11 45.68
CA ILE D 235 24.93 20.02 45.50
C ILE D 235 24.20 18.68 45.46
N ALA D 236 23.19 18.53 46.32
CA ALA D 236 22.39 17.32 46.33
C ALA D 236 21.66 17.13 45.01
N ASP D 237 21.11 18.22 44.45
CA ASP D 237 20.40 18.11 43.19
C ASP D 237 21.33 17.66 42.07
N ASN D 238 22.53 18.25 41.99
CA ASN D 238 23.46 17.85 40.92
C ASN D 238 23.89 16.39 41.10
N VAL D 239 24.21 15.99 42.33
CA VAL D 239 24.59 14.60 42.55
C VAL D 239 23.42 13.69 42.20
N GLY D 240 22.19 14.16 42.44
CA GLY D 240 21.02 13.40 42.02
C GLY D 240 20.94 13.26 40.52
N ASP D 241 21.29 14.32 39.79
CA ASP D 241 21.41 14.20 38.34
C ASP D 241 22.32 13.03 38.00
N ASN D 242 23.46 12.95 38.67
CA ASN D 242 24.38 11.85 38.39
C ASN D 242 23.77 10.50 38.78
N VAL D 243 23.10 10.43 39.92
CA VAL D 243 22.55 9.19 40.45
C VAL D 243 21.13 9.02 39.94
N GLY D 244 20.87 7.95 39.19
CA GLY D 244 19.55 7.71 38.62
C GLY D 244 19.29 8.31 37.26
N ASP D 245 19.79 9.51 37.01
CA ASP D 245 19.54 10.20 35.74
C ASP D 245 20.68 10.01 34.76
N VAL D 246 21.77 9.36 35.17
CA VAL D 246 22.89 9.03 34.29
C VAL D 246 23.01 7.51 34.14
N ALA D 247 22.95 6.79 35.26
CA ALA D 247 23.02 5.33 35.28
C ALA D 247 21.66 4.67 35.09
N GLY D 248 20.63 5.17 35.76
CA GLY D 248 19.30 4.58 35.61
C GLY D 248 18.79 4.60 34.18
N LEU D 249 19.04 5.71 33.47
CA LEU D 249 18.64 5.79 32.07
C LEU D 249 19.27 4.67 31.25
N GLY D 250 20.59 4.51 31.38
CA GLY D 250 21.27 3.46 30.64
C GLY D 250 20.79 2.08 31.03
N ALA D 251 20.61 1.83 32.33
CA ALA D 251 20.07 0.55 32.77
C ALA D 251 18.74 0.26 32.11
N ASP D 252 17.81 1.23 32.16
CA ASP D 252 16.49 1.02 31.59
C ASP D 252 16.54 0.77 30.10
N LEU D 253 17.35 1.54 29.37
CA LEU D 253 17.35 1.41 27.92
C LEU D 253 18.06 0.13 27.47
N LEU D 254 19.15 -0.23 28.15
CA LEU D 254 19.77 -1.53 27.90
C LEU D 254 18.81 -2.66 28.18
N GLU D 255 18.04 -2.55 29.27
CA GLU D 255 17.07 -3.58 29.60
C GLU D 255 16.00 -3.68 28.53
N SER D 256 15.52 -2.55 28.02
CA SER D 256 14.50 -2.59 26.97
C SER D 256 15.04 -3.22 25.69
N PHE D 257 16.27 -2.86 25.30
CA PHE D 257 16.89 -3.44 24.12
C PHE D 257 17.05 -4.96 24.28
N VAL D 258 17.63 -5.38 25.40
CA VAL D 258 17.83 -6.81 25.64
C VAL D 258 16.50 -7.53 25.71
N GLY D 259 15.48 -6.87 26.26
CA GLY D 259 14.18 -7.50 26.36
C GLY D 259 13.53 -7.71 25.01
N ALA D 260 13.59 -6.70 24.14
CA ALA D 260 13.05 -6.87 22.79
C ALA D 260 13.77 -8.02 22.07
N ILE D 261 15.10 -8.02 22.12
CA ILE D 261 15.85 -9.06 21.41
C ILE D 261 15.53 -10.43 21.98
N VAL D 262 15.54 -10.56 23.31
CA VAL D 262 15.33 -11.85 23.93
C VAL D 262 13.89 -12.32 23.75
N SER D 263 12.95 -11.38 23.67
CA SER D 263 11.56 -11.75 23.40
C SER D 263 11.44 -12.36 22.01
N SER D 264 11.99 -11.69 21.00
CA SER D 264 11.97 -12.27 19.66
C SER D 264 12.64 -13.65 19.66
N ILE D 265 13.77 -13.77 20.34
CA ILE D 265 14.50 -15.04 20.37
C ILE D 265 13.65 -16.13 21.03
N ILE D 266 13.04 -15.80 22.16
CA ILE D 266 12.25 -16.78 22.90
C ILE D 266 11.05 -17.23 22.10
N LEU D 267 10.39 -16.29 21.41
CA LEU D 267 9.26 -16.66 20.57
C LEU D 267 9.70 -17.60 19.46
N ALA D 268 10.81 -17.26 18.79
CA ALA D 268 11.32 -18.12 17.73
C ALA D 268 11.67 -19.51 18.28
N SER D 269 12.24 -19.57 19.47
CA SER D 269 12.64 -20.85 20.06
C SER D 269 11.41 -21.70 20.37
N TYR D 270 10.41 -21.10 21.02
CA TYR D 270 9.20 -21.85 21.34
C TYR D 270 8.42 -22.25 20.10
N MET D 271 8.58 -21.51 19.00
CA MET D 271 7.80 -21.80 17.80
C MET D 271 8.03 -23.22 17.31
N PHE D 272 9.28 -23.69 17.34
CA PHE D 272 9.59 -25.00 16.77
C PHE D 272 8.85 -26.14 17.46
N PRO D 273 9.07 -26.40 18.75
CA PRO D 273 8.49 -27.60 19.36
C PRO D 273 6.99 -27.53 19.62
N ILE D 274 6.35 -26.37 19.53
CA ILE D 274 4.95 -26.25 19.86
C ILE D 274 4.05 -26.36 18.63
N TYR D 275 4.43 -25.74 17.52
CA TYR D 275 3.60 -25.74 16.33
C TYR D 275 3.93 -26.98 15.51
N VAL D 276 3.37 -28.12 15.94
CA VAL D 276 3.56 -29.40 15.28
C VAL D 276 2.23 -30.14 15.31
N GLN D 277 2.13 -31.19 14.50
CA GLN D 277 0.87 -31.91 14.39
C GLN D 277 1.11 -33.40 14.25
N LYS D 278 0.20 -34.19 14.83
CA LYS D 278 0.27 -35.65 14.74
C LYS D 278 -0.25 -36.10 13.37
N ILE D 279 0.50 -35.73 12.35
CA ILE D 279 0.20 -36.10 10.96
C ILE D 279 0.98 -37.35 10.63
N GLY D 280 0.28 -38.48 10.52
CA GLY D 280 0.92 -39.75 10.26
C GLY D 280 1.18 -40.53 11.54
N GLU D 281 2.03 -41.55 11.40
CA GLU D 281 2.37 -42.37 12.56
C GLU D 281 3.14 -41.57 13.61
N ASN D 282 4.10 -40.75 13.17
CA ASN D 282 4.90 -39.92 14.06
C ASN D 282 4.52 -38.46 13.90
N LEU D 283 4.78 -37.70 14.96
CA LEU D 283 4.51 -36.27 14.92
C LEU D 283 5.38 -35.60 13.86
N VAL D 284 4.77 -34.67 13.11
CA VAL D 284 5.48 -33.86 12.14
C VAL D 284 5.70 -32.47 12.73
N HIS D 285 6.90 -31.93 12.49
CA HIS D 285 7.25 -30.61 13.03
C HIS D 285 6.47 -29.51 12.33
N GLN D 286 6.24 -29.66 11.02
CA GLN D 286 5.54 -28.66 10.21
C GLN D 286 6.39 -27.42 9.97
N VAL D 287 7.44 -27.24 10.77
CA VAL D 287 8.34 -26.09 10.62
C VAL D 287 9.76 -26.62 10.53
N PRO D 288 10.55 -26.20 9.53
CA PRO D 288 11.94 -26.65 9.47
C PRO D 288 12.77 -26.05 10.59
N LYS D 289 13.62 -26.90 11.19
CA LYS D 289 14.45 -26.43 12.30
C LYS D 289 15.46 -25.40 11.83
N GLU D 290 15.98 -25.55 10.60
CA GLU D 290 16.92 -24.58 10.06
C GLU D 290 16.31 -23.19 10.03
N THR D 291 15.05 -23.09 9.60
CA THR D 291 14.38 -21.80 9.59
C THR D 291 14.24 -21.22 10.98
N ILE D 292 13.95 -22.07 11.97
CA ILE D 292 13.80 -21.59 13.34
C ILE D 292 15.13 -21.06 13.86
N GLN D 293 16.23 -21.77 13.59
CA GLN D 293 17.54 -21.30 14.03
C GLN D 293 17.92 -20.00 13.32
N ALA D 294 17.61 -19.90 12.03
CA ALA D 294 17.89 -18.66 11.31
C ALA D 294 17.11 -17.50 11.91
N LEU D 295 15.83 -17.71 12.22
CA LEU D 295 15.01 -16.66 12.83
C LEU D 295 15.51 -16.31 14.23
N ILE D 296 16.04 -17.29 14.96
CA ILE D 296 16.58 -17.00 16.29
C ILE D 296 17.83 -16.15 16.19
N SER D 297 18.72 -16.46 15.24
CA SER D 297 19.94 -15.69 15.08
C SER D 297 19.69 -14.33 14.42
N TYR D 298 18.58 -14.19 13.69
CA TYR D 298 18.32 -12.95 12.95
C TYR D 298 18.29 -11.72 13.84
N PRO D 299 17.56 -11.69 14.96
CA PRO D 299 17.52 -10.46 15.76
C PRO D 299 18.87 -10.02 16.29
N ILE D 300 19.77 -10.97 16.58
CA ILE D 300 21.10 -10.59 17.06
C ILE D 300 21.85 -9.83 15.99
N PHE D 301 21.84 -10.35 14.75
CA PHE D 301 22.50 -9.65 13.65
C PHE D 301 21.85 -8.31 13.37
N PHE D 302 20.52 -8.23 13.53
CA PHE D 302 19.83 -6.95 13.32
C PHE D 302 20.27 -5.93 14.36
N ALA D 303 20.35 -6.33 15.62
CA ALA D 303 20.83 -5.42 16.67
C ALA D 303 22.29 -5.03 16.41
N LEU D 304 23.09 -5.96 15.91
CA LEU D 304 24.49 -5.63 15.59
C LEU D 304 24.55 -4.57 14.50
N VAL D 305 23.74 -4.72 13.45
CA VAL D 305 23.71 -3.73 12.38
C VAL D 305 23.26 -2.37 12.91
N GLY D 306 22.23 -2.38 13.76
CA GLY D 306 21.79 -1.12 14.35
C GLY D 306 22.86 -0.45 15.17
N LEU D 307 23.58 -1.22 15.99
CA LEU D 307 24.66 -0.65 16.79
C LEU D 307 25.76 -0.08 15.91
N GLY D 308 26.12 -0.80 14.84
CA GLY D 308 27.13 -0.28 13.93
C GLY D 308 26.70 1.01 13.27
N CYS D 309 25.45 1.08 12.83
CA CYS D 309 24.96 2.31 12.21
C CYS D 309 24.95 3.47 13.21
N SER D 310 24.55 3.20 14.47
CA SER D 310 24.57 4.25 15.47
C SER D 310 25.99 4.75 15.72
N MET D 311 26.96 3.83 15.77
CA MET D 311 28.36 4.22 15.94
C MET D 311 28.83 5.08 14.78
N LEU D 312 28.49 4.68 13.55
CA LEU D 312 28.88 5.47 12.39
C LEU D 312 28.28 6.86 12.44
N GLY D 313 27.00 6.96 12.82
CA GLY D 313 26.38 8.26 12.95
C GLY D 313 27.06 9.14 13.98
N ILE D 314 27.41 8.55 15.13
CA ILE D 314 28.11 9.32 16.16
C ILE D 314 29.46 9.78 15.65
N LEU D 315 30.14 8.93 14.87
CA LEU D 315 31.41 9.31 14.27
C LEU D 315 31.23 10.49 13.33
N TYR D 316 30.22 10.42 12.46
CA TYR D 316 29.96 11.53 11.53
C TYR D 316 29.70 12.82 12.30
N VAL D 317 28.92 12.74 13.37
CA VAL D 317 28.62 13.95 14.15
C VAL D 317 29.90 14.50 14.78
N ILE D 318 30.73 13.62 15.33
CA ILE D 318 31.96 14.04 15.99
C ILE D 318 32.91 14.70 14.99
N VAL D 319 32.86 14.28 13.72
CA VAL D 319 33.70 14.87 12.70
C VAL D 319 33.13 16.20 12.22
N SER D 323 25.10 20.29 12.76
CA SER D 323 24.35 21.53 12.55
C SER D 323 24.56 22.49 13.72
N ASP D 324 24.51 23.79 13.42
CA ASP D 324 24.66 24.80 14.47
C ASP D 324 23.57 24.65 15.52
N ASN D 325 22.33 24.43 15.09
CA ASN D 325 21.25 24.17 16.03
C ASN D 325 21.46 22.80 16.67
N PRO D 326 21.49 22.69 18.00
CA PRO D 326 21.77 21.39 18.61
C PRO D 326 20.72 20.35 18.29
N GLN D 327 19.45 20.73 18.27
CA GLN D 327 18.40 19.78 17.89
C GLN D 327 18.56 19.39 16.43
N ARG D 328 18.91 20.35 15.57
CA ARG D 328 19.12 20.05 14.16
C ARG D 328 20.26 19.05 13.97
N GLU D 329 21.37 19.24 14.70
CA GLU D 329 22.50 18.32 14.57
C GLU D 329 22.15 16.93 15.10
N LEU D 330 21.50 16.86 16.26
CA LEU D 330 21.09 15.58 16.79
C LEU D 330 20.15 14.87 15.81
N ASN D 331 19.20 15.60 15.24
CA ASN D 331 18.27 15.01 14.28
C ASN D 331 18.97 14.59 13.00
N ILE D 332 19.98 15.35 12.56
CA ILE D 332 20.75 14.94 11.39
C ILE D 332 21.44 13.61 11.65
N SER D 333 22.07 13.48 12.82
CA SER D 333 22.70 12.22 13.19
C SER D 333 21.68 11.10 13.20
N LEU D 334 20.53 11.34 13.84
CA LEU D 334 19.49 10.31 13.94
C LEU D 334 18.97 9.90 12.57
N TRP D 335 18.75 10.88 11.68
CA TRP D 335 18.25 10.58 10.35
C TRP D 335 19.25 9.74 9.57
N THR D 336 20.53 10.13 9.61
CA THR D 336 21.55 9.35 8.91
C THR D 336 21.64 7.93 9.45
N SER D 337 21.65 7.80 10.79
CA SER D 337 21.70 6.47 11.40
C SER D 337 20.49 5.64 11.01
N ALA D 338 19.30 6.25 10.99
CA ALA D 338 18.09 5.52 10.62
C ALA D 338 18.16 5.06 9.18
N LEU D 339 18.64 5.92 8.28
CA LEU D 339 18.76 5.53 6.87
C LEU D 339 19.72 4.36 6.73
N LEU D 340 20.89 4.45 7.38
CA LEU D 340 21.86 3.37 7.30
C LEU D 340 21.29 2.07 7.87
N THR D 341 20.61 2.16 9.01
CA THR D 341 20.01 0.98 9.62
C THR D 341 18.96 0.37 8.71
N VAL D 342 18.10 1.19 8.12
CA VAL D 342 17.05 0.67 7.25
C VAL D 342 17.66 -0.06 6.05
N VAL D 343 18.65 0.56 5.41
CA VAL D 343 19.25 -0.05 4.22
C VAL D 343 19.94 -1.36 4.59
N LEU D 344 20.84 -1.31 5.58
CA LEU D 344 21.58 -2.50 5.96
C LEU D 344 20.67 -3.60 6.47
N THR D 345 19.57 -3.25 7.15
CA THR D 345 18.66 -4.26 7.67
C THR D 345 17.84 -4.87 6.55
N ALA D 346 17.44 -4.07 5.56
CA ALA D 346 16.81 -4.65 4.37
C ALA D 346 17.72 -5.69 3.74
N PHE D 347 18.99 -5.32 3.52
CA PHE D 347 19.92 -6.25 2.91
C PHE D 347 20.11 -7.51 3.75
N LEU D 348 20.27 -7.34 5.07
CA LEU D 348 20.49 -8.48 5.96
C LEU D 348 19.29 -9.40 5.97
N THR D 349 18.08 -8.84 6.09
CA THR D 349 16.88 -9.67 6.14
C THR D 349 16.68 -10.40 4.81
N TYR D 350 16.97 -9.73 3.69
CA TYR D 350 16.84 -10.40 2.41
C TYR D 350 17.83 -11.55 2.27
N PHE D 351 19.10 -11.30 2.55
CA PHE D 351 20.13 -12.32 2.31
C PHE D 351 20.01 -13.47 3.30
N TYR D 352 19.78 -13.19 4.58
CA TYR D 352 19.79 -14.23 5.60
C TYR D 352 18.59 -15.17 5.46
N LEU D 353 17.40 -14.61 5.22
CA LEU D 353 16.15 -15.36 5.21
C LEU D 353 15.62 -15.57 3.79
N LYS D 354 16.46 -15.39 2.76
CA LYS D 354 15.98 -15.46 1.39
C LYS D 354 15.44 -16.85 1.06
N ASP D 355 16.26 -17.89 1.25
CA ASP D 355 15.82 -19.24 0.81
C ASP D 355 15.55 -20.15 2.00
N LEU D 356 14.35 -20.09 2.56
CA LEU D 356 13.98 -20.99 3.68
C LEU D 356 12.57 -21.54 3.39
N GLN D 357 12.21 -22.68 3.99
CA GLN D 357 10.84 -23.21 3.79
C GLN D 357 10.18 -23.41 5.16
N LEU D 359 7.56 -20.73 6.64
CA LEU D 359 7.34 -19.27 6.87
C LEU D 359 5.87 -18.95 6.57
N ASP D 360 5.31 -19.61 5.56
CA ASP D 360 3.90 -19.35 5.18
C ASP D 360 3.04 -19.70 6.38
N VAL D 361 3.39 -20.78 7.06
CA VAL D 361 2.60 -21.23 8.26
C VAL D 361 2.68 -20.16 9.34
N LEU D 362 3.86 -19.58 9.57
CA LEU D 362 4.03 -18.56 10.64
C LEU D 362 3.74 -17.17 10.07
N GLY D 363 2.48 -16.85 9.77
CA GLY D 363 2.19 -15.47 9.30
C GLY D 363 3.00 -15.18 8.05
N PHE D 364 3.83 -14.14 8.07
CA PHE D 364 4.69 -13.83 6.91
C PHE D 364 3.83 -13.69 5.67
N ARG D 365 2.77 -12.90 5.77
CA ARG D 365 1.81 -12.77 4.64
C ARG D 365 2.55 -12.23 3.41
N PHE D 366 3.46 -11.28 3.60
CA PHE D 366 4.14 -10.68 2.43
C PHE D 366 5.33 -11.54 2.03
N GLY D 367 5.78 -12.40 2.95
CA GLY D 367 6.89 -13.28 2.63
C GLY D 367 8.08 -13.16 3.56
N ALA D 368 9.29 -13.40 3.04
CA ALA D 368 10.50 -13.36 3.84
C ALA D 368 10.87 -11.96 4.30
N ILE D 369 10.41 -10.91 3.60
CA ILE D 369 10.77 -9.55 3.96
C ILE D 369 9.85 -8.96 5.01
N SER D 370 8.86 -9.73 5.48
CA SER D 370 7.92 -9.21 6.46
C SER D 370 8.59 -8.73 7.75
N PRO D 371 9.56 -9.45 8.33
CA PRO D 371 10.22 -8.91 9.53
C PRO D 371 10.85 -7.55 9.31
N TRP D 372 11.40 -7.30 8.12
CA TRP D 372 11.94 -5.98 7.82
C TRP D 372 10.84 -4.94 7.81
N PHE D 373 9.67 -5.28 7.25
CA PHE D 373 8.53 -4.38 7.30
C PHE D 373 8.13 -4.09 8.74
N SER D 374 8.16 -5.11 9.61
CA SER D 374 7.82 -4.91 11.01
C SER D 374 8.82 -3.99 11.70
N ALA D 375 10.11 -4.16 11.42
CA ALA D 375 11.12 -3.29 12.01
C ALA D 375 10.95 -1.85 11.53
N ILE D 376 10.64 -1.67 10.24
CA ILE D 376 10.42 -0.32 9.71
C ILE D 376 9.19 0.30 10.36
N ILE D 377 8.12 -0.48 10.51
CA ILE D 377 6.92 0.01 11.17
C ILE D 377 7.22 0.44 12.59
N GLY D 378 8.01 -0.36 13.32
CA GLY D 378 8.38 0.01 14.67
C GLY D 378 9.18 1.29 14.72
N ILE D 379 10.16 1.44 13.83
CA ILE D 379 10.98 2.66 13.82
C ILE D 379 10.12 3.88 13.51
N PHE D 380 9.21 3.75 12.55
CA PHE D 380 8.37 4.89 12.18
C PHE D 380 7.37 5.21 13.29
N SER D 381 6.86 4.18 13.98
CA SER D 381 6.00 4.43 15.12
C SER D 381 6.75 5.16 16.23
N GLY D 382 8.00 4.78 16.47
CA GLY D 382 8.80 5.50 17.45
C GLY D 382 9.04 6.95 17.04
N ILE D 383 9.29 7.18 15.75
CA ILE D 383 9.49 8.55 15.27
C ILE D 383 8.22 9.37 15.47
N LEU D 384 7.07 8.77 15.20
CA LEU D 384 5.80 9.47 15.39
C LEU D 384 5.54 9.75 16.86
N ILE D 385 5.87 8.79 17.73
CA ILE D 385 5.74 9.02 19.17
C ILE D 385 6.63 10.18 19.60
N GLY D 386 7.85 10.24 19.07
CA GLY D 386 8.72 11.36 19.38
C GLY D 386 8.16 12.69 18.90
N PHE D 387 7.57 12.69 17.70
CA PHE D 387 6.94 13.92 17.20
C PHE D 387 5.81 14.36 18.11
N TRP D 388 4.96 13.42 18.53
CA TRP D 388 3.86 13.76 19.43
C TRP D 388 4.39 14.28 20.76
N ALA D 389 5.45 13.65 21.28
CA ALA D 389 6.05 14.13 22.52
C ALA D 389 6.58 15.55 22.36
N GLU D 390 7.25 15.83 21.25
CA GLU D 390 7.75 17.19 21.01
C GLU D 390 6.58 18.17 20.92
N TYR D 391 5.47 17.75 20.32
CA TYR D 391 4.31 18.63 20.23
C TYR D 391 3.74 18.94 21.62
N TYR D 392 3.63 17.92 22.47
CA TYR D 392 2.94 18.11 23.75
C TYR D 392 3.83 18.72 24.82
N THR D 393 5.14 18.48 24.76
CA THR D 393 6.06 18.83 25.84
C THR D 393 6.99 19.99 25.49
N SER D 394 6.76 20.67 24.37
CA SER D 394 7.62 21.78 23.95
C SER D 394 6.82 23.08 23.97
N TYR D 395 7.45 24.14 24.49
CA TYR D 395 6.78 25.44 24.54
C TYR D 395 6.71 26.10 23.18
N ARG D 396 7.43 25.58 22.18
CA ARG D 396 7.28 26.08 20.82
C ARG D 396 5.90 25.79 20.24
N TYR D 397 5.16 24.84 20.82
CA TYR D 397 3.84 24.47 20.36
C TYR D 397 2.77 25.00 21.31
N LYS D 398 1.52 24.65 21.01
CA LYS D 398 0.36 25.26 21.65
C LYS D 398 0.10 24.77 23.08
N PRO D 399 0.14 23.45 23.34
CA PRO D 399 -0.29 22.98 24.68
C PRO D 399 0.59 23.49 25.80
N THR D 400 1.91 23.41 25.63
CA THR D 400 2.82 23.92 26.66
C THR D 400 2.67 25.42 26.82
N GLN D 401 2.41 26.13 25.72
CA GLN D 401 2.19 27.58 25.82
C GLN D 401 0.95 27.88 26.65
N PHE D 402 -0.13 27.14 26.43
CA PHE D 402 -1.33 27.35 27.24
C PHE D 402 -1.06 27.02 28.71
N LEU D 403 -0.35 25.92 28.96
CA LEU D 403 -0.02 25.57 30.34
C LEU D 403 0.76 26.71 31.01
N GLY D 404 1.73 27.27 30.29
CA GLY D 404 2.49 28.39 30.85
C GLY D 404 1.63 29.61 31.12
N LYS D 405 0.81 29.99 30.13
CA LYS D 405 -0.09 31.13 30.30
C LYS D 405 -1.04 30.91 31.48
N SER D 406 -1.36 29.66 31.78
CA SER D 406 -2.19 29.38 32.95
C SER D 406 -1.55 29.83 34.26
N SER D 407 -0.23 30.04 34.26
CA SER D 407 0.44 30.44 35.49
C SER D 407 -0.09 31.77 36.01
N ILE D 408 -0.43 32.69 35.10
CA ILE D 408 -0.98 33.99 35.51
C ILE D 408 -2.25 33.82 36.33
N GLU D 409 -2.90 32.66 36.24
CA GLU D 409 -4.17 32.44 36.90
C GLU D 409 -4.05 31.77 38.26
N GLY D 410 -2.83 31.45 38.70
CA GLY D 410 -2.61 30.87 40.00
C GLY D 410 -1.86 29.55 39.92
N THR D 411 -1.62 28.97 41.11
CA THR D 411 -0.91 27.70 41.19
C THR D 411 -1.84 26.51 40.97
N GLY D 412 -3.04 26.55 41.56
CA GLY D 412 -4.00 25.50 41.30
C GLY D 412 -4.34 25.38 39.83
N MET D 413 -4.45 26.52 39.14
CA MET D 413 -4.68 26.50 37.71
C MET D 413 -3.52 25.83 36.98
N VAL D 414 -2.29 26.14 37.38
CA VAL D 414 -1.12 25.50 36.75
C VAL D 414 -1.19 24.00 36.93
N ILE D 415 -1.50 23.55 38.15
CA ILE D 415 -1.53 22.11 38.42
C ILE D 415 -2.61 21.44 37.58
N SER D 416 -3.81 22.01 37.57
CA SER D 416 -4.90 21.41 36.82
C SER D 416 -4.61 21.38 35.33
N ASN D 417 -4.06 22.46 34.78
CA ASN D 417 -3.75 22.49 33.36
C ASN D 417 -2.64 21.49 33.02
N GLY D 418 -1.66 21.34 33.91
CA GLY D 418 -0.63 20.34 33.68
C GLY D 418 -1.20 18.93 33.64
N LEU D 419 -2.07 18.62 34.61
CA LEU D 419 -2.71 17.31 34.61
C LEU D 419 -3.52 17.09 33.35
N SER D 420 -4.28 18.10 32.93
CA SER D 420 -5.10 17.97 31.72
C SER D 420 -4.23 17.73 30.49
N LEU D 421 -3.14 18.49 30.35
CA LEU D 421 -2.25 18.31 29.22
C LEU D 421 -1.64 16.91 29.23
N GLY D 422 -1.16 16.46 30.39
CA GLY D 422 -0.58 15.13 30.47
C GLY D 422 -1.57 14.06 30.06
N MET D 423 -2.79 14.11 30.61
CA MET D 423 -3.79 13.11 30.28
C MET D 423 -4.15 13.15 28.79
N LYS D 424 -4.23 14.36 28.21
CA LYS D 424 -4.56 14.47 26.79
C LYS D 424 -3.46 13.91 25.92
N SER D 425 -2.20 14.06 26.34
CA SER D 425 -1.07 13.62 25.53
C SER D 425 -1.05 12.11 25.31
N VAL D 426 -1.79 11.34 26.10
CA VAL D 426 -1.75 9.88 26.00
C VAL D 426 -2.38 9.36 24.71
N PHE D 427 -3.23 10.15 24.04
CA PHE D 427 -4.00 9.58 22.94
C PHE D 427 -3.18 9.36 21.66
N PRO D 428 -2.45 10.36 21.18
CA PRO D 428 -1.70 10.20 19.92
C PRO D 428 -0.73 9.03 19.99
N PRO D 429 0.08 8.93 21.04
CA PRO D 429 1.01 7.79 21.11
C PRO D 429 0.32 6.45 21.20
N THR D 430 -0.80 6.36 21.93
CA THR D 430 -1.54 5.09 22.00
C THR D 430 -2.11 4.73 20.64
N LEU D 431 -2.62 5.71 19.90
CA LEU D 431 -3.13 5.45 18.55
C LEU D 431 -2.02 4.97 17.63
N THR D 432 -0.85 5.61 17.72
CA THR D 432 0.31 5.16 16.97
C THR D 432 0.66 3.72 17.31
N LEU D 433 0.65 3.39 18.61
CA LEU D 433 0.98 2.04 19.03
C LEU D 433 -0.04 1.03 18.50
N VAL D 434 -1.32 1.39 18.51
CA VAL D 434 -2.35 0.49 18.00
C VAL D 434 -2.15 0.24 16.51
N LEU D 435 -1.94 1.33 15.74
CA LEU D 435 -1.70 1.18 14.32
C LEU D 435 -0.47 0.33 14.05
N GLY D 436 0.61 0.56 14.80
CA GLY D 436 1.81 -0.22 14.62
C GLY D 436 1.61 -1.70 14.92
N ILE D 437 0.94 -1.99 16.03
CA ILE D 437 0.65 -3.38 16.36
C ILE D 437 -0.14 -4.05 15.24
N LEU D 438 -1.19 -3.37 14.76
CA LEU D 438 -2.03 -3.95 13.72
C LEU D 438 -1.25 -4.19 12.44
N PHE D 439 -0.43 -3.20 12.02
CA PHE D 439 0.33 -3.34 10.79
C PHE D 439 1.38 -4.44 10.90
N ALA D 440 2.09 -4.50 12.03
CA ALA D 440 3.08 -5.54 12.23
C ALA D 440 2.43 -6.91 12.22
N ASP D 441 1.24 -7.03 12.83
CA ASP D 441 0.52 -8.30 12.80
C ASP D 441 0.13 -8.68 11.38
N TYR D 442 -0.42 -7.72 10.62
CA TYR D 442 -0.77 -7.98 9.23
C TYR D 442 0.44 -8.48 8.44
N PHE D 443 1.60 -7.83 8.63
CA PHE D 443 2.78 -8.21 7.84
C PHE D 443 3.30 -9.58 8.27
N ALA D 444 3.39 -9.82 9.58
CA ALA D 444 3.93 -11.04 10.12
C ALA D 444 3.27 -11.30 11.46
N GLY D 445 3.51 -12.48 12.01
CA GLY D 445 2.90 -12.87 13.27
C GLY D 445 3.45 -12.17 14.49
N LEU D 446 3.34 -12.84 15.64
CA LEU D 446 3.86 -12.29 16.87
C LEU D 446 5.38 -12.12 16.79
N TYR D 447 6.05 -12.98 16.02
CA TYR D 447 7.48 -12.78 15.78
C TYR D 447 7.74 -11.44 15.11
N GLY D 448 6.91 -11.06 14.15
CA GLY D 448 7.05 -9.75 13.54
C GLY D 448 6.68 -8.62 14.49
N VAL D 449 5.71 -8.84 15.36
CA VAL D 449 5.42 -7.87 16.41
C VAL D 449 6.66 -7.63 17.27
N ALA D 450 7.35 -8.71 17.64
CA ALA D 450 8.58 -8.58 18.43
C ALA D 450 9.69 -7.93 17.64
N ILE D 451 9.78 -8.23 16.34
CA ILE D 451 10.78 -7.58 15.50
C ILE D 451 10.51 -6.09 15.43
N ALA D 452 9.25 -5.68 15.46
CA ALA D 452 8.93 -4.26 15.52
C ALA D 452 9.29 -3.66 16.88
N ALA D 453 9.03 -4.40 17.95
CA ALA D 453 9.49 -3.99 19.27
C ALA D 453 11.00 -3.71 19.25
N LEU D 454 11.76 -4.55 18.55
CA LEU D 454 13.20 -4.36 18.46
C LEU D 454 13.54 -3.17 17.57
N GLY D 455 12.86 -3.04 16.43
CA GLY D 455 13.16 -1.95 15.52
C GLY D 455 12.92 -0.58 16.14
N MET D 456 11.85 -0.46 16.93
CA MET D 456 11.59 0.80 17.62
C MET D 456 12.80 1.26 18.43
N LEU D 457 13.62 0.31 18.89
CA LEU D 457 14.83 0.61 19.65
C LEU D 457 16.07 0.08 18.92
N SER D 458 16.03 0.06 17.58
CA SER D 458 17.15 -0.45 16.82
C SER D 458 18.40 0.42 16.99
N PHE D 459 18.22 1.73 17.08
CA PHE D 459 19.36 2.63 17.23
C PHE D 459 19.38 3.25 18.62
N VAL D 460 19.33 2.40 19.65
CA VAL D 460 19.31 2.89 21.03
C VAL D 460 20.54 3.70 21.37
N ALA D 461 21.65 3.50 20.65
CA ALA D 461 22.90 4.16 21.01
C ALA D 461 22.80 5.68 20.91
N THR D 462 22.29 6.18 19.78
CA THR D 462 22.23 7.64 19.59
C THR D 462 21.24 8.29 20.55
N SER D 463 20.08 7.66 20.75
CA SER D 463 19.10 8.20 21.69
C SER D 463 19.67 8.22 23.10
N VAL D 464 20.34 7.14 23.50
CA VAL D 464 20.99 7.10 24.81
C VAL D 464 22.01 8.22 24.91
N SER D 465 22.76 8.47 23.82
CA SER D 465 23.78 9.50 23.84
C SER D 465 23.18 10.87 24.11
N VAL D 466 22.14 11.24 23.36
CA VAL D 466 21.53 12.57 23.54
C VAL D 466 20.87 12.67 24.91
N ASP D 467 20.17 11.61 25.32
CA ASP D 467 19.48 11.64 26.61
C ASP D 467 20.47 11.80 27.75
N SER D 468 21.64 11.14 27.66
CA SER D 468 22.68 11.34 28.65
C SER D 468 23.29 12.73 28.52
N TYR D 469 23.33 13.26 27.30
CA TYR D 469 23.87 14.59 27.05
C TYR D 469 23.10 15.65 27.81
N GLY D 470 21.81 15.45 28.00
CA GLY D 470 21.01 16.42 28.72
C GLY D 470 21.46 16.67 30.17
N PRO D 471 21.49 15.63 31.02
CA PRO D 471 21.92 15.78 32.41
C PRO D 471 23.37 16.25 32.53
N ILE D 472 24.25 15.75 31.67
CA ILE D 472 25.70 16.12 31.80
C ILE D 472 25.82 17.62 31.56
N ALA D 473 25.14 18.13 30.53
CA ALA D 473 25.17 19.58 30.24
C ALA D 473 24.55 20.29 31.42
N ASP D 474 23.49 19.71 31.95
CA ASP D 474 22.77 20.32 33.09
C ASP D 474 23.71 20.45 34.29
N ASN D 475 24.56 19.44 34.50
CA ASN D 475 25.48 19.44 35.67
C ASN D 475 26.40 20.65 35.58
N ALA D 476 26.87 20.97 34.37
CA ALA D 476 27.81 22.10 34.20
C ALA D 476 27.15 23.40 34.65
N GLY D 477 25.86 23.56 34.32
CA GLY D 477 25.14 24.78 34.72
C GLY D 477 25.07 24.92 36.22
N GLY D 478 24.82 23.81 36.93
CA GLY D 478 24.78 23.84 38.40
C GLY D 478 26.13 24.24 38.98
N ILE D 479 27.21 23.70 38.41
CA ILE D 479 28.58 24.05 38.86
C ILE D 479 28.79 25.54 38.61
N SER D 480 28.27 26.07 37.50
CA SER D 480 28.49 27.48 37.15
C SER D 480 27.93 28.41 38.22
N GLU D 481 26.73 28.10 38.74
CA GLU D 481 26.14 28.92 39.83
C GLU D 481 27.05 28.83 41.05
N MET D 482 27.57 27.63 41.33
CA MET D 482 28.46 27.42 42.49
C MET D 482 29.74 28.25 42.33
N CYS D 483 30.26 28.34 41.09
CA CYS D 483 31.55 29.04 40.85
C CYS D 483 31.34 30.52 40.52
N GLU D 484 30.09 31.00 40.57
CA GLU D 484 29.79 32.43 40.28
C GLU D 484 30.31 32.74 38.86
N LEU D 485 30.17 31.78 37.95
CA LEU D 485 30.57 32.04 36.55
C LEU D 485 29.60 33.06 35.96
N ASP D 486 30.12 33.99 35.16
CA ASP D 486 29.27 35.01 34.50
C ASP D 486 28.39 34.31 33.47
N PRO D 487 27.15 34.75 33.23
CA PRO D 487 26.31 34.15 32.22
C PRO D 487 26.92 34.38 30.83
N VAL D 489 27.10 30.62 29.03
CA VAL D 489 27.39 29.80 30.24
C VAL D 489 26.07 29.28 30.80
N ARG D 490 25.49 29.99 31.77
CA ARG D 490 24.16 29.57 32.30
C ARG D 490 23.17 29.60 31.13
N LYS D 491 23.41 30.45 30.13
CA LYS D 491 22.54 30.51 28.96
C LYS D 491 22.78 29.31 28.05
N ILE D 492 24.06 29.00 27.78
CA ILE D 492 24.40 27.88 26.93
C ILE D 492 23.88 26.57 27.54
N THR D 493 24.03 26.42 28.85
CA THR D 493 23.56 25.20 29.52
C THR D 493 22.05 25.09 29.41
N ASP D 494 21.33 26.19 29.62
CA ASP D 494 19.88 26.15 29.51
C ASP D 494 19.45 25.78 28.09
N HIS D 495 20.16 26.30 27.09
CA HIS D 495 19.84 25.94 25.70
C HIS D 495 20.04 24.45 25.44
N LEU D 496 21.18 23.92 25.90
CA LEU D 496 21.46 22.50 25.73
C LEU D 496 20.37 21.67 26.40
N ASP D 497 19.97 22.08 27.62
CA ASP D 497 18.91 21.37 28.32
C ASP D 497 17.58 21.49 27.58
N ALA D 498 17.34 22.62 26.91
CA ALA D 498 16.10 22.79 26.17
C ALA D 498 15.98 21.73 25.09
N VAL D 499 17.05 21.49 24.33
CA VAL D 499 16.99 20.39 23.36
C VAL D 499 16.93 19.04 24.08
N GLY D 500 17.65 18.93 25.19
CA GLY D 500 17.77 17.64 25.86
C GLY D 500 16.46 17.13 26.43
N ASN D 501 15.62 18.03 26.94
CA ASN D 501 14.39 17.59 27.58
C ASN D 501 13.47 16.91 26.57
N THR D 502 13.33 17.50 25.38
CA THR D 502 12.50 16.88 24.35
C THR D 502 13.11 15.56 23.90
N THR D 503 14.45 15.50 23.74
CA THR D 503 15.03 14.22 23.34
C THR D 503 14.84 13.15 24.41
N ALA D 504 14.92 13.54 25.69
CA ALA D 504 14.70 12.59 26.78
C ALA D 504 13.26 12.09 26.83
N ALA D 505 12.28 12.98 26.64
CA ALA D 505 10.90 12.54 26.57
C ALA D 505 10.70 11.58 25.41
N ILE D 506 11.34 11.85 24.27
CA ILE D 506 11.24 10.95 23.14
C ILE D 506 11.83 9.59 23.50
N GLY D 507 12.94 9.58 24.24
CA GLY D 507 13.51 8.32 24.67
C GLY D 507 12.60 7.53 25.58
N LYS D 508 11.94 8.22 26.51
CA LYS D 508 10.98 7.54 27.39
C LYS D 508 9.82 6.96 26.59
N GLY D 509 9.33 7.70 25.60
CA GLY D 509 8.29 7.16 24.73
C GLY D 509 8.75 5.91 23.99
N PHE D 510 9.96 5.96 23.43
CA PHE D 510 10.53 4.77 22.81
C PHE D 510 10.54 3.60 23.77
N ALA D 511 10.98 3.85 25.01
CA ALA D 511 11.08 2.77 25.98
C ALA D 511 9.73 2.13 26.25
N ILE D 512 8.70 2.94 26.51
CA ILE D 512 7.40 2.36 26.82
C ILE D 512 6.80 1.66 25.60
N GLY D 513 7.01 2.21 24.40
CA GLY D 513 6.48 1.55 23.21
C GLY D 513 7.13 0.19 22.95
N SER D 514 8.47 0.16 22.98
CA SER D 514 9.17 -1.11 22.82
C SER D 514 8.75 -2.08 23.92
N ALA D 515 8.51 -1.57 25.12
CA ALA D 515 8.06 -2.44 26.21
C ALA D 515 6.69 -3.02 25.91
N ILE D 516 5.79 -2.22 25.33
CA ILE D 516 4.46 -2.72 24.98
C ILE D 516 4.57 -3.84 23.95
N PHE D 517 5.36 -3.62 22.91
CA PHE D 517 5.52 -4.65 21.88
C PHE D 517 6.12 -5.93 22.48
N ALA D 518 7.22 -5.77 23.23
CA ALA D 518 7.85 -6.94 23.84
C ALA D 518 6.93 -7.62 24.85
N ALA D 519 6.03 -6.86 25.47
CA ALA D 519 5.10 -7.46 26.42
C ALA D 519 4.03 -8.29 25.72
N LEU D 520 3.58 -7.83 24.55
CA LEU D 520 2.69 -8.66 23.75
C LEU D 520 3.39 -9.95 23.32
N SER D 521 4.64 -9.82 22.84
CA SER D 521 5.38 -11.01 22.46
C SER D 521 5.61 -11.93 23.66
N LEU D 522 5.76 -11.36 24.85
CA LEU D 522 5.95 -12.17 26.05
C LEU D 522 4.67 -12.84 26.49
N PHE D 523 3.52 -12.20 26.29
CA PHE D 523 2.24 -12.88 26.45
C PHE D 523 2.18 -14.11 25.57
N ALA D 524 2.58 -13.95 24.31
CA ALA D 524 2.62 -15.09 23.38
C ALA D 524 3.53 -16.19 23.92
N SER D 525 4.74 -15.83 24.31
CA SER D 525 5.69 -16.82 24.81
C SER D 525 5.18 -17.50 26.08
N TYR D 526 4.44 -16.77 26.92
CA TYR D 526 3.87 -17.34 28.14
C TYR D 526 2.83 -18.40 27.82
N MET D 527 1.87 -18.04 26.95
CA MET D 527 0.91 -19.04 26.49
C MET D 527 1.60 -20.22 25.83
N PHE D 528 2.73 -20.00 25.15
CA PHE D 528 3.49 -21.10 24.58
C PHE D 528 4.06 -21.99 25.67
N SER D 529 4.65 -21.38 26.70
CA SER D 529 5.26 -22.14 27.78
C SER D 529 4.24 -22.99 28.50
N GLN D 530 2.98 -22.57 28.52
CA GLN D 530 1.96 -23.39 29.18
C GLN D 530 1.81 -24.78 28.56
N ILE D 531 2.49 -25.07 27.44
CA ILE D 531 2.32 -26.36 26.78
C ILE D 531 3.19 -27.41 27.47
N SER D 532 2.73 -28.65 27.46
CA SER D 532 3.42 -29.76 28.09
C SER D 532 3.76 -30.85 27.09
N PRO D 533 4.67 -31.77 27.45
CA PRO D 533 5.04 -32.84 26.51
C PRO D 533 3.86 -33.70 26.09
N SER D 534 2.97 -34.04 27.02
CA SER D 534 1.79 -34.81 26.65
C SER D 534 0.87 -34.00 25.75
N ASP D 535 0.91 -32.67 25.88
CA ASP D 535 0.10 -31.77 25.06
C ASP D 535 0.90 -31.19 23.90
N ILE D 536 1.93 -31.90 23.42
CA ILE D 536 2.80 -31.35 22.40
C ILE D 536 2.13 -31.32 21.03
N GLY D 537 1.14 -32.16 20.80
CA GLY D 537 0.47 -32.21 19.51
C GLY D 537 -0.74 -31.33 19.37
N LYS D 538 -1.08 -30.55 20.40
CA LYS D 538 -2.26 -29.71 20.34
C LYS D 538 -2.08 -28.62 19.27
N PRO D 539 -3.13 -28.24 18.55
CA PRO D 539 -3.00 -27.16 17.59
C PRO D 539 -2.72 -25.84 18.30
N PRO D 540 -1.72 -25.09 17.84
CA PRO D 540 -1.37 -23.84 18.53
C PRO D 540 -2.48 -22.79 18.55
N SER D 541 -3.35 -22.77 17.54
CA SER D 541 -4.45 -21.81 17.55
C SER D 541 -5.28 -21.95 18.81
N LEU D 542 -5.58 -23.19 19.21
CA LEU D 542 -6.32 -23.42 20.44
C LEU D 542 -5.47 -23.09 21.67
N VAL D 543 -4.14 -23.19 21.54
CA VAL D 543 -3.26 -22.90 22.66
C VAL D 543 -3.16 -21.40 22.90
N LEU D 544 -3.23 -20.60 21.84
CA LEU D 544 -3.12 -19.15 21.94
C LEU D 544 -4.46 -18.50 22.22
N LEU D 545 -5.22 -19.07 23.16
CA LEU D 545 -6.53 -18.57 23.55
C LEU D 545 -6.46 -18.12 25.00
N LEU D 546 -6.92 -16.89 25.25
CA LEU D 546 -7.00 -16.33 26.59
C LEU D 546 -8.35 -15.62 26.72
N ASN D 547 -9.40 -16.40 26.96
CA ASN D 547 -10.73 -15.82 27.06
C ASN D 547 -10.76 -14.80 28.18
N MET D 548 -10.98 -13.54 27.82
CA MET D 548 -11.04 -12.47 28.82
C MET D 548 -12.41 -12.34 29.45
N LEU D 549 -13.39 -13.12 29.01
CA LEU D 549 -14.67 -13.19 29.70
C LEU D 549 -14.60 -14.11 30.92
N ASP D 550 -13.53 -14.89 31.03
CA ASP D 550 -13.27 -15.66 32.24
C ASP D 550 -13.06 -14.71 33.42
N ALA D 551 -13.87 -14.88 34.46
CA ALA D 551 -13.79 -13.99 35.61
C ALA D 551 -12.36 -13.86 36.12
N ARG D 552 -11.58 -14.93 36.04
CA ARG D 552 -10.19 -14.88 36.51
C ARG D 552 -9.36 -13.91 35.68
N VAL D 553 -9.57 -13.88 34.36
CA VAL D 553 -8.75 -13.02 33.50
C VAL D 553 -9.02 -11.55 33.81
N ILE D 554 -10.29 -11.17 33.91
CA ILE D 554 -10.63 -9.78 34.17
C ILE D 554 -10.23 -9.40 35.60
N ALA D 555 -10.39 -10.31 36.54
CA ALA D 555 -9.92 -10.06 37.91
C ALA D 555 -8.42 -9.82 37.94
N GLY D 556 -7.66 -10.61 37.17
CA GLY D 556 -6.22 -10.40 37.10
C GLY D 556 -5.87 -9.07 36.46
N ALA D 557 -6.62 -8.68 35.44
CA ALA D 557 -6.39 -7.37 34.84
C ALA D 557 -6.59 -6.26 35.87
N LEU D 558 -7.67 -6.36 36.65
CA LEU D 558 -7.92 -5.38 37.71
C LEU D 558 -6.78 -5.36 38.72
N LEU D 559 -6.33 -6.55 39.16
CA LEU D 559 -5.24 -6.60 40.12
C LEU D 559 -3.97 -5.99 39.56
N GLY D 560 -3.70 -6.21 38.28
CA GLY D 560 -2.50 -5.64 37.67
C GLY D 560 -2.56 -4.13 37.58
N ALA D 561 -3.70 -3.60 37.17
CA ALA D 561 -3.88 -2.14 37.16
C ALA D 561 -3.68 -1.56 38.56
N ALA D 562 -4.29 -2.18 39.57
CA ALA D 562 -4.16 -1.68 40.93
C ALA D 562 -2.72 -1.78 41.43
N ILE D 563 -2.01 -2.84 41.05
CA ILE D 563 -0.62 -3.01 41.46
C ILE D 563 0.25 -1.93 40.84
N THR D 564 0.02 -1.63 39.56
CA THR D 564 0.77 -0.54 38.92
C THR D 564 0.50 0.78 39.62
N TYR D 565 -0.77 1.06 39.91
CA TYR D 565 -1.11 2.31 40.59
C TYR D 565 -0.43 2.40 41.95
N TYR D 566 -0.47 1.32 42.73
CA TYR D 566 0.15 1.35 44.05
C TYR D 566 1.67 1.43 43.96
N PHE D 567 2.27 0.86 42.91
CA PHE D 567 3.70 0.99 42.71
C PHE D 567 4.08 2.44 42.50
N SER D 568 3.37 3.13 41.60
CA SER D 568 3.61 4.55 41.42
C SER D 568 3.36 5.32 42.71
N GLY D 569 2.32 4.96 43.45
CA GLY D 569 2.03 5.64 44.70
C GLY D 569 3.13 5.48 45.73
N TYR D 570 3.71 4.29 45.82
CA TYR D 570 4.79 4.06 46.78
C TYR D 570 6.04 4.83 46.38
N LEU D 571 6.36 4.87 45.09
CA LEU D 571 7.49 5.69 44.65
C LEU D 571 7.27 7.16 45.03
N ILE D 572 6.07 7.67 44.75
CA ILE D 572 5.76 9.06 45.09
C ILE D 572 5.84 9.26 46.60
N SER D 573 5.42 8.27 47.38
CA SER D 573 5.46 8.40 48.83
C SER D 573 6.89 8.49 49.34
N ALA D 574 7.78 7.66 48.81
CA ALA D 574 9.19 7.76 49.17
C ALA D 574 9.75 9.14 48.84
N VAL D 575 9.50 9.58 47.61
CA VAL D 575 10.02 10.88 47.18
C VAL D 575 9.48 11.99 48.07
N THR D 576 8.19 11.93 48.41
CA THR D 576 7.58 13.01 49.19
C THR D 576 8.08 13.00 50.63
N LYS D 577 8.25 11.82 51.22
CA LYS D 577 8.80 11.76 52.57
C LYS D 577 10.20 12.36 52.60
N ALA D 578 11.06 11.94 51.68
CA ALA D 578 12.42 12.47 51.64
C ALA D 578 12.42 13.98 51.45
N ALA D 579 11.66 14.48 50.47
CA ALA D 579 11.64 15.91 50.18
C ALA D 579 11.02 16.71 51.33
N MET D 580 10.04 16.14 52.02
CA MET D 580 9.41 16.81 53.15
C MET D 580 10.38 16.97 54.31
N LYS D 581 11.04 15.88 54.70
CA LYS D 581 12.09 15.99 55.71
C LYS D 581 13.15 16.99 55.29
N MET D 582 13.53 16.97 54.01
CA MET D 582 14.58 17.87 53.53
C MET D 582 14.13 19.32 53.60
N VAL D 583 12.88 19.61 53.24
CA VAL D 583 12.40 20.99 53.28
C VAL D 583 12.41 21.50 54.71
N ASP D 584 11.94 20.68 55.66
CA ASP D 584 12.01 21.12 57.06
C ASP D 584 13.46 21.38 57.47
N GLU D 585 14.37 20.48 57.10
CA GLU D 585 15.77 20.63 57.46
C GLU D 585 16.37 21.89 56.85
N ILE D 586 16.02 22.20 55.59
CA ILE D 586 16.55 23.39 54.93
C ILE D 586 16.04 24.64 55.62
N ARG D 587 14.75 24.67 55.98
CA ARG D 587 14.24 25.81 56.72
C ARG D 587 15.01 25.99 58.03
N ARG D 588 15.26 24.89 58.74
CA ARG D 588 16.00 24.99 59.99
C ARG D 588 17.42 25.50 59.78
N GLN D 589 18.09 24.99 58.74
CA GLN D 589 19.46 25.44 58.46
C GLN D 589 19.48 26.93 58.12
N ALA D 590 18.54 27.40 57.31
CA ALA D 590 18.52 28.81 56.95
C ALA D 590 18.19 29.67 58.16
N ARG D 591 17.32 29.19 59.05
CA ARG D 591 16.89 30.01 60.18
C ARG D 591 17.93 30.08 61.29
N GLU D 592 18.62 28.98 61.57
CA GLU D 592 19.49 28.95 62.75
C GLU D 592 20.86 29.56 62.47
N ILE D 593 21.42 29.30 61.28
CA ILE D 593 22.75 29.83 60.96
C ILE D 593 22.58 31.25 60.41
N PRO D 594 23.30 32.24 60.94
CA PRO D 594 23.17 33.60 60.42
C PRO D 594 24.04 33.81 59.19
N GLY D 595 23.49 34.53 58.21
CA GLY D 595 24.17 34.83 56.99
C GLY D 595 24.02 33.81 55.89
N LEU D 596 23.35 32.68 56.15
CA LEU D 596 23.15 31.69 55.11
C LEU D 596 22.14 32.19 54.07
N LEU D 597 21.02 32.75 54.53
CA LEU D 597 20.05 33.35 53.62
C LEU D 597 20.59 34.65 53.03
N GLU D 598 21.46 35.34 53.76
CA GLU D 598 22.04 36.59 53.30
C GLU D 598 23.17 36.32 52.32
N GLY D 599 23.69 37.39 51.74
CA GLY D 599 24.76 37.29 50.75
C GLY D 599 26.05 36.68 51.26
N LYS D 600 26.12 36.36 52.56
CA LYS D 600 27.33 35.81 53.14
C LYS D 600 27.29 34.29 53.16
N TYR D 605 26.03 20.75 53.13
CA TYR D 605 25.41 19.93 52.10
C TYR D 605 25.42 18.45 52.48
N ASN D 606 26.40 18.07 53.31
CA ASN D 606 26.58 16.67 53.67
C ASN D 606 25.35 16.12 54.39
N ARG D 607 24.69 16.95 55.20
CA ARG D 607 23.50 16.47 55.91
C ARG D 607 22.38 16.11 54.94
N CYS D 608 22.12 17.00 53.97
CA CYS D 608 21.10 16.71 52.97
C CYS D 608 21.47 15.48 52.15
N ILE D 609 22.74 15.39 51.75
CA ILE D 609 23.18 14.22 50.98
C ILE D 609 22.92 12.94 51.76
N GLU D 610 23.24 12.95 53.05
CA GLU D 610 23.04 11.76 53.87
C GLU D 610 21.56 11.43 54.01
N ILE D 611 20.72 12.44 54.24
CA ILE D 611 19.28 12.20 54.34
C ILE D 611 18.75 11.53 53.07
N THR D 612 19.07 12.14 51.92
CA THR D 612 18.57 11.62 50.65
C THR D 612 19.09 10.20 50.39
N SER D 613 20.38 9.98 50.62
CA SER D 613 20.94 8.66 50.38
C SER D 613 20.30 7.61 51.28
N ASP D 614 20.11 7.93 52.55
CA ASP D 614 19.49 6.98 53.47
C ASP D 614 18.08 6.64 53.03
N ASN D 615 17.26 7.66 52.71
CA ASN D 615 15.88 7.38 52.33
C ASN D 615 15.82 6.56 51.05
N ALA D 616 16.62 6.92 50.04
CA ALA D 616 16.60 6.20 48.78
C ALA D 616 17.05 4.76 48.96
N LEU D 617 18.17 4.55 49.66
CA LEU D 617 18.68 3.21 49.87
C LEU D 617 17.73 2.37 50.70
N LYS D 618 16.95 3.00 51.59
CA LYS D 618 16.01 2.23 52.39
C LYS D 618 14.76 1.85 51.61
N GLN D 619 14.27 2.74 50.74
CA GLN D 619 13.00 2.48 50.07
C GLN D 619 13.15 1.87 48.68
N MET D 620 14.37 1.76 48.13
CA MET D 620 14.51 1.27 46.76
C MET D 620 14.23 -0.22 46.61
N GLY D 621 14.31 -0.99 47.69
CA GLY D 621 14.24 -2.44 47.57
C GLY D 621 12.86 -3.02 47.34
N TYR D 622 11.84 -2.44 47.98
CA TYR D 622 10.51 -3.04 47.93
C TYR D 622 9.90 -3.09 46.55
N PRO D 623 10.03 -2.06 45.70
CA PRO D 623 9.33 -2.12 44.40
C PRO D 623 9.80 -3.22 43.47
N ALA D 624 11.12 -3.45 43.39
CA ALA D 624 11.61 -4.54 42.55
C ALA D 624 11.14 -5.88 43.05
N PHE D 625 11.13 -6.08 44.37
CA PHE D 625 10.64 -7.33 44.94
C PHE D 625 9.16 -7.53 44.63
N ILE D 626 8.37 -6.46 44.72
CA ILE D 626 6.97 -6.53 44.35
C ILE D 626 6.83 -6.96 42.89
N ALA D 627 7.53 -6.25 42.00
CA ALA D 627 7.43 -6.54 40.58
C ALA D 627 7.88 -7.96 40.25
N ILE D 628 8.79 -8.52 41.04
CA ILE D 628 9.24 -9.89 40.80
C ILE D 628 8.20 -10.88 41.30
N LEU D 629 7.69 -10.65 42.52
CA LEU D 629 6.88 -11.66 43.20
C LEU D 629 5.42 -11.65 42.77
N THR D 630 4.93 -10.54 42.22
CA THR D 630 3.54 -10.48 41.76
C THR D 630 3.16 -11.67 40.89
N PRO D 631 3.89 -12.00 39.82
CA PRO D 631 3.50 -13.16 39.02
C PRO D 631 3.46 -14.45 39.83
N LEU D 632 4.51 -14.74 40.60
CA LEU D 632 4.55 -15.97 41.38
C LEU D 632 3.38 -16.05 42.35
N VAL D 633 3.18 -14.98 43.15
CA VAL D 633 2.13 -15.00 44.16
C VAL D 633 0.77 -15.15 43.51
N THR D 634 0.49 -14.35 42.48
CA THR D 634 -0.81 -14.41 41.84
C THR D 634 -1.07 -15.78 41.22
N GLY D 635 -0.04 -16.40 40.63
CA GLY D 635 -0.23 -17.70 40.02
C GLY D 635 -0.44 -18.80 41.03
N PHE D 636 0.41 -18.84 42.07
CA PHE D 636 0.25 -19.83 43.12
C PHE D 636 -1.04 -19.61 43.90
N LEU D 637 -1.63 -18.41 43.82
CA LEU D 637 -2.87 -18.13 44.54
C LEU D 637 -4.10 -18.49 43.72
N LEU D 638 -4.16 -18.09 42.45
CA LEU D 638 -5.37 -18.27 41.66
C LEU D 638 -5.19 -19.10 40.41
N GLY D 639 -4.09 -18.93 39.69
CA GLY D 639 -3.81 -19.75 38.53
C GLY D 639 -3.17 -18.94 37.41
N ALA D 640 -3.15 -19.54 36.22
CA ALA D 640 -2.46 -18.93 35.09
C ALA D 640 -3.30 -17.90 34.36
N GLU D 641 -4.62 -18.12 34.28
CA GLU D 641 -5.48 -17.13 33.63
C GLU D 641 -5.47 -15.82 34.40
N PHE D 642 -5.53 -15.89 35.72
CA PHE D 642 -5.47 -14.69 36.54
C PHE D 642 -4.13 -13.97 36.37
N VAL D 643 -3.04 -14.72 36.24
CA VAL D 643 -1.74 -14.10 36.05
C VAL D 643 -1.65 -13.44 34.67
N GLY D 644 -2.19 -14.09 33.64
CA GLY D 644 -2.23 -13.45 32.33
C GLY D 644 -3.05 -12.17 32.35
N GLY D 645 -4.20 -12.19 33.03
CA GLY D 645 -4.98 -10.98 33.18
C GLY D 645 -4.21 -9.89 33.89
N VAL D 646 -3.49 -10.25 34.96
CA VAL D 646 -2.67 -9.27 35.67
C VAL D 646 -1.61 -8.69 34.74
N LEU D 647 -1.00 -9.53 33.91
CA LEU D 647 -0.01 -9.04 32.96
C LEU D 647 -0.63 -8.05 31.99
N ILE D 648 -1.82 -8.36 31.46
CA ILE D 648 -2.49 -7.48 30.51
C ILE D 648 -2.82 -6.14 31.17
N GLY D 649 -3.41 -6.19 32.37
CA GLY D 649 -3.74 -4.96 33.07
C GLY D 649 -2.50 -4.13 33.37
N THR D 650 -1.41 -4.79 33.78
CA THR D 650 -0.17 -4.08 34.04
C THR D 650 0.35 -3.43 32.77
N VAL D 651 0.33 -4.14 31.64
CA VAL D 651 0.79 -3.57 30.38
C VAL D 651 0.02 -2.31 30.06
N LEU D 652 -1.32 -2.40 30.06
CA LEU D 652 -2.15 -1.24 29.71
C LEU D 652 -1.89 -0.08 30.66
N SER D 653 -2.02 -0.32 31.96
CA SER D 653 -1.89 0.76 32.94
C SER D 653 -0.49 1.37 32.90
N GLY D 654 0.54 0.55 32.75
CA GLY D 654 1.89 1.06 32.71
C GLY D 654 2.14 1.92 31.49
N ALA D 655 1.71 1.45 30.31
CA ALA D 655 1.83 2.28 29.12
C ALA D 655 1.17 3.63 29.35
N MET D 656 -0.09 3.63 29.79
CA MET D 656 -0.82 4.88 29.96
C MET D 656 -0.12 5.80 30.96
N LEU D 657 0.23 5.26 32.13
CA LEU D 657 0.78 6.09 33.19
C LEU D 657 2.16 6.61 32.82
N ALA D 658 2.99 5.80 32.17
CA ALA D 658 4.31 6.26 31.75
C ALA D 658 4.17 7.41 30.76
N ILE D 659 3.34 7.23 29.73
CA ILE D 659 3.15 8.30 28.76
C ILE D 659 2.69 9.58 29.45
N LEU D 660 1.65 9.46 30.29
CA LEU D 660 1.08 10.64 30.94
C LEU D 660 2.13 11.34 31.80
N THR D 661 2.82 10.59 32.66
CA THR D 661 3.80 11.20 33.56
C THR D 661 4.90 11.89 32.79
N ALA D 662 5.49 11.19 31.81
CA ALA D 662 6.55 11.80 31.03
C ALA D 662 6.08 13.10 30.39
N ASN D 663 4.93 13.06 29.71
CA ASN D 663 4.47 14.24 28.98
C ASN D 663 4.16 15.40 29.92
N SER D 664 3.48 15.14 31.04
CA SER D 664 3.11 16.24 31.94
C SER D 664 4.33 16.83 32.62
N GLY D 665 5.26 15.99 33.09
CA GLY D 665 6.49 16.51 33.67
C GLY D 665 7.29 17.32 32.69
N GLY D 666 7.43 16.82 31.46
CA GLY D 666 8.11 17.60 30.44
C GLY D 666 7.43 18.93 30.18
N ALA D 667 6.10 18.94 30.17
CA ALA D 667 5.37 20.19 29.96
C ALA D 667 5.68 21.18 31.07
N TRP D 668 5.62 20.75 32.33
CA TRP D 668 5.93 21.65 33.44
C TRP D 668 7.34 22.20 33.33
N ASP D 669 8.32 21.31 33.10
CA ASP D 669 9.70 21.76 33.05
C ASP D 669 9.96 22.71 31.88
N ASN D 670 9.42 22.38 30.71
CA ASN D 670 9.67 23.21 29.54
C ASN D 670 8.94 24.54 29.64
N ALA D 671 7.79 24.58 30.31
CA ALA D 671 7.13 25.86 30.56
C ALA D 671 7.94 26.70 31.54
N LYS D 672 8.54 26.05 32.55
CA LYS D 672 9.43 26.78 33.45
C LYS D 672 10.62 27.37 32.68
N LYS D 673 11.17 26.60 31.75
CA LYS D 673 12.26 27.13 30.92
C LYS D 673 11.78 28.27 30.04
N TYR D 674 10.56 28.16 29.50
CA TYR D 674 10.00 29.22 28.68
C TYR D 674 9.87 30.52 29.47
N LEU D 675 9.32 30.44 30.68
CA LEU D 675 9.18 31.65 31.49
C LEU D 675 10.53 32.19 31.93
N GLU D 676 11.46 31.31 32.29
CA GLU D 676 12.76 31.78 32.76
C GLU D 676 13.53 32.49 31.65
N ALA D 677 13.40 32.01 30.41
CA ALA D 677 14.05 32.67 29.28
C ALA D 677 13.57 34.09 29.08
N GLY D 678 12.50 34.50 29.74
CA GLY D 678 11.97 35.85 29.58
C GLY D 678 10.95 36.02 28.48
N ASN D 679 10.37 34.93 27.97
CA ASN D 679 9.41 35.02 26.87
C ASN D 679 8.02 35.46 27.31
N LEU D 680 7.72 35.48 28.61
CA LEU D 680 6.45 36.02 29.07
C LEU D 680 6.57 37.52 29.31
N GLU D 681 5.47 38.23 29.02
CA GLU D 681 5.46 39.68 29.02
C GLU D 681 5.12 40.21 30.41
N GLY D 682 6.10 40.78 31.10
CA GLY D 682 5.89 41.49 32.34
C GLY D 682 6.08 40.69 33.61
N TYR D 683 5.89 39.37 33.55
CA TYR D 683 6.00 38.52 34.73
C TYR D 683 7.38 37.89 34.77
N GLY D 684 8.04 37.97 35.93
CA GLY D 684 9.41 37.52 36.05
C GLY D 684 9.65 36.43 37.08
N LYS D 685 10.93 36.19 37.40
CA LYS D 685 11.29 35.10 38.30
C LYS D 685 10.60 35.25 39.65
N GLY D 686 10.60 36.46 40.21
CA GLY D 686 10.00 36.68 41.51
C GLY D 686 8.49 36.78 41.52
N SER D 687 7.85 36.65 40.37
CA SER D 687 6.41 36.80 40.28
C SER D 687 5.69 35.57 40.81
N GLU D 688 4.44 35.80 41.25
CA GLU D 688 3.62 34.68 41.70
C GLU D 688 3.41 33.63 40.61
N PRO D 689 3.16 33.99 39.35
CA PRO D 689 3.09 32.96 38.29
C PRO D 689 4.36 32.15 38.15
N HIS D 690 5.54 32.77 38.34
CA HIS D 690 6.77 31.99 38.29
C HIS D 690 6.83 31.00 39.46
N LYS D 691 6.32 31.40 40.62
CA LYS D 691 6.25 30.48 41.75
C LYS D 691 5.32 29.30 41.42
N ALA D 692 4.19 29.58 40.78
CA ALA D 692 3.28 28.51 40.39
C ALA D 692 3.93 27.57 39.37
N LEU D 693 4.66 28.13 38.41
CA LEU D 693 5.35 27.30 37.42
C LEU D 693 6.43 26.43 38.07
N VAL D 694 7.15 26.99 39.05
CA VAL D 694 8.15 26.21 39.76
C VAL D 694 7.47 25.11 40.57
N ILE D 695 6.31 25.40 41.17
CA ILE D 695 5.55 24.39 41.89
C ILE D 695 5.12 23.27 40.96
N GLY D 696 4.68 23.63 39.75
CA GLY D 696 4.35 22.62 38.77
C GLY D 696 5.55 21.74 38.42
N ASP D 697 6.72 22.36 38.24
CA ASP D 697 7.91 21.58 37.96
C ASP D 697 8.25 20.65 39.12
N THR D 698 8.09 21.12 40.36
CA THR D 698 8.37 20.27 41.51
C THR D 698 7.41 19.09 41.59
N VAL D 699 6.12 19.33 41.34
CA VAL D 699 5.15 18.22 41.35
C VAL D 699 5.47 17.24 40.24
N GLY D 700 5.93 17.75 39.09
CA GLY D 700 6.26 16.88 37.97
C GLY D 700 7.59 16.16 38.11
N ASP D 701 8.46 16.62 39.01
CA ASP D 701 9.78 16.01 39.17
C ASP D 701 9.72 14.51 39.41
N PRO D 702 8.97 13.99 40.39
CA PRO D 702 8.91 12.53 40.55
C PRO D 702 8.31 11.83 39.34
N LEU D 703 7.32 12.45 38.70
CA LEU D 703 6.69 11.84 37.53
C LEU D 703 7.66 11.73 36.36
N LYS D 704 8.61 12.65 36.25
CA LYS D 704 9.47 12.69 35.07
C LYS D 704 10.52 11.59 35.11
N ASP D 705 11.20 11.43 36.25
CA ASP D 705 12.33 10.52 36.35
C ASP D 705 12.18 9.41 37.38
N THR D 706 11.06 9.35 38.10
CA THR D 706 10.87 8.31 39.11
C THR D 706 9.74 7.35 38.76
N VAL D 707 8.52 7.86 38.55
CA VAL D 707 7.41 6.96 38.28
C VAL D 707 7.36 6.56 36.81
N GLY D 708 7.68 7.50 35.91
CA GLY D 708 7.57 7.29 34.49
C GLY D 708 8.44 6.16 33.95
N PRO D 709 9.76 6.28 34.12
CA PRO D 709 10.66 5.30 33.50
C PRO D 709 10.54 3.90 34.06
N SER D 710 10.25 3.77 35.36
CA SER D 710 10.21 2.47 36.01
C SER D 710 9.11 1.56 35.47
N LEU D 711 8.07 2.12 34.84
CA LEU D 711 6.91 1.32 34.49
C LEU D 711 7.22 0.27 33.42
N ASP D 712 8.00 0.64 32.40
CA ASP D 712 8.37 -0.34 31.39
C ASP D 712 9.22 -1.46 32.00
N ILE D 713 10.14 -1.10 32.90
CA ILE D 713 10.94 -2.10 33.59
C ILE D 713 10.05 -3.05 34.38
N LEU D 714 9.07 -2.51 35.09
CA LEU D 714 8.16 -3.33 35.87
C LEU D 714 7.39 -4.28 34.98
N ILE D 715 6.84 -3.75 33.87
CA ILE D 715 6.08 -4.58 32.94
C ILE D 715 6.93 -5.74 32.45
N LYS D 716 8.16 -5.43 32.02
CA LYS D 716 9.00 -6.46 31.41
C LYS D 716 9.43 -7.51 32.44
N ILE D 717 9.83 -7.10 33.64
CA ILE D 717 10.24 -8.10 34.63
C ILE D 717 9.05 -8.97 35.00
N MET D 718 7.86 -8.37 35.14
CA MET D 718 6.69 -9.18 35.49
C MET D 718 6.38 -10.20 34.40
N SER D 719 6.42 -9.77 33.14
CA SER D 719 6.16 -10.70 32.04
C SER D 719 7.20 -11.81 32.00
N VAL D 720 8.47 -11.47 32.22
CA VAL D 720 9.53 -12.48 32.18
C VAL D 720 9.35 -13.49 33.31
N VAL D 721 9.13 -12.96 34.50
CA VAL D 721 8.98 -13.84 35.70
C VAL D 721 7.83 -14.81 35.42
N SER D 722 6.77 -14.31 34.82
CA SER D 722 5.59 -15.17 34.52
C SER D 722 5.99 -16.28 33.55
N VAL D 723 6.74 -15.97 32.49
CA VAL D 723 7.03 -17.02 31.48
C VAL D 723 7.87 -18.12 32.13
N ILE D 724 8.82 -17.74 32.97
CA ILE D 724 9.72 -18.75 33.62
C ILE D 724 8.92 -19.63 34.57
N ALA D 725 8.02 -19.04 35.35
CA ALA D 725 7.34 -19.82 36.42
C ALA D 725 5.93 -20.26 36.03
N VAL D 726 5.50 -20.06 34.80
CA VAL D 726 4.09 -20.41 34.47
C VAL D 726 3.88 -21.90 34.71
N SER D 727 4.86 -22.72 34.33
CA SER D 727 4.70 -24.19 34.45
C SER D 727 4.48 -24.55 35.92
N ILE D 728 5.22 -23.92 36.84
CA ILE D 728 5.13 -24.33 38.28
C ILE D 728 3.73 -24.11 38.83
N PHE D 729 3.12 -22.95 38.55
CA PHE D 729 1.81 -22.67 39.21
C PHE D 729 0.65 -23.20 38.37
N LYS D 730 0.94 -23.75 37.19
CA LYS D 730 -0.16 -24.22 36.31
C LYS D 730 -0.90 -25.35 37.01
N HIS D 731 -0.18 -26.27 37.66
CA HIS D 731 -0.84 -27.36 38.42
C HIS D 731 -0.90 -26.99 39.90
N VAL D 732 0.15 -26.34 40.40
CA VAL D 732 0.21 -25.99 41.85
C VAL D 732 -0.47 -24.64 42.04
N HIS D 733 -1.81 -24.60 41.96
CA HIS D 733 -2.56 -23.36 42.23
C HIS D 733 -3.41 -23.61 43.47
N LEU D 734 -3.32 -22.75 44.48
CA LEU D 734 -4.04 -23.02 45.75
C LEU D 734 -5.55 -23.03 45.49
N PHE D 735 -6.03 -22.09 44.69
CA PHE D 735 -7.48 -21.99 44.41
C PHE D 735 -7.70 -22.24 42.91
#